data_4ICM
#
_entry.id   4ICM
#
_cell.length_a   80.817
_cell.length_b   96.897
_cell.length_c   97.004
_cell.angle_alpha   109.58
_cell.angle_beta   90.48
_cell.angle_gamma   111.66
#
_symmetry.space_group_name_H-M   'P 1'
#
loop_
_entity.id
_entity.type
_entity.pdbx_description
1 polymer '5-carboxyvanillate decarboxylase'
2 non-polymer 'MANGANESE (II) ION'
3 non-polymer DI(HYDROXYETHYL)ETHER
4 non-polymer GLYCEROL
5 water water
#
_entity_poly.entity_id   1
_entity_poly.type   'polypeptide(L)'
_entity_poly.pdbx_seq_one_letter_code
;SLRLIATEEAVTFQPVVDALRAHSRTDDASLDMILVRDVYGDEPARPAMIGRLSDVTGERLAEMDSNGVDMHLLSLTAPG
VQMFDAETGTRLARIANDLMAQTVAANPTRFAGLGTFAPQDPASAAREIERVATQLRLNGLVINSHTNDLYYDDPFFHPV
FEAIEASGLALYIHPRAPSKQIDRAFRDYGMNSAIWGYGIETSTNAVRMILSGLFDRFPRLKIVLGHMGEAIPFWLWRLD
YMHGNATTFGGAPKLKLKPSEYFRRNFAITTSGVESHAALRYSIEVLGPENVMWAIDYPYQPMAPAVQFIRTAPIPEDVK
AMVAGGNAARIFRIT
;
_entity_poly.pdbx_strand_id   A,B,C,D,E,F,G,H
#
# COMPACT_ATOMS: atom_id res chain seq x y z
N SER A 1 27.16 0.79 1.61
CA SER A 1 27.49 0.67 0.19
C SER A 1 26.59 1.55 -0.68
N LEU A 2 25.70 2.30 -0.06
CA LEU A 2 24.97 3.32 -0.79
C LEU A 2 25.98 4.41 -1.14
N ARG A 3 26.14 4.73 -2.42
CA ARG A 3 27.05 5.80 -2.78
C ARG A 3 26.39 7.15 -2.60
N LEU A 4 26.96 7.96 -1.71
CA LEU A 4 26.39 9.26 -1.36
C LEU A 4 27.23 10.38 -1.95
N ILE A 5 26.65 11.13 -2.89
CA ILE A 5 27.31 12.29 -3.48
C ILE A 5 26.57 13.59 -3.15
N ALA A 6 27.15 14.43 -2.30
CA ALA A 6 26.47 15.64 -1.85
C ALA A 6 26.66 16.77 -2.87
N THR A 7 25.57 17.33 -3.38
CA THR A 7 25.66 18.18 -4.57
C THR A 7 25.66 19.71 -4.38
N GLU A 8 25.56 20.20 -3.14
CA GLU A 8 25.53 21.65 -2.94
C GLU A 8 26.45 22.03 -1.80
N GLU A 9 27.72 21.72 -1.96
CA GLU A 9 28.65 21.83 -0.85
C GLU A 9 29.58 23.01 -1.06
N ALA A 10 29.42 24.02 -0.22
CA ALA A 10 30.10 25.30 -0.40
C ALA A 10 31.58 25.26 0.00
N VAL A 11 32.37 26.06 -0.68
CA VAL A 11 33.79 26.16 -0.37
C VAL A 11 34.22 27.57 -0.75
N THR A 12 35.33 28.05 -0.20
CA THR A 12 35.87 29.31 -0.68
C THR A 12 37.40 29.24 -0.75
N PHE A 13 38.01 30.26 -1.33
CA PHE A 13 39.45 30.28 -1.51
C PHE A 13 39.96 31.66 -1.10
N GLN A 14 41.20 31.72 -0.61
CA GLN A 14 41.77 32.97 -0.11
C GLN A 14 41.62 34.23 -1.00
N PRO A 15 41.90 34.12 -2.30
CA PRO A 15 41.75 35.34 -3.11
C PRO A 15 40.32 35.91 -3.16
N VAL A 16 39.31 35.05 -3.02
CA VAL A 16 37.92 35.51 -3.04
C VAL A 16 37.56 36.08 -1.67
N VAL A 17 38.00 35.40 -0.62
CA VAL A 17 37.81 35.88 0.74
C VAL A 17 38.38 37.28 0.93
N ASP A 18 39.60 37.48 0.47
CA ASP A 18 40.25 38.78 0.60
C ASP A 18 39.46 39.85 -0.14
N ALA A 19 38.95 39.49 -1.32
CA ALA A 19 38.19 40.42 -2.13
C ALA A 19 36.88 40.81 -1.45
N LEU A 20 36.25 39.83 -0.79
CA LEU A 20 34.99 40.08 -0.08
C LEU A 20 35.20 40.84 1.24
N ARG A 21 36.31 40.62 1.91
CA ARG A 21 36.64 41.42 3.10
C ARG A 21 36.69 42.90 2.72
N ALA A 22 37.37 43.20 1.63
CA ALA A 22 37.47 44.58 1.15
C ALA A 22 36.07 45.10 0.76
N HIS A 23 35.34 44.30 -0.03
CA HIS A 23 33.99 44.68 -0.44
C HIS A 23 33.07 44.98 0.74
N SER A 24 33.29 44.26 1.84
CA SER A 24 32.46 44.42 3.04
C SER A 24 32.50 45.87 3.56
N ARG A 25 33.57 46.58 3.25
CA ARG A 25 33.76 47.93 3.78
C ARG A 25 33.15 49.00 2.88
N THR A 26 32.70 48.60 1.69
CA THR A 26 32.12 49.56 0.75
C THR A 26 30.67 49.87 1.12
N ASP A 27 30.05 50.77 0.39
CA ASP A 27 28.65 51.12 0.68
C ASP A 27 27.68 50.51 -0.33
N ASP A 28 28.01 49.31 -0.81
CA ASP A 28 27.10 48.52 -1.62
C ASP A 28 25.78 48.37 -0.86
N ALA A 29 24.67 48.61 -1.53
CA ALA A 29 23.37 48.49 -0.85
C ALA A 29 22.70 47.14 -1.09
N SER A 30 23.39 46.25 -1.80
CA SER A 30 22.87 44.91 -2.05
C SER A 30 22.48 44.21 -0.76
N LEU A 31 21.39 43.45 -0.79
CA LEU A 31 20.92 42.74 0.40
C LEU A 31 21.92 41.67 0.85
N ASP A 32 22.79 41.23 -0.07
CA ASP A 32 23.86 40.29 0.30
C ASP A 32 24.90 40.88 1.24
N MET A 33 24.89 42.20 1.42
N MET A 33 24.90 42.20 1.41
CA MET A 33 25.83 42.86 2.32
CA MET A 33 25.87 42.82 2.32
C MET A 33 25.68 42.36 3.75
C MET A 33 25.68 42.39 3.77
N ILE A 34 24.48 41.90 4.11
CA ILE A 34 24.23 41.42 5.46
C ILE A 34 25.08 40.18 5.73
N LEU A 35 25.00 39.22 4.81
CA LEU A 35 25.84 38.02 4.83
C LEU A 35 27.33 38.36 4.69
N VAL A 36 27.65 39.24 3.74
CA VAL A 36 29.05 39.55 3.46
C VAL A 36 29.76 40.18 4.66
N ARG A 37 29.07 41.10 5.34
CA ARG A 37 29.62 41.68 6.56
C ARG A 37 29.73 40.63 7.66
N ASP A 38 28.69 39.81 7.83
CA ASP A 38 28.70 38.81 8.89
C ASP A 38 29.84 37.79 8.78
N VAL A 39 30.14 37.36 7.57
CA VAL A 39 31.20 36.34 7.38
C VAL A 39 32.55 36.97 7.04
N TYR A 40 32.55 38.00 6.19
CA TYR A 40 33.81 38.55 5.68
C TYR A 40 34.15 39.95 6.18
N GLY A 41 33.28 40.52 7.02
CA GLY A 41 33.53 41.84 7.53
C GLY A 41 34.72 41.92 8.47
N ASP A 42 35.18 43.14 8.73
CA ASP A 42 36.30 43.38 9.62
C ASP A 42 35.98 42.93 11.05
N GLU A 43 34.69 42.97 11.38
CA GLU A 43 34.22 42.61 12.71
C GLU A 43 33.12 41.55 12.56
N PRO A 44 33.49 40.34 12.12
CA PRO A 44 32.49 39.36 11.67
C PRO A 44 31.65 38.78 12.81
N ALA A 45 30.35 38.70 12.57
CA ALA A 45 29.41 38.07 13.49
C ALA A 45 29.53 36.56 13.42
N ARG A 46 30.09 36.07 12.32
CA ARG A 46 30.24 34.64 12.07
C ARG A 46 31.70 34.34 11.76
N PRO A 47 32.56 34.38 12.79
CA PRO A 47 34.02 34.38 12.61
C PRO A 47 34.61 33.04 12.21
N ALA A 48 33.92 31.94 12.52
CA ALA A 48 34.42 30.61 12.20
C ALA A 48 34.07 30.18 10.77
N MET A 49 33.16 30.91 10.14
CA MET A 49 32.61 30.47 8.86
C MET A 49 33.66 30.43 7.75
N ILE A 50 34.47 31.48 7.62
CA ILE A 50 35.55 31.48 6.62
C ILE A 50 36.44 30.23 6.71
N GLY A 51 36.79 29.84 7.93
CA GLY A 51 37.59 28.65 8.15
C GLY A 51 36.89 27.38 7.68
N ARG A 52 35.59 27.29 7.96
CA ARG A 52 34.84 26.08 7.64
C ARG A 52 34.63 25.98 6.14
N LEU A 53 34.33 27.11 5.52
CA LEU A 53 34.17 27.16 4.07
C LEU A 53 35.49 26.80 3.38
N SER A 54 36.61 27.31 3.90
CA SER A 54 37.92 27.11 3.27
C SER A 54 38.43 25.69 3.40
N ASP A 55 38.08 25.02 4.50
CA ASP A 55 38.57 23.68 4.76
C ASP A 55 37.97 22.63 3.82
N VAL A 56 38.85 21.83 3.22
CA VAL A 56 38.42 20.72 2.37
C VAL A 56 38.88 19.36 2.93
N THR A 57 40.16 19.23 3.26
CA THR A 57 40.74 17.94 3.67
C THR A 57 40.87 17.74 5.19
N GLY A 58 40.42 18.73 5.97
CA GLY A 58 40.47 18.61 7.42
C GLY A 58 39.14 18.15 8.01
N GLU A 59 38.43 19.05 8.69
CA GLU A 59 37.16 18.67 9.32
C GLU A 59 36.14 18.15 8.29
N ARG A 60 36.09 18.77 7.11
CA ARG A 60 35.11 18.36 6.11
C ARG A 60 35.29 16.89 5.72
N LEU A 61 36.50 16.53 5.30
CA LEU A 61 36.77 15.15 4.90
C LEU A 61 36.57 14.20 6.09
N ALA A 62 36.96 14.63 7.29
CA ALA A 62 36.74 13.82 8.49
C ALA A 62 35.25 13.55 8.73
N GLU A 63 34.42 14.58 8.60
CA GLU A 63 32.98 14.40 8.73
C GLU A 63 32.44 13.48 7.62
N MET A 64 32.93 13.66 6.39
CA MET A 64 32.53 12.78 5.28
C MET A 64 32.82 11.32 5.64
N ASP A 65 34.00 11.07 6.20
CA ASP A 65 34.36 9.72 6.61
C ASP A 65 33.48 9.16 7.74
N SER A 66 33.25 9.96 8.78
CA SER A 66 32.43 9.54 9.91
C SER A 66 31.00 9.18 9.49
N ASN A 67 30.52 9.83 8.44
CA ASN A 67 29.13 9.66 8.02
C ASN A 67 28.95 8.82 6.75
N GLY A 68 30.07 8.34 6.21
CA GLY A 68 30.04 7.52 5.02
C GLY A 68 29.61 8.29 3.77
N VAL A 69 30.03 9.55 3.68
CA VAL A 69 29.76 10.36 2.50
C VAL A 69 30.87 10.15 1.48
N ASP A 70 30.52 9.66 0.30
CA ASP A 70 31.55 9.34 -0.68
C ASP A 70 32.18 10.61 -1.25
N MET A 71 31.34 11.57 -1.64
CA MET A 71 31.82 12.78 -2.31
C MET A 71 31.11 14.06 -1.91
N HIS A 72 31.84 15.15 -2.00
CA HIS A 72 31.23 16.48 -2.11
C HIS A 72 31.46 17.04 -3.50
N LEU A 73 30.40 17.58 -4.07
CA LEU A 73 30.48 18.39 -5.28
C LEU A 73 30.59 19.84 -4.81
N LEU A 74 31.77 20.42 -5.00
CA LEU A 74 32.13 21.69 -4.39
C LEU A 74 31.69 22.85 -5.27
N SER A 75 31.29 23.95 -4.65
CA SER A 75 30.96 25.17 -5.39
C SER A 75 31.42 26.39 -4.61
N LEU A 76 31.99 27.36 -5.30
CA LEU A 76 32.35 28.60 -4.62
C LEU A 76 31.07 29.15 -3.99
N THR A 77 31.16 29.45 -2.70
CA THR A 77 30.00 29.86 -1.91
C THR A 77 29.40 31.18 -2.45
N ALA A 78 28.09 31.34 -2.26
CA ALA A 78 27.43 32.60 -2.55
C ALA A 78 28.01 33.69 -1.68
N PRO A 79 28.14 34.90 -2.22
CA PRO A 79 27.67 35.31 -3.54
C PRO A 79 28.66 35.13 -4.69
N GLY A 80 29.61 34.21 -4.56
CA GLY A 80 30.55 33.95 -5.64
C GLY A 80 31.39 35.17 -5.96
N VAL A 81 31.50 35.49 -7.25
CA VAL A 81 32.24 36.67 -7.69
C VAL A 81 31.30 37.71 -8.31
N GLN A 82 30.01 37.57 -8.04
CA GLN A 82 29.01 38.40 -8.70
C GLN A 82 28.81 39.79 -8.10
N MET A 83 29.38 40.04 -6.92
CA MET A 83 29.24 41.36 -6.33
C MET A 83 30.31 42.35 -6.80
N PHE A 84 31.36 41.85 -7.44
CA PHE A 84 32.46 42.72 -7.86
C PHE A 84 32.17 43.44 -9.17
N ASP A 85 33.04 44.38 -9.54
CA ASP A 85 32.97 45.01 -10.84
C ASP A 85 33.34 43.96 -11.89
N ALA A 86 33.05 44.26 -13.15
CA ALA A 86 33.27 43.29 -14.23
C ALA A 86 34.71 42.77 -14.29
N GLU A 87 35.69 43.68 -14.27
CA GLU A 87 37.09 43.28 -14.35
C GLU A 87 37.53 42.41 -13.16
N THR A 88 37.19 42.83 -11.95
CA THR A 88 37.54 42.08 -10.75
C THR A 88 36.85 40.71 -10.68
N GLY A 89 35.55 40.68 -10.98
CA GLY A 89 34.82 39.42 -10.98
C GLY A 89 35.42 38.45 -11.98
N THR A 90 35.73 38.96 -13.16
CA THR A 90 36.30 38.14 -14.23
C THR A 90 37.64 37.54 -13.82
N ARG A 91 38.47 38.36 -13.18
CA ARG A 91 39.79 37.92 -12.73
C ARG A 91 39.69 36.85 -11.65
N LEU A 92 38.83 37.09 -10.66
CA LEU A 92 38.65 36.16 -9.55
C LEU A 92 37.97 34.86 -9.97
N ALA A 93 37.10 34.92 -10.98
CA ALA A 93 36.47 33.70 -11.45
C ALA A 93 37.51 32.71 -11.98
N ARG A 94 38.41 33.20 -12.84
CA ARG A 94 39.49 32.37 -13.36
C ARG A 94 40.32 31.76 -12.22
N ILE A 95 40.67 32.59 -11.26
CA ILE A 95 41.50 32.19 -10.13
C ILE A 95 40.79 31.16 -9.24
N ALA A 96 39.50 31.40 -9.00
CA ALA A 96 38.69 30.49 -8.19
C ALA A 96 38.51 29.16 -8.91
N ASN A 97 38.31 29.22 -10.22
CA ASN A 97 38.14 28.02 -11.01
C ASN A 97 39.42 27.18 -11.08
N ASP A 98 40.56 27.85 -11.25
CA ASP A 98 41.85 27.16 -11.20
C ASP A 98 42.06 26.45 -9.86
N LEU A 99 41.78 27.17 -8.77
CA LEU A 99 41.92 26.58 -7.44
C LEU A 99 40.95 25.42 -7.22
N MET A 100 39.74 25.55 -7.77
CA MET A 100 38.77 24.47 -7.69
C MET A 100 39.28 23.23 -8.42
N ALA A 101 39.81 23.43 -9.62
CA ALA A 101 40.33 22.32 -10.42
C ALA A 101 41.46 21.60 -9.69
N GLN A 102 42.35 22.37 -9.07
CA GLN A 102 43.47 21.81 -8.34
C GLN A 102 43.02 21.08 -7.08
N THR A 103 41.97 21.61 -6.44
CA THR A 103 41.40 20.99 -5.25
C THR A 103 40.75 19.65 -5.58
N VAL A 104 40.01 19.61 -6.68
CA VAL A 104 39.41 18.38 -7.16
C VAL A 104 40.49 17.35 -7.56
N ALA A 105 41.49 17.81 -8.29
CA ALA A 105 42.54 16.93 -8.79
C ALA A 105 43.38 16.31 -7.66
N ALA A 106 43.42 16.96 -6.51
CA ALA A 106 44.20 16.47 -5.38
C ALA A 106 43.53 15.27 -4.69
N ASN A 107 42.20 15.20 -4.75
CA ASN A 107 41.45 14.09 -4.18
C ASN A 107 40.22 13.77 -5.01
N PRO A 108 40.44 13.32 -6.25
CA PRO A 108 39.33 13.27 -7.22
C PRO A 108 38.32 12.17 -6.94
N THR A 109 38.60 11.25 -6.01
CA THR A 109 37.58 10.26 -5.65
C THR A 109 36.64 10.79 -4.57
N ARG A 110 37.03 11.90 -3.93
CA ARG A 110 36.23 12.44 -2.83
C ARG A 110 35.60 13.79 -3.15
N PHE A 111 36.16 14.50 -4.13
CA PHE A 111 35.65 15.81 -4.49
C PHE A 111 35.50 16.00 -5.99
N ALA A 112 34.32 16.49 -6.37
CA ALA A 112 34.05 16.98 -7.70
C ALA A 112 33.86 18.50 -7.57
N GLY A 113 33.77 19.22 -8.67
CA GLY A 113 33.65 20.66 -8.58
C GLY A 113 32.85 21.37 -9.66
N LEU A 114 32.19 22.45 -9.28
CA LEU A 114 31.50 23.31 -10.24
C LEU A 114 32.31 24.58 -10.44
N GLY A 115 32.51 24.98 -11.69
CA GLY A 115 33.18 26.24 -11.95
C GLY A 115 32.17 27.36 -11.92
N THR A 116 32.62 28.60 -11.68
CA THR A 116 31.73 29.75 -11.71
C THR A 116 32.21 30.76 -12.76
N PHE A 117 31.54 31.90 -12.83
CA PHE A 117 31.85 32.93 -13.82
C PHE A 117 31.25 34.25 -13.36
N ALA A 118 31.64 35.33 -14.03
CA ALA A 118 31.15 36.66 -13.70
C ALA A 118 30.31 37.21 -14.84
N PRO A 119 28.97 37.05 -14.73
CA PRO A 119 28.00 37.47 -15.74
C PRO A 119 27.93 38.98 -15.91
N GLN A 120 28.56 39.74 -15.02
CA GLN A 120 28.76 41.17 -15.22
C GLN A 120 29.26 41.44 -16.65
N ASP A 121 30.10 40.54 -17.14
CA ASP A 121 30.66 40.59 -18.48
C ASP A 121 30.38 39.28 -19.20
N PRO A 122 29.23 39.20 -19.91
CA PRO A 122 28.77 38.00 -20.62
C PRO A 122 29.77 37.45 -21.61
N ALA A 123 30.45 38.33 -22.34
CA ALA A 123 31.46 37.90 -23.30
C ALA A 123 32.60 37.17 -22.59
N SER A 124 33.06 37.73 -21.47
CA SER A 124 34.15 37.11 -20.71
C SER A 124 33.69 35.87 -19.97
N ALA A 125 32.46 35.89 -19.50
CA ALA A 125 31.90 34.72 -18.82
C ALA A 125 31.83 33.55 -19.80
N ALA A 126 31.43 33.84 -21.03
CA ALA A 126 31.31 32.81 -22.06
C ALA A 126 32.65 32.12 -22.29
N ARG A 127 33.72 32.89 -22.29
CA ARG A 127 35.06 32.33 -22.52
C ARG A 127 35.46 31.44 -21.34
N GLU A 128 35.18 31.91 -20.13
CA GLU A 128 35.55 31.17 -18.93
C GLU A 128 34.74 29.89 -18.78
N ILE A 129 33.50 29.92 -19.25
CA ILE A 129 32.68 28.72 -19.27
C ILE A 129 33.30 27.67 -20.19
N GLU A 130 33.80 28.12 -21.34
CA GLU A 130 34.43 27.21 -22.29
C GLU A 130 35.70 26.61 -21.69
N ARG A 131 36.50 27.46 -21.05
CA ARG A 131 37.72 27.03 -20.38
C ARG A 131 37.41 26.00 -19.29
N VAL A 132 36.36 26.27 -18.52
CA VAL A 132 35.94 25.38 -17.45
C VAL A 132 35.57 24.00 -17.99
N ALA A 133 34.85 23.98 -19.10
CA ALA A 133 34.38 22.75 -19.71
C ALA A 133 35.50 21.95 -20.38
N THR A 134 36.33 22.63 -21.17
CA THR A 134 37.28 21.97 -22.05
C THR A 134 38.69 21.80 -21.45
N GLN A 135 39.12 22.78 -20.65
CA GLN A 135 40.48 22.76 -20.14
C GLN A 135 40.60 22.27 -18.71
N LEU A 136 39.71 22.73 -17.83
CA LEU A 136 39.73 22.27 -16.45
C LEU A 136 38.96 20.97 -16.30
N ARG A 137 38.03 20.72 -17.21
CA ARG A 137 37.21 19.50 -17.18
C ARG A 137 36.47 19.39 -15.86
N LEU A 138 35.99 20.51 -15.34
CA LEU A 138 35.18 20.50 -14.13
C LEU A 138 33.82 19.90 -14.40
N ASN A 139 33.09 19.60 -13.32
CA ASN A 139 31.91 18.76 -13.42
C ASN A 139 30.65 19.47 -13.86
N GLY A 140 30.67 20.79 -13.81
CA GLY A 140 29.51 21.59 -14.17
C GLY A 140 29.75 23.03 -13.75
N LEU A 141 28.67 23.79 -13.59
CA LEU A 141 28.77 25.22 -13.31
C LEU A 141 27.87 25.62 -12.14
N VAL A 142 28.23 26.72 -11.49
CA VAL A 142 27.39 27.28 -10.43
C VAL A 142 27.35 28.81 -10.57
N ILE A 143 26.18 29.39 -10.33
CA ILE A 143 26.02 30.84 -10.31
C ILE A 143 24.98 31.10 -9.22
N ASN A 144 25.05 32.27 -8.57
CA ASN A 144 24.15 32.57 -7.46
C ASN A 144 23.06 33.57 -7.82
N SER A 145 21.90 33.03 -8.21
CA SER A 145 20.78 33.80 -8.75
C SER A 145 21.22 35.06 -9.49
N HIS A 146 20.69 36.22 -9.11
CA HIS A 146 20.82 37.42 -9.96
C HIS A 146 22.25 37.93 -10.10
N THR A 147 22.49 38.68 -11.16
CA THR A 147 23.72 39.43 -11.33
C THR A 147 23.31 40.85 -11.68
N ASN A 148 23.86 41.81 -10.96
CA ASN A 148 23.54 43.23 -11.13
C ASN A 148 22.04 43.49 -11.10
N ASP A 149 21.33 42.71 -10.28
CA ASP A 149 19.90 42.89 -10.09
C ASP A 149 19.10 42.67 -11.37
N LEU A 150 19.67 41.87 -12.27
CA LEU A 150 18.96 41.38 -13.44
C LEU A 150 18.82 39.87 -13.31
N TYR A 151 17.75 39.34 -13.90
CA TYR A 151 17.50 37.90 -13.95
C TYR A 151 17.83 37.32 -15.33
N TYR A 152 17.94 36.00 -15.41
CA TYR A 152 18.51 35.33 -16.56
C TYR A 152 17.59 35.13 -17.76
N ASP A 153 16.42 35.74 -17.72
CA ASP A 153 15.63 35.94 -18.93
C ASP A 153 16.17 37.11 -19.76
N ASP A 154 16.92 38.02 -19.11
CA ASP A 154 17.43 39.20 -19.80
C ASP A 154 18.36 38.79 -20.95
N PRO A 155 18.07 39.29 -22.18
CA PRO A 155 18.87 38.99 -23.38
C PRO A 155 20.33 39.38 -23.22
N PHE A 156 20.63 40.27 -22.27
CA PHE A 156 22.00 40.63 -21.94
C PHE A 156 22.84 39.39 -21.66
N PHE A 157 22.21 38.37 -21.10
CA PHE A 157 22.95 37.18 -20.68
C PHE A 157 22.95 36.07 -21.72
N HIS A 158 22.39 36.36 -22.90
CA HIS A 158 22.33 35.35 -23.96
C HIS A 158 23.69 34.72 -24.32
N PRO A 159 24.76 35.53 -24.43
CA PRO A 159 26.05 34.89 -24.71
C PRO A 159 26.46 33.88 -23.62
N VAL A 160 26.04 34.09 -22.38
CA VAL A 160 26.34 33.15 -21.31
C VAL A 160 25.63 31.81 -21.53
N PHE A 161 24.32 31.84 -21.75
CA PHE A 161 23.57 30.61 -21.89
C PHE A 161 23.86 29.88 -23.20
N GLU A 162 24.22 30.63 -24.23
CA GLU A 162 24.70 30.02 -25.46
C GLU A 162 25.93 29.18 -25.17
N ALA A 163 26.86 29.72 -24.37
CA ALA A 163 28.08 29.01 -24.02
C ALA A 163 27.80 27.80 -23.13
N ILE A 164 26.92 27.95 -22.15
CA ILE A 164 26.58 26.85 -21.25
C ILE A 164 25.96 25.71 -22.03
N GLU A 165 24.99 26.02 -22.88
CA GLU A 165 24.34 25.00 -23.69
C GLU A 165 25.34 24.22 -24.54
N ALA A 166 26.22 24.95 -25.21
CA ALA A 166 27.25 24.32 -26.04
C ALA A 166 28.20 23.45 -25.22
N SER A 167 28.51 23.87 -23.99
CA SER A 167 29.49 23.15 -23.19
C SER A 167 28.97 21.81 -22.72
N GLY A 168 27.65 21.66 -22.71
CA GLY A 168 27.03 20.46 -22.18
C GLY A 168 27.05 20.35 -20.66
N LEU A 169 27.58 21.37 -19.99
CA LEU A 169 27.65 21.39 -18.52
C LEU A 169 26.32 21.84 -17.89
N ALA A 170 25.92 21.19 -16.82
CA ALA A 170 24.73 21.61 -16.08
C ALA A 170 25.05 22.84 -15.23
N LEU A 171 24.09 23.78 -15.14
CA LEU A 171 24.24 24.98 -14.33
C LEU A 171 23.41 24.92 -13.06
N TYR A 172 24.09 24.90 -11.91
CA TYR A 172 23.43 24.97 -10.62
C TYR A 172 23.18 26.44 -10.32
N ILE A 173 21.92 26.83 -10.22
CA ILE A 173 21.57 28.20 -9.86
C ILE A 173 21.29 28.20 -8.36
N HIS A 174 22.32 28.56 -7.61
CA HIS A 174 22.30 28.56 -6.16
C HIS A 174 21.66 29.87 -5.70
N PRO A 175 21.13 29.92 -4.46
CA PRO A 175 20.55 31.20 -4.06
C PRO A 175 21.58 32.31 -3.81
N ARG A 176 21.02 33.51 -3.72
CA ARG A 176 21.67 34.74 -3.35
C ARG A 176 20.55 35.48 -2.62
N ALA A 177 20.86 36.56 -1.91
CA ALA A 177 19.80 37.33 -1.27
C ALA A 177 18.97 38.05 -2.35
N PRO A 178 17.68 38.29 -2.09
CA PRO A 178 16.77 39.00 -2.99
C PRO A 178 17.42 40.23 -3.62
N SER A 179 17.21 40.41 -4.92
CA SER A 179 17.83 41.51 -5.64
C SER A 179 17.13 42.79 -5.26
N LYS A 180 17.66 43.90 -5.75
CA LYS A 180 17.08 45.19 -5.43
C LYS A 180 15.68 45.37 -6.00
N GLN A 181 15.31 44.56 -6.98
CA GLN A 181 13.94 44.61 -7.48
C GLN A 181 12.96 44.18 -6.38
N ILE A 182 13.40 43.32 -5.47
CA ILE A 182 12.49 42.77 -4.48
C ILE A 182 12.94 42.87 -3.03
N ASP A 183 14.11 43.46 -2.79
CA ASP A 183 14.71 43.34 -1.46
C ASP A 183 14.01 44.09 -0.33
N ARG A 184 13.21 45.11 -0.67
CA ARG A 184 12.54 45.91 0.34
C ARG A 184 11.74 45.06 1.32
N ALA A 185 11.13 43.99 0.83
CA ALA A 185 10.27 43.14 1.66
C ALA A 185 11.02 42.10 2.49
N PHE A 186 12.35 42.08 2.36
CA PHE A 186 13.15 41.02 2.99
C PHE A 186 14.19 41.55 3.96
N ARG A 187 13.94 42.74 4.49
CA ARG A 187 14.90 43.37 5.41
C ARG A 187 14.62 43.04 6.89
N ASP A 188 13.52 42.35 7.16
CA ASP A 188 13.10 42.10 8.55
C ASP A 188 13.07 40.63 8.93
N TYR A 189 13.24 40.36 10.22
CA TYR A 189 13.10 39.03 10.80
C TYR A 189 14.05 38.00 10.18
N GLY A 190 15.19 38.45 9.69
CA GLY A 190 16.18 37.54 9.11
C GLY A 190 15.78 36.94 7.77
N MET A 191 14.76 37.52 7.13
CA MET A 191 14.24 36.95 5.89
C MET A 191 15.11 37.19 4.65
N ASN A 192 16.21 37.91 4.80
CA ASN A 192 17.14 38.14 3.70
C ASN A 192 17.79 36.84 3.23
N SER A 193 17.83 35.87 4.13
CA SER A 193 18.66 34.68 3.97
C SER A 193 17.87 33.40 3.64
N ALA A 194 18.35 32.26 4.12
CA ALA A 194 17.77 30.96 3.77
C ALA A 194 16.33 30.76 4.23
N ILE A 195 15.93 31.46 5.29
CA ILE A 195 14.60 31.23 5.85
C ILE A 195 13.47 31.64 4.88
N TRP A 196 13.72 32.62 4.01
CA TRP A 196 12.68 32.98 3.04
C TRP A 196 13.19 33.64 1.76
N GLY A 197 14.01 34.67 1.91
CA GLY A 197 14.49 35.42 0.77
C GLY A 197 15.18 34.59 -0.30
N TYR A 198 16.05 33.68 0.13
CA TYR A 198 16.80 32.86 -0.84
C TYR A 198 15.86 32.15 -1.84
N GLY A 199 14.83 31.50 -1.33
CA GLY A 199 13.95 30.72 -2.17
C GLY A 199 13.11 31.57 -3.10
N ILE A 200 12.67 32.72 -2.61
CA ILE A 200 11.83 33.61 -3.42
C ILE A 200 12.66 34.20 -4.57
N GLU A 201 13.89 34.63 -4.25
CA GLU A 201 14.81 35.20 -5.23
C GLU A 201 15.12 34.21 -6.35
N THR A 202 15.46 33.00 -5.95
CA THR A 202 15.97 32.00 -6.88
C THR A 202 14.84 31.41 -7.72
N SER A 203 13.71 31.13 -7.09
CA SER A 203 12.59 30.57 -7.82
C SER A 203 12.05 31.59 -8.82
N THR A 204 12.06 32.87 -8.46
CA THR A 204 11.54 33.90 -9.36
C THR A 204 12.42 33.99 -10.58
N ASN A 205 13.74 33.96 -10.36
CA ASN A 205 14.73 33.92 -11.44
C ASN A 205 14.39 32.78 -12.42
N ALA A 206 14.27 31.57 -11.90
CA ALA A 206 13.96 30.40 -12.74
C ALA A 206 12.61 30.50 -13.47
N VAL A 207 11.58 30.99 -12.78
CA VAL A 207 10.28 31.17 -13.41
C VAL A 207 10.37 32.18 -14.58
N ARG A 208 11.07 33.30 -14.38
CA ARG A 208 11.28 34.24 -15.49
C ARG A 208 12.01 33.55 -16.65
N MET A 209 13.02 32.75 -16.33
CA MET A 209 13.74 32.01 -17.38
C MET A 209 12.79 31.16 -18.21
N ILE A 210 11.94 30.40 -17.52
CA ILE A 210 10.98 29.56 -18.21
C ILE A 210 9.98 30.39 -19.03
N LEU A 211 9.34 31.37 -18.42
CA LEU A 211 8.28 32.09 -19.11
C LEU A 211 8.78 32.99 -20.25
N SER A 212 10.04 33.38 -20.18
CA SER A 212 10.63 34.20 -21.23
C SER A 212 10.95 33.40 -22.49
N GLY A 213 10.83 32.07 -22.42
CA GLY A 213 11.14 31.23 -23.58
C GLY A 213 12.63 30.92 -23.72
N LEU A 214 13.39 31.11 -22.64
CA LEU A 214 14.83 30.85 -22.70
C LEU A 214 15.14 29.42 -23.13
N PHE A 215 14.25 28.48 -22.77
CA PHE A 215 14.50 27.08 -23.08
C PHE A 215 13.95 26.61 -24.42
N ASP A 216 13.30 27.52 -25.14
CA ASP A 216 13.08 27.31 -26.57
C ASP A 216 14.32 27.80 -27.34
N ARG A 217 14.91 28.90 -26.88
CA ARG A 217 16.17 29.38 -27.46
C ARG A 217 17.34 28.43 -27.19
N PHE A 218 17.40 27.88 -25.98
CA PHE A 218 18.48 26.96 -25.59
C PHE A 218 17.91 25.67 -25.02
N PRO A 219 17.36 24.80 -25.90
CA PRO A 219 16.58 23.65 -25.40
C PRO A 219 17.43 22.57 -24.73
N ARG A 220 18.74 22.61 -24.89
CA ARG A 220 19.61 21.62 -24.27
C ARG A 220 20.21 22.06 -22.94
N LEU A 221 19.85 23.24 -22.44
CA LEU A 221 20.32 23.66 -21.12
C LEU A 221 19.87 22.68 -20.04
N LYS A 222 20.74 22.42 -19.08
CA LYS A 222 20.35 21.71 -17.88
C LYS A 222 20.59 22.64 -16.69
N ILE A 223 19.53 22.96 -15.96
CA ILE A 223 19.58 23.79 -14.78
C ILE A 223 19.28 22.97 -13.52
N VAL A 224 20.02 23.22 -12.45
CA VAL A 224 19.78 22.50 -11.20
C VAL A 224 19.40 23.51 -10.13
N LEU A 225 18.34 23.18 -9.37
CA LEU A 225 17.91 24.03 -8.26
C LEU A 225 17.94 23.25 -6.95
N GLY A 226 18.54 23.85 -5.93
CA GLY A 226 18.59 23.23 -4.62
C GLY A 226 17.31 23.49 -3.84
N HIS A 227 17.31 23.11 -2.57
CA HIS A 227 16.20 23.39 -1.65
C HIS A 227 14.87 22.90 -2.21
N MET A 228 14.91 21.63 -2.64
CA MET A 228 13.79 20.93 -3.24
C MET A 228 13.16 21.73 -4.39
N GLY A 229 14.04 22.26 -5.25
CA GLY A 229 13.63 22.98 -6.45
C GLY A 229 13.09 24.38 -6.17
N GLU A 230 13.49 24.96 -5.04
CA GLU A 230 12.99 26.26 -4.59
C GLU A 230 11.45 26.35 -4.67
N ALA A 231 10.81 25.24 -4.34
CA ALA A 231 9.34 25.07 -4.34
C ALA A 231 8.66 25.07 -5.71
N ILE A 232 9.41 25.33 -6.77
CA ILE A 232 8.81 25.23 -8.13
C ILE A 232 8.06 23.91 -8.37
N PRO A 233 8.60 22.76 -7.90
CA PRO A 233 7.84 21.52 -8.06
C PRO A 233 6.43 21.57 -7.47
N PHE A 234 6.23 22.38 -6.43
CA PHE A 234 4.92 22.46 -5.81
C PHE A 234 3.92 23.28 -6.63
N TRP A 235 4.43 24.22 -7.43
CA TRP A 235 3.60 25.17 -8.17
C TRP A 235 3.31 24.75 -9.61
N LEU A 236 3.69 23.53 -10.01
CA LEU A 236 3.64 23.16 -11.43
C LEU A 236 2.26 23.25 -12.04
N TRP A 237 1.24 22.79 -11.32
CA TRP A 237 -0.11 22.75 -11.92
C TRP A 237 -0.60 24.17 -12.21
N ARG A 238 -0.41 25.06 -11.25
CA ARG A 238 -0.86 26.45 -11.37
C ARG A 238 -0.03 27.20 -12.42
N LEU A 239 1.27 26.94 -12.46
CA LEU A 239 2.10 27.52 -13.54
C LEU A 239 1.54 27.17 -14.91
N ASP A 240 1.24 25.89 -15.13
CA ASP A 240 0.66 25.43 -16.40
C ASP A 240 -0.72 26.03 -16.61
N TYR A 241 -1.57 25.96 -15.60
CA TYR A 241 -2.96 26.40 -15.82
C TYR A 241 -3.03 27.88 -16.23
N MET A 242 -2.27 28.71 -15.53
CA MET A 242 -2.37 30.15 -15.74
C MET A 242 -1.57 30.64 -16.93
N HIS A 243 -0.80 29.76 -17.57
CA HIS A 243 0.03 30.19 -18.66
C HIS A 243 -0.76 30.68 -19.88
N GLY A 244 -1.96 30.13 -20.07
CA GLY A 244 -2.85 30.60 -21.12
C GLY A 244 -3.23 32.07 -20.98
N ASN A 245 -3.63 32.47 -19.78
CA ASN A 245 -3.88 33.88 -19.48
C ASN A 245 -2.64 34.74 -19.69
N ALA A 246 -1.48 34.25 -19.26
CA ALA A 246 -0.25 35.02 -19.38
C ALA A 246 0.10 35.36 -20.83
N THR A 247 -0.12 34.42 -21.74
CA THR A 247 0.19 34.66 -23.15
C THR A 247 -0.93 35.46 -23.83
N THR A 248 -2.17 35.16 -23.47
CA THR A 248 -3.34 35.83 -24.08
C THR A 248 -3.48 37.29 -23.66
N PHE A 249 -3.42 37.56 -22.36
CA PHE A 249 -3.63 38.92 -21.84
C PHE A 249 -2.38 39.59 -21.29
N GLY A 250 -1.34 38.81 -20.99
CA GLY A 250 -0.21 39.34 -20.25
C GLY A 250 1.06 39.62 -21.04
N GLY A 251 1.02 39.37 -22.35
CA GLY A 251 2.17 39.64 -23.19
C GLY A 251 3.35 38.70 -22.94
N ALA A 252 3.07 37.51 -22.41
CA ALA A 252 4.10 36.49 -22.30
C ALA A 252 4.27 35.89 -23.69
N PRO A 253 5.50 35.48 -24.03
CA PRO A 253 5.69 34.91 -25.36
C PRO A 253 5.07 33.52 -25.44
N LYS A 254 4.71 33.12 -26.65
CA LYS A 254 4.17 31.77 -26.87
C LYS A 254 5.28 30.74 -26.79
N LEU A 255 5.09 29.73 -25.96
CA LEU A 255 6.09 28.69 -25.76
C LEU A 255 5.72 27.39 -26.47
N LYS A 256 6.74 26.64 -26.88
CA LYS A 256 6.55 25.36 -27.55
C LYS A 256 6.00 24.31 -26.60
N LEU A 257 6.43 24.37 -25.35
CA LEU A 257 6.02 23.41 -24.32
C LEU A 257 5.28 24.12 -23.19
N LYS A 258 4.72 23.34 -22.29
CA LYS A 258 4.12 23.88 -21.07
C LYS A 258 5.23 24.18 -20.06
N PRO A 259 4.99 25.14 -19.16
CA PRO A 259 5.96 25.48 -18.11
C PRO A 259 6.47 24.25 -17.34
N SER A 260 5.58 23.35 -16.92
CA SER A 260 6.05 22.19 -16.16
C SER A 260 6.86 21.22 -17.03
N GLU A 261 6.63 21.28 -18.34
CA GLU A 261 7.36 20.42 -19.28
C GLU A 261 8.81 20.91 -19.44
N TYR A 262 9.01 22.23 -19.48
CA TYR A 262 10.36 22.75 -19.38
C TYR A 262 10.96 22.35 -18.04
N PHE A 263 10.14 22.36 -16.98
CA PHE A 263 10.75 22.10 -15.67
C PHE A 263 11.26 20.66 -15.64
N ARG A 264 10.48 19.72 -16.17
CA ARG A 264 10.94 18.34 -16.16
C ARG A 264 12.04 18.07 -17.20
N ARG A 265 11.95 18.72 -18.36
CA ARG A 265 12.91 18.47 -19.44
C ARG A 265 14.27 19.09 -19.15
N ASN A 266 14.23 20.32 -18.65
CA ASN A 266 15.46 21.12 -18.53
C ASN A 266 15.97 21.31 -17.11
N PHE A 267 15.18 20.95 -16.10
CA PHE A 267 15.64 21.13 -14.71
C PHE A 267 15.77 19.82 -13.96
N ALA A 268 16.63 19.82 -12.97
CA ALA A 268 16.70 18.78 -11.97
C ALA A 268 16.82 19.50 -10.63
N ILE A 269 16.53 18.83 -9.53
CA ILE A 269 16.53 19.50 -8.26
C ILE A 269 17.38 18.75 -7.25
N THR A 270 17.72 19.42 -6.15
CA THR A 270 18.36 18.73 -5.03
C THR A 270 17.62 18.97 -3.72
N THR A 271 17.96 18.15 -2.72
CA THR A 271 17.26 18.18 -1.42
C THR A 271 17.94 19.05 -0.36
N SER A 272 18.90 19.89 -0.75
CA SER A 272 19.64 20.70 0.20
C SER A 272 18.70 21.48 1.11
N GLY A 273 18.92 21.39 2.42
CA GLY A 273 18.12 22.17 3.34
C GLY A 273 16.65 21.82 3.42
N VAL A 274 16.24 20.70 2.82
CA VAL A 274 14.85 20.27 2.91
C VAL A 274 14.83 18.76 3.19
N GLU A 275 15.09 18.44 4.46
CA GLU A 275 15.19 17.04 4.86
C GLU A 275 13.82 16.54 5.31
N SER A 276 12.88 16.58 4.38
CA SER A 276 11.50 16.14 4.58
C SER A 276 11.21 14.97 3.66
N HIS A 277 10.93 13.80 4.23
CA HIS A 277 10.56 12.66 3.38
C HIS A 277 9.28 12.95 2.60
N ALA A 278 8.40 13.75 3.17
CA ALA A 278 7.14 14.02 2.48
C ALA A 278 7.41 14.88 1.26
N ALA A 279 8.24 15.90 1.41
CA ALA A 279 8.58 16.75 0.29
C ALA A 279 9.39 15.96 -0.75
N LEU A 280 10.25 15.07 -0.29
CA LEU A 280 11.03 14.22 -1.19
C LEU A 280 10.09 13.34 -2.04
N ARG A 281 9.13 12.69 -1.37
CA ARG A 281 8.20 11.80 -2.06
C ARG A 281 7.38 12.55 -3.10
N TYR A 282 6.86 13.71 -2.71
CA TYR A 282 6.12 14.58 -3.62
C TYR A 282 6.94 14.86 -4.88
N SER A 283 8.19 15.22 -4.66
CA SER A 283 9.07 15.63 -5.76
C SER A 283 9.36 14.50 -6.71
N ILE A 284 9.69 13.32 -6.17
CA ILE A 284 9.88 12.13 -7.00
C ILE A 284 8.63 11.83 -7.82
N GLU A 285 7.46 12.05 -7.22
CA GLU A 285 6.21 11.73 -7.91
C GLU A 285 5.96 12.65 -9.09
N VAL A 286 6.20 13.94 -8.91
CA VAL A 286 5.84 14.90 -9.95
C VAL A 286 6.96 15.17 -10.96
N LEU A 287 8.21 14.94 -10.57
CA LEU A 287 9.34 15.18 -11.46
C LEU A 287 9.93 13.90 -12.03
N GLY A 288 9.63 12.77 -11.40
CA GLY A 288 10.33 11.53 -11.73
C GLY A 288 11.60 11.36 -10.91
N PRO A 289 11.94 10.12 -10.56
CA PRO A 289 13.08 9.81 -9.70
C PRO A 289 14.44 10.17 -10.33
N GLU A 290 14.48 10.36 -11.65
CA GLU A 290 15.74 10.75 -12.28
C GLU A 290 16.11 12.22 -12.09
N ASN A 291 15.15 13.03 -11.61
CA ASN A 291 15.36 14.48 -11.50
C ASN A 291 15.56 15.01 -10.09
N VAL A 292 15.79 14.13 -9.13
CA VAL A 292 15.99 14.54 -7.75
C VAL A 292 17.32 14.03 -7.23
N MET A 293 18.14 14.95 -6.70
CA MET A 293 19.45 14.60 -6.18
C MET A 293 19.60 14.98 -4.72
N TRP A 294 20.40 14.21 -3.98
CA TRP A 294 20.66 14.51 -2.59
C TRP A 294 21.76 15.56 -2.45
N ALA A 295 21.68 16.34 -1.39
CA ALA A 295 22.71 17.31 -1.06
C ALA A 295 22.70 17.55 0.45
N ILE A 296 23.75 18.19 0.94
CA ILE A 296 23.86 18.50 2.35
C ILE A 296 23.67 19.98 2.62
N ASP A 297 24.34 20.81 1.82
CA ASP A 297 24.45 22.26 2.02
C ASP A 297 25.42 22.57 3.17
N TYR A 298 26.48 21.78 3.24
CA TYR A 298 27.56 21.99 4.19
C TYR A 298 28.31 23.24 3.71
N PRO A 299 28.81 24.06 4.65
CA PRO A 299 28.81 23.93 6.11
C PRO A 299 27.66 24.64 6.79
N TYR A 300 26.70 25.12 6.01
CA TYR A 300 25.55 25.83 6.56
C TYR A 300 24.60 24.83 7.21
N GLN A 301 24.70 23.58 6.79
CA GLN A 301 23.95 22.48 7.42
C GLN A 301 24.94 21.39 7.81
N PRO A 302 24.66 20.67 8.92
CA PRO A 302 25.55 19.59 9.33
C PRO A 302 25.33 18.33 8.50
N MET A 303 26.36 17.51 8.34
CA MET A 303 26.27 16.33 7.47
C MET A 303 25.38 15.22 8.01
N ALA A 304 25.53 14.90 9.29
CA ALA A 304 24.86 13.70 9.82
C ALA A 304 23.34 13.65 9.61
N PRO A 305 22.61 14.74 9.95
CA PRO A 305 21.16 14.67 9.73
C PRO A 305 20.80 14.55 8.26
N ALA A 306 21.56 15.20 7.38
CA ALA A 306 21.29 15.13 5.95
C ALA A 306 21.54 13.71 5.41
N VAL A 307 22.61 13.08 5.88
CA VAL A 307 22.90 11.70 5.52
C VAL A 307 21.80 10.75 6.02
N GLN A 308 21.39 10.91 7.26
CA GLN A 308 20.40 10.00 7.83
C GLN A 308 19.02 10.22 7.18
N PHE A 309 18.78 11.45 6.73
CA PHE A 309 17.58 11.75 5.95
C PHE A 309 17.46 10.88 4.71
N ILE A 310 18.53 10.74 3.92
CA ILE A 310 18.40 9.93 2.72
C ILE A 310 18.51 8.43 3.04
N ARG A 311 19.38 8.04 3.98
CA ARG A 311 19.51 6.63 4.36
C ARG A 311 18.20 6.05 4.91
N THR A 312 17.38 6.89 5.51
CA THR A 312 16.10 6.44 6.07
C THR A 312 14.88 6.75 5.21
N ALA A 313 15.10 7.27 4.00
CA ALA A 313 13.97 7.64 3.14
C ALA A 313 13.05 6.46 2.78
N PRO A 314 11.73 6.65 2.92
CA PRO A 314 10.78 5.57 2.64
C PRO A 314 10.55 5.42 1.13
N ILE A 315 11.62 5.10 0.42
CA ILE A 315 11.59 4.82 -1.01
C ILE A 315 12.36 3.52 -1.26
N PRO A 316 12.09 2.86 -2.41
CA PRO A 316 12.81 1.63 -2.76
C PRO A 316 14.33 1.83 -2.84
N GLU A 317 15.09 0.75 -2.67
CA GLU A 317 16.55 0.88 -2.71
C GLU A 317 17.08 1.40 -4.04
N ASP A 318 16.49 0.99 -5.17
CA ASP A 318 17.02 1.47 -6.44
C ASP A 318 16.75 2.96 -6.63
N VAL A 319 15.57 3.42 -6.23
CA VAL A 319 15.27 4.85 -6.27
C VAL A 319 16.16 5.61 -5.29
N LYS A 320 16.40 5.03 -4.12
CA LYS A 320 17.28 5.70 -3.15
C LYS A 320 18.70 5.87 -3.71
N ALA A 321 19.19 4.85 -4.40
CA ALA A 321 20.52 4.95 -5.02
C ALA A 321 20.61 6.07 -6.07
N MET A 322 19.56 6.22 -6.88
CA MET A 322 19.51 7.32 -7.87
C MET A 322 19.60 8.67 -7.17
N VAL A 323 18.76 8.87 -6.16
CA VAL A 323 18.72 10.13 -5.42
C VAL A 323 20.03 10.38 -4.66
N ALA A 324 20.52 9.35 -3.99
CA ALA A 324 21.73 9.48 -3.18
C ALA A 324 22.98 9.87 -3.97
N GLY A 325 23.08 9.41 -5.21
CA GLY A 325 24.31 9.63 -5.96
C GLY A 325 24.26 9.31 -7.45
N GLY A 326 23.38 8.40 -7.83
CA GLY A 326 23.30 7.99 -9.22
C GLY A 326 22.95 9.10 -10.22
N ASN A 327 21.94 9.89 -9.89
CA ASN A 327 21.56 11.03 -10.73
C ASN A 327 22.68 12.06 -10.84
N ALA A 328 23.35 12.31 -9.72
CA ALA A 328 24.40 13.31 -9.68
C ALA A 328 25.57 12.82 -10.54
N ALA A 329 25.84 11.52 -10.49
CA ALA A 329 26.94 10.99 -11.30
C ALA A 329 26.67 11.20 -12.79
N ARG A 330 25.40 11.07 -13.18
CA ARG A 330 25.03 11.30 -14.58
C ARG A 330 25.07 12.77 -14.92
N ILE A 331 24.40 13.58 -14.11
CA ILE A 331 24.25 15.00 -14.40
C ILE A 331 25.57 15.79 -14.31
N PHE A 332 26.43 15.40 -13.38
CA PHE A 332 27.67 16.14 -13.17
C PHE A 332 28.93 15.38 -13.57
N ARG A 333 28.78 14.39 -14.45
CA ARG A 333 29.93 13.73 -15.08
C ARG A 333 30.89 13.16 -14.06
N ILE A 334 30.37 12.40 -13.10
CA ILE A 334 31.22 11.78 -12.10
C ILE A 334 31.31 10.28 -12.36
N THR A 335 32.52 9.75 -12.37
CA THR A 335 32.70 8.32 -12.51
C THR A 335 32.54 7.61 -11.15
N SER B 1 19.45 -19.44 -1.87
CA SER B 1 20.36 -18.52 -2.53
C SER B 1 20.47 -17.16 -1.81
N LEU B 2 19.56 -16.91 -0.89
CA LEU B 2 19.72 -15.80 0.04
C LEU B 2 20.92 -16.10 0.93
N ARG B 3 21.94 -15.23 0.91
CA ARG B 3 23.09 -15.44 1.81
C ARG B 3 22.78 -15.05 3.26
N LEU B 4 22.82 -16.04 4.14
CA LEU B 4 22.51 -15.82 5.54
C LEU B 4 23.77 -15.87 6.38
N ILE B 5 24.11 -14.76 7.00
CA ILE B 5 25.24 -14.68 7.92
C ILE B 5 24.72 -14.32 9.31
N ALA B 6 24.77 -15.26 10.25
CA ALA B 6 24.24 -15.00 11.60
C ALA B 6 25.30 -14.32 12.44
N THR B 7 24.95 -13.21 13.08
CA THR B 7 25.99 -12.34 13.65
C THR B 7 26.20 -12.40 15.17
N GLU B 8 25.42 -13.21 15.88
CA GLU B 8 25.59 -13.29 17.34
C GLU B 8 25.65 -14.72 17.83
N GLU B 9 26.63 -15.48 17.33
CA GLU B 9 26.62 -16.92 17.54
C GLU B 9 27.70 -17.31 18.54
N ALA B 10 27.26 -17.68 19.73
CA ALA B 10 28.18 -17.96 20.85
C ALA B 10 28.98 -19.24 20.70
N VAL B 11 30.22 -19.20 21.21
CA VAL B 11 31.10 -20.35 21.21
C VAL B 11 31.95 -20.27 22.47
N THR B 12 32.53 -21.38 22.89
CA THR B 12 33.51 -21.34 23.98
C THR B 12 34.65 -22.31 23.69
N PHE B 13 35.72 -22.19 24.46
CA PHE B 13 36.89 -23.06 24.33
C PHE B 13 37.28 -23.59 25.70
N GLN B 14 37.93 -24.74 25.72
CA GLN B 14 38.25 -25.43 26.97
C GLN B 14 38.95 -24.59 28.05
N PRO B 15 39.97 -23.79 27.68
CA PRO B 15 40.63 -23.02 28.75
C PRO B 15 39.70 -22.02 29.42
N VAL B 16 38.80 -21.41 28.68
CA VAL B 16 37.85 -20.47 29.26
C VAL B 16 36.87 -21.23 30.16
N VAL B 17 36.35 -22.34 29.64
CA VAL B 17 35.45 -23.22 30.37
C VAL B 17 36.04 -23.65 31.71
N ASP B 18 37.25 -24.18 31.66
CA ASP B 18 37.93 -24.64 32.88
C ASP B 18 38.04 -23.52 33.91
N ALA B 19 38.30 -22.30 33.44
CA ALA B 19 38.46 -21.18 34.34
C ALA B 19 37.12 -20.78 34.93
N LEU B 20 36.06 -20.87 34.13
CA LEU B 20 34.74 -20.53 34.63
C LEU B 20 34.25 -21.59 35.60
N ARG B 21 34.64 -22.85 35.38
CA ARG B 21 34.31 -23.90 36.33
C ARG B 21 34.92 -23.60 37.70
N ALA B 22 36.20 -23.24 37.71
CA ALA B 22 36.85 -22.88 38.96
C ALA B 22 36.21 -21.63 39.58
N HIS B 23 35.89 -20.65 38.74
CA HIS B 23 35.29 -19.41 39.22
C HIS B 23 33.91 -19.63 39.86
N SER B 24 33.17 -20.63 39.37
CA SER B 24 31.82 -20.92 39.85
C SER B 24 31.80 -21.38 41.31
N ARG B 25 32.96 -21.78 41.82
CA ARG B 25 33.05 -22.23 43.21
C ARG B 25 33.40 -21.10 44.18
N THR B 26 33.64 -19.89 43.66
CA THR B 26 34.09 -18.78 44.50
C THR B 26 32.93 -17.95 45.06
N ASP B 27 33.27 -16.94 45.84
CA ASP B 27 32.25 -16.12 46.52
C ASP B 27 31.82 -14.88 45.74
N ASP B 28 32.05 -14.88 44.44
CA ASP B 28 31.73 -13.73 43.60
C ASP B 28 30.26 -13.34 43.74
N ALA B 29 29.99 -12.06 44.02
CA ALA B 29 28.61 -11.63 44.20
C ALA B 29 27.98 -11.08 42.92
N SER B 30 28.73 -11.14 41.81
CA SER B 30 28.20 -10.70 40.51
C SER B 30 26.93 -11.47 40.15
N LEU B 31 25.97 -10.78 39.54
CA LEU B 31 24.71 -11.41 39.18
C LEU B 31 24.92 -12.49 38.12
N ASP B 32 26.06 -12.43 37.43
CA ASP B 32 26.40 -13.41 36.41
C ASP B 32 26.69 -14.77 37.00
N MET B 33 26.90 -14.84 38.31
CA MET B 33 27.17 -16.11 38.96
C MET B 33 25.98 -17.06 38.83
N ILE B 34 24.80 -16.52 38.54
CA ILE B 34 23.63 -17.37 38.34
C ILE B 34 23.81 -18.22 37.07
N LEU B 35 24.07 -17.55 35.94
CA LEU B 35 24.46 -18.21 34.70
C LEU B 35 25.67 -19.12 34.92
N VAL B 36 26.75 -18.56 35.47
CA VAL B 36 27.99 -19.31 35.66
C VAL B 36 27.80 -20.64 36.44
N ARG B 37 27.01 -20.62 37.51
CA ARG B 37 26.71 -21.86 38.23
C ARG B 37 25.85 -22.82 37.41
N ASP B 38 24.84 -22.27 36.72
CA ASP B 38 23.91 -23.06 35.92
C ASP B 38 24.58 -23.78 34.75
N VAL B 39 25.61 -23.16 34.17
CA VAL B 39 26.25 -23.72 33.00
C VAL B 39 27.60 -24.37 33.34
N TYR B 40 28.39 -23.68 34.16
CA TYR B 40 29.77 -24.12 34.45
C TYR B 40 29.95 -24.81 35.78
N GLY B 41 28.92 -24.81 36.62
CA GLY B 41 29.03 -25.38 37.95
C GLY B 41 29.15 -26.90 37.99
N ASP B 42 29.42 -27.44 39.17
CA ASP B 42 29.44 -28.89 39.39
C ASP B 42 28.02 -29.45 39.36
N GLU B 43 27.05 -28.59 39.55
CA GLU B 43 25.66 -29.01 39.68
C GLU B 43 24.80 -28.27 38.66
N PRO B 44 25.18 -28.36 37.37
CA PRO B 44 24.61 -27.40 36.41
C PRO B 44 23.15 -27.72 36.07
N ALA B 45 22.34 -26.67 35.96
CA ALA B 45 20.95 -26.83 35.58
C ALA B 45 20.85 -26.97 34.06
N ARG B 46 21.92 -26.58 33.37
CA ARG B 46 21.95 -26.67 31.91
C ARG B 46 23.21 -27.40 31.45
N PRO B 47 23.30 -28.70 31.78
CA PRO B 47 24.56 -29.44 31.66
C PRO B 47 25.04 -29.61 30.21
N ALA B 48 24.11 -29.52 29.26
CA ALA B 48 24.43 -29.72 27.85
C ALA B 48 24.95 -28.45 27.16
N MET B 49 24.76 -27.29 27.80
CA MET B 49 25.10 -26.02 27.19
C MET B 49 26.59 -25.87 26.81
N ILE B 50 27.50 -26.31 27.67
CA ILE B 50 28.94 -26.22 27.36
C ILE B 50 29.27 -26.96 26.05
N GLY B 51 28.71 -28.15 25.90
CA GLY B 51 28.92 -28.94 24.71
C GLY B 51 28.41 -28.25 23.47
N ARG B 52 27.24 -27.61 23.57
CA ARG B 52 26.66 -26.92 22.41
C ARG B 52 27.45 -25.65 22.08
N LEU B 53 27.90 -24.94 23.10
CA LEU B 53 28.78 -23.80 22.91
C LEU B 53 30.12 -24.21 22.29
N SER B 54 30.66 -25.34 22.74
CA SER B 54 31.99 -25.76 22.29
C SER B 54 32.01 -26.31 20.87
N ASP B 55 30.90 -26.89 20.46
CA ASP B 55 30.81 -27.50 19.14
C ASP B 55 30.73 -26.49 18.00
N VAL B 56 31.52 -26.71 16.97
CA VAL B 56 31.50 -25.85 15.80
C VAL B 56 31.22 -26.67 14.55
N THR B 57 31.96 -27.77 14.40
CA THR B 57 31.94 -28.57 13.18
C THR B 57 31.01 -29.78 13.23
N GLY B 58 30.33 -29.97 14.36
CA GLY B 58 29.41 -31.08 14.50
C GLY B 58 27.97 -30.64 14.31
N GLU B 59 27.20 -30.64 15.39
CA GLU B 59 25.77 -30.34 15.31
C GLU B 59 25.50 -28.93 14.78
N ARG B 60 26.36 -27.97 15.13
CA ARG B 60 26.17 -26.60 14.69
C ARG B 60 26.19 -26.55 13.18
N LEU B 61 27.24 -27.11 12.59
CA LEU B 61 27.41 -27.06 11.14
C LEU B 61 26.29 -27.80 10.41
N ALA B 62 25.89 -28.94 10.98
CA ALA B 62 24.81 -29.74 10.43
C ALA B 62 23.51 -28.96 10.43
N GLU B 63 23.28 -28.20 11.49
CA GLU B 63 22.09 -27.39 11.57
C GLU B 63 22.16 -26.22 10.57
N MET B 64 23.36 -25.66 10.38
CA MET B 64 23.52 -24.63 9.36
C MET B 64 23.17 -25.20 8.00
N ASP B 65 23.66 -26.40 7.71
CA ASP B 65 23.36 -27.06 6.42
C ASP B 65 21.88 -27.39 6.23
N SER B 66 21.23 -27.88 7.27
CA SER B 66 19.80 -28.24 7.16
C SER B 66 18.92 -27.01 6.93
N ASN B 67 19.34 -25.88 7.45
CA ASN B 67 18.56 -24.65 7.31
C ASN B 67 19.11 -23.67 6.28
N GLY B 68 20.15 -24.07 5.56
CA GLY B 68 20.70 -23.22 4.52
C GLY B 68 21.33 -21.94 5.05
N VAL B 69 21.98 -22.04 6.21
CA VAL B 69 22.71 -20.90 6.76
C VAL B 69 24.14 -20.92 6.21
N ASP B 70 24.62 -19.82 5.65
CA ASP B 70 25.94 -19.79 5.04
C ASP B 70 27.02 -19.69 6.12
N MET B 71 26.85 -18.76 7.05
CA MET B 71 27.90 -18.49 8.04
C MET B 71 27.42 -18.17 9.44
N HIS B 72 28.24 -18.54 10.43
CA HIS B 72 28.11 -18.01 11.78
C HIS B 72 29.26 -17.07 12.03
N LEU B 73 28.95 -15.90 12.57
CA LEU B 73 29.97 -15.02 13.11
C LEU B 73 30.09 -15.35 14.59
N LEU B 74 31.21 -15.97 14.97
CA LEU B 74 31.40 -16.52 16.30
C LEU B 74 31.97 -15.50 17.29
N SER B 75 31.47 -15.57 18.53
CA SER B 75 31.96 -14.74 19.62
C SER B 75 32.07 -15.61 20.88
N LEU B 76 33.15 -15.41 21.64
CA LEU B 76 33.26 -16.08 22.93
C LEU B 76 32.04 -15.68 23.75
N THR B 77 31.35 -16.69 24.29
CA THR B 77 30.09 -16.48 24.98
C THR B 77 30.23 -15.62 26.23
N ALA B 78 29.18 -14.88 26.57
CA ALA B 78 29.18 -14.09 27.81
C ALA B 78 29.36 -15.03 28.98
N PRO B 79 30.06 -14.59 30.03
CA PRO B 79 30.62 -13.25 30.26
C PRO B 79 32.05 -13.11 29.76
N GLY B 80 32.42 -13.88 28.75
CA GLY B 80 33.75 -13.79 28.17
C GLY B 80 34.85 -13.99 29.20
N VAL B 81 35.85 -13.12 29.21
CA VAL B 81 36.96 -13.23 30.16
C VAL B 81 36.87 -12.13 31.22
N GLN B 82 35.70 -11.50 31.31
CA GLN B 82 35.55 -10.27 32.09
C GLN B 82 35.36 -10.48 33.59
N MET B 83 35.04 -11.69 34.01
CA MET B 83 34.83 -11.95 35.44
C MET B 83 36.13 -12.17 36.19
N PHE B 84 37.18 -12.54 35.45
CA PHE B 84 38.45 -12.93 36.06
C PHE B 84 39.23 -11.69 36.51
N ASP B 85 40.27 -11.89 37.30
CA ASP B 85 41.19 -10.80 37.61
C ASP B 85 41.93 -10.40 36.33
N ALA B 86 42.61 -9.25 36.38
CA ALA B 86 43.24 -8.69 35.19
C ALA B 86 44.25 -9.61 34.50
N GLU B 87 45.19 -10.17 35.26
CA GLU B 87 46.20 -11.07 34.69
C GLU B 87 45.58 -12.30 34.00
N THR B 88 44.61 -12.92 34.66
CA THR B 88 43.92 -14.09 34.12
C THR B 88 43.07 -13.75 32.87
N GLY B 89 42.37 -12.64 32.93
CA GLY B 89 41.54 -12.20 31.81
C GLY B 89 42.40 -11.92 30.60
N THR B 90 43.50 -11.22 30.84
CA THR B 90 44.47 -10.87 29.80
C THR B 90 45.06 -12.13 29.17
N ARG B 91 45.45 -13.09 30.00
CA ARG B 91 46.03 -14.35 29.52
C ARG B 91 44.99 -15.17 28.73
N LEU B 92 43.79 -15.29 29.27
CA LEU B 92 42.75 -16.07 28.64
C LEU B 92 42.20 -15.44 27.35
N ALA B 93 42.17 -14.11 27.30
CA ALA B 93 41.73 -13.44 26.08
C ALA B 93 42.64 -13.81 24.89
N ARG B 94 43.94 -13.78 25.12
CA ARG B 94 44.92 -14.17 24.11
C ARG B 94 44.69 -15.61 23.62
N ILE B 95 44.58 -16.53 24.57
CA ILE B 95 44.29 -17.93 24.28
C ILE B 95 43.02 -18.06 23.45
N ALA B 96 41.96 -17.41 23.93
CA ALA B 96 40.64 -17.56 23.29
C ALA B 96 40.61 -16.95 21.89
N ASN B 97 41.40 -15.89 21.68
CA ASN B 97 41.46 -15.26 20.36
C ASN B 97 42.29 -16.09 19.38
N ASP B 98 43.36 -16.70 19.87
CA ASP B 98 44.14 -17.64 19.06
C ASP B 98 43.26 -18.81 18.61
N LEU B 99 42.48 -19.34 19.53
CA LEU B 99 41.63 -20.49 19.21
C LEU B 99 40.50 -20.06 18.27
N MET B 100 40.05 -18.82 18.44
CA MET B 100 39.02 -18.29 17.57
C MET B 100 39.55 -18.24 16.14
N ALA B 101 40.75 -17.69 15.98
CA ALA B 101 41.35 -17.59 14.64
C ALA B 101 41.56 -18.96 14.00
N GLN B 102 42.04 -19.92 14.78
CA GLN B 102 42.25 -21.28 14.27
C GLN B 102 40.93 -21.93 13.88
N THR B 103 39.88 -21.65 14.65
CA THR B 103 38.56 -22.17 14.34
C THR B 103 38.09 -21.60 13.02
N VAL B 104 38.27 -20.29 12.83
CA VAL B 104 37.87 -19.65 11.58
C VAL B 104 38.71 -20.21 10.43
N ALA B 105 40.00 -20.38 10.67
CA ALA B 105 40.91 -20.83 9.61
C ALA B 105 40.58 -22.24 9.10
N ALA B 106 40.05 -23.08 9.98
CA ALA B 106 39.68 -24.44 9.59
C ALA B 106 38.51 -24.50 8.64
N ASN B 107 37.58 -23.55 8.77
CA ASN B 107 36.40 -23.48 7.89
C ASN B 107 36.00 -22.04 7.58
N PRO B 108 36.83 -21.35 6.77
CA PRO B 108 36.66 -19.90 6.63
C PRO B 108 35.49 -19.48 5.75
N THR B 109 34.87 -20.40 5.02
CA THR B 109 33.70 -20.04 4.24
C THR B 109 32.44 -20.18 5.08
N ARG B 110 32.56 -20.81 6.25
CA ARG B 110 31.37 -21.06 7.09
C ARG B 110 31.43 -20.29 8.39
N PHE B 111 32.63 -19.92 8.82
CA PHE B 111 32.76 -19.19 10.08
C PHE B 111 33.59 -17.94 9.99
N ALA B 112 33.11 -16.90 10.64
CA ALA B 112 33.90 -15.71 10.88
C ALA B 112 34.04 -15.57 12.40
N GLY B 113 34.86 -14.65 12.87
CA GLY B 113 35.08 -14.53 14.29
C GLY B 113 35.30 -13.14 14.82
N LEU B 114 34.78 -12.89 16.03
CA LEU B 114 35.05 -11.67 16.76
C LEU B 114 36.04 -12.01 17.90
N GLY B 115 37.12 -11.25 17.99
CA GLY B 115 38.06 -11.43 19.09
C GLY B 115 37.52 -10.69 20.30
N THR B 116 38.03 -11.03 21.48
CA THR B 116 37.60 -10.34 22.70
C THR B 116 38.83 -9.83 23.46
N PHE B 117 38.60 -9.20 24.60
CA PHE B 117 39.69 -8.64 25.38
C PHE B 117 39.27 -8.49 26.84
N ALA B 118 40.25 -8.22 27.71
CA ALA B 118 39.98 -8.02 29.13
C ALA B 118 40.19 -6.55 29.55
N PRO B 119 39.10 -5.76 29.60
CA PRO B 119 39.13 -4.32 29.87
C PRO B 119 39.54 -4.02 31.31
N GLN B 120 39.65 -5.06 32.14
CA GLN B 120 40.21 -4.92 33.49
C GLN B 120 41.58 -4.25 33.43
N ASP B 121 42.27 -4.42 32.32
CA ASP B 121 43.57 -3.81 32.07
C ASP B 121 43.49 -3.12 30.71
N PRO B 122 43.09 -1.84 30.70
CA PRO B 122 42.86 -1.12 29.44
C PRO B 122 44.10 -1.13 28.54
N ALA B 123 45.29 -0.95 29.09
CA ALA B 123 46.51 -0.94 28.27
C ALA B 123 46.79 -2.29 27.58
N SER B 124 46.62 -3.38 28.31
CA SER B 124 46.86 -4.70 27.74
C SER B 124 45.76 -5.05 26.75
N ALA B 125 44.56 -4.56 27.03
CA ALA B 125 43.43 -4.79 26.12
C ALA B 125 43.63 -4.08 24.80
N ALA B 126 44.17 -2.85 24.85
CA ALA B 126 44.53 -2.09 23.65
C ALA B 126 45.52 -2.88 22.79
N ARG B 127 46.53 -3.45 23.43
CA ARG B 127 47.52 -4.27 22.74
C ARG B 127 46.89 -5.52 22.11
N GLU B 128 45.96 -6.15 22.81
CA GLU B 128 45.31 -7.34 22.24
C GLU B 128 44.36 -7.00 21.10
N ILE B 129 43.73 -5.84 21.18
CA ILE B 129 42.87 -5.37 20.10
C ILE B 129 43.69 -5.17 18.81
N GLU B 130 44.86 -4.56 18.93
CA GLU B 130 45.76 -4.41 17.79
C GLU B 130 46.17 -5.75 17.17
N ARG B 131 46.47 -6.72 18.04
CA ARG B 131 46.89 -8.04 17.58
C ARG B 131 45.74 -8.75 16.87
N VAL B 132 44.53 -8.61 17.41
CA VAL B 132 43.35 -9.20 16.79
C VAL B 132 43.12 -8.64 15.39
N ALA B 133 43.29 -7.32 15.24
CA ALA B 133 43.02 -6.67 13.97
C ALA B 133 44.12 -6.93 12.94
N THR B 134 45.38 -6.83 13.38
CA THR B 134 46.54 -6.83 12.47
C THR B 134 47.18 -8.20 12.28
N GLN B 135 47.22 -9.00 13.34
CA GLN B 135 47.91 -10.30 13.27
C GLN B 135 46.97 -11.48 13.06
N LEU B 136 45.90 -11.53 13.83
CA LEU B 136 44.91 -12.60 13.67
C LEU B 136 43.98 -12.32 12.49
N ARG B 137 43.75 -11.04 12.23
CA ARG B 137 42.90 -10.60 11.13
C ARG B 137 41.47 -11.11 11.29
N LEU B 138 41.00 -11.12 12.54
CA LEU B 138 39.61 -11.44 12.83
C LEU B 138 38.65 -10.34 12.33
N ASN B 139 37.37 -10.64 12.39
CA ASN B 139 36.37 -9.85 11.69
C ASN B 139 35.84 -8.65 12.47
N GLY B 140 36.11 -8.63 13.75
CA GLY B 140 35.59 -7.57 14.60
C GLY B 140 35.87 -7.95 16.03
N LEU B 141 35.19 -7.28 16.96
CA LEU B 141 35.45 -7.52 18.38
C LEU B 141 34.14 -7.74 19.11
N VAL B 142 34.22 -8.39 20.27
CA VAL B 142 33.06 -8.56 21.13
C VAL B 142 33.44 -8.32 22.60
N ILE B 143 32.53 -7.70 23.34
CA ILE B 143 32.68 -7.53 24.79
C ILE B 143 31.28 -7.59 25.40
N ASN B 144 31.17 -8.08 26.64
CA ASN B 144 29.85 -8.28 27.24
C ASN B 144 29.53 -7.21 28.26
N SER B 145 28.78 -6.21 27.84
CA SER B 145 28.46 -5.01 28.61
C SER B 145 29.53 -4.66 29.64
N HIS B 146 29.16 -4.53 30.91
CA HIS B 146 30.06 -3.93 31.89
C HIS B 146 31.31 -4.74 32.18
N THR B 147 32.35 -4.06 32.66
CA THR B 147 33.50 -4.74 33.24
C THR B 147 33.80 -4.09 34.58
N ASN B 148 33.95 -4.91 35.62
CA ASN B 148 34.18 -4.42 36.98
C ASN B 148 33.09 -3.46 37.46
N ASP B 149 31.88 -3.65 36.94
CA ASP B 149 30.72 -2.84 37.30
C ASP B 149 30.90 -1.37 36.91
N LEU B 150 31.75 -1.15 35.92
CA LEU B 150 31.87 0.16 35.27
C LEU B 150 31.34 0.09 33.85
N TYR B 151 30.74 1.20 33.38
CA TYR B 151 30.23 1.26 32.01
C TYR B 151 31.21 2.02 31.09
N TYR B 152 30.98 1.96 29.78
CA TYR B 152 32.00 2.41 28.83
C TYR B 152 32.08 3.92 28.58
N ASP B 153 31.35 4.69 29.39
CA ASP B 153 31.55 6.13 29.43
C ASP B 153 32.76 6.47 30.30
N ASP B 154 33.14 5.54 31.18
CA ASP B 154 34.23 5.80 32.12
C ASP B 154 35.57 6.01 31.40
N PRO B 155 36.25 7.12 31.68
CA PRO B 155 37.52 7.44 31.02
C PRO B 155 38.62 6.39 31.23
N PHE B 156 38.48 5.56 32.25
CA PHE B 156 39.35 4.42 32.47
C PHE B 156 39.55 3.60 31.19
N PHE B 157 38.49 3.49 30.40
CA PHE B 157 38.49 2.65 29.21
C PHE B 157 38.88 3.40 27.94
N HIS B 158 39.24 4.67 28.06
CA HIS B 158 39.68 5.42 26.89
C HIS B 158 40.76 4.73 26.03
N PRO B 159 41.77 4.09 26.65
CA PRO B 159 42.75 3.42 25.79
C PRO B 159 42.18 2.25 24.99
N VAL B 160 41.11 1.64 25.47
CA VAL B 160 40.47 0.57 24.73
C VAL B 160 39.76 1.15 23.49
N PHE B 161 38.98 2.20 23.70
CA PHE B 161 38.22 2.77 22.60
C PHE B 161 39.09 3.47 21.55
N GLU B 162 40.18 4.09 22.01
CA GLU B 162 41.19 4.58 21.10
C GLU B 162 41.72 3.45 20.20
N ALA B 163 42.03 2.30 20.80
CA ALA B 163 42.56 1.19 20.02
C ALA B 163 41.53 0.59 19.09
N ILE B 164 40.29 0.49 19.56
CA ILE B 164 39.20 -0.02 18.73
C ILE B 164 38.96 0.90 17.53
N GLU B 165 38.87 2.21 17.79
CA GLU B 165 38.65 3.17 16.71
C GLU B 165 39.75 3.08 15.67
N ALA B 166 41.01 3.00 16.12
CA ALA B 166 42.15 2.97 15.19
C ALA B 166 42.22 1.70 14.37
N SER B 167 41.68 0.61 14.92
CA SER B 167 41.72 -0.69 14.26
C SER B 167 40.72 -0.78 13.12
N GLY B 168 39.65 0.01 13.22
CA GLY B 168 38.57 -0.06 12.25
C GLY B 168 37.60 -1.22 12.46
N LEU B 169 37.85 -2.05 13.47
CA LEU B 169 36.95 -3.17 13.79
C LEU B 169 35.69 -2.72 14.53
N ALA B 170 34.52 -3.22 14.12
CA ALA B 170 33.29 -2.95 14.86
C ALA B 170 33.32 -3.71 16.18
N LEU B 171 32.74 -3.13 17.22
CA LEU B 171 32.65 -3.77 18.52
C LEU B 171 31.21 -4.16 18.83
N TYR B 172 30.98 -5.46 18.94
CA TYR B 172 29.67 -5.97 19.34
C TYR B 172 29.62 -5.93 20.87
N ILE B 173 28.73 -5.13 21.43
CA ILE B 173 28.56 -5.10 22.87
C ILE B 173 27.38 -6.01 23.20
N HIS B 174 27.73 -7.24 23.60
CA HIS B 174 26.80 -8.30 23.93
C HIS B 174 26.34 -8.11 25.38
N PRO B 175 25.16 -8.63 25.76
CA PRO B 175 24.78 -8.47 27.17
C PRO B 175 25.60 -9.32 28.14
N ARG B 176 25.56 -8.95 29.41
CA ARG B 176 25.76 -9.86 30.52
C ARG B 176 24.72 -9.44 31.56
N ALA B 177 24.71 -10.08 32.71
CA ALA B 177 23.72 -9.75 33.74
C ALA B 177 23.97 -8.33 34.24
N PRO B 178 22.90 -7.65 34.69
CA PRO B 178 23.01 -6.35 35.33
C PRO B 178 24.18 -6.25 36.31
N SER B 179 24.92 -5.16 36.23
CA SER B 179 26.05 -4.90 37.13
C SER B 179 25.57 -4.65 38.54
N LYS B 180 26.52 -4.53 39.47
CA LYS B 180 26.16 -4.32 40.85
C LYS B 180 25.48 -2.97 41.04
N GLN B 181 25.62 -2.08 40.06
CA GLN B 181 24.98 -0.78 40.14
C GLN B 181 23.46 -0.93 40.09
N ILE B 182 22.98 -1.97 39.42
CA ILE B 182 21.53 -2.15 39.21
C ILE B 182 20.99 -3.55 39.55
N ASP B 183 21.86 -4.51 39.86
CA ASP B 183 21.42 -5.91 40.02
C ASP B 183 20.37 -6.17 41.09
N ARG B 184 20.27 -5.28 42.08
CA ARG B 184 19.28 -5.41 43.14
C ARG B 184 17.84 -5.67 42.64
N ALA B 185 17.46 -5.05 41.52
CA ALA B 185 16.09 -5.18 40.97
C ALA B 185 15.90 -6.39 40.04
N PHE B 186 16.94 -7.18 39.83
CA PHE B 186 16.89 -8.28 38.87
C PHE B 186 17.21 -9.63 39.49
N ARG B 187 16.89 -9.80 40.77
CA ARG B 187 17.16 -11.07 41.48
C ARG B 187 15.94 -12.00 41.50
N ASP B 188 14.83 -11.57 40.90
CA ASP B 188 13.57 -12.30 41.03
C ASP B 188 13.01 -12.68 39.67
N TYR B 189 12.21 -13.74 39.65
CA TYR B 189 11.47 -14.15 38.44
C TYR B 189 12.37 -14.38 37.22
N GLY B 190 13.61 -14.78 37.46
CA GLY B 190 14.55 -15.07 36.39
C GLY B 190 14.98 -13.85 35.57
N MET B 191 14.76 -12.66 36.13
CA MET B 191 15.03 -11.42 35.41
C MET B 191 16.50 -11.05 35.27
N ASN B 192 17.39 -11.81 35.92
CA ASN B 192 18.82 -11.59 35.78
C ASN B 192 19.27 -11.74 34.33
N SER B 193 18.53 -12.53 33.57
CA SER B 193 19.00 -13.03 32.29
C SER B 193 18.31 -12.37 31.08
N ALA B 194 18.08 -13.15 30.03
CA ALA B 194 17.62 -12.61 28.75
C ALA B 194 16.25 -11.95 28.80
N ILE B 195 15.40 -12.43 29.70
CA ILE B 195 14.01 -11.96 29.76
C ILE B 195 13.86 -10.49 30.13
N TRP B 196 14.84 -9.93 30.85
CA TRP B 196 14.77 -8.50 31.12
C TRP B 196 16.09 -7.82 31.43
N GLY B 197 16.88 -8.44 32.33
CA GLY B 197 18.10 -7.86 32.81
C GLY B 197 19.12 -7.57 31.73
N TYR B 198 19.30 -8.53 30.81
CA TYR B 198 20.28 -8.35 29.73
C TYR B 198 20.04 -7.06 28.94
N GLY B 199 18.78 -6.79 28.64
CA GLY B 199 18.46 -5.63 27.82
C GLY B 199 18.64 -4.32 28.55
N ILE B 200 18.31 -4.31 29.84
CA ILE B 200 18.41 -3.09 30.66
C ILE B 200 19.88 -2.76 30.91
N GLU B 201 20.64 -3.78 31.32
CA GLU B 201 22.10 -3.64 31.47
C GLU B 201 22.77 -3.06 30.21
N THR B 202 22.52 -3.68 29.07
CA THR B 202 23.28 -3.35 27.86
C THR B 202 22.86 -2.01 27.26
N SER B 203 21.56 -1.73 27.30
CA SER B 203 21.09 -0.50 26.71
C SER B 203 21.55 0.68 27.57
N THR B 204 21.55 0.49 28.88
CA THR B 204 21.99 1.56 29.79
C THR B 204 23.47 1.88 29.55
N ASN B 205 24.27 0.84 29.37
CA ASN B 205 25.68 1.00 29.00
C ASN B 205 25.80 1.86 27.74
N ALA B 206 25.08 1.49 26.69
CA ALA B 206 25.12 2.22 25.42
C ALA B 206 24.67 3.68 25.55
N VAL B 207 23.57 3.91 26.27
CA VAL B 207 23.06 5.26 26.47
C VAL B 207 24.07 6.14 27.22
N ARG B 208 24.72 5.57 28.25
CA ARG B 208 25.76 6.28 28.97
C ARG B 208 26.89 6.65 28.00
N MET B 209 27.28 5.71 27.15
CA MET B 209 28.31 5.99 26.14
C MET B 209 27.93 7.18 25.24
N ILE B 210 26.73 7.15 24.69
CA ILE B 210 26.27 8.26 23.87
C ILE B 210 26.26 9.59 24.61
N LEU B 211 25.57 9.62 25.75
CA LEU B 211 25.36 10.88 26.47
C LEU B 211 26.64 11.46 27.09
N SER B 212 27.64 10.62 27.31
CA SER B 212 28.93 11.07 27.84
C SER B 212 29.78 11.76 26.76
N GLY B 213 29.38 11.63 25.50
CA GLY B 213 30.12 12.23 24.41
C GLY B 213 31.27 11.40 23.90
N LEU B 214 31.22 10.10 24.18
CA LEU B 214 32.28 9.19 23.76
C LEU B 214 32.43 9.23 22.24
N PHE B 215 31.34 9.50 21.55
CA PHE B 215 31.36 9.47 20.09
C PHE B 215 31.76 10.79 19.43
N ASP B 216 31.95 11.82 20.24
CA ASP B 216 32.68 13.00 19.77
C ASP B 216 34.19 12.81 19.96
N ARG B 217 34.57 12.08 21.01
CA ARG B 217 35.98 11.74 21.22
C ARG B 217 36.45 10.71 20.20
N PHE B 218 35.63 9.70 19.96
CA PHE B 218 35.96 8.64 18.98
C PHE B 218 34.89 8.52 17.88
N PRO B 219 34.85 9.50 16.97
CA PRO B 219 33.72 9.53 16.03
C PRO B 219 33.67 8.38 15.01
N ARG B 220 34.79 7.66 14.80
CA ARG B 220 34.79 6.56 13.85
C ARG B 220 34.45 5.21 14.47
N LEU B 221 34.15 5.19 15.76
CA LEU B 221 33.73 3.93 16.39
C LEU B 221 32.50 3.35 15.71
N LYS B 222 32.46 2.02 15.60
CA LYS B 222 31.25 1.33 15.16
C LYS B 222 30.86 0.33 16.23
N ILE B 223 29.68 0.53 16.82
CA ILE B 223 29.18 -0.36 17.86
C ILE B 223 28.03 -1.19 17.30
N VAL B 224 27.97 -2.46 17.66
CA VAL B 224 26.82 -3.28 17.27
C VAL B 224 26.06 -3.78 18.50
N LEU B 225 24.74 -3.64 18.48
CA LEU B 225 23.90 -4.08 19.59
C LEU B 225 22.89 -5.12 19.11
N GLY B 226 22.83 -6.24 19.82
CA GLY B 226 21.88 -7.29 19.48
C GLY B 226 20.48 -7.01 20.01
N HIS B 227 19.60 -8.01 19.90
CA HIS B 227 18.26 -7.95 20.49
C HIS B 227 17.50 -6.70 20.07
N MET B 228 17.48 -6.51 18.75
CA MET B 228 16.89 -5.36 18.09
C MET B 228 17.37 -4.06 18.70
N GLY B 229 18.68 -3.98 18.95
CA GLY B 229 19.28 -2.76 19.44
C GLY B 229 19.03 -2.52 20.92
N GLU B 230 18.64 -3.59 21.62
CA GLU B 230 18.30 -3.51 23.05
C GLU B 230 17.27 -2.41 23.31
N ALA B 231 16.34 -2.28 22.36
CA ALA B 231 15.21 -1.34 22.37
C ALA B 231 15.53 0.14 22.20
N ILE B 232 16.81 0.47 22.11
CA ILE B 232 17.19 1.86 21.91
C ILE B 232 16.50 2.46 20.66
N PRO B 233 16.39 1.68 19.55
CA PRO B 233 15.66 2.25 18.42
C PRO B 233 14.26 2.75 18.77
N PHE B 234 13.60 2.14 19.75
CA PHE B 234 12.26 2.57 20.16
C PHE B 234 12.24 3.91 20.91
N TRP B 235 13.36 4.25 21.53
CA TRP B 235 13.45 5.42 22.41
C TRP B 235 14.07 6.68 21.77
N LEU B 236 14.43 6.59 20.50
CA LEU B 236 15.15 7.70 19.84
C LEU B 236 14.50 9.08 20.00
N TRP B 237 13.19 9.18 19.80
CA TRP B 237 12.54 10.49 19.81
C TRP B 237 12.64 11.12 21.20
N ARG B 238 12.36 10.32 22.22
CA ARG B 238 12.44 10.76 23.60
C ARG B 238 13.88 11.07 24.06
N LEU B 239 14.85 10.24 23.65
CA LEU B 239 16.26 10.57 23.92
C LEU B 239 16.62 11.93 23.33
N ASP B 240 16.17 12.20 22.11
CA ASP B 240 16.42 13.49 21.48
C ASP B 240 15.71 14.62 22.19
N TYR B 241 14.43 14.43 22.44
CA TYR B 241 13.63 15.53 22.96
C TYR B 241 14.18 16.00 24.31
N MET B 242 14.53 15.04 25.15
CA MET B 242 14.86 15.34 26.54
C MET B 242 16.33 15.73 26.72
N HIS B 243 17.11 15.64 25.65
CA HIS B 243 18.53 15.99 25.75
C HIS B 243 18.78 17.47 26.09
N GLY B 244 17.89 18.36 25.65
CA GLY B 244 18.01 19.78 25.97
C GLY B 244 18.04 20.05 27.46
N ASN B 245 17.06 19.51 28.19
CA ASN B 245 17.03 19.60 29.65
C ASN B 245 18.28 19.02 30.29
N ALA B 246 18.76 17.91 29.73
CA ALA B 246 19.92 17.21 30.27
C ALA B 246 21.18 18.08 30.25
N THR B 247 21.37 18.79 29.14
CA THR B 247 22.52 19.68 29.02
C THR B 247 22.28 21.00 29.76
N THR B 248 21.04 21.48 29.72
CA THR B 248 20.66 22.73 30.39
C THR B 248 20.64 22.60 31.91
N PHE B 249 19.85 21.66 32.42
CA PHE B 249 19.65 21.52 33.86
C PHE B 249 20.40 20.35 34.47
N GLY B 250 20.63 19.31 33.67
CA GLY B 250 21.15 18.06 34.19
C GLY B 250 22.66 17.99 34.24
N GLY B 251 23.30 19.00 33.65
CA GLY B 251 24.77 19.05 33.63
C GLY B 251 25.42 18.04 32.69
N ALA B 252 24.64 17.47 31.79
CA ALA B 252 25.19 16.57 30.78
C ALA B 252 26.04 17.39 29.81
N PRO B 253 27.13 16.82 29.28
CA PRO B 253 28.00 17.57 28.37
C PRO B 253 27.29 17.90 27.06
N LYS B 254 27.58 19.08 26.49
CA LYS B 254 27.01 19.44 25.19
C LYS B 254 27.64 18.51 24.16
N LEU B 255 26.82 17.99 23.27
CA LEU B 255 27.30 17.11 22.21
C LEU B 255 27.17 17.78 20.84
N LYS B 256 27.99 17.33 19.90
CA LYS B 256 27.95 17.88 18.55
C LYS B 256 26.68 17.45 17.82
N LEU B 257 26.22 16.24 18.07
CA LEU B 257 25.02 15.73 17.41
C LEU B 257 23.92 15.39 18.41
N LYS B 258 22.73 15.09 17.91
CA LYS B 258 21.64 14.61 18.76
C LYS B 258 21.90 13.15 19.12
N PRO B 259 21.40 12.71 20.28
CA PRO B 259 21.53 11.29 20.67
C PRO B 259 21.18 10.29 19.56
N SER B 260 20.08 10.52 18.84
CA SER B 260 19.64 9.56 17.83
C SER B 260 20.57 9.58 16.62
N GLU B 261 21.24 10.71 16.41
CA GLU B 261 22.17 10.86 15.29
C GLU B 261 23.44 10.05 15.55
N TYR B 262 23.88 10.01 16.80
CA TYR B 262 24.97 9.11 17.16
C TYR B 262 24.53 7.68 16.95
N PHE B 263 23.28 7.38 17.31
CA PHE B 263 22.84 5.99 17.23
C PHE B 263 22.89 5.51 15.79
N ARG B 264 22.36 6.33 14.88
CA ARG B 264 22.36 5.99 13.47
C ARG B 264 23.75 6.03 12.84
N ARG B 265 24.58 6.96 13.27
CA ARG B 265 25.91 7.13 12.67
C ARG B 265 26.87 6.05 13.17
N ASN B 266 26.82 5.80 14.47
CA ASN B 266 27.84 5.01 15.14
C ASN B 266 27.42 3.58 15.53
N PHE B 267 26.13 3.28 15.41
CA PHE B 267 25.65 1.95 15.81
C PHE B 267 24.97 1.25 14.65
N ALA B 268 24.98 -0.08 14.71
CA ALA B 268 24.13 -0.91 13.88
C ALA B 268 23.54 -1.92 14.84
N ILE B 269 22.47 -2.60 14.44
CA ILE B 269 21.82 -3.54 15.35
C ILE B 269 21.66 -4.90 14.71
N THR B 270 21.37 -5.91 15.54
CA THR B 270 21.00 -7.22 15.03
C THR B 270 19.68 -7.70 15.62
N THR B 271 19.09 -8.70 14.97
CA THR B 271 17.77 -9.20 15.33
C THR B 271 17.78 -10.39 16.30
N SER B 272 18.93 -10.66 16.94
CA SER B 272 19.01 -11.82 17.82
C SER B 272 17.92 -11.81 18.87
N GLY B 273 17.25 -12.95 19.04
CA GLY B 273 16.22 -13.08 20.05
C GLY B 273 14.99 -12.19 19.90
N VAL B 274 14.84 -11.54 18.75
CA VAL B 274 13.68 -10.68 18.49
C VAL B 274 13.15 -11.01 17.10
N GLU B 275 12.47 -12.14 17.00
CA GLU B 275 11.94 -12.60 15.72
C GLU B 275 10.53 -12.05 15.52
N SER B 276 10.46 -10.73 15.44
CA SER B 276 9.19 -10.01 15.26
C SER B 276 9.29 -9.17 14.00
N HIS B 277 8.46 -9.51 13.00
CA HIS B 277 8.43 -8.74 11.77
C HIS B 277 8.07 -7.27 12.02
N ALA B 278 7.18 -7.03 13.00
CA ALA B 278 6.78 -5.67 13.31
C ALA B 278 7.94 -4.85 13.87
N ALA B 279 8.71 -5.46 14.78
CA ALA B 279 9.87 -4.79 15.34
C ALA B 279 10.98 -4.66 14.30
N LEU B 280 11.08 -5.60 13.38
CA LEU B 280 12.07 -5.48 12.31
C LEU B 280 11.72 -4.30 11.38
N ARG B 281 10.46 -4.24 10.93
CA ARG B 281 9.98 -3.18 10.05
C ARG B 281 10.20 -1.81 10.70
N TYR B 282 9.85 -1.69 11.98
CA TYR B 282 10.07 -0.44 12.73
C TYR B 282 11.55 -0.03 12.69
N SER B 283 12.43 -0.98 12.98
CA SER B 283 13.86 -0.70 13.11
C SER B 283 14.44 -0.24 11.79
N ILE B 284 14.12 -0.97 10.74
CA ILE B 284 14.48 -0.56 9.39
C ILE B 284 13.97 0.85 9.06
N GLU B 285 12.75 1.17 9.51
CA GLU B 285 12.17 2.46 9.22
C GLU B 285 12.93 3.58 9.89
N VAL B 286 13.32 3.40 11.16
CA VAL B 286 13.91 4.50 11.90
C VAL B 286 15.43 4.52 11.84
N LEU B 287 16.04 3.37 11.54
CA LEU B 287 17.49 3.30 11.46
C LEU B 287 18.03 3.32 10.04
N GLY B 288 17.23 2.87 9.08
CA GLY B 288 17.70 2.66 7.72
C GLY B 288 18.09 1.21 7.55
N PRO B 289 17.83 0.63 6.37
CA PRO B 289 18.08 -0.81 6.14
C PRO B 289 19.55 -1.19 6.20
N GLU B 290 20.46 -0.22 6.13
CA GLU B 290 21.88 -0.52 6.19
C GLU B 290 22.35 -0.79 7.61
N ASN B 291 21.51 -0.46 8.60
CA ASN B 291 21.89 -0.55 10.00
C ASN B 291 21.30 -1.76 10.71
N VAL B 292 20.67 -2.66 9.94
CA VAL B 292 20.03 -3.81 10.57
C VAL B 292 20.57 -5.13 10.03
N MET B 293 21.03 -6.00 10.94
CA MET B 293 21.57 -7.32 10.56
C MET B 293 20.79 -8.45 11.23
N TRP B 294 20.75 -9.59 10.56
CA TRP B 294 20.14 -10.80 11.11
C TRP B 294 21.14 -11.53 12.00
N ALA B 295 20.61 -12.24 12.98
CA ALA B 295 21.41 -13.13 13.82
C ALA B 295 20.50 -14.22 14.33
N ILE B 296 21.08 -15.28 14.90
CA ILE B 296 20.31 -16.34 15.53
C ILE B 296 20.36 -16.30 17.06
N ASP B 297 21.52 -15.99 17.62
CA ASP B 297 21.80 -16.15 19.06
C ASP B 297 21.86 -17.63 19.42
N TYR B 298 22.44 -18.44 18.53
CA TYR B 298 22.67 -19.86 18.80
C TYR B 298 23.81 -19.95 19.81
N PRO B 299 23.77 -20.95 20.72
CA PRO B 299 22.80 -22.04 20.89
C PRO B 299 21.62 -21.72 21.79
N TYR B 300 21.54 -20.48 22.27
CA TYR B 300 20.46 -20.05 23.15
C TYR B 300 19.11 -19.97 22.46
N GLN B 301 19.13 -19.73 21.15
CA GLN B 301 17.94 -19.81 20.31
C GLN B 301 18.21 -20.88 19.25
N PRO B 302 17.15 -21.56 18.81
CA PRO B 302 17.30 -22.57 17.74
C PRO B 302 17.38 -21.90 16.37
N MET B 303 18.13 -22.50 15.44
CA MET B 303 18.33 -21.87 14.14
C MET B 303 17.09 -21.82 13.26
N ALA B 304 16.30 -22.89 13.22
CA ALA B 304 15.20 -22.94 12.24
C ALA B 304 14.20 -21.77 12.36
N PRO B 305 13.69 -21.50 13.57
CA PRO B 305 12.77 -20.35 13.67
C PRO B 305 13.45 -19.03 13.26
N ALA B 306 14.71 -18.84 13.64
CA ALA B 306 15.41 -17.60 13.30
C ALA B 306 15.55 -17.44 11.79
N VAL B 307 15.97 -18.52 11.12
CA VAL B 307 16.07 -18.54 9.66
C VAL B 307 14.73 -18.25 8.99
N GLN B 308 13.68 -18.93 9.44
CA GLN B 308 12.37 -18.75 8.83
C GLN B 308 11.81 -17.33 9.03
N PHE B 309 12.11 -16.75 10.20
CA PHE B 309 11.81 -15.35 10.49
C PHE B 309 12.31 -14.40 9.40
N ILE B 310 13.57 -14.54 8.99
CA ILE B 310 14.12 -13.64 7.98
C ILE B 310 13.68 -14.05 6.57
N ARG B 311 13.61 -15.36 6.31
CA ARG B 311 13.15 -15.83 5.00
C ARG B 311 11.73 -15.38 4.66
N THR B 312 10.90 -15.15 5.68
CA THR B 312 9.52 -14.79 5.47
C THR B 312 9.20 -13.31 5.78
N ALA B 313 10.23 -12.51 6.03
CA ALA B 313 10.02 -11.12 6.44
C ALA B 313 9.34 -10.37 5.30
N PRO B 314 8.30 -9.57 5.63
CA PRO B 314 7.55 -8.75 4.66
C PRO B 314 8.31 -7.47 4.29
N ILE B 315 9.44 -7.66 3.61
CA ILE B 315 10.28 -6.57 3.12
C ILE B 315 10.78 -6.99 1.72
N PRO B 316 11.16 -6.01 0.89
CA PRO B 316 11.61 -6.32 -0.48
C PRO B 316 12.87 -7.19 -0.48
N GLU B 317 13.08 -7.93 -1.56
CA GLU B 317 14.20 -8.85 -1.63
C GLU B 317 15.57 -8.20 -1.46
N ASP B 318 15.77 -7.00 -2.03
CA ASP B 318 17.06 -6.36 -1.86
C ASP B 318 17.32 -5.97 -0.41
N VAL B 319 16.30 -5.46 0.28
CA VAL B 319 16.45 -5.16 1.70
C VAL B 319 16.63 -6.42 2.55
N LYS B 320 15.89 -7.48 2.22
CA LYS B 320 16.08 -8.75 2.91
C LYS B 320 17.52 -9.25 2.75
N ALA B 321 18.11 -9.12 1.56
CA ALA B 321 19.49 -9.55 1.35
C ALA B 321 20.48 -8.73 2.19
N MET B 322 20.24 -7.42 2.30
CA MET B 322 21.05 -6.59 3.19
C MET B 322 20.99 -7.08 4.63
N VAL B 323 19.77 -7.29 5.14
CA VAL B 323 19.60 -7.71 6.53
C VAL B 323 20.15 -9.12 6.77
N ALA B 324 19.88 -10.02 5.83
CA ALA B 324 20.31 -11.42 5.92
C ALA B 324 21.82 -11.62 5.97
N GLY B 325 22.58 -10.77 5.28
CA GLY B 325 24.03 -10.93 5.29
C GLY B 325 24.86 -9.84 4.63
N GLY B 326 24.24 -9.04 3.78
CA GLY B 326 24.96 -7.97 3.09
C GLY B 326 25.56 -6.95 4.04
N ASN B 327 24.77 -6.48 5.00
CA ASN B 327 25.28 -5.51 5.97
C ASN B 327 26.38 -6.11 6.84
N ALA B 328 26.19 -7.37 7.25
CA ALA B 328 27.18 -8.07 8.06
C ALA B 328 28.51 -8.22 7.31
N ALA B 329 28.42 -8.55 6.03
CA ALA B 329 29.64 -8.71 5.21
C ALA B 329 30.42 -7.40 5.18
N ARG B 330 29.71 -6.28 5.07
CA ARG B 330 30.34 -4.97 5.08
C ARG B 330 30.92 -4.65 6.46
N ILE B 331 30.10 -4.76 7.48
CA ILE B 331 30.47 -4.31 8.81
C ILE B 331 31.56 -5.20 9.45
N PHE B 332 31.53 -6.50 9.14
CA PHE B 332 32.45 -7.46 9.75
C PHE B 332 33.47 -8.04 8.78
N ARG B 333 33.74 -7.32 7.69
CA ARG B 333 34.82 -7.68 6.77
C ARG B 333 34.76 -9.13 6.27
N ILE B 334 33.58 -9.55 5.84
CA ILE B 334 33.42 -10.88 5.26
C ILE B 334 33.33 -10.82 3.73
N THR B 335 34.14 -11.64 3.07
CA THR B 335 34.09 -11.70 1.62
C THR B 335 32.91 -12.55 1.15
N SER C 1 11.83 -12.56 -21.36
CA SER C 1 13.06 -12.73 -20.59
C SER C 1 12.82 -13.38 -19.23
N LEU C 2 11.55 -13.42 -18.80
CA LEU C 2 11.23 -14.22 -17.61
C LEU C 2 11.45 -15.69 -17.96
N ARG C 3 12.33 -16.35 -17.21
CA ARG C 3 12.58 -17.77 -17.41
C ARG C 3 11.50 -18.63 -16.75
N LEU C 4 10.71 -19.33 -17.58
CA LEU C 4 9.62 -20.15 -17.08
C LEU C 4 9.98 -21.64 -17.10
N ILE C 5 10.09 -22.22 -15.90
CA ILE C 5 10.36 -23.65 -15.74
C ILE C 5 9.19 -24.33 -15.05
N ALA C 6 8.44 -25.13 -15.80
CA ALA C 6 7.24 -25.77 -15.27
C ALA C 6 7.64 -27.06 -14.59
N THR C 7 7.22 -27.24 -13.35
CA THR C 7 7.80 -28.30 -12.51
C THR C 7 6.97 -29.57 -12.29
N GLU C 8 5.77 -29.65 -12.88
CA GLU C 8 4.96 -30.85 -12.65
C GLU C 8 4.37 -31.35 -13.94
N GLU C 9 5.23 -31.73 -14.88
CA GLU C 9 4.77 -31.95 -16.24
C GLU C 9 4.87 -33.43 -16.54
N ALA C 10 3.71 -34.05 -16.73
CA ALA C 10 3.61 -35.50 -16.85
C ALA C 10 4.01 -36.00 -18.24
N VAL C 11 4.61 -37.19 -18.25
CA VAL C 11 5.00 -37.84 -19.48
C VAL C 11 4.87 -39.32 -19.23
N THR C 12 4.87 -40.13 -20.28
CA THR C 12 4.91 -41.57 -20.09
C THR C 12 5.71 -42.22 -21.23
N PHE C 13 5.97 -43.51 -21.08
CA PHE C 13 6.77 -44.23 -22.08
C PHE C 13 6.06 -45.53 -22.41
N GLN C 14 6.35 -46.08 -23.59
CA GLN C 14 5.60 -47.23 -24.10
C GLN C 14 5.59 -48.50 -23.22
N PRO C 15 6.74 -48.85 -22.60
CA PRO C 15 6.67 -50.03 -21.74
C PRO C 15 5.79 -49.84 -20.51
N VAL C 16 5.69 -48.62 -20.02
CA VAL C 16 4.82 -48.34 -18.87
C VAL C 16 3.36 -48.34 -19.35
N VAL C 17 3.09 -47.67 -20.47
CA VAL C 17 1.78 -47.67 -21.11
C VAL C 17 1.24 -49.10 -21.27
N ASP C 18 2.02 -49.97 -21.91
CA ASP C 18 1.61 -51.36 -22.12
C ASP C 18 1.33 -52.09 -20.81
N ALA C 19 2.17 -51.88 -19.81
CA ALA C 19 2.02 -52.59 -18.54
C ALA C 19 0.72 -52.14 -17.86
N LEU C 20 0.39 -50.86 -17.97
CA LEU C 20 -0.84 -50.35 -17.39
C LEU C 20 -2.07 -50.82 -18.14
N ARG C 21 -1.95 -50.94 -19.47
CA ARG C 21 -3.02 -51.53 -20.27
C ARG C 21 -3.35 -52.92 -19.74
N ALA C 22 -2.31 -53.73 -19.54
CA ALA C 22 -2.48 -55.06 -18.98
C ALA C 22 -3.11 -55.00 -17.59
N HIS C 23 -2.62 -54.06 -16.76
CA HIS C 23 -3.08 -53.95 -15.39
C HIS C 23 -4.55 -53.51 -15.32
N SER C 24 -5.00 -52.82 -16.35
CA SER C 24 -6.36 -52.30 -16.38
C SER C 24 -7.40 -53.42 -16.46
N ARG C 25 -6.97 -54.61 -16.85
CA ARG C 25 -7.87 -55.75 -17.00
C ARG C 25 -7.91 -56.63 -15.75
N THR C 26 -7.18 -56.22 -14.71
CA THR C 26 -7.03 -56.98 -13.47
C THR C 26 -8.19 -56.66 -12.54
N ASP C 27 -8.34 -57.42 -11.47
CA ASP C 27 -9.36 -57.13 -10.46
C ASP C 27 -8.85 -56.21 -9.35
N ASP C 28 -7.81 -55.43 -9.66
CA ASP C 28 -7.24 -54.50 -8.67
C ASP C 28 -8.34 -53.60 -8.13
N ALA C 29 -8.43 -53.50 -6.81
CA ALA C 29 -9.47 -52.70 -6.18
C ALA C 29 -9.03 -51.27 -5.86
N SER C 30 -7.76 -50.96 -6.11
CA SER C 30 -7.25 -49.60 -5.88
C SER C 30 -8.11 -48.57 -6.61
N LEU C 31 -8.34 -47.44 -5.97
CA LEU C 31 -9.16 -46.37 -6.55
C LEU C 31 -8.52 -45.76 -7.80
N ASP C 32 -7.20 -45.98 -7.97
CA ASP C 32 -6.54 -45.53 -9.20
C ASP C 32 -7.03 -46.30 -10.42
N MET C 33 -7.76 -47.39 -10.21
CA MET C 33 -8.24 -48.17 -11.36
C MET C 33 -9.27 -47.43 -12.18
N ILE C 34 -9.90 -46.41 -11.61
CA ILE C 34 -10.82 -45.56 -12.37
C ILE C 34 -10.07 -44.79 -13.48
N LEU C 35 -9.01 -44.09 -13.11
CA LEU C 35 -8.15 -43.39 -14.06
C LEU C 35 -7.47 -44.36 -15.03
N VAL C 36 -6.87 -45.42 -14.50
CA VAL C 36 -6.18 -46.43 -15.32
C VAL C 36 -7.09 -47.01 -16.39
N ARG C 37 -8.33 -47.30 -16.04
CA ARG C 37 -9.31 -47.73 -17.03
C ARG C 37 -9.71 -46.60 -17.98
N ASP C 38 -9.84 -45.38 -17.46
CA ASP C 38 -10.23 -44.23 -18.29
C ASP C 38 -9.17 -43.90 -19.34
N VAL C 39 -7.91 -44.17 -19.02
CA VAL C 39 -6.82 -43.82 -19.91
C VAL C 39 -6.19 -45.03 -20.64
N TYR C 40 -5.95 -46.11 -19.89
CA TYR C 40 -5.20 -47.26 -20.43
C TYR C 40 -6.11 -48.44 -20.81
N GLY C 41 -7.41 -48.28 -20.61
CA GLY C 41 -8.38 -49.35 -20.87
C GLY C 41 -8.87 -49.49 -22.31
N ASP C 42 -9.74 -50.47 -22.53
CA ASP C 42 -10.13 -50.90 -23.88
C ASP C 42 -11.19 -50.07 -24.58
N GLU C 43 -12.10 -49.48 -23.81
CA GLU C 43 -13.06 -48.53 -24.38
C GLU C 43 -12.93 -47.22 -23.59
N PRO C 44 -11.73 -46.61 -23.63
CA PRO C 44 -11.37 -45.55 -22.68
C PRO C 44 -12.13 -44.25 -22.88
N ALA C 45 -12.51 -43.63 -21.78
CA ALA C 45 -13.23 -42.37 -21.80
C ALA C 45 -12.34 -41.25 -22.29
N ARG C 46 -11.03 -41.44 -22.14
CA ARG C 46 -10.05 -40.42 -22.55
C ARG C 46 -9.04 -41.00 -23.53
N PRO C 47 -9.45 -41.17 -24.80
CA PRO C 47 -8.66 -41.87 -25.82
C PRO C 47 -7.39 -41.13 -26.21
N ALA C 48 -7.40 -39.79 -26.09
CA ALA C 48 -6.29 -38.98 -26.58
C ALA C 48 -5.18 -38.79 -25.55
N MET C 49 -5.47 -39.12 -24.29
CA MET C 49 -4.53 -38.87 -23.19
C MET C 49 -3.17 -39.57 -23.31
N ILE C 50 -3.14 -40.85 -23.71
CA ILE C 50 -1.87 -41.56 -23.89
C ILE C 50 -0.97 -40.83 -24.89
N GLY C 51 -1.55 -40.39 -26.00
CA GLY C 51 -0.81 -39.64 -26.98
C GLY C 51 -0.24 -38.36 -26.41
N ARG C 52 -1.06 -37.61 -25.69
CA ARG C 52 -0.63 -36.31 -25.18
C ARG C 52 0.40 -36.48 -24.08
N LEU C 53 0.31 -37.57 -23.35
CA LEU C 53 1.27 -37.87 -22.31
C LEU C 53 2.60 -38.30 -22.91
N SER C 54 2.54 -39.11 -23.97
CA SER C 54 3.74 -39.67 -24.58
C SER C 54 4.51 -38.62 -25.38
N ASP C 55 3.78 -37.66 -25.94
CA ASP C 55 4.40 -36.60 -26.73
C ASP C 55 5.32 -35.70 -25.94
N VAL C 56 6.55 -35.55 -26.43
CA VAL C 56 7.47 -34.56 -25.88
C VAL C 56 7.85 -33.45 -26.88
N THR C 57 8.28 -33.83 -28.07
CA THR C 57 8.83 -32.86 -29.02
C THR C 57 7.85 -32.38 -30.09
N GLY C 58 6.64 -32.90 -30.09
CA GLY C 58 5.61 -32.46 -31.01
C GLY C 58 4.77 -31.34 -30.43
N GLU C 59 3.52 -31.66 -30.11
CA GLU C 59 2.57 -30.69 -29.58
C GLU C 59 3.08 -29.97 -28.34
N ARG C 60 3.74 -30.71 -27.45
CA ARG C 60 4.22 -30.16 -26.19
C ARG C 60 5.21 -29.02 -26.41
N LEU C 61 6.21 -29.27 -27.25
CA LEU C 61 7.24 -28.30 -27.52
C LEU C 61 6.68 -27.09 -28.27
N ALA C 62 5.75 -27.34 -29.20
CA ALA C 62 5.16 -26.23 -29.94
C ALA C 62 4.39 -25.31 -29.00
N GLU C 63 3.67 -25.93 -28.05
CA GLU C 63 2.90 -25.17 -27.06
C GLU C 63 3.82 -24.37 -26.14
N MET C 64 4.93 -24.99 -25.73
CA MET C 64 5.95 -24.29 -24.97
C MET C 64 6.46 -23.07 -25.73
N ASP C 65 6.74 -23.26 -27.01
CA ASP C 65 7.25 -22.15 -27.82
C ASP C 65 6.19 -21.06 -27.99
N SER C 66 4.94 -21.45 -28.21
CA SER C 66 3.87 -20.47 -28.42
C SER C 66 3.62 -19.65 -27.18
N ASN C 67 3.91 -20.22 -26.01
CA ASN C 67 3.63 -19.55 -24.74
C ASN C 67 4.89 -19.02 -24.04
N GLY C 68 6.05 -19.20 -24.67
CA GLY C 68 7.30 -18.73 -24.12
C GLY C 68 7.75 -19.48 -22.87
N VAL C 69 7.49 -20.78 -22.82
CA VAL C 69 7.91 -21.60 -21.69
C VAL C 69 9.28 -22.17 -21.99
N ASP C 70 10.23 -21.93 -21.08
CA ASP C 70 11.62 -22.35 -21.32
C ASP C 70 11.77 -23.86 -21.18
N MET C 71 11.22 -24.44 -20.10
CA MET C 71 11.41 -25.86 -19.83
C MET C 71 10.20 -26.54 -19.18
N HIS C 72 10.08 -27.84 -19.44
CA HIS C 72 9.26 -28.71 -18.62
C HIS C 72 10.20 -29.57 -17.79
N LEU C 73 9.94 -29.64 -16.50
CA LEU C 73 10.57 -30.66 -15.66
C LEU C 73 9.63 -31.86 -15.74
N LEU C 74 10.10 -32.92 -16.38
CA LEU C 74 9.26 -34.07 -16.69
C LEU C 74 9.24 -35.11 -15.57
N SER C 75 8.09 -35.79 -15.44
CA SER C 75 7.93 -36.84 -14.44
C SER C 75 7.01 -37.89 -15.01
N LEU C 76 7.33 -39.17 -14.76
CA LEU C 76 6.45 -40.26 -15.19
C LEU C 76 5.11 -40.06 -14.52
N THR C 77 4.05 -40.02 -15.31
CA THR C 77 2.74 -39.66 -14.83
C THR C 77 2.25 -40.63 -13.75
N ALA C 78 1.43 -40.14 -12.83
CA ALA C 78 0.79 -40.99 -11.85
C ALA C 78 -0.03 -42.04 -12.59
N PRO C 79 -0.09 -43.27 -12.06
CA PRO C 79 0.44 -43.75 -10.77
C PRO C 79 1.87 -44.32 -10.86
N GLY C 80 2.60 -43.92 -11.89
CA GLY C 80 3.99 -44.35 -12.03
C GLY C 80 4.11 -45.85 -12.20
N VAL C 81 4.98 -46.47 -11.42
CA VAL C 81 5.19 -47.91 -11.48
C VAL C 81 4.73 -48.54 -10.18
N GLN C 82 4.00 -47.75 -9.40
CA GLN C 82 3.62 -48.15 -8.05
C GLN C 82 2.49 -49.18 -7.98
N MET C 83 1.73 -49.35 -9.05
CA MET C 83 0.65 -50.32 -9.00
C MET C 83 1.10 -51.74 -9.32
N PHE C 84 2.29 -51.90 -9.88
CA PHE C 84 2.79 -53.21 -10.29
C PHE C 84 3.35 -54.00 -9.11
N ASP C 85 3.56 -55.30 -9.30
CA ASP C 85 4.25 -56.07 -8.26
C ASP C 85 5.70 -55.61 -8.15
N ALA C 86 6.39 -56.02 -7.09
CA ALA C 86 7.74 -55.55 -6.81
C ALA C 86 8.70 -55.74 -7.99
N GLU C 87 8.78 -56.96 -8.52
CA GLU C 87 9.69 -57.25 -9.63
C GLU C 87 9.40 -56.41 -10.87
N THR C 88 8.12 -56.32 -11.24
CA THR C 88 7.70 -55.55 -12.40
C THR C 88 7.96 -54.05 -12.22
N GLY C 89 7.61 -53.52 -11.06
CA GLY C 89 7.82 -52.11 -10.77
C GLY C 89 9.29 -51.75 -10.84
N THR C 90 10.11 -52.61 -10.23
CA THR C 90 11.55 -52.40 -10.21
C THR C 90 12.13 -52.41 -11.62
N ARG C 91 11.72 -53.39 -12.41
CA ARG C 91 12.15 -53.51 -13.80
C ARG C 91 11.75 -52.27 -14.59
N LEU C 92 10.49 -51.89 -14.47
CA LEU C 92 9.94 -50.80 -15.25
C LEU C 92 10.47 -49.43 -14.83
N ALA C 93 10.89 -49.30 -13.56
CA ALA C 93 11.44 -48.04 -13.10
C ALA C 93 12.79 -47.79 -13.77
N ARG C 94 13.64 -48.81 -13.78
CA ARG C 94 14.91 -48.69 -14.48
C ARG C 94 14.68 -48.23 -15.92
N ILE C 95 13.72 -48.88 -16.58
CA ILE C 95 13.43 -48.63 -17.99
C ILE C 95 12.91 -47.21 -18.23
N ALA C 96 11.91 -46.80 -17.45
CA ALA C 96 11.36 -45.45 -17.56
C ALA C 96 12.40 -44.39 -17.23
N ASN C 97 13.26 -44.67 -16.26
CA ASN C 97 14.32 -43.73 -15.88
C ASN C 97 15.36 -43.57 -16.99
N ASP C 98 15.75 -44.68 -17.60
CA ASP C 98 16.62 -44.63 -18.78
C ASP C 98 15.97 -43.83 -19.90
N LEU C 99 14.70 -44.07 -20.13
CA LEU C 99 13.98 -43.35 -21.18
C LEU C 99 13.85 -41.86 -20.84
N MET C 100 13.69 -41.56 -19.55
CA MET C 100 13.64 -40.18 -19.10
C MET C 100 14.99 -39.48 -19.37
N ALA C 101 16.08 -40.10 -18.94
CA ALA C 101 17.42 -39.57 -19.17
C ALA C 101 17.68 -39.33 -20.66
N GLN C 102 17.20 -40.25 -21.50
CA GLN C 102 17.32 -40.14 -22.95
C GLN C 102 16.57 -38.93 -23.46
N THR C 103 15.33 -38.78 -23.00
CA THR C 103 14.47 -37.69 -23.43
C THR C 103 15.10 -36.34 -23.06
N VAL C 104 15.67 -36.26 -21.87
CA VAL C 104 16.37 -35.06 -21.42
C VAL C 104 17.60 -34.76 -22.29
N ALA C 105 18.40 -35.79 -22.55
CA ALA C 105 19.60 -35.62 -23.36
C ALA C 105 19.32 -35.14 -24.78
N ALA C 106 18.16 -35.50 -25.33
CA ALA C 106 17.82 -35.09 -26.70
C ALA C 106 17.60 -33.58 -26.79
N ASN C 107 16.97 -33.02 -25.77
CA ASN C 107 16.72 -31.57 -25.75
C ASN C 107 16.92 -30.99 -24.35
N PRO C 108 18.17 -30.94 -23.87
CA PRO C 108 18.45 -30.60 -22.47
C PRO C 108 18.30 -29.12 -22.08
N THR C 109 18.12 -28.22 -23.06
CA THR C 109 17.81 -26.83 -22.72
C THR C 109 16.31 -26.63 -22.54
N ARG C 110 15.52 -27.61 -22.97
CA ARG C 110 14.06 -27.52 -22.93
C ARG C 110 13.43 -28.48 -21.93
N PHE C 111 14.16 -29.52 -21.54
CA PHE C 111 13.60 -30.54 -20.67
C PHE C 111 14.57 -30.99 -19.57
N ALA C 112 14.05 -31.05 -18.34
CA ALA C 112 14.74 -31.69 -17.24
C ALA C 112 13.86 -32.87 -16.84
N GLY C 113 14.33 -33.72 -15.95
CA GLY C 113 13.58 -34.92 -15.65
C GLY C 113 13.71 -35.39 -14.21
N LEU C 114 12.62 -35.93 -13.68
CA LEU C 114 12.63 -36.55 -12.37
C LEU C 114 12.60 -38.07 -12.58
N GLY C 115 13.44 -38.77 -11.85
CA GLY C 115 13.44 -40.22 -11.88
C GLY C 115 12.39 -40.74 -10.92
N THR C 116 11.96 -41.98 -11.14
CA THR C 116 11.01 -42.58 -10.21
C THR C 116 11.57 -43.89 -9.67
N PHE C 117 10.80 -44.57 -8.83
CA PHE C 117 11.22 -45.83 -8.24
C PHE C 117 10.03 -46.64 -7.75
N ALA C 118 10.30 -47.86 -7.32
CA ALA C 118 9.25 -48.78 -6.91
C ALA C 118 9.45 -49.12 -5.45
N PRO C 119 8.82 -48.34 -4.55
CA PRO C 119 8.95 -48.51 -3.11
C PRO C 119 8.37 -49.83 -2.62
N GLN C 120 7.67 -50.57 -3.49
CA GLN C 120 7.25 -51.93 -3.16
C GLN C 120 8.44 -52.76 -2.64
N ASP C 121 9.62 -52.47 -3.18
CA ASP C 121 10.87 -53.09 -2.76
C ASP C 121 11.84 -51.98 -2.36
N PRO C 122 11.84 -51.61 -1.07
CA PRO C 122 12.61 -50.45 -0.61
C PRO C 122 14.11 -50.58 -0.84
N ALA C 123 14.65 -51.78 -0.70
CA ALA C 123 16.08 -52.00 -0.93
C ALA C 123 16.45 -51.78 -2.39
N SER C 124 15.63 -52.29 -3.31
CA SER C 124 15.89 -52.11 -4.72
C SER C 124 15.65 -50.67 -5.12
N ALA C 125 14.63 -50.05 -4.51
CA ALA C 125 14.36 -48.63 -4.76
C ALA C 125 15.55 -47.74 -4.35
N ALA C 126 16.14 -48.01 -3.20
CA ALA C 126 17.32 -47.28 -2.74
C ALA C 126 18.46 -47.36 -3.74
N ARG C 127 18.68 -48.56 -4.29
CA ARG C 127 19.69 -48.71 -5.33
C ARG C 127 19.37 -47.88 -6.57
N GLU C 128 18.12 -47.91 -7.02
CA GLU C 128 17.76 -47.17 -8.22
C GLU C 128 17.88 -45.65 -8.01
N ILE C 129 17.55 -45.21 -6.80
CA ILE C 129 17.69 -43.79 -6.45
C ILE C 129 19.14 -43.33 -6.60
N GLU C 130 20.08 -44.16 -6.13
CA GLU C 130 21.50 -43.88 -6.31
C GLU C 130 21.87 -43.86 -7.80
N ARG C 131 21.33 -44.81 -8.55
CA ARG C 131 21.62 -44.87 -9.98
C ARG C 131 21.08 -43.63 -10.68
N VAL C 132 19.90 -43.19 -10.27
CA VAL C 132 19.29 -41.98 -10.83
C VAL C 132 20.15 -40.77 -10.52
N ALA C 133 20.66 -40.70 -9.29
CA ALA C 133 21.41 -39.54 -8.86
C ALA C 133 22.79 -39.50 -9.50
N THR C 134 23.45 -40.65 -9.51
CA THR C 134 24.86 -40.70 -9.85
C THR C 134 25.13 -41.05 -11.31
N GLN C 135 24.41 -42.04 -11.83
CA GLN C 135 24.65 -42.48 -13.21
C GLN C 135 23.87 -41.66 -14.25
N LEU C 136 22.55 -41.59 -14.08
CA LEU C 136 21.70 -40.88 -15.05
C LEU C 136 21.81 -39.38 -14.86
N ARG C 137 22.16 -38.96 -13.64
CA ARG C 137 22.23 -37.56 -13.26
C ARG C 137 20.95 -36.79 -13.54
N LEU C 138 19.81 -37.40 -13.22
CA LEU C 138 18.52 -36.71 -13.33
C LEU C 138 18.39 -35.61 -12.27
N ASN C 139 17.41 -34.74 -12.48
CA ASN C 139 17.29 -33.52 -11.69
C ASN C 139 16.68 -33.69 -10.32
N GLY C 140 16.02 -34.83 -10.11
CA GLY C 140 15.35 -35.09 -8.85
C GLY C 140 14.57 -36.39 -8.94
N LEU C 141 13.65 -36.57 -8.01
CA LEU C 141 12.85 -37.79 -7.96
C LEU C 141 11.38 -37.45 -7.90
N VAL C 142 10.55 -38.41 -8.29
CA VAL C 142 9.10 -38.27 -8.17
C VAL C 142 8.49 -39.60 -7.73
N ILE C 143 7.49 -39.51 -6.85
CA ILE C 143 6.72 -40.68 -6.44
C ILE C 143 5.30 -40.19 -6.22
N ASN C 144 4.33 -41.09 -6.37
CA ASN C 144 2.92 -40.72 -6.35
C ASN C 144 2.24 -41.21 -5.11
N SER C 145 2.15 -40.30 -4.13
CA SER C 145 1.71 -40.57 -2.78
C SER C 145 1.95 -42.02 -2.33
N HIS C 146 0.92 -42.67 -1.81
CA HIS C 146 1.08 -43.98 -1.18
C HIS C 146 1.61 -45.09 -2.09
N THR C 147 2.21 -46.10 -1.47
CA THR C 147 2.57 -47.34 -2.16
C THR C 147 2.07 -48.49 -1.32
N ASN C 148 1.39 -49.45 -1.96
CA ASN C 148 0.77 -50.58 -1.27
C ASN C 148 -0.14 -50.15 -0.12
N ASP C 149 -0.78 -48.99 -0.29
CA ASP C 149 -1.68 -48.41 0.72
C ASP C 149 -1.01 -48.14 2.06
N LEU C 150 0.29 -47.86 2.02
CA LEU C 150 1.02 -47.43 3.20
C LEU C 150 1.56 -46.03 2.94
N TYR C 151 1.66 -45.22 3.99
CA TYR C 151 2.19 -43.87 3.86
C TYR C 151 3.66 -43.81 4.29
N TYR C 152 4.35 -42.72 3.97
CA TYR C 152 5.81 -42.70 4.09
C TYR C 152 6.33 -42.45 5.50
N ASP C 153 5.43 -42.42 6.48
CA ASP C 153 5.84 -42.48 7.87
C ASP C 153 6.29 -43.90 8.25
N ASP C 154 5.78 -44.88 7.52
CA ASP C 154 6.05 -46.30 7.82
C ASP C 154 7.55 -46.59 7.72
N PRO C 155 8.11 -47.23 8.77
CA PRO C 155 9.53 -47.63 8.80
C PRO C 155 9.92 -48.58 7.67
N PHE C 156 8.95 -49.26 7.08
CA PHE C 156 9.19 -50.07 5.88
C PHE C 156 9.97 -49.27 4.83
N PHE C 157 9.71 -47.97 4.77
CA PHE C 157 10.27 -47.14 3.70
C PHE C 157 11.55 -46.40 4.10
N HIS C 158 12.06 -46.63 5.31
CA HIS C 158 13.31 -45.97 5.73
C HIS C 158 14.49 -46.12 4.76
N PRO C 159 14.71 -47.33 4.18
CA PRO C 159 15.80 -47.43 3.21
C PRO C 159 15.61 -46.50 1.99
N VAL C 160 14.38 -46.25 1.60
CA VAL C 160 14.12 -45.28 0.54
C VAL C 160 14.58 -43.88 0.93
N PHE C 161 14.13 -43.41 2.08
CA PHE C 161 14.43 -42.04 2.48
C PHE C 161 15.87 -41.82 2.87
N GLU C 162 16.52 -42.85 3.41
CA GLU C 162 17.96 -42.77 3.65
C GLU C 162 18.69 -42.52 2.34
N ALA C 163 18.37 -43.29 1.32
CA ALA C 163 19.02 -43.14 0.02
C ALA C 163 18.68 -41.78 -0.61
N ILE C 164 17.44 -41.33 -0.45
CA ILE C 164 17.05 -40.03 -0.99
C ILE C 164 17.84 -38.92 -0.32
N GLU C 165 17.88 -38.93 1.01
CA GLU C 165 18.62 -37.92 1.74
C GLU C 165 20.08 -37.88 1.28
N ALA C 166 20.71 -39.05 1.20
CA ALA C 166 22.09 -39.15 0.76
C ALA C 166 22.32 -38.67 -0.68
N SER C 167 21.33 -38.81 -1.53
CA SER C 167 21.49 -38.45 -2.94
C SER C 167 21.51 -36.93 -3.12
N GLY C 168 20.86 -36.22 -2.21
CA GLY C 168 20.72 -34.77 -2.33
C GLY C 168 19.63 -34.38 -3.33
N LEU C 169 18.94 -35.37 -3.88
CA LEU C 169 17.84 -35.11 -4.81
C LEU C 169 16.56 -34.79 -4.06
N ALA C 170 15.81 -33.80 -4.55
CA ALA C 170 14.50 -33.49 -4.00
C ALA C 170 13.50 -34.50 -4.49
N LEU C 171 12.53 -34.83 -3.64
CA LEU C 171 11.47 -35.77 -3.99
C LEU C 171 10.16 -35.02 -4.17
N TYR C 172 9.60 -35.09 -5.37
CA TYR C 172 8.28 -34.52 -5.62
C TYR C 172 7.28 -35.60 -5.24
N ILE C 173 6.44 -35.34 -4.23
CA ILE C 173 5.40 -36.32 -3.93
C ILE C 173 4.13 -35.90 -4.64
N HIS C 174 3.92 -36.49 -5.81
CA HIS C 174 2.77 -36.21 -6.66
C HIS C 174 1.58 -36.98 -6.11
N PRO C 175 0.35 -36.52 -6.40
CA PRO C 175 -0.79 -37.29 -5.90
C PRO C 175 -0.99 -38.61 -6.62
N ARG C 176 -1.81 -39.46 -6.02
CA ARG C 176 -2.54 -40.48 -6.75
C ARG C 176 -3.89 -40.57 -6.02
N ALA C 177 -4.77 -41.47 -6.44
CA ALA C 177 -6.05 -41.58 -5.78
C ALA C 177 -5.86 -42.05 -4.34
N PRO C 178 -6.75 -41.61 -3.45
CA PRO C 178 -6.83 -42.05 -2.05
C PRO C 178 -6.57 -43.55 -1.90
N SER C 179 -5.74 -43.91 -0.94
CA SER C 179 -5.43 -45.32 -0.66
C SER C 179 -6.62 -46.04 -0.06
N LYS C 180 -6.53 -47.36 0.07
CA LYS C 180 -7.63 -48.14 0.62
C LYS C 180 -7.94 -47.76 2.07
N GLN C 181 -7.03 -47.04 2.71
CA GLN C 181 -7.27 -46.57 4.06
C GLN C 181 -8.40 -45.55 4.07
N ILE C 182 -8.57 -44.83 2.96
CA ILE C 182 -9.52 -43.72 2.91
C ILE C 182 -10.45 -43.70 1.70
N ASP C 183 -10.27 -44.63 0.77
CA ASP C 183 -10.95 -44.50 -0.54
C ASP C 183 -12.49 -44.60 -0.54
N ARG C 184 -13.07 -45.18 0.50
CA ARG C 184 -14.52 -45.34 0.56
C ARG C 184 -15.29 -44.01 0.43
N ALA C 185 -14.73 -42.93 0.97
CA ALA C 185 -15.39 -41.62 0.96
C ALA C 185 -15.19 -40.87 -0.35
N PHE C 186 -14.45 -41.47 -1.28
CA PHE C 186 -14.07 -40.78 -2.52
C PHE C 186 -14.55 -41.50 -3.77
N ARG C 187 -15.64 -42.25 -3.64
CA ARG C 187 -16.17 -43.04 -4.74
C ARG C 187 -17.21 -42.31 -5.56
N ASP C 188 -17.64 -41.14 -5.08
CA ASP C 188 -18.76 -40.41 -5.68
C ASP C 188 -18.37 -39.05 -6.26
N TYR C 189 -19.16 -38.59 -7.23
CA TYR C 189 -19.05 -37.23 -7.78
C TYR C 189 -17.68 -36.92 -8.36
N GLY C 190 -16.97 -37.95 -8.83
CA GLY C 190 -15.65 -37.76 -9.41
C GLY C 190 -14.58 -37.39 -8.39
N MET C 191 -14.88 -37.58 -7.11
CA MET C 191 -13.96 -37.16 -6.05
C MET C 191 -12.70 -38.02 -5.93
N ASN C 192 -12.60 -39.08 -6.73
CA ASN C 192 -11.42 -39.94 -6.70
C ASN C 192 -10.16 -39.22 -7.16
N SER C 193 -10.35 -38.17 -7.96
CA SER C 193 -9.24 -37.52 -8.66
C SER C 193 -8.91 -36.12 -8.15
N ALA C 194 -8.53 -35.26 -9.08
CA ALA C 194 -7.98 -33.95 -8.75
C ALA C 194 -8.96 -33.05 -7.98
N ILE C 195 -10.27 -33.23 -8.19
CA ILE C 195 -11.24 -32.31 -7.57
C ILE C 195 -11.22 -32.38 -6.04
N TRP C 196 -10.85 -33.52 -5.47
CA TRP C 196 -10.75 -33.58 -4.01
C TRP C 196 -9.83 -34.65 -3.45
N GLY C 197 -9.98 -35.89 -3.93
CA GLY C 197 -9.22 -37.01 -3.41
C GLY C 197 -7.71 -36.83 -3.46
N TYR C 198 -7.21 -36.39 -4.62
CA TYR C 198 -5.77 -36.19 -4.80
C TYR C 198 -5.15 -35.36 -3.67
N GLY C 199 -5.78 -34.24 -3.34
CA GLY C 199 -5.30 -33.36 -2.29
C GLY C 199 -5.35 -33.94 -0.89
N ILE C 200 -6.44 -34.63 -0.55
CA ILE C 200 -6.58 -35.28 0.74
C ILE C 200 -5.56 -36.42 0.95
N GLU C 201 -5.44 -37.28 -0.05
CA GLU C 201 -4.49 -38.38 -0.03
C GLU C 201 -3.06 -37.91 0.14
N THR C 202 -2.69 -36.89 -0.63
CA THR C 202 -1.30 -36.44 -0.65
C THR C 202 -0.93 -35.64 0.60
N SER C 203 -1.82 -34.77 1.04
CA SER C 203 -1.55 -33.95 2.20
C SER C 203 -1.50 -34.80 3.46
N THR C 204 -2.37 -35.79 3.53
CA THR C 204 -2.39 -36.70 4.68
C THR C 204 -1.09 -37.51 4.78
N ASN C 205 -0.61 -37.96 3.62
CA ASN C 205 0.70 -38.59 3.55
C ASN C 205 1.78 -37.70 4.16
N ALA C 206 1.83 -36.46 3.68
CA ALA C 206 2.85 -35.53 4.12
C ALA C 206 2.74 -35.20 5.61
N VAL C 207 1.51 -35.04 6.09
CA VAL C 207 1.30 -34.72 7.51
C VAL C 207 1.78 -35.88 8.39
N ARG C 208 1.51 -37.13 7.98
CA ARG C 208 2.00 -38.28 8.73
C ARG C 208 3.53 -38.28 8.74
N MET C 209 4.14 -37.97 7.60
CA MET C 209 5.60 -37.91 7.53
C MET C 209 6.16 -36.93 8.55
N ILE C 210 5.60 -35.73 8.59
CA ILE C 210 6.04 -34.72 9.55
C ILE C 210 5.82 -35.14 11.01
N LEU C 211 4.59 -35.51 11.34
CA LEU C 211 4.24 -35.85 12.72
C LEU C 211 4.95 -37.10 13.24
N SER C 212 5.37 -37.98 12.33
CA SER C 212 6.03 -39.21 12.74
C SER C 212 7.49 -38.97 13.11
N GLY C 213 7.96 -37.77 12.79
CA GLY C 213 9.34 -37.40 13.09
C GLY C 213 10.31 -37.83 12.01
N LEU C 214 9.79 -38.06 10.80
CA LEU C 214 10.63 -38.51 9.71
C LEU C 214 11.75 -37.49 9.42
N PHE C 215 11.45 -36.21 9.62
CA PHE C 215 12.39 -35.17 9.29
C PHE C 215 13.38 -34.87 10.41
N ASP C 216 13.20 -35.50 11.56
CA ASP C 216 14.28 -35.51 12.54
C ASP C 216 15.26 -36.63 12.17
N ARG C 217 14.71 -37.74 11.68
CA ARG C 217 15.51 -38.89 11.25
C ARG C 217 16.34 -38.57 10.00
N PHE C 218 15.73 -37.87 9.04
CA PHE C 218 16.39 -37.46 7.81
C PHE C 218 16.23 -35.95 7.56
N PRO C 219 16.99 -35.14 8.32
CA PRO C 219 16.78 -33.68 8.31
C PRO C 219 17.18 -32.96 7.02
N ARG C 220 17.86 -33.65 6.11
CA ARG C 220 18.30 -33.02 4.87
C ARG C 220 17.37 -33.34 3.71
N LEU C 221 16.30 -34.09 3.97
CA LEU C 221 15.32 -34.38 2.93
C LEU C 221 14.70 -33.11 2.37
N LYS C 222 14.54 -33.06 1.05
CA LYS C 222 13.73 -32.01 0.45
C LYS C 222 12.52 -32.62 -0.26
N ILE C 223 11.32 -32.25 0.19
CA ILE C 223 10.09 -32.75 -0.41
C ILE C 223 9.37 -31.62 -1.15
N VAL C 224 8.79 -31.93 -2.31
CA VAL C 224 8.03 -30.94 -3.06
C VAL C 224 6.59 -31.41 -3.20
N LEU C 225 5.65 -30.51 -2.91
CA LEU C 225 4.23 -30.78 -3.07
C LEU C 225 3.60 -29.83 -4.06
N GLY C 226 2.85 -30.36 -5.01
CA GLY C 226 2.16 -29.54 -6.00
C GLY C 226 0.84 -29.01 -5.46
N HIS C 227 0.03 -28.40 -6.32
CA HIS C 227 -1.31 -27.95 -5.93
C HIS C 227 -1.30 -27.05 -4.69
N MET C 228 -0.42 -26.06 -4.76
CA MET C 228 -0.20 -25.09 -3.71
C MET C 228 0.06 -25.77 -2.37
N GLY C 229 0.87 -26.82 -2.39
CA GLY C 229 1.26 -27.53 -1.19
C GLY C 229 0.17 -28.43 -0.64
N GLU C 230 -0.79 -28.78 -1.48
CA GLU C 230 -1.94 -29.61 -1.10
C GLU C 230 -2.62 -29.03 0.15
N ALA C 231 -2.62 -27.70 0.22
CA ALA C 231 -3.30 -26.93 1.25
C ALA C 231 -2.63 -26.93 2.63
N ILE C 232 -1.58 -27.73 2.80
CA ILE C 232 -0.82 -27.68 4.05
C ILE C 232 -0.39 -26.25 4.47
N PRO C 233 0.01 -25.40 3.50
CA PRO C 233 0.36 -24.04 3.92
C PRO C 233 -0.79 -23.33 4.63
N PHE C 234 -2.03 -23.71 4.33
CA PHE C 234 -3.18 -23.05 4.95
C PHE C 234 -3.38 -23.47 6.40
N TRP C 235 -2.99 -24.71 6.71
CA TRP C 235 -3.20 -25.31 8.03
C TRP C 235 -2.06 -25.14 9.02
N LEU C 236 -1.02 -24.37 8.68
CA LEU C 236 0.19 -24.33 9.50
C LEU C 236 -0.06 -23.94 10.96
N TRP C 237 -0.90 -22.95 11.19
CA TRP C 237 -1.07 -22.45 12.57
C TRP C 237 -1.73 -23.52 13.44
N ARG C 238 -2.76 -24.16 12.89
CA ARG C 238 -3.49 -25.20 13.60
C ARG C 238 -2.62 -26.44 13.84
N LEU C 239 -1.82 -26.81 12.84
CA LEU C 239 -0.89 -27.92 13.01
C LEU C 239 0.05 -27.70 14.20
N ASP C 240 0.60 -26.49 14.29
CA ASP C 240 1.46 -26.11 15.42
C ASP C 240 0.70 -26.06 16.73
N TYR C 241 -0.45 -25.37 16.73
CA TYR C 241 -1.17 -25.20 17.98
C TYR C 241 -1.58 -26.54 18.59
N MET C 242 -2.11 -27.41 17.74
CA MET C 242 -2.66 -28.68 18.21
C MET C 242 -1.62 -29.75 18.48
N HIS C 243 -0.35 -29.46 18.18
CA HIS C 243 0.68 -30.47 18.36
C HIS C 243 0.98 -30.83 19.83
N GLY C 244 0.89 -29.84 20.72
CA GLY C 244 1.06 -30.11 22.14
C GLY C 244 0.14 -31.22 22.65
N ASN C 245 -1.16 -31.11 22.33
CA ASN C 245 -2.13 -32.15 22.65
C ASN C 245 -1.75 -33.50 22.06
N ALA C 246 -1.27 -33.48 20.82
CA ALA C 246 -0.95 -34.71 20.09
C ALA C 246 0.15 -35.50 20.79
N THR C 247 1.15 -34.79 21.32
CA THR C 247 2.25 -35.46 22.01
C THR C 247 1.91 -35.73 23.48
N THR C 248 0.96 -34.98 24.01
CA THR C 248 0.54 -35.14 25.39
C THR C 248 -0.51 -36.23 25.58
N PHE C 249 -1.59 -36.18 24.80
CA PHE C 249 -2.66 -37.17 24.95
C PHE C 249 -2.72 -38.19 23.81
N GLY C 250 -2.09 -37.88 22.69
CA GLY C 250 -2.26 -38.68 21.48
C GLY C 250 -1.15 -39.65 21.15
N GLY C 251 -0.11 -39.67 21.98
CA GLY C 251 1.02 -40.56 21.77
C GLY C 251 1.87 -40.24 20.55
N ALA C 252 1.75 -39.03 20.04
CA ALA C 252 2.65 -38.59 18.97
C ALA C 252 4.03 -38.43 19.57
N PRO C 253 5.07 -38.74 18.79
CA PRO C 253 6.44 -38.58 19.29
C PRO C 253 6.84 -37.11 19.39
N LYS C 254 7.71 -36.82 20.37
CA LYS C 254 8.26 -35.48 20.51
C LYS C 254 9.13 -35.16 19.30
N LEU C 255 9.00 -33.93 18.80
CA LEU C 255 9.80 -33.48 17.66
C LEU C 255 10.74 -32.36 18.11
N LYS C 256 11.87 -32.22 17.43
CA LYS C 256 12.80 -31.13 17.73
C LYS C 256 12.24 -29.76 17.33
N LEU C 257 11.54 -29.72 16.20
CA LEU C 257 10.96 -28.49 15.67
C LEU C 257 9.44 -28.53 15.76
N LYS C 258 8.78 -27.40 15.45
CA LYS C 258 7.33 -27.35 15.31
C LYS C 258 6.98 -27.91 13.93
N PRO C 259 5.76 -28.44 13.78
CA PRO C 259 5.32 -28.97 12.48
C PRO C 259 5.47 -27.98 11.30
N SER C 260 5.16 -26.71 11.52
CA SER C 260 5.26 -25.74 10.42
C SER C 260 6.71 -25.44 10.10
N GLU C 261 7.59 -25.67 11.07
CA GLU C 261 9.01 -25.46 10.88
C GLU C 261 9.64 -26.54 10.01
N TYR C 262 9.15 -27.77 10.13
CA TYR C 262 9.54 -28.82 9.19
C TYR C 262 9.03 -28.44 7.81
N PHE C 263 7.80 -27.92 7.75
CA PHE C 263 7.23 -27.62 6.44
C PHE C 263 8.07 -26.59 5.70
N ARG C 264 8.47 -25.53 6.40
CA ARG C 264 9.33 -24.51 5.80
C ARG C 264 10.77 -25.00 5.56
N ARG C 265 11.31 -25.81 6.48
CA ARG C 265 12.69 -26.25 6.34
C ARG C 265 12.86 -27.33 5.27
N ASN C 266 11.94 -28.27 5.25
CA ASN C 266 12.09 -29.47 4.43
C ASN C 266 11.19 -29.57 3.20
N PHE C 267 10.22 -28.68 3.07
CA PHE C 267 9.29 -28.71 1.94
C PHE C 267 9.37 -27.45 1.10
N ALA C 268 9.02 -27.59 -0.17
CA ALA C 268 8.69 -26.44 -1.01
C ALA C 268 7.45 -26.84 -1.79
N ILE C 269 6.81 -25.88 -2.43
CA ILE C 269 5.55 -26.16 -3.09
C ILE C 269 5.53 -25.64 -4.51
N THR C 270 4.59 -26.15 -5.30
CA THR C 270 4.36 -25.63 -6.63
C THR C 270 2.90 -25.20 -6.84
N THR C 271 2.66 -24.39 -7.86
CA THR C 271 1.34 -23.84 -8.13
C THR C 271 0.50 -24.66 -9.11
N SER C 272 0.85 -25.92 -9.35
CA SER C 272 0.11 -26.72 -10.32
C SER C 272 -1.38 -26.76 -9.97
N GLY C 273 -2.23 -26.46 -10.94
CA GLY C 273 -3.66 -26.55 -10.73
C GLY C 273 -4.24 -25.60 -9.70
N VAL C 274 -3.45 -24.61 -9.28
CA VAL C 274 -3.92 -23.58 -8.35
C VAL C 274 -3.51 -22.21 -8.88
N GLU C 275 -4.24 -21.75 -9.90
CA GLU C 275 -3.93 -20.50 -10.59
C GLU C 275 -4.69 -19.33 -9.95
N SER C 276 -4.47 -19.20 -8.65
CA SER C 276 -5.05 -18.16 -7.82
C SER C 276 -3.98 -17.23 -7.28
N HIS C 277 -4.02 -15.97 -7.70
CA HIS C 277 -3.10 -14.98 -7.16
C HIS C 277 -3.24 -14.80 -5.64
N ALA C 278 -4.45 -14.96 -5.12
CA ALA C 278 -4.62 -14.78 -3.68
C ALA C 278 -3.94 -15.92 -2.93
N ALA C 279 -4.08 -17.14 -3.46
CA ALA C 279 -3.48 -18.30 -2.80
C ALA C 279 -1.97 -18.27 -2.96
N LEU C 280 -1.49 -17.76 -4.10
CA LEU C 280 -0.06 -17.64 -4.35
C LEU C 280 0.53 -16.63 -3.35
N ARG C 281 -0.11 -15.47 -3.27
CA ARG C 281 0.31 -14.43 -2.33
C ARG C 281 0.32 -14.94 -0.87
N TYR C 282 -0.74 -15.64 -0.47
CA TYR C 282 -0.77 -16.27 0.86
C TYR C 282 0.46 -17.19 1.08
N SER C 283 0.77 -18.03 0.11
CA SER C 283 1.83 -19.01 0.27
C SER C 283 3.20 -18.37 0.37
N ILE C 284 3.44 -17.35 -0.44
CA ILE C 284 4.70 -16.61 -0.37
C ILE C 284 4.85 -15.94 1.00
N GLU C 285 3.73 -15.46 1.54
CA GLU C 285 3.78 -14.79 2.83
C GLU C 285 4.16 -15.74 3.96
N VAL C 286 3.56 -16.94 3.99
CA VAL C 286 3.76 -17.82 5.13
C VAL C 286 4.92 -18.81 4.95
N LEU C 287 5.33 -19.05 3.71
CA LEU C 287 6.44 -19.97 3.42
C LEU C 287 7.74 -19.27 3.07
N GLY C 288 7.65 -18.03 2.62
CA GLY C 288 8.79 -17.35 2.04
C GLY C 288 8.85 -17.58 0.53
N PRO C 289 9.34 -16.58 -0.22
CA PRO C 289 9.36 -16.60 -1.69
C PRO C 289 10.31 -17.65 -2.28
N GLU C 290 11.23 -18.17 -1.47
CA GLU C 290 12.15 -19.22 -1.93
C GLU C 290 11.50 -20.60 -2.00
N ASN C 291 10.31 -20.73 -1.44
CA ASN C 291 9.69 -22.04 -1.27
C ASN C 291 8.49 -22.28 -2.19
N VAL C 292 8.28 -21.38 -3.14
CA VAL C 292 7.15 -21.50 -4.07
C VAL C 292 7.63 -21.56 -5.52
N MET C 293 7.23 -22.61 -6.22
CA MET C 293 7.62 -22.78 -7.61
C MET C 293 6.39 -22.81 -8.52
N TRP C 294 6.58 -22.37 -9.76
CA TRP C 294 5.50 -22.41 -10.74
C TRP C 294 5.45 -23.78 -11.41
N ALA C 295 4.26 -24.18 -11.84
CA ALA C 295 4.08 -25.41 -12.62
C ALA C 295 2.83 -25.31 -13.50
N ILE C 296 2.71 -26.17 -14.51
CA ILE C 296 1.51 -26.15 -15.34
C ILE C 296 0.56 -27.29 -15.01
N ASP C 297 1.13 -28.48 -14.78
CA ASP C 297 0.37 -29.74 -14.68
C ASP C 297 -0.13 -30.21 -16.07
N TYR C 298 0.66 -29.91 -17.11
CA TYR C 298 0.41 -30.43 -18.45
C TYR C 298 0.62 -31.94 -18.43
N PRO C 299 -0.19 -32.68 -19.19
CA PRO C 299 -1.21 -32.24 -20.14
C PRO C 299 -2.62 -32.18 -19.58
N TYR C 300 -2.78 -32.37 -18.26
CA TYR C 300 -4.10 -32.28 -17.64
C TYR C 300 -4.59 -30.83 -17.50
N GLN C 301 -3.66 -29.86 -17.54
CA GLN C 301 -4.02 -28.44 -17.58
C GLN C 301 -3.40 -27.83 -18.84
N PRO C 302 -4.10 -26.89 -19.48
CA PRO C 302 -3.56 -26.18 -20.64
C PRO C 302 -2.46 -25.20 -20.24
N MET C 303 -1.50 -25.00 -21.14
N MET C 303 -1.46 -25.03 -21.11
CA MET C 303 -0.32 -24.21 -20.82
CA MET C 303 -0.32 -24.18 -20.80
C MET C 303 -0.56 -22.70 -20.77
C MET C 303 -0.64 -22.70 -20.70
N ALA C 304 -1.36 -22.17 -21.69
CA ALA C 304 -1.57 -20.73 -21.78
C ALA C 304 -2.10 -20.07 -20.49
N PRO C 305 -3.18 -20.60 -19.89
CA PRO C 305 -3.65 -19.99 -18.63
C PRO C 305 -2.65 -20.10 -17.47
N ALA C 306 -1.94 -21.22 -17.36
CA ALA C 306 -0.92 -21.35 -16.32
C ALA C 306 0.21 -20.34 -16.48
N VAL C 307 0.67 -20.12 -17.72
CA VAL C 307 1.68 -19.09 -17.99
C VAL C 307 1.18 -17.66 -17.69
N GLN C 308 -0.01 -17.34 -18.17
CA GLN C 308 -0.53 -16.01 -17.96
C GLN C 308 -0.79 -15.73 -16.46
N PHE C 309 -1.12 -16.78 -15.73
CA PHE C 309 -1.22 -16.74 -14.26
C PHE C 309 0.04 -16.21 -13.59
N ILE C 310 1.20 -16.75 -13.94
CA ILE C 310 2.45 -16.28 -13.32
C ILE C 310 2.94 -14.97 -13.93
N ARG C 311 2.76 -14.79 -15.24
CA ARG C 311 3.17 -13.55 -15.90
C ARG C 311 2.42 -12.32 -15.35
N THR C 312 1.20 -12.53 -14.88
CA THR C 312 0.39 -11.42 -14.40
C THR C 312 0.30 -11.35 -12.86
N ALA C 313 1.07 -12.18 -12.18
CA ALA C 313 1.01 -12.21 -10.70
C ALA C 313 1.40 -10.87 -10.07
N PRO C 314 0.60 -10.42 -9.09
CA PRO C 314 0.82 -9.12 -8.45
C PRO C 314 1.90 -9.17 -7.39
N ILE C 315 3.12 -9.44 -7.84
CA ILE C 315 4.29 -9.57 -6.98
C ILE C 315 5.45 -8.89 -7.71
N PRO C 316 6.47 -8.45 -6.96
CA PRO C 316 7.62 -7.80 -7.59
C PRO C 316 8.31 -8.71 -8.60
N GLU C 317 8.96 -8.11 -9.58
CA GLU C 317 9.64 -8.88 -10.62
C GLU C 317 10.69 -9.86 -10.10
N ASP C 318 11.42 -9.48 -9.05
CA ASP C 318 12.44 -10.41 -8.55
C ASP C 318 11.81 -11.64 -7.90
N VAL C 319 10.74 -11.43 -7.13
CA VAL C 319 9.97 -12.55 -6.58
C VAL C 319 9.32 -13.38 -7.70
N LYS C 320 8.76 -12.71 -8.70
CA LYS C 320 8.18 -13.42 -9.84
C LYS C 320 9.23 -14.32 -10.50
N ALA C 321 10.44 -13.80 -10.71
CA ALA C 321 11.49 -14.61 -11.35
C ALA C 321 11.84 -15.83 -10.51
N MET C 322 11.88 -15.67 -9.19
CA MET C 322 12.14 -16.81 -8.30
C MET C 322 11.05 -17.86 -8.49
N VAL C 323 9.79 -17.43 -8.45
CA VAL C 323 8.68 -18.39 -8.54
C VAL C 323 8.60 -19.04 -9.92
N ALA C 324 8.88 -18.25 -10.95
CA ALA C 324 8.74 -18.71 -12.33
C ALA C 324 9.76 -19.76 -12.70
N GLY C 325 10.93 -19.72 -12.07
CA GLY C 325 12.02 -20.59 -12.47
C GLY C 325 13.26 -20.62 -11.58
N GLY C 326 13.52 -19.53 -10.87
CA GLY C 326 14.74 -19.44 -10.08
C GLY C 326 14.81 -20.50 -9.00
N ASN C 327 13.70 -20.67 -8.27
CA ASN C 327 13.64 -21.66 -7.21
C ASN C 327 13.81 -23.07 -7.77
N ALA C 328 13.15 -23.33 -8.88
CA ALA C 328 13.28 -24.63 -9.53
C ALA C 328 14.71 -24.90 -9.99
N ALA C 329 15.37 -23.87 -10.54
CA ALA C 329 16.74 -24.08 -11.01
C ALA C 329 17.64 -24.52 -9.85
N ARG C 330 17.40 -23.93 -8.69
CA ARG C 330 18.13 -24.27 -7.47
C ARG C 330 17.77 -25.66 -6.95
N ILE C 331 16.48 -25.90 -6.74
CA ILE C 331 16.00 -27.14 -6.11
C ILE C 331 16.23 -28.38 -6.98
N PHE C 332 16.09 -28.21 -8.31
CA PHE C 332 16.18 -29.32 -9.23
C PHE C 332 17.45 -29.29 -10.09
N ARG C 333 18.48 -28.61 -9.63
CA ARG C 333 19.81 -28.68 -10.27
C ARG C 333 19.76 -28.38 -11.76
N ILE C 334 19.13 -27.28 -12.14
CA ILE C 334 19.02 -26.92 -13.56
C ILE C 334 19.94 -25.73 -13.87
N THR C 335 20.70 -25.84 -14.94
CA THR C 335 21.55 -24.72 -15.33
C THR C 335 20.77 -23.71 -16.17
N SER D 1 19.13 7.70 -17.57
CA SER D 1 19.74 6.43 -17.94
C SER D 1 18.69 5.33 -18.13
N LEU D 2 17.43 5.70 -17.98
CA LEU D 2 16.34 4.85 -18.46
C LEU D 2 16.47 4.76 -19.99
N ARG D 3 16.62 3.56 -20.52
CA ARG D 3 16.65 3.40 -21.98
C ARG D 3 15.24 3.53 -22.55
N LEU D 4 15.03 4.57 -23.36
CA LEU D 4 13.72 4.82 -23.96
C LEU D 4 13.71 4.49 -25.45
N ILE D 5 12.90 3.51 -25.82
CA ILE D 5 12.72 3.12 -27.21
C ILE D 5 11.27 3.35 -27.60
N ALA D 6 11.02 4.41 -28.36
CA ALA D 6 9.65 4.75 -28.77
C ALA D 6 9.22 3.85 -29.92
N THR D 7 8.07 3.17 -29.79
CA THR D 7 7.75 2.08 -30.71
C THR D 7 6.73 2.38 -31.81
N GLU D 8 6.14 3.58 -31.82
CA GLU D 8 5.16 3.88 -32.87
C GLU D 8 5.48 5.20 -33.57
N GLU D 9 6.64 5.26 -34.19
CA GLU D 9 7.15 6.53 -34.68
C GLU D 9 7.11 6.59 -36.21
N ALA D 10 6.21 7.42 -36.73
CA ALA D 10 5.93 7.45 -38.16
C ALA D 10 7.00 8.17 -38.99
N VAL D 11 7.20 7.68 -40.19
CA VAL D 11 8.14 8.32 -41.11
C VAL D 11 7.53 8.20 -42.51
N THR D 12 8.03 8.97 -43.48
CA THR D 12 7.66 8.73 -44.87
C THR D 12 8.86 8.95 -45.77
N PHE D 13 8.67 8.66 -47.06
CA PHE D 13 9.73 8.72 -48.05
C PHE D 13 9.13 9.33 -49.31
N GLN D 14 9.94 10.05 -50.08
CA GLN D 14 9.45 10.78 -51.26
C GLN D 14 8.60 9.98 -52.27
N PRO D 15 9.03 8.75 -52.62
CA PRO D 15 8.21 8.03 -53.60
C PRO D 15 6.78 7.77 -53.10
N VAL D 16 6.64 7.54 -51.81
CA VAL D 16 5.31 7.31 -51.24
C VAL D 16 4.52 8.62 -51.18
N VAL D 17 5.20 9.68 -50.78
CA VAL D 17 4.60 11.01 -50.75
C VAL D 17 4.06 11.38 -52.13
N ASP D 18 4.86 11.17 -53.17
CA ASP D 18 4.44 11.50 -54.52
C ASP D 18 3.23 10.69 -54.96
N ALA D 19 3.21 9.42 -54.60
CA ALA D 19 2.09 8.58 -54.99
C ALA D 19 0.80 8.94 -54.23
N LEU D 20 0.94 9.41 -52.99
CA LEU D 20 -0.22 9.81 -52.18
C LEU D 20 -0.75 11.17 -52.64
N ARG D 21 0.15 12.03 -53.11
CA ARG D 21 -0.25 13.30 -53.65
C ARG D 21 -1.08 13.09 -54.92
N ALA D 22 -0.63 12.15 -55.76
CA ALA D 22 -1.43 11.79 -56.93
C ALA D 22 -2.75 11.15 -56.50
N HIS D 23 -2.69 10.31 -55.48
CA HIS D 23 -3.90 9.59 -55.06
C HIS D 23 -4.96 10.56 -54.50
N SER D 24 -4.50 11.65 -53.92
CA SER D 24 -5.38 12.66 -53.31
C SER D 24 -6.31 13.33 -54.32
N ARG D 25 -5.96 13.25 -55.60
CA ARG D 25 -6.76 13.92 -56.62
C ARG D 25 -7.81 12.98 -57.19
N THR D 26 -7.77 11.71 -56.78
CA THR D 26 -8.69 10.73 -57.33
C THR D 26 -10.03 10.80 -56.62
N ASP D 27 -10.99 10.01 -57.08
CA ASP D 27 -12.32 10.01 -56.48
C ASP D 27 -12.53 8.85 -55.50
N ASP D 28 -11.43 8.40 -54.88
CA ASP D 28 -11.49 7.39 -53.83
C ASP D 28 -12.49 7.82 -52.73
N ALA D 29 -13.41 6.93 -52.36
CA ALA D 29 -14.37 7.23 -51.29
C ALA D 29 -13.91 6.77 -49.90
N SER D 30 -12.70 6.21 -49.80
CA SER D 30 -12.19 5.78 -48.48
C SER D 30 -12.16 6.93 -47.49
N LEU D 31 -12.49 6.63 -46.23
CA LEU D 31 -12.50 7.66 -45.19
C LEU D 31 -11.10 8.24 -44.96
N ASP D 32 -10.08 7.50 -45.37
CA ASP D 32 -8.68 7.97 -45.25
C ASP D 32 -8.37 9.16 -46.15
N MET D 33 -9.26 9.43 -47.11
N MET D 33 -9.25 9.43 -47.12
CA MET D 33 -9.09 10.55 -48.03
CA MET D 33 -9.05 10.54 -48.04
C MET D 33 -9.09 11.89 -47.32
C MET D 33 -9.11 11.90 -47.33
N ILE D 34 -9.73 11.95 -46.15
CA ILE D 34 -9.75 13.20 -45.37
C ILE D 34 -8.32 13.53 -44.94
N LEU D 35 -7.66 12.58 -44.29
CA LEU D 35 -6.23 12.68 -43.96
C LEU D 35 -5.34 12.89 -45.21
N VAL D 36 -5.61 12.14 -46.27
CA VAL D 36 -4.71 12.19 -47.41
C VAL D 36 -4.75 13.57 -48.07
N ARG D 37 -5.95 14.12 -48.19
CA ARG D 37 -6.12 15.46 -48.74
C ARG D 37 -5.48 16.50 -47.83
N ASP D 38 -5.75 16.40 -46.53
CA ASP D 38 -5.16 17.31 -45.53
C ASP D 38 -3.64 17.37 -45.58
N VAL D 39 -3.01 16.22 -45.77
CA VAL D 39 -1.55 16.14 -45.68
C VAL D 39 -0.86 16.13 -47.04
N TYR D 40 -1.41 15.37 -47.98
CA TYR D 40 -0.75 15.15 -49.27
C TYR D 40 -1.44 15.85 -50.44
N GLY D 41 -2.47 16.64 -50.14
CA GLY D 41 -3.24 17.32 -51.17
C GLY D 41 -2.54 18.54 -51.73
N ASP D 42 -3.11 19.12 -52.79
CA ASP D 42 -2.45 20.22 -53.49
C ASP D 42 -2.34 21.51 -52.69
N GLU D 43 -3.36 21.80 -51.88
CA GLU D 43 -3.32 22.93 -50.95
C GLU D 43 -3.61 22.40 -49.56
N PRO D 44 -2.63 21.69 -48.97
CA PRO D 44 -2.84 20.92 -47.75
C PRO D 44 -3.14 21.75 -46.52
N ALA D 45 -4.11 21.31 -45.74
CA ALA D 45 -4.47 21.97 -44.48
C ALA D 45 -3.47 21.68 -43.36
N ARG D 46 -2.63 20.67 -43.54
CA ARG D 46 -1.56 20.36 -42.59
C ARG D 46 -0.22 20.32 -43.33
N PRO D 47 0.27 21.51 -43.72
CA PRO D 47 1.41 21.64 -44.64
C PRO D 47 2.73 21.20 -44.03
N ALA D 48 2.82 21.19 -42.71
CA ALA D 48 4.08 20.85 -42.06
C ALA D 48 4.30 19.35 -41.98
N MET D 49 3.23 18.59 -42.15
CA MET D 49 3.27 17.17 -41.81
C MET D 49 4.24 16.33 -42.68
N ILE D 50 4.17 16.47 -44.00
CA ILE D 50 5.12 15.78 -44.89
C ILE D 50 6.58 16.00 -44.46
N GLY D 51 6.94 17.25 -44.20
CA GLY D 51 8.28 17.57 -43.73
C GLY D 51 8.61 16.89 -42.41
N ARG D 52 7.68 16.92 -41.46
CA ARG D 52 7.98 16.33 -40.15
C ARG D 52 8.06 14.81 -40.23
N LEU D 53 7.20 14.22 -41.05
CA LEU D 53 7.21 12.77 -41.31
C LEU D 53 8.50 12.34 -42.02
N SER D 54 8.97 13.16 -42.95
CA SER D 54 10.13 12.80 -43.77
C SER D 54 11.44 12.96 -43.03
N ASP D 55 11.46 13.89 -42.09
CA ASP D 55 12.68 14.22 -41.39
C ASP D 55 13.04 13.17 -40.34
N VAL D 56 14.29 12.77 -40.33
CA VAL D 56 14.74 11.76 -39.39
C VAL D 56 15.92 12.31 -38.60
N THR D 57 16.88 12.90 -39.31
CA THR D 57 18.14 13.31 -38.70
C THR D 57 18.22 14.80 -38.31
N GLY D 58 17.14 15.55 -38.52
CA GLY D 58 17.11 16.94 -38.14
C GLY D 58 16.36 17.19 -36.84
N GLU D 59 15.17 17.78 -36.95
CA GLU D 59 14.35 18.11 -35.78
C GLU D 59 14.05 16.89 -34.91
N ARG D 60 13.77 15.76 -35.56
CA ARG D 60 13.41 14.53 -34.86
C ARG D 60 14.53 14.10 -33.94
N LEU D 61 15.72 13.99 -34.52
CA LEU D 61 16.89 13.60 -33.74
C LEU D 61 17.22 14.62 -32.65
N ALA D 62 17.08 15.92 -32.96
CA ALA D 62 17.35 16.95 -31.96
C ALA D 62 16.35 16.90 -30.80
N GLU D 63 15.10 16.57 -31.10
CA GLU D 63 14.12 16.40 -30.04
C GLU D 63 14.36 15.14 -29.21
N MET D 64 14.80 14.07 -29.87
CA MET D 64 15.19 12.86 -29.16
C MET D 64 16.32 13.18 -28.16
N ASP D 65 17.32 13.93 -28.60
CA ASP D 65 18.45 14.27 -27.74
C ASP D 65 18.03 15.19 -26.58
N SER D 66 17.17 16.15 -26.88
CA SER D 66 16.72 17.11 -25.88
C SER D 66 15.92 16.43 -24.76
N ASN D 67 15.20 15.38 -25.13
CA ASN D 67 14.37 14.65 -24.19
C ASN D 67 14.96 13.33 -23.67
N GLY D 68 16.13 12.94 -24.18
CA GLY D 68 16.81 11.75 -23.72
C GLY D 68 16.19 10.46 -24.22
N VAL D 69 15.63 10.49 -25.42
CA VAL D 69 15.04 9.31 -26.04
C VAL D 69 16.17 8.58 -26.79
N ASP D 70 16.39 7.31 -26.47
CA ASP D 70 17.48 6.59 -27.11
C ASP D 70 17.16 6.29 -28.57
N MET D 71 15.97 5.77 -28.82
CA MET D 71 15.63 5.31 -30.17
C MET D 71 14.19 5.56 -30.58
N HIS D 72 13.99 5.68 -31.89
CA HIS D 72 12.69 5.52 -32.52
C HIS D 72 12.68 4.25 -33.34
N LEU D 73 11.64 3.45 -33.15
CA LEU D 73 11.32 2.36 -34.05
C LEU D 73 10.41 2.96 -35.12
N LEU D 74 10.92 3.02 -36.35
CA LEU D 74 10.25 3.76 -37.41
C LEU D 74 9.29 2.89 -38.20
N SER D 75 8.19 3.49 -38.66
CA SER D 75 7.21 2.79 -39.46
C SER D 75 6.68 3.71 -40.54
N LEU D 76 6.50 3.20 -41.76
CA LEU D 76 5.89 4.02 -42.80
C LEU D 76 4.51 4.46 -42.32
N THR D 77 4.27 5.76 -42.31
CA THR D 77 3.05 6.32 -41.73
C THR D 77 1.78 5.81 -42.43
N ALA D 78 0.67 5.75 -41.69
CA ALA D 78 -0.62 5.38 -42.29
C ALA D 78 -1.00 6.40 -43.35
N PRO D 79 -1.65 5.95 -44.44
CA PRO D 79 -2.17 4.60 -44.69
C PRO D 79 -1.17 3.67 -45.39
N GLY D 80 0.12 3.92 -45.21
CA GLY D 80 1.14 3.09 -45.84
C GLY D 80 1.00 3.03 -47.35
N VAL D 81 1.03 1.81 -47.90
CA VAL D 81 0.86 1.63 -49.34
C VAL D 81 -0.47 0.94 -49.65
N GLN D 82 -1.36 0.90 -48.67
CA GLN D 82 -2.57 0.10 -48.79
C GLN D 82 -3.69 0.69 -49.62
N MET D 83 -3.59 1.98 -49.95
CA MET D 83 -4.65 2.62 -50.71
C MET D 83 -4.50 2.48 -52.21
N PHE D 84 -3.33 2.03 -52.66
CA PHE D 84 -3.05 1.94 -54.09
C PHE D 84 -3.53 0.61 -54.68
N ASP D 85 -3.52 0.50 -56.00
CA ASP D 85 -3.77 -0.79 -56.60
C ASP D 85 -2.62 -1.76 -56.31
N ALA D 86 -2.85 -3.05 -56.52
CA ALA D 86 -1.89 -4.08 -56.13
C ALA D 86 -0.50 -3.86 -56.72
N GLU D 87 -0.42 -3.57 -58.01
CA GLU D 87 0.87 -3.36 -58.65
C GLU D 87 1.63 -2.20 -58.03
N THR D 88 0.93 -1.13 -57.71
CA THR D 88 1.57 0.09 -57.19
C THR D 88 1.97 -0.09 -55.72
N GLY D 89 1.08 -0.68 -54.92
CA GLY D 89 1.39 -0.97 -53.53
C GLY D 89 2.59 -1.91 -53.41
N THR D 90 2.62 -2.93 -54.26
CA THR D 90 3.72 -3.90 -54.23
C THR D 90 5.05 -3.22 -54.58
N ARG D 91 5.02 -2.39 -55.61
CA ARG D 91 6.22 -1.67 -56.05
C ARG D 91 6.69 -0.72 -54.96
N LEU D 92 5.76 0.04 -54.40
CA LEU D 92 6.13 1.05 -53.42
C LEU D 92 6.53 0.42 -52.08
N ALA D 93 5.94 -0.72 -51.72
CA ALA D 93 6.39 -1.39 -50.50
C ALA D 93 7.88 -1.71 -50.58
N ARG D 94 8.30 -2.27 -51.71
CA ARG D 94 9.71 -2.57 -51.96
C ARG D 94 10.58 -1.34 -51.80
N ILE D 95 10.19 -0.25 -52.45
CA ILE D 95 10.95 0.99 -52.40
C ILE D 95 11.05 1.49 -50.96
N ALA D 96 9.91 1.54 -50.29
CA ALA D 96 9.84 2.08 -48.94
C ALA D 96 10.64 1.23 -47.95
N ASN D 97 10.58 -0.09 -48.12
CA ASN D 97 11.36 -0.98 -47.26
C ASN D 97 12.87 -0.83 -47.46
N ASP D 98 13.30 -0.70 -48.72
CA ASP D 98 14.71 -0.46 -48.99
C ASP D 98 15.17 0.85 -48.37
N LEU D 99 14.35 1.89 -48.46
CA LEU D 99 14.69 3.18 -47.91
C LEU D 99 14.65 3.14 -46.38
N MET D 100 13.75 2.33 -45.82
CA MET D 100 13.73 2.14 -44.37
C MET D 100 15.07 1.54 -43.87
N ALA D 101 15.51 0.48 -44.55
CA ALA D 101 16.78 -0.18 -44.24
C ALA D 101 17.95 0.81 -44.28
N GLN D 102 17.97 1.61 -45.34
CA GLN D 102 18.94 2.67 -45.57
C GLN D 102 18.93 3.73 -44.47
N THR D 103 17.72 4.12 -44.08
CA THR D 103 17.54 5.10 -43.01
C THR D 103 18.10 4.55 -41.70
N VAL D 104 17.74 3.31 -41.37
CA VAL D 104 18.24 2.68 -40.16
C VAL D 104 19.77 2.56 -40.15
N ALA D 105 20.33 2.15 -41.28
CA ALA D 105 21.78 1.98 -41.40
C ALA D 105 22.61 3.26 -41.19
N ALA D 106 22.05 4.40 -41.55
CA ALA D 106 22.74 5.67 -41.30
C ALA D 106 22.93 5.97 -39.81
N ASN D 107 22.02 5.50 -38.97
CA ASN D 107 22.11 5.72 -37.51
C ASN D 107 21.50 4.59 -36.70
N PRO D 108 22.11 3.40 -36.75
CA PRO D 108 21.41 2.23 -36.21
C PRO D 108 21.40 2.18 -34.69
N THR D 109 22.13 3.06 -34.00
CA THR D 109 22.04 3.11 -32.55
C THR D 109 20.87 3.99 -32.12
N ARG D 110 20.32 4.75 -33.07
CA ARG D 110 19.20 5.66 -32.75
C ARG D 110 17.89 5.26 -33.43
N PHE D 111 17.97 4.46 -34.49
CA PHE D 111 16.75 4.09 -35.23
C PHE D 111 16.72 2.62 -35.57
N ALA D 112 15.56 2.02 -35.36
CA ALA D 112 15.27 0.68 -35.84
C ALA D 112 14.09 0.83 -36.79
N GLY D 113 13.73 -0.21 -37.53
CA GLY D 113 12.71 -0.05 -38.56
C GLY D 113 11.76 -1.22 -38.71
N LEU D 114 10.49 -0.91 -38.99
CA LEU D 114 9.49 -1.91 -39.36
C LEU D 114 9.29 -1.84 -40.87
N GLY D 115 9.31 -2.98 -41.54
CA GLY D 115 8.94 -3.01 -42.94
C GLY D 115 7.44 -3.08 -43.15
N THR D 116 6.97 -2.73 -44.34
CA THR D 116 5.56 -2.83 -44.62
C THR D 116 5.34 -3.70 -45.85
N PHE D 117 4.08 -3.89 -46.25
CA PHE D 117 3.77 -4.72 -47.40
C PHE D 117 2.41 -4.35 -47.97
N ALA D 118 2.08 -4.89 -49.14
CA ALA D 118 0.82 -4.56 -49.80
C ALA D 118 -0.09 -5.78 -49.83
N PRO D 119 -0.92 -5.95 -48.81
CA PRO D 119 -1.77 -7.13 -48.68
C PRO D 119 -2.84 -7.21 -49.76
N GLN D 120 -2.98 -6.18 -50.60
CA GLN D 120 -3.84 -6.25 -51.79
C GLN D 120 -3.49 -7.47 -52.66
N ASP D 121 -2.22 -7.85 -52.63
CA ASP D 121 -1.69 -9.03 -53.33
C ASP D 121 -1.03 -9.91 -52.28
N PRO D 122 -1.78 -10.86 -51.71
CA PRO D 122 -1.27 -11.65 -50.58
C PRO D 122 -0.01 -12.45 -50.92
N ALA D 123 0.08 -12.99 -52.13
CA ALA D 123 1.26 -13.76 -52.53
C ALA D 123 2.49 -12.87 -52.63
N SER D 124 2.35 -11.73 -53.28
CA SER D 124 3.49 -10.83 -53.43
C SER D 124 3.88 -10.24 -52.07
N ALA D 125 2.89 -9.96 -51.23
CA ALA D 125 3.15 -9.46 -49.89
C ALA D 125 3.94 -10.48 -49.05
N ALA D 126 3.60 -11.75 -49.21
CA ALA D 126 4.29 -12.82 -48.49
C ALA D 126 5.76 -12.88 -48.89
N ARG D 127 6.01 -12.68 -50.19
CA ARG D 127 7.38 -12.63 -50.69
C ARG D 127 8.16 -11.45 -50.11
N GLU D 128 7.53 -10.29 -50.05
CA GLU D 128 8.17 -9.10 -49.48
C GLU D 128 8.40 -9.20 -47.96
N ILE D 129 7.46 -9.82 -47.25
CA ILE D 129 7.67 -10.10 -45.83
C ILE D 129 8.92 -10.94 -45.62
N GLU D 130 9.04 -11.97 -46.45
CA GLU D 130 10.22 -12.83 -46.46
C GLU D 130 11.49 -12.00 -46.68
N ARG D 131 11.44 -11.10 -47.66
CA ARG D 131 12.61 -10.28 -48.01
C ARG D 131 12.96 -9.30 -46.89
N VAL D 132 11.94 -8.78 -46.22
CA VAL D 132 12.15 -7.86 -45.11
C VAL D 132 12.88 -8.55 -43.97
N ALA D 133 12.52 -9.80 -43.70
CA ALA D 133 13.08 -10.55 -42.58
C ALA D 133 14.49 -11.05 -42.84
N THR D 134 14.70 -11.64 -44.01
CA THR D 134 15.91 -12.39 -44.34
C THR D 134 16.96 -11.54 -45.09
N GLN D 135 16.52 -10.78 -46.08
CA GLN D 135 17.46 -9.99 -46.88
C GLN D 135 17.76 -8.64 -46.25
N LEU D 136 16.75 -7.94 -45.73
CA LEU D 136 16.96 -6.60 -45.18
C LEU D 136 17.26 -6.61 -43.68
N ARG D 137 16.82 -7.66 -43.01
CA ARG D 137 17.05 -7.83 -41.58
C ARG D 137 16.46 -6.68 -40.78
N LEU D 138 15.27 -6.24 -41.17
CA LEU D 138 14.55 -5.22 -40.41
C LEU D 138 14.02 -5.80 -39.08
N ASN D 139 13.50 -4.93 -38.22
CA ASN D 139 13.16 -5.31 -36.86
C ASN D 139 11.74 -5.88 -36.68
N GLY D 140 10.88 -5.69 -37.67
CA GLY D 140 9.52 -6.17 -37.56
C GLY D 140 8.72 -5.66 -38.73
N LEU D 141 7.40 -5.71 -38.60
CA LEU D 141 6.50 -5.31 -39.70
C LEU D 141 5.44 -4.37 -39.16
N VAL D 142 4.83 -3.62 -40.07
CA VAL D 142 3.74 -2.71 -39.75
C VAL D 142 2.73 -2.75 -40.91
N ILE D 143 1.45 -2.70 -40.55
CA ILE D 143 0.35 -2.59 -41.49
C ILE D 143 -0.72 -1.74 -40.81
N ASN D 144 -1.55 -1.05 -41.58
CA ASN D 144 -2.53 -0.13 -41.03
C ASN D 144 -3.95 -0.64 -41.16
N SER D 145 -4.43 -1.26 -40.08
CA SER D 145 -5.71 -1.96 -40.03
C SER D 145 -6.15 -2.54 -41.39
N HIS D 146 -7.36 -2.22 -41.84
CA HIS D 146 -7.92 -2.90 -43.01
C HIS D 146 -7.15 -2.70 -44.34
N THR D 147 -7.34 -3.66 -45.24
CA THR D 147 -6.93 -3.49 -46.65
C THR D 147 -8.11 -3.85 -47.55
N ASN D 148 -8.42 -2.97 -48.49
CA ASN D 148 -9.58 -3.13 -49.38
C ASN D 148 -10.90 -3.34 -48.61
N ASP D 149 -10.98 -2.74 -47.43
CA ASP D 149 -12.16 -2.84 -46.58
C ASP D 149 -12.46 -4.27 -46.11
N LEU D 150 -11.42 -5.10 -46.09
CA LEU D 150 -11.49 -6.42 -45.48
C LEU D 150 -10.66 -6.43 -44.20
N TYR D 151 -11.06 -7.25 -43.24
CA TYR D 151 -10.27 -7.41 -42.01
C TYR D 151 -9.46 -8.71 -42.04
N TYR D 152 -8.53 -8.87 -41.09
CA TYR D 152 -7.52 -9.94 -41.20
C TYR D 152 -7.96 -11.31 -40.69
N ASP D 153 -9.23 -11.43 -40.31
CA ASP D 153 -9.85 -12.75 -40.19
C ASP D 153 -10.07 -13.41 -41.56
N ASP D 154 -10.13 -12.62 -42.63
CA ASP D 154 -10.49 -13.17 -43.95
C ASP D 154 -9.41 -14.11 -44.49
N PRO D 155 -9.80 -15.32 -44.92
CA PRO D 155 -8.87 -16.33 -45.46
C PRO D 155 -8.05 -15.79 -46.64
N PHE D 156 -8.52 -14.71 -47.24
CA PHE D 156 -7.81 -14.07 -48.33
C PHE D 156 -6.39 -13.70 -47.92
N PHE D 157 -6.23 -13.34 -46.66
CA PHE D 157 -4.93 -12.89 -46.18
C PHE D 157 -4.09 -14.00 -45.54
N HIS D 158 -4.54 -15.25 -45.61
CA HIS D 158 -3.78 -16.36 -45.03
C HIS D 158 -2.31 -16.47 -45.51
N PRO D 159 -2.05 -16.28 -46.82
CA PRO D 159 -0.63 -16.30 -47.24
C PRO D 159 0.24 -15.23 -46.57
N VAL D 160 -0.37 -14.11 -46.18
CA VAL D 160 0.35 -13.07 -45.46
C VAL D 160 0.72 -13.54 -44.05
N PHE D 161 -0.27 -14.03 -43.30
CA PHE D 161 -0.02 -14.44 -41.93
C PHE D 161 0.82 -15.69 -41.83
N GLU D 162 0.72 -16.54 -42.84
CA GLU D 162 1.64 -17.67 -42.94
C GLU D 162 3.09 -17.18 -43.01
N ALA D 163 3.34 -16.17 -43.84
CA ALA D 163 4.71 -15.67 -44.01
C ALA D 163 5.17 -14.89 -42.79
N ILE D 164 4.28 -14.12 -42.19
CA ILE D 164 4.63 -13.39 -40.97
C ILE D 164 5.03 -14.37 -39.88
N GLU D 165 4.19 -15.38 -39.65
CA GLU D 165 4.48 -16.35 -38.59
C GLU D 165 5.81 -17.01 -38.81
N ALA D 166 6.09 -17.43 -40.05
CA ALA D 166 7.35 -18.09 -40.38
C ALA D 166 8.55 -17.16 -40.16
N SER D 167 8.35 -15.87 -40.43
CA SER D 167 9.44 -14.91 -40.38
C SER D 167 9.91 -14.66 -38.95
N GLY D 168 9.02 -14.88 -37.99
CA GLY D 168 9.29 -14.57 -36.61
C GLY D 168 9.20 -13.08 -36.30
N LEU D 169 8.83 -12.28 -37.29
CA LEU D 169 8.69 -10.83 -37.10
C LEU D 169 7.34 -10.49 -36.47
N ALA D 170 7.34 -9.57 -35.51
CA ALA D 170 6.11 -9.07 -34.92
C ALA D 170 5.46 -8.09 -35.87
N LEU D 171 4.13 -8.12 -35.93
CA LEU D 171 3.36 -7.23 -36.78
C LEU D 171 2.62 -6.19 -35.97
N TYR D 172 3.04 -4.94 -36.11
CA TYR D 172 2.34 -3.80 -35.52
C TYR D 172 1.14 -3.48 -36.40
N ILE D 173 -0.07 -3.63 -35.86
CA ILE D 173 -1.26 -3.23 -36.59
C ILE D 173 -1.65 -1.82 -36.13
N HIS D 174 -1.19 -0.84 -36.91
CA HIS D 174 -1.40 0.57 -36.67
C HIS D 174 -2.80 0.96 -37.17
N PRO D 175 -3.42 2.00 -36.59
CA PRO D 175 -4.74 2.37 -37.13
C PRO D 175 -4.73 2.97 -38.54
N ARG D 176 -5.88 2.92 -39.19
CA ARG D 176 -6.21 3.86 -40.27
C ARG D 176 -7.67 4.22 -40.07
N ALA D 177 -8.24 5.02 -40.96
CA ALA D 177 -9.64 5.42 -40.84
C ALA D 177 -10.56 4.21 -41.01
N PRO D 178 -11.70 4.22 -40.30
CA PRO D 178 -12.71 3.16 -40.42
C PRO D 178 -12.95 2.75 -41.86
N SER D 179 -12.95 1.45 -42.11
CA SER D 179 -13.23 0.93 -43.45
C SER D 179 -14.65 1.29 -43.89
N LYS D 180 -14.97 1.00 -45.14
CA LYS D 180 -16.30 1.32 -45.65
C LYS D 180 -17.39 0.53 -44.95
N GLN D 181 -17.04 -0.55 -44.25
CA GLN D 181 -18.03 -1.34 -43.54
C GLN D 181 -18.65 -0.54 -42.40
N ILE D 182 -17.91 0.43 -41.87
CA ILE D 182 -18.34 1.14 -40.67
C ILE D 182 -18.19 2.66 -40.78
N ASP D 183 -17.64 3.16 -41.89
CA ASP D 183 -17.27 4.58 -41.95
C ASP D 183 -18.43 5.58 -41.85
N ARG D 184 -19.66 5.14 -42.13
CA ARG D 184 -20.82 6.03 -42.14
C ARG D 184 -21.01 6.79 -40.82
N ALA D 185 -20.62 6.16 -39.70
CA ALA D 185 -20.83 6.73 -38.37
C ALA D 185 -19.69 7.65 -37.93
N PHE D 186 -18.68 7.80 -38.79
CA PHE D 186 -17.44 8.47 -38.41
C PHE D 186 -17.15 9.67 -39.29
N ARG D 187 -18.19 10.21 -39.91
CA ARG D 187 -18.03 11.34 -40.81
C ARG D 187 -18.21 12.69 -40.10
N ASP D 188 -18.59 12.66 -38.83
CA ASP D 188 -18.89 13.90 -38.11
C ASP D 188 -17.96 14.18 -36.92
N TYR D 189 -17.82 15.46 -36.58
CA TYR D 189 -17.06 15.88 -35.39
C TYR D 189 -15.60 15.39 -35.37
N GLY D 190 -15.01 15.24 -36.55
CA GLY D 190 -13.64 14.76 -36.66
C GLY D 190 -13.42 13.32 -36.20
N MET D 191 -14.49 12.54 -36.14
CA MET D 191 -14.39 11.18 -35.59
C MET D 191 -13.74 10.18 -36.55
N ASN D 192 -13.40 10.64 -37.74
CA ASN D 192 -12.72 9.79 -38.71
C ASN D 192 -11.35 9.35 -38.24
N SER D 193 -10.71 10.17 -37.42
CA SER D 193 -9.32 9.91 -37.05
C SER D 193 -9.10 9.48 -35.60
N ALA D 194 -8.06 10.02 -34.98
CA ALA D 194 -7.54 9.52 -33.70
C ALA D 194 -8.53 9.64 -32.54
N ILE D 195 -9.43 10.61 -32.62
CA ILE D 195 -10.32 10.87 -31.50
C ILE D 195 -11.31 9.71 -31.27
N TRP D 196 -11.64 8.96 -32.31
CA TRP D 196 -12.56 7.83 -32.11
C TRP D 196 -12.44 6.70 -33.15
N GLY D 197 -12.55 7.05 -34.43
CA GLY D 197 -12.56 6.07 -35.49
C GLY D 197 -11.35 5.14 -35.57
N TYR D 198 -10.16 5.67 -35.32
CA TYR D 198 -8.95 4.84 -35.38
C TYR D 198 -9.05 3.67 -34.41
N GLY D 199 -9.52 3.95 -33.21
CA GLY D 199 -9.60 2.93 -32.18
C GLY D 199 -10.64 1.86 -32.46
N ILE D 200 -11.81 2.27 -32.94
CA ILE D 200 -12.88 1.32 -33.27
C ILE D 200 -12.50 0.43 -34.46
N GLU D 201 -11.99 1.06 -35.52
CA GLU D 201 -11.50 0.34 -36.71
C GLU D 201 -10.48 -0.74 -36.36
N THR D 202 -9.46 -0.35 -35.61
CA THR D 202 -8.33 -1.23 -35.34
C THR D 202 -8.70 -2.33 -34.32
N SER D 203 -9.40 -1.96 -33.25
CA SER D 203 -9.85 -2.93 -32.26
C SER D 203 -10.77 -3.98 -32.89
N THR D 204 -11.67 -3.51 -33.77
CA THR D 204 -12.61 -4.43 -34.41
C THR D 204 -11.90 -5.43 -35.32
N ASN D 205 -10.93 -4.93 -36.08
CA ASN D 205 -10.03 -5.78 -36.85
C ASN D 205 -9.43 -6.88 -35.95
N ALA D 206 -8.75 -6.49 -34.88
CA ALA D 206 -8.10 -7.44 -33.98
C ALA D 206 -9.07 -8.42 -33.34
N VAL D 207 -10.21 -7.92 -32.88
CA VAL D 207 -11.23 -8.80 -32.32
C VAL D 207 -11.71 -9.86 -33.33
N ARG D 208 -11.95 -9.47 -34.57
CA ARG D 208 -12.30 -10.43 -35.63
C ARG D 208 -11.19 -11.48 -35.80
N MET D 209 -9.95 -11.02 -35.77
CA MET D 209 -8.80 -11.94 -35.91
C MET D 209 -8.87 -12.99 -34.82
N ILE D 210 -9.05 -12.55 -33.57
CA ILE D 210 -9.11 -13.51 -32.47
C ILE D 210 -10.31 -14.46 -32.59
N LEU D 211 -11.50 -13.90 -32.81
CA LEU D 211 -12.71 -14.72 -32.78
C LEU D 211 -12.82 -15.70 -33.96
N SER D 212 -12.13 -15.40 -35.04
CA SER D 212 -12.17 -16.26 -36.22
C SER D 212 -11.28 -17.49 -36.08
N GLY D 213 -10.47 -17.52 -35.02
CA GLY D 213 -9.56 -18.62 -34.80
C GLY D 213 -8.23 -18.48 -35.54
N LEU D 214 -7.94 -17.27 -36.01
CA LEU D 214 -6.71 -17.02 -36.73
C LEU D 214 -5.49 -17.49 -35.91
N PHE D 215 -5.54 -17.28 -34.61
CA PHE D 215 -4.37 -17.60 -33.78
C PHE D 215 -4.30 -19.08 -33.38
N ASP D 216 -5.30 -19.86 -33.77
CA ASP D 216 -5.18 -21.31 -33.72
C ASP D 216 -4.46 -21.80 -34.98
N ARG D 217 -4.71 -21.13 -36.10
CA ARG D 217 -4.08 -21.46 -37.36
C ARG D 217 -2.61 -21.05 -37.37
N PHE D 218 -2.33 -19.87 -36.80
CA PHE D 218 -0.99 -19.30 -36.76
C PHE D 218 -0.64 -18.93 -35.33
N PRO D 219 -0.39 -19.94 -34.46
CA PRO D 219 -0.23 -19.68 -33.02
C PRO D 219 1.03 -18.94 -32.64
N ARG D 220 2.05 -18.90 -33.50
CA ARG D 220 3.27 -18.16 -33.16
C ARG D 220 3.27 -16.71 -33.67
N LEU D 221 2.14 -16.22 -34.17
CA LEU D 221 2.06 -14.80 -34.54
C LEU D 221 2.23 -13.90 -33.32
N LYS D 222 2.97 -12.80 -33.50
CA LYS D 222 2.98 -11.71 -32.52
C LYS D 222 2.44 -10.42 -33.14
N ILE D 223 1.37 -9.90 -32.53
CA ILE D 223 0.74 -8.67 -33.01
C ILE D 223 0.90 -7.58 -31.96
N VAL D 224 1.22 -6.38 -32.41
CA VAL D 224 1.31 -5.24 -31.50
C VAL D 224 0.24 -4.21 -31.85
N LEU D 225 -0.46 -3.72 -30.82
CA LEU D 225 -1.49 -2.70 -30.98
C LEU D 225 -1.16 -1.46 -30.15
N GLY D 226 -1.25 -0.29 -30.77
CA GLY D 226 -0.93 0.95 -30.09
C GLY D 226 -2.13 1.43 -29.29
N HIS D 227 -2.02 2.64 -28.74
CA HIS D 227 -3.16 3.31 -28.12
C HIS D 227 -3.75 2.48 -26.98
N MET D 228 -2.83 1.97 -26.17
CA MET D 228 -3.13 1.15 -25.02
C MET D 228 -3.96 -0.05 -25.44
N GLY D 229 -3.50 -0.70 -26.50
CA GLY D 229 -4.17 -1.89 -27.03
C GLY D 229 -5.51 -1.63 -27.70
N GLU D 230 -5.72 -0.40 -28.16
CA GLU D 230 -7.02 0.03 -28.70
C GLU D 230 -8.21 -0.38 -27.80
N ALA D 231 -7.99 -0.29 -26.49
CA ALA D 231 -8.95 -0.60 -25.42
C ALA D 231 -9.38 -2.06 -25.25
N ILE D 232 -8.86 -2.95 -26.09
CA ILE D 232 -9.14 -4.38 -25.91
C ILE D 232 -8.78 -4.87 -24.50
N PRO D 233 -7.65 -4.38 -23.92
CA PRO D 233 -7.40 -4.84 -22.54
C PRO D 233 -8.55 -4.53 -21.59
N PHE D 234 -9.35 -3.51 -21.88
CA PHE D 234 -10.45 -3.15 -20.98
C PHE D 234 -11.61 -4.14 -21.11
N TRP D 235 -11.72 -4.77 -22.28
CA TRP D 235 -12.89 -5.60 -22.60
C TRP D 235 -12.70 -7.10 -22.34
N LEU D 236 -11.55 -7.47 -21.80
CA LEU D 236 -11.16 -8.88 -21.71
C LEU D 236 -12.19 -9.79 -21.00
N TRP D 237 -12.75 -9.31 -19.88
CA TRP D 237 -13.64 -10.17 -19.12
C TRP D 237 -14.91 -10.47 -19.92
N ARG D 238 -15.48 -9.43 -20.52
CA ARG D 238 -16.70 -9.54 -21.31
C ARG D 238 -16.46 -10.34 -22.60
N LEU D 239 -15.31 -10.13 -23.25
CA LEU D 239 -14.96 -10.96 -24.41
C LEU D 239 -14.99 -12.44 -24.03
N ASP D 240 -14.37 -12.77 -22.90
CA ASP D 240 -14.36 -14.15 -22.41
C ASP D 240 -15.74 -14.65 -22.03
N TYR D 241 -16.45 -13.89 -21.22
CA TYR D 241 -17.73 -14.37 -20.73
C TYR D 241 -18.71 -14.65 -21.87
N MET D 242 -18.79 -13.72 -22.80
CA MET D 242 -19.76 -13.82 -23.88
C MET D 242 -19.36 -14.81 -24.96
N HIS D 243 -18.13 -15.31 -24.90
CA HIS D 243 -17.69 -16.27 -25.90
C HIS D 243 -18.44 -17.61 -25.84
N GLY D 244 -19.06 -17.91 -24.69
CA GLY D 244 -19.94 -19.06 -24.61
C GLY D 244 -21.14 -18.96 -25.54
N ASN D 245 -21.85 -17.84 -25.45
CA ASN D 245 -23.01 -17.59 -26.31
C ASN D 245 -22.66 -17.47 -27.78
N ALA D 246 -21.49 -16.91 -28.10
CA ALA D 246 -21.09 -16.69 -29.48
C ALA D 246 -20.89 -17.99 -30.27
N THR D 247 -20.32 -19.00 -29.62
CA THR D 247 -20.11 -20.28 -30.27
C THR D 247 -21.37 -21.15 -30.18
N THR D 248 -22.10 -21.00 -29.08
CA THR D 248 -23.33 -21.77 -28.86
C THR D 248 -24.49 -21.30 -29.75
N PHE D 249 -24.72 -19.99 -29.80
CA PHE D 249 -25.85 -19.43 -30.55
C PHE D 249 -25.44 -18.62 -31.78
N GLY D 250 -24.26 -18.01 -31.73
CA GLY D 250 -23.85 -17.07 -32.77
C GLY D 250 -22.98 -17.67 -33.85
N GLY D 251 -22.90 -18.99 -33.88
CA GLY D 251 -22.14 -19.69 -34.90
C GLY D 251 -20.66 -19.35 -35.00
N ALA D 252 -20.08 -18.86 -33.91
CA ALA D 252 -18.65 -18.59 -33.88
C ALA D 252 -17.91 -19.91 -33.79
N PRO D 253 -16.72 -20.00 -34.41
CA PRO D 253 -15.93 -21.23 -34.37
C PRO D 253 -15.40 -21.51 -32.96
N LYS D 254 -15.33 -22.78 -32.58
CA LYS D 254 -14.75 -23.16 -31.28
C LYS D 254 -13.24 -22.94 -31.31
N LEU D 255 -12.73 -22.29 -30.27
CA LEU D 255 -11.33 -21.93 -30.17
C LEU D 255 -10.64 -22.77 -29.09
N LYS D 256 -9.36 -23.07 -29.29
CA LYS D 256 -8.61 -23.81 -28.28
C LYS D 256 -8.48 -23.04 -26.95
N LEU D 257 -8.32 -21.72 -27.03
CA LEU D 257 -8.16 -20.88 -25.84
C LEU D 257 -9.32 -19.88 -25.70
N LYS D 258 -9.35 -19.19 -24.56
CA LYS D 258 -10.31 -18.10 -24.37
C LYS D 258 -9.84 -16.87 -25.14
N PRO D 259 -10.76 -15.98 -25.53
CA PRO D 259 -10.36 -14.75 -26.21
C PRO D 259 -9.24 -13.96 -25.50
N SER D 260 -9.34 -13.79 -24.18
CA SER D 260 -8.30 -13.03 -23.47
C SER D 260 -6.97 -13.77 -23.42
N GLU D 261 -7.01 -15.09 -23.54
CA GLU D 261 -5.80 -15.88 -23.60
C GLU D 261 -5.06 -15.67 -24.90
N TYR D 262 -5.79 -15.52 -26.00
CA TYR D 262 -5.15 -15.17 -27.26
C TYR D 262 -4.54 -13.80 -27.15
N PHE D 263 -5.23 -12.90 -26.45
CA PHE D 263 -4.74 -11.54 -26.36
C PHE D 263 -3.41 -11.49 -25.58
N ARG D 264 -3.33 -12.19 -24.47
CA ARG D 264 -2.08 -12.19 -23.69
C ARG D 264 -0.98 -12.99 -24.36
N ARG D 265 -1.34 -14.09 -25.01
CA ARG D 265 -0.33 -14.93 -25.65
C ARG D 265 0.21 -14.35 -26.96
N ASN D 266 -0.68 -13.82 -27.79
CA ASN D 266 -0.32 -13.40 -29.13
C ASN D 266 -0.15 -11.90 -29.34
N PHE D 267 -0.59 -11.08 -28.39
CA PHE D 267 -0.52 -9.63 -28.55
C PHE D 267 0.40 -8.97 -27.52
N ALA D 268 0.93 -7.81 -27.88
CA ALA D 268 1.50 -6.87 -26.92
C ALA D 268 0.91 -5.50 -27.27
N ILE D 269 1.00 -4.54 -26.35
CA ILE D 269 0.42 -3.23 -26.62
C ILE D 269 1.43 -2.11 -26.41
N THR D 270 1.13 -0.93 -26.94
CA THR D 270 1.96 0.22 -26.61
C THR D 270 1.13 1.37 -26.04
N THR D 271 1.81 2.35 -25.46
CA THR D 271 1.14 3.48 -24.82
C THR D 271 0.94 4.71 -25.74
N SER D 272 1.24 4.59 -27.03
CA SER D 272 1.09 5.74 -27.95
C SER D 272 -0.27 6.43 -27.78
N GLY D 273 -0.25 7.74 -27.55
CA GLY D 273 -1.48 8.52 -27.50
C GLY D 273 -2.37 8.29 -26.28
N VAL D 274 -1.86 7.54 -25.29
CA VAL D 274 -2.61 7.29 -24.07
C VAL D 274 -1.70 7.49 -22.85
N GLU D 275 -1.46 8.76 -22.51
CA GLU D 275 -0.47 9.08 -21.49
C GLU D 275 -1.19 9.18 -20.15
N SER D 276 -1.78 8.05 -19.77
CA SER D 276 -2.55 7.92 -18.53
C SER D 276 -1.89 6.90 -17.62
N HIS D 277 -1.39 7.34 -16.47
CA HIS D 277 -0.83 6.41 -15.49
C HIS D 277 -1.85 5.36 -15.05
N ALA D 278 -3.13 5.76 -14.94
CA ALA D 278 -4.17 4.83 -14.52
C ALA D 278 -4.41 3.75 -15.56
N ALA D 279 -4.46 4.14 -16.82
CA ALA D 279 -4.64 3.17 -17.88
C ALA D 279 -3.41 2.27 -18.02
N LEU D 280 -2.24 2.85 -17.77
CA LEU D 280 -1.00 2.08 -17.83
C LEU D 280 -0.99 1.01 -16.73
N ARG D 281 -1.33 1.41 -15.51
CA ARG D 281 -1.35 0.45 -14.41
C ARG D 281 -2.38 -0.65 -14.64
N TYR D 282 -3.56 -0.28 -15.13
CA TYR D 282 -4.58 -1.27 -15.47
C TYR D 282 -4.01 -2.30 -16.46
N SER D 283 -3.42 -1.80 -17.53
CA SER D 283 -2.91 -2.70 -18.58
C SER D 283 -1.80 -3.61 -18.07
N ILE D 284 -0.90 -3.06 -17.27
CA ILE D 284 0.14 -3.90 -16.68
C ILE D 284 -0.46 -4.99 -15.82
N GLU D 285 -1.48 -4.64 -15.04
CA GLU D 285 -2.14 -5.60 -14.17
C GLU D 285 -2.80 -6.75 -14.95
N VAL D 286 -3.48 -6.43 -16.05
CA VAL D 286 -4.29 -7.45 -16.73
C VAL D 286 -3.52 -8.16 -17.85
N LEU D 287 -2.48 -7.51 -18.38
CA LEU D 287 -1.70 -8.14 -19.45
C LEU D 287 -0.37 -8.74 -18.98
N GLY D 288 0.14 -8.26 -17.86
CA GLY D 288 1.50 -8.58 -17.43
C GLY D 288 2.44 -7.49 -17.93
N PRO D 289 3.49 -7.17 -17.16
CA PRO D 289 4.37 -6.06 -17.54
C PRO D 289 5.23 -6.34 -18.78
N GLU D 290 5.32 -7.60 -19.21
CA GLU D 290 6.10 -7.93 -20.39
C GLU D 290 5.37 -7.57 -21.68
N ASN D 291 4.07 -7.28 -21.56
CA ASN D 291 3.22 -7.04 -22.74
C ASN D 291 2.90 -5.59 -23.02
N VAL D 292 3.57 -4.68 -22.31
CA VAL D 292 3.31 -3.25 -22.48
C VAL D 292 4.60 -2.48 -22.84
N MET D 293 4.55 -1.73 -23.93
CA MET D 293 5.70 -0.97 -24.41
C MET D 293 5.35 0.50 -24.52
N TRP D 294 6.35 1.36 -24.34
CA TRP D 294 6.16 2.80 -24.46
C TRP D 294 6.29 3.24 -25.92
N ALA D 295 5.56 4.28 -26.29
CA ALA D 295 5.65 4.90 -27.61
C ALA D 295 5.30 6.38 -27.52
N ILE D 296 5.72 7.15 -28.52
CA ILE D 296 5.37 8.57 -28.59
C ILE D 296 4.21 8.85 -29.54
N ASP D 297 4.23 8.20 -30.71
CA ASP D 297 3.36 8.53 -31.83
C ASP D 297 3.78 9.86 -32.47
N TYR D 298 5.10 10.09 -32.53
CA TYR D 298 5.66 11.24 -33.21
C TYR D 298 5.48 11.01 -34.72
N PRO D 299 5.22 12.08 -35.49
CA PRO D 299 5.12 13.48 -35.11
C PRO D 299 3.68 13.93 -34.81
N TYR D 300 2.77 12.97 -34.66
CA TYR D 300 1.38 13.30 -34.37
C TYR D 300 1.19 13.72 -32.91
N GLN D 301 2.10 13.26 -32.04
CA GLN D 301 2.21 13.72 -30.66
C GLN D 301 3.63 14.27 -30.45
N PRO D 302 3.77 15.25 -29.56
CA PRO D 302 5.08 15.83 -29.20
C PRO D 302 5.83 14.88 -28.25
N MET D 303 7.14 14.99 -28.24
N MET D 303 7.15 14.96 -28.25
CA MET D 303 7.96 14.01 -27.53
CA MET D 303 7.96 13.99 -27.52
C MET D 303 8.07 14.22 -26.02
C MET D 303 8.00 14.24 -26.00
N ALA D 304 8.20 15.49 -25.60
CA ALA D 304 8.38 15.78 -24.16
C ALA D 304 7.28 15.23 -23.22
N PRO D 305 5.99 15.48 -23.52
CA PRO D 305 4.96 14.93 -22.62
C PRO D 305 4.98 13.41 -22.58
N ALA D 306 5.18 12.77 -23.74
CA ALA D 306 5.21 11.31 -23.79
C ALA D 306 6.36 10.76 -22.94
N VAL D 307 7.52 11.39 -23.03
CA VAL D 307 8.70 11.00 -22.26
C VAL D 307 8.44 11.19 -20.76
N GLN D 308 7.90 12.35 -20.41
CA GLN D 308 7.66 12.65 -18.99
C GLN D 308 6.59 11.74 -18.39
N PHE D 309 5.64 11.31 -19.21
CA PHE D 309 4.65 10.32 -18.82
C PHE D 309 5.29 9.02 -18.31
N ILE D 310 6.27 8.48 -19.05
CA ILE D 310 6.85 7.22 -18.61
C ILE D 310 7.89 7.44 -17.52
N ARG D 311 8.62 8.56 -17.58
CA ARG D 311 9.60 8.86 -16.54
C ARG D 311 8.95 9.03 -15.17
N THR D 312 7.69 9.45 -15.14
CA THR D 312 7.01 9.73 -13.87
C THR D 312 5.98 8.66 -13.49
N ALA D 313 5.91 7.59 -14.26
CA ALA D 313 4.93 6.53 -14.00
C ALA D 313 5.13 5.94 -12.60
N PRO D 314 4.04 5.81 -11.82
CA PRO D 314 4.12 5.28 -10.46
C PRO D 314 4.20 3.75 -10.50
N ILE D 315 5.31 3.25 -11.03
CA ILE D 315 5.59 1.82 -11.11
C ILE D 315 7.03 1.58 -10.70
N PRO D 316 7.36 0.35 -10.26
CA PRO D 316 8.76 0.06 -9.87
C PRO D 316 9.73 0.32 -11.02
N GLU D 317 10.97 0.68 -10.71
CA GLU D 317 11.97 0.99 -11.73
C GLU D 317 12.22 -0.16 -12.70
N ASP D 318 12.22 -1.41 -12.21
CA ASP D 318 12.43 -2.51 -13.14
C ASP D 318 11.28 -2.66 -14.11
N VAL D 319 10.05 -2.53 -13.63
CA VAL D 319 8.90 -2.56 -14.53
C VAL D 319 8.95 -1.36 -15.50
N LYS D 320 9.36 -0.20 -15.00
CA LYS D 320 9.45 0.99 -15.87
C LYS D 320 10.46 0.72 -16.98
N ALA D 321 11.58 0.08 -16.65
CA ALA D 321 12.60 -0.23 -17.68
C ALA D 321 12.07 -1.18 -18.74
N MET D 322 11.24 -2.13 -18.34
CA MET D 322 10.62 -3.03 -19.32
C MET D 322 9.69 -2.26 -20.25
N VAL D 323 8.83 -1.41 -19.70
CA VAL D 323 7.90 -0.64 -20.51
C VAL D 323 8.64 0.37 -21.38
N ALA D 324 9.65 1.02 -20.80
CA ALA D 324 10.38 2.08 -21.49
C ALA D 324 11.18 1.59 -22.70
N GLY D 325 11.71 0.37 -22.61
CA GLY D 325 12.53 -0.13 -23.70
C GLY D 325 12.82 -1.61 -23.69
N GLY D 326 12.86 -2.23 -22.52
CA GLY D 326 13.21 -3.65 -22.45
C GLY D 326 12.35 -4.57 -23.30
N ASN D 327 11.04 -4.41 -23.15
CA ASN D 327 10.09 -5.20 -23.91
C ASN D 327 10.24 -5.00 -25.41
N ALA D 328 10.41 -3.74 -25.84
CA ALA D 328 10.61 -3.44 -27.25
C ALA D 328 11.90 -4.06 -27.80
N ALA D 329 12.95 -4.06 -26.98
CA ALA D 329 14.22 -4.64 -27.42
C ALA D 329 14.07 -6.13 -27.67
N ARG D 330 13.21 -6.77 -26.89
CA ARG D 330 12.97 -8.20 -27.07
C ARG D 330 12.06 -8.47 -28.26
N ILE D 331 10.90 -7.84 -28.26
CA ILE D 331 9.89 -8.07 -29.30
C ILE D 331 10.36 -7.67 -30.70
N PHE D 332 11.15 -6.61 -30.77
CA PHE D 332 11.56 -6.09 -32.07
C PHE D 332 13.07 -6.31 -32.36
N ARG D 333 13.66 -7.29 -31.68
CA ARG D 333 15.04 -7.70 -31.96
C ARG D 333 16.02 -6.53 -32.01
N ILE D 334 15.98 -5.69 -30.99
CA ILE D 334 16.89 -4.54 -30.92
C ILE D 334 17.99 -4.81 -29.91
N THR D 335 19.24 -4.68 -30.35
CA THR D 335 20.38 -4.86 -29.43
C THR D 335 20.56 -3.66 -28.49
N SER E 1 -25.98 -7.51 4.85
CA SER E 1 -26.32 -6.17 5.29
C SER E 1 -25.84 -5.09 4.33
N LEU E 2 -24.99 -5.48 3.37
CA LEU E 2 -24.71 -4.62 2.24
C LEU E 2 -25.97 -4.49 1.38
N ARG E 3 -26.42 -3.26 1.09
CA ARG E 3 -27.61 -3.11 0.25
C ARG E 3 -27.26 -3.20 -1.24
N LEU E 4 -27.76 -4.25 -1.87
CA LEU E 4 -27.50 -4.51 -3.27
C LEU E 4 -28.67 -4.11 -4.17
N ILE E 5 -28.48 -3.08 -4.99
CA ILE E 5 -29.51 -2.67 -5.94
C ILE E 5 -28.99 -2.88 -7.36
N ALA E 6 -29.49 -3.90 -8.05
CA ALA E 6 -28.98 -4.20 -9.39
C ALA E 6 -29.65 -3.29 -10.41
N THR E 7 -28.85 -2.60 -11.24
CA THR E 7 -29.35 -1.50 -12.06
C THR E 7 -29.60 -1.74 -13.55
N GLU E 8 -29.34 -2.93 -14.07
CA GLU E 8 -29.59 -3.20 -15.48
C GLU E 8 -30.32 -4.51 -15.66
N GLU E 9 -31.51 -4.61 -15.07
CA GLU E 9 -32.18 -5.89 -14.97
C GLU E 9 -33.38 -5.96 -15.91
N ALA E 10 -33.26 -6.78 -16.94
CA ALA E 10 -34.25 -6.77 -18.04
C ALA E 10 -35.55 -7.50 -17.69
N VAL E 11 -36.63 -7.02 -18.28
CA VAL E 11 -37.96 -7.60 -18.10
C VAL E 11 -38.70 -7.40 -19.43
N THR E 12 -39.76 -8.16 -19.66
CA THR E 12 -40.63 -7.84 -20.79
C THR E 12 -42.06 -8.11 -20.39
N PHE E 13 -42.98 -7.73 -21.26
CA PHE E 13 -44.41 -7.87 -20.98
C PHE E 13 -45.11 -8.46 -22.19
N GLN E 14 -46.23 -9.14 -21.97
CA GLN E 14 -46.91 -9.86 -23.04
C GLN E 14 -47.24 -9.01 -24.29
N PRO E 15 -47.76 -7.79 -24.10
CA PRO E 15 -48.02 -6.99 -25.31
C PRO E 15 -46.77 -6.76 -26.15
N VAL E 16 -45.62 -6.57 -25.51
CA VAL E 16 -44.39 -6.32 -26.25
C VAL E 16 -43.90 -7.61 -26.89
N VAL E 17 -43.95 -8.70 -26.12
CA VAL E 17 -43.61 -10.02 -26.65
C VAL E 17 -44.42 -10.30 -27.90
N ASP E 18 -45.74 -10.14 -27.82
CA ASP E 18 -46.64 -10.39 -28.95
C ASP E 18 -46.22 -9.59 -30.19
N ALA E 19 -45.93 -8.32 -30.01
CA ALA E 19 -45.57 -7.46 -31.13
C ALA E 19 -44.19 -7.80 -31.71
N LEU E 20 -43.25 -8.22 -30.87
CA LEU E 20 -41.94 -8.61 -31.38
C LEU E 20 -42.04 -9.95 -32.10
N ARG E 21 -42.94 -10.81 -31.63
CA ARG E 21 -43.21 -12.06 -32.33
C ARG E 21 -43.70 -11.76 -33.74
N ALA E 22 -44.60 -10.80 -33.87
CA ALA E 22 -45.09 -10.39 -35.19
C ALA E 22 -43.95 -9.79 -36.02
N HIS E 23 -43.15 -8.93 -35.39
CA HIS E 23 -42.10 -8.21 -36.11
C HIS E 23 -41.04 -9.16 -36.67
N SER E 24 -40.82 -10.27 -35.97
CA SER E 24 -39.85 -11.29 -36.38
C SER E 24 -40.21 -11.90 -37.73
N ARG E 25 -41.45 -11.69 -38.16
CA ARG E 25 -41.90 -12.29 -39.40
C ARG E 25 -41.77 -11.33 -40.58
N THR E 26 -41.33 -10.10 -40.32
CA THR E 26 -41.16 -9.14 -41.40
C THR E 26 -39.76 -9.27 -42.01
N ASP E 27 -39.45 -8.47 -43.02
CA ASP E 27 -38.14 -8.55 -43.65
C ASP E 27 -37.20 -7.40 -43.24
N ASP E 28 -37.42 -6.88 -42.04
CA ASP E 28 -36.54 -5.90 -41.43
C ASP E 28 -35.08 -6.38 -41.51
N ALA E 29 -34.19 -5.48 -41.94
CA ALA E 29 -32.80 -5.86 -42.17
C ALA E 29 -31.91 -5.44 -41.01
N SER E 30 -32.51 -4.88 -39.96
CA SER E 30 -31.75 -4.48 -38.77
C SER E 30 -31.01 -5.67 -38.19
N LEU E 31 -29.78 -5.42 -37.73
CA LEU E 31 -28.97 -6.44 -37.09
C LEU E 31 -29.64 -7.00 -35.83
N ASP E 32 -30.57 -6.24 -35.24
CA ASP E 32 -31.32 -6.79 -34.11
C ASP E 32 -32.23 -7.96 -34.48
N MET E 33 -32.46 -8.18 -35.77
CA MET E 33 -33.34 -9.27 -36.19
C MET E 33 -32.78 -10.66 -35.84
N ILE E 34 -31.47 -10.74 -35.65
CA ILE E 34 -30.85 -11.99 -35.20
C ILE E 34 -31.37 -12.37 -33.81
N LEU E 35 -31.29 -11.44 -32.87
CA LEU E 35 -31.81 -11.64 -31.52
C LEU E 35 -33.31 -11.85 -31.51
N VAL E 36 -34.02 -11.00 -32.25
CA VAL E 36 -35.48 -11.03 -32.29
C VAL E 36 -36.00 -12.37 -32.78
N ARG E 37 -35.40 -12.88 -33.85
CA ARG E 37 -35.71 -14.25 -34.28
C ARG E 37 -35.36 -15.29 -33.22
N ASP E 38 -34.17 -15.17 -32.63
CA ASP E 38 -33.72 -16.14 -31.63
C ASP E 38 -34.61 -16.22 -30.39
N VAL E 39 -35.23 -15.10 -30.02
CA VAL E 39 -36.04 -15.07 -28.81
C VAL E 39 -37.54 -15.08 -29.13
N TYR E 40 -37.97 -14.27 -30.09
CA TYR E 40 -39.39 -14.08 -30.32
C TYR E 40 -39.89 -14.76 -31.59
N GLY E 41 -38.99 -15.37 -32.34
CA GLY E 41 -39.37 -15.99 -33.59
C GLY E 41 -40.24 -17.22 -33.43
N ASP E 42 -40.72 -17.76 -34.54
CA ASP E 42 -41.52 -18.98 -34.56
C ASP E 42 -40.62 -20.21 -34.59
N GLU E 43 -39.41 -20.05 -35.11
CA GLU E 43 -38.38 -21.10 -35.03
C GLU E 43 -37.27 -20.60 -34.12
N PRO E 44 -37.49 -20.63 -32.79
CA PRO E 44 -36.59 -19.95 -31.84
C PRO E 44 -35.27 -20.68 -31.68
N ALA E 45 -34.49 -20.25 -30.70
CA ALA E 45 -33.19 -20.85 -30.42
C ALA E 45 -32.82 -20.57 -28.97
N ARG E 46 -33.57 -19.66 -28.37
CA ARG E 46 -33.48 -19.36 -26.94
C ARG E 46 -34.90 -19.16 -26.41
N PRO E 47 -35.73 -20.21 -26.51
CA PRO E 47 -37.17 -20.07 -26.28
C PRO E 47 -37.51 -19.77 -24.83
N ALA E 48 -36.60 -20.12 -23.92
CA ALA E 48 -36.85 -19.93 -22.49
C ALA E 48 -36.64 -18.48 -22.06
N MET E 49 -35.96 -17.71 -22.90
CA MET E 49 -35.62 -16.32 -22.57
C MET E 49 -36.88 -15.49 -22.26
N ILE E 50 -37.92 -15.65 -23.09
CA ILE E 50 -39.17 -14.92 -22.88
C ILE E 50 -39.74 -15.13 -21.47
N GLY E 51 -39.76 -16.38 -21.02
CA GLY E 51 -40.23 -16.70 -19.68
C GLY E 51 -39.35 -16.14 -18.58
N ARG E 52 -38.04 -16.14 -18.80
CA ARG E 52 -37.11 -15.59 -17.81
C ARG E 52 -37.23 -14.08 -17.77
N LEU E 53 -37.45 -13.48 -18.93
CA LEU E 53 -37.65 -12.03 -19.00
C LEU E 53 -38.97 -11.63 -18.36
N SER E 54 -40.00 -12.43 -18.58
CA SER E 54 -41.34 -12.08 -18.13
C SER E 54 -41.51 -12.25 -16.64
N ASP E 55 -40.77 -13.20 -16.08
CA ASP E 55 -40.84 -13.51 -14.66
C ASP E 55 -40.24 -12.43 -13.76
N VAL E 56 -41.02 -12.02 -12.76
CA VAL E 56 -40.54 -11.06 -11.78
C VAL E 56 -40.65 -11.63 -10.36
N THR E 57 -41.81 -12.20 -10.04
CA THR E 57 -42.08 -12.65 -8.68
C THR E 57 -41.83 -14.14 -8.45
N GLY E 58 -41.41 -14.87 -9.48
CA GLY E 58 -41.12 -16.29 -9.32
C GLY E 58 -39.64 -16.60 -9.15
N GLU E 59 -39.04 -17.17 -10.19
CA GLU E 59 -37.63 -17.52 -10.14
C GLU E 59 -36.76 -16.31 -9.82
N ARG E 60 -37.07 -15.16 -10.42
CA ARG E 60 -36.23 -13.98 -10.23
C ARG E 60 -36.16 -13.57 -8.76
N LEU E 61 -37.30 -13.49 -8.10
CA LEU E 61 -37.32 -13.09 -6.70
C LEU E 61 -36.67 -14.15 -5.80
N ALA E 62 -36.86 -15.42 -6.16
CA ALA E 62 -36.25 -16.51 -5.42
C ALA E 62 -34.72 -16.42 -5.50
N GLU E 63 -34.20 -16.07 -6.67
CA GLU E 63 -32.76 -15.93 -6.83
C GLU E 63 -32.26 -14.69 -6.09
N MET E 64 -33.06 -13.62 -6.12
CA MET E 64 -32.71 -12.42 -5.35
C MET E 64 -32.56 -12.76 -3.87
N ASP E 65 -33.51 -13.51 -3.33
CA ASP E 65 -33.44 -13.87 -1.92
C ASP E 65 -32.28 -14.82 -1.62
N SER E 66 -32.03 -15.77 -2.53
CA SER E 66 -30.96 -16.74 -2.34
C SER E 66 -29.60 -16.08 -2.27
N ASN E 67 -29.46 -14.98 -3.01
CA ASN E 67 -28.18 -14.27 -3.12
C ASN E 67 -28.09 -12.98 -2.33
N GLY E 68 -29.17 -12.63 -1.64
CA GLY E 68 -29.17 -11.46 -0.78
C GLY E 68 -29.18 -10.17 -1.57
N VAL E 69 -29.88 -10.18 -2.71
CA VAL E 69 -30.07 -8.98 -3.51
C VAL E 69 -31.33 -8.24 -3.03
N ASP E 70 -31.17 -6.97 -2.67
CA ASP E 70 -32.30 -6.20 -2.13
C ASP E 70 -33.29 -5.80 -3.23
N MET E 71 -32.78 -5.27 -4.34
CA MET E 71 -33.65 -4.80 -5.42
C MET E 71 -33.12 -5.06 -6.84
N HIS E 72 -34.05 -5.14 -7.79
CA HIS E 72 -33.74 -5.01 -9.22
C HIS E 72 -34.37 -3.72 -9.70
N LEU E 73 -33.58 -2.90 -10.35
CA LEU E 73 -34.10 -1.79 -11.14
C LEU E 73 -34.42 -2.35 -12.53
N LEU E 74 -35.71 -2.45 -12.84
CA LEU E 74 -36.19 -3.12 -14.04
C LEU E 74 -36.20 -2.20 -15.26
N SER E 75 -35.94 -2.77 -16.44
CA SER E 75 -36.03 -2.03 -17.69
C SER E 75 -36.54 -2.97 -18.78
N LEU E 76 -37.44 -2.46 -19.63
CA LEU E 76 -37.91 -3.25 -20.76
C LEU E 76 -36.70 -3.63 -21.60
N THR E 77 -36.58 -4.93 -21.88
CA THR E 77 -35.38 -5.47 -22.52
C THR E 77 -35.18 -4.90 -23.91
N ALA E 78 -33.92 -4.79 -24.34
CA ALA E 78 -33.61 -4.40 -25.71
C ALA E 78 -34.22 -5.41 -26.66
N PRO E 79 -34.70 -4.96 -27.84
CA PRO E 79 -34.57 -3.61 -28.39
C PRO E 79 -35.73 -2.68 -27.98
N GLY E 80 -36.40 -3.00 -26.89
CA GLY E 80 -37.48 -2.16 -26.40
C GLY E 80 -38.59 -2.03 -27.43
N VAL E 81 -39.00 -0.79 -27.71
CA VAL E 81 -40.06 -0.52 -28.68
C VAL E 81 -39.54 0.19 -29.91
N GLN E 82 -38.21 0.28 -30.05
CA GLN E 82 -37.62 1.15 -31.07
C GLN E 82 -37.61 0.60 -32.49
N MET E 83 -37.93 -0.68 -32.65
CA MET E 83 -37.90 -1.28 -33.98
C MET E 83 -39.21 -1.10 -34.74
N PHE E 84 -40.28 -0.80 -34.01
CA PHE E 84 -41.60 -0.68 -34.61
C PHE E 84 -41.76 0.65 -35.33
N ASP E 85 -42.82 0.79 -36.13
CA ASP E 85 -43.16 2.11 -36.66
C ASP E 85 -43.56 3.05 -35.52
N ALA E 86 -43.64 4.34 -35.80
CA ALA E 86 -43.86 5.34 -34.75
C ALA E 86 -45.14 5.08 -33.95
N GLU E 87 -46.25 4.89 -34.65
CA GLU E 87 -47.53 4.69 -33.97
C GLU E 87 -47.50 3.46 -33.06
N THR E 88 -46.90 2.38 -33.52
CA THR E 88 -46.86 1.13 -32.77
C THR E 88 -45.93 1.26 -31.57
N GLY E 89 -44.76 1.86 -31.79
CA GLY E 89 -43.80 2.07 -30.72
C GLY E 89 -44.37 2.93 -29.61
N THR E 90 -45.02 4.03 -30.00
CA THR E 90 -45.66 4.95 -29.06
C THR E 90 -46.70 4.20 -28.23
N ARG E 91 -47.55 3.43 -28.90
CA ARG E 91 -48.58 2.64 -28.23
C ARG E 91 -47.95 1.66 -27.23
N LEU E 92 -46.91 0.95 -27.67
CA LEU E 92 -46.33 -0.08 -26.83
C LEU E 92 -45.52 0.48 -25.67
N ALA E 93 -44.92 1.66 -25.84
CA ALA E 93 -44.20 2.29 -24.74
C ALA E 93 -45.15 2.61 -23.61
N ARG E 94 -46.31 3.15 -23.96
CA ARG E 94 -47.32 3.47 -22.96
C ARG E 94 -47.76 2.23 -22.20
N ILE E 95 -48.05 1.16 -22.94
CA ILE E 95 -48.51 -0.08 -22.36
C ILE E 95 -47.43 -0.67 -21.45
N ALA E 96 -46.21 -0.73 -21.98
CA ALA E 96 -45.06 -1.25 -21.27
C ALA E 96 -44.78 -0.45 -20.00
N ASN E 97 -44.88 0.87 -20.09
CA ASN E 97 -44.63 1.72 -18.93
C ASN E 97 -45.73 1.56 -17.86
N ASP E 98 -46.98 1.43 -18.29
CA ASP E 98 -48.07 1.15 -17.37
C ASP E 98 -47.82 -0.16 -16.62
N LEU E 99 -47.43 -1.19 -17.38
CA LEU E 99 -47.19 -2.50 -16.77
C LEU E 99 -45.98 -2.47 -15.85
N MET E 100 -45.00 -1.65 -16.19
CA MET E 100 -43.81 -1.45 -15.36
C MET E 100 -44.19 -0.85 -14.00
N ALA E 101 -44.97 0.23 -14.03
CA ALA E 101 -45.47 0.88 -12.82
C ALA E 101 -46.24 -0.09 -11.93
N GLN E 102 -47.10 -0.90 -12.56
CA GLN E 102 -47.88 -1.91 -11.84
C GLN E 102 -46.98 -2.92 -11.15
N THR E 103 -45.95 -3.35 -11.87
CA THR E 103 -45.03 -4.35 -11.34
C THR E 103 -44.28 -3.79 -10.14
N VAL E 104 -43.84 -2.54 -10.27
CA VAL E 104 -43.16 -1.88 -9.16
C VAL E 104 -44.09 -1.70 -7.97
N ALA E 105 -45.33 -1.33 -8.23
CA ALA E 105 -46.29 -1.09 -7.16
C ALA E 105 -46.63 -2.38 -6.42
N ALA E 106 -46.51 -3.52 -7.09
CA ALA E 106 -46.80 -4.82 -6.48
C ALA E 106 -45.75 -5.22 -5.44
N ASN E 107 -44.49 -4.89 -5.70
CA ASN E 107 -43.42 -5.21 -4.76
C ASN E 107 -42.38 -4.08 -4.71
N PRO E 108 -42.78 -2.92 -4.16
CA PRO E 108 -41.97 -1.71 -4.27
C PRO E 108 -40.72 -1.70 -3.39
N THR E 109 -40.59 -2.61 -2.43
CA THR E 109 -39.33 -2.68 -1.69
C THR E 109 -38.30 -3.54 -2.41
N ARG E 110 -38.72 -4.27 -3.44
CA ARG E 110 -37.82 -5.17 -4.16
C ARG E 110 -37.58 -4.77 -5.60
N PHE E 111 -38.49 -4.00 -6.17
CA PHE E 111 -38.33 -3.61 -7.57
C PHE E 111 -38.53 -2.12 -7.78
N ALA E 112 -37.65 -1.56 -8.60
CA ALA E 112 -37.79 -0.20 -9.10
C ALA E 112 -37.87 -0.33 -10.61
N GLY E 113 -38.18 0.75 -11.33
CA GLY E 113 -38.40 0.64 -12.76
C GLY E 113 -38.02 1.84 -13.59
N LEU E 114 -37.48 1.58 -14.78
CA LEU E 114 -37.19 2.62 -15.77
C LEU E 114 -38.28 2.59 -16.84
N GLY E 115 -38.80 3.76 -17.19
CA GLY E 115 -39.75 3.88 -18.27
C GLY E 115 -39.02 3.97 -19.59
N THR E 116 -39.70 3.66 -20.68
CA THR E 116 -39.08 3.78 -21.98
C THR E 116 -39.95 4.67 -22.87
N PHE E 117 -39.53 4.86 -24.11
CA PHE E 117 -40.26 5.73 -25.02
C PHE E 117 -39.89 5.37 -26.46
N ALA E 118 -40.65 5.90 -27.41
CA ALA E 118 -40.41 5.63 -28.81
C ALA E 118 -39.92 6.89 -29.51
N PRO E 119 -38.59 7.03 -29.66
CA PRO E 119 -37.94 8.22 -30.25
C PRO E 119 -38.26 8.37 -31.73
N GLN E 120 -38.89 7.37 -32.35
CA GLN E 120 -39.39 7.49 -33.73
C GLN E 120 -40.26 8.75 -33.89
N ASP E 121 -40.93 9.11 -32.79
CA ASP E 121 -41.79 10.29 -32.74
C ASP E 121 -41.34 11.12 -31.53
N PRO E 122 -40.43 12.07 -31.76
CA PRO E 122 -39.83 12.85 -30.66
C PRO E 122 -40.86 13.59 -29.78
N ALA E 123 -41.87 14.17 -30.41
CA ALA E 123 -42.91 14.91 -29.69
C ALA E 123 -43.75 14.01 -28.80
N SER E 124 -44.09 12.82 -29.30
CA SER E 124 -44.88 11.90 -28.50
C SER E 124 -44.01 11.27 -27.43
N ALA E 125 -42.73 11.07 -27.75
CA ALA E 125 -41.79 10.52 -26.78
C ALA E 125 -41.65 11.48 -25.61
N ALA E 126 -41.56 12.77 -25.92
CA ALA E 126 -41.42 13.81 -24.91
C ALA E 126 -42.63 13.85 -23.96
N ARG E 127 -43.82 13.67 -24.52
CA ARG E 127 -45.01 13.63 -23.68
C ARG E 127 -45.05 12.36 -22.82
N GLU E 128 -44.58 11.24 -23.36
CA GLU E 128 -44.51 10.01 -22.57
C GLU E 128 -43.50 10.11 -21.44
N ILE E 129 -42.36 10.74 -21.72
CA ILE E 129 -41.34 10.97 -20.73
C ILE E 129 -41.93 11.76 -19.56
N GLU E 130 -42.72 12.78 -19.89
CA GLU E 130 -43.39 13.58 -18.87
C GLU E 130 -44.35 12.73 -18.04
N ARG E 131 -45.12 11.88 -18.71
CA ARG E 131 -46.07 11.01 -18.05
C ARG E 131 -45.36 10.05 -17.11
N VAL E 132 -44.23 9.50 -17.56
CA VAL E 132 -43.44 8.60 -16.75
C VAL E 132 -42.92 9.31 -15.50
N ALA E 133 -42.46 10.54 -15.67
CA ALA E 133 -41.88 11.28 -14.56
C ALA E 133 -42.94 11.67 -13.56
N THR E 134 -44.03 12.27 -14.05
CA THR E 134 -45.01 12.96 -13.23
C THR E 134 -46.20 12.10 -12.81
N GLN E 135 -46.72 11.29 -13.73
CA GLN E 135 -47.88 10.48 -13.40
C GLN E 135 -47.50 9.13 -12.82
N LEU E 136 -46.64 8.39 -13.53
CA LEU E 136 -46.24 7.05 -13.10
C LEU E 136 -45.21 7.11 -11.99
N ARG E 137 -44.44 8.18 -11.98
CA ARG E 137 -43.36 8.39 -11.02
C ARG E 137 -42.39 7.24 -11.02
N LEU E 138 -42.01 6.78 -12.20
CA LEU E 138 -40.98 5.76 -12.32
C LEU E 138 -39.61 6.32 -11.94
N ASN E 139 -38.61 5.45 -11.85
CA ASN E 139 -37.35 5.84 -11.25
C ASN E 139 -36.36 6.47 -12.20
N GLY E 140 -36.68 6.44 -13.50
CA GLY E 140 -35.77 6.91 -14.53
C GLY E 140 -36.23 6.45 -15.90
N LEU E 141 -35.32 6.46 -16.87
CA LEU E 141 -35.66 6.11 -18.24
C LEU E 141 -34.62 5.17 -18.84
N VAL E 142 -35.05 4.38 -19.82
CA VAL E 142 -34.12 3.52 -20.56
C VAL E 142 -34.42 3.59 -22.04
N ILE E 143 -33.36 3.62 -22.85
CA ILE E 143 -33.50 3.53 -24.29
C ILE E 143 -32.34 2.68 -24.80
N ASN E 144 -32.54 2.00 -25.92
CA ASN E 144 -31.54 1.06 -26.42
C ASN E 144 -30.81 1.63 -27.61
N SER E 145 -29.67 2.24 -27.32
CA SER E 145 -28.84 2.97 -28.30
C SER E 145 -29.67 3.60 -29.43
N HIS E 146 -29.33 3.28 -30.67
CA HIS E 146 -29.88 4.03 -31.83
C HIS E 146 -31.37 3.85 -32.05
N THR E 147 -31.98 4.83 -32.70
CA THR E 147 -33.34 4.69 -33.21
C THR E 147 -33.34 5.12 -34.67
N ASN E 148 -33.92 4.29 -35.52
CA ASN E 148 -33.98 4.54 -36.96
C ASN E 148 -32.60 4.74 -37.60
N ASP E 149 -31.60 4.10 -37.00
CA ASP E 149 -30.21 4.17 -37.44
C ASP E 149 -29.64 5.59 -37.40
N LEU E 150 -30.18 6.38 -36.48
CA LEU E 150 -29.63 7.70 -36.14
C LEU E 150 -29.15 7.67 -34.69
N TYR E 151 -28.10 8.44 -34.40
CA TYR E 151 -27.58 8.55 -33.04
C TYR E 151 -28.07 9.82 -32.34
N TYR E 152 -27.88 9.93 -31.03
CA TYR E 152 -28.56 10.98 -30.30
C TYR E 152 -27.92 12.36 -30.36
N ASP E 153 -26.95 12.52 -31.25
CA ASP E 153 -26.46 13.85 -31.57
C ASP E 153 -27.39 14.52 -32.57
N ASP E 154 -28.19 13.73 -33.27
CA ASP E 154 -29.08 14.29 -34.28
C ASP E 154 -30.10 15.25 -33.64
N PRO E 155 -30.19 16.48 -34.17
CA PRO E 155 -31.17 17.49 -33.71
C PRO E 155 -32.61 16.98 -33.74
N PHE E 156 -32.90 16.01 -34.60
CA PHE E 156 -34.21 15.36 -34.64
C PHE E 156 -34.71 14.99 -33.24
N PHE E 157 -33.78 14.59 -32.37
CA PHE E 157 -34.13 14.12 -31.04
C PHE E 157 -34.09 15.19 -29.95
N HIS E 158 -33.79 16.45 -30.30
CA HIS E 158 -33.76 17.54 -29.33
C HIS E 158 -35.02 17.58 -28.44
N PRO E 159 -36.24 17.45 -29.02
CA PRO E 159 -37.41 17.43 -28.13
C PRO E 159 -37.39 16.32 -27.06
N VAL E 160 -36.79 15.18 -27.37
CA VAL E 160 -36.66 14.10 -26.40
C VAL E 160 -35.76 14.52 -25.24
N PHE E 161 -34.60 15.08 -25.56
CA PHE E 161 -33.63 15.39 -24.52
C PHE E 161 -34.03 16.60 -23.70
N GLU E 162 -34.75 17.51 -24.33
CA GLU E 162 -35.39 18.60 -23.62
C GLU E 162 -36.29 18.06 -22.50
N ALA E 163 -37.17 17.13 -22.85
CA ALA E 163 -38.11 16.57 -21.88
C ALA E 163 -37.39 15.77 -20.79
N ILE E 164 -36.37 15.01 -21.18
CA ILE E 164 -35.60 14.25 -20.21
C ILE E 164 -34.91 15.19 -19.24
N GLU E 165 -34.26 16.22 -19.76
CA GLU E 165 -33.56 17.16 -18.90
C GLU E 165 -34.53 17.83 -17.93
N ALA E 166 -35.70 18.20 -18.42
CA ALA E 166 -36.70 18.87 -17.58
C ALA E 166 -37.25 17.94 -16.52
N SER E 167 -37.33 16.65 -16.84
CA SER E 167 -37.93 15.68 -15.92
C SER E 167 -37.02 15.40 -14.74
N GLY E 168 -35.72 15.62 -14.94
CA GLY E 168 -34.71 15.27 -13.95
C GLY E 168 -34.45 13.77 -13.83
N LEU E 169 -35.05 13.00 -14.72
CA LEU E 169 -34.83 11.55 -14.74
C LEU E 169 -33.54 11.20 -15.47
N ALA E 170 -32.74 10.31 -14.86
CA ALA E 170 -31.56 9.80 -15.53
C ALA E 170 -31.98 8.91 -16.68
N LEU E 171 -31.22 8.91 -17.77
CA LEU E 171 -31.46 8.02 -18.89
C LEU E 171 -30.34 6.99 -18.99
N TYR E 172 -30.70 5.72 -18.86
CA TYR E 172 -29.80 4.61 -19.08
C TYR E 172 -29.82 4.34 -20.56
N ILE E 173 -28.69 4.48 -21.24
CA ILE E 173 -28.63 4.11 -22.66
C ILE E 173 -28.08 2.70 -22.78
N HIS E 174 -29.00 1.74 -22.91
CA HIS E 174 -28.69 0.31 -23.00
C HIS E 174 -28.24 -0.02 -24.41
N PRO E 175 -27.44 -1.09 -24.58
CA PRO E 175 -27.07 -1.43 -25.96
C PRO E 175 -28.23 -1.94 -26.82
N ARG E 176 -28.02 -1.90 -28.13
CA ARG E 176 -28.71 -2.78 -29.05
C ARG E 176 -27.67 -3.09 -30.13
N ALA E 177 -28.03 -3.95 -31.08
CA ALA E 177 -27.09 -4.33 -32.12
C ALA E 177 -26.68 -3.10 -32.91
N PRO E 178 -25.44 -3.10 -33.44
CA PRO E 178 -24.95 -2.07 -34.35
C PRO E 178 -25.99 -1.62 -35.37
N SER E 179 -26.06 -0.32 -35.61
CA SER E 179 -27.02 0.23 -36.56
C SER E 179 -26.56 -0.06 -37.96
N LYS E 180 -27.40 0.28 -38.94
CA LYS E 180 -27.04 0.08 -40.33
C LYS E 180 -25.82 0.88 -40.78
N GLN E 181 -25.50 1.93 -40.04
CA GLN E 181 -24.28 2.69 -40.35
C GLN E 181 -23.03 1.84 -40.17
N ILE E 182 -23.09 0.85 -39.27
CA ILE E 182 -21.90 0.08 -38.93
C ILE E 182 -22.05 -1.45 -38.94
N ASP E 183 -23.27 -1.95 -39.14
CA ASP E 183 -23.54 -3.37 -38.91
C ASP E 183 -22.79 -4.37 -39.82
N ARG E 184 -22.32 -3.91 -40.97
CA ARG E 184 -21.60 -4.76 -41.91
C ARG E 184 -20.40 -5.51 -41.30
N ALA E 185 -19.74 -4.91 -40.31
CA ALA E 185 -18.55 -5.53 -39.72
C ALA E 185 -18.89 -6.46 -38.57
N PHE E 186 -20.18 -6.61 -38.29
CA PHE E 186 -20.62 -7.30 -37.09
C PHE E 186 -21.55 -8.45 -37.38
N ARG E 187 -21.40 -9.04 -38.57
CA ARG E 187 -22.27 -10.13 -39.00
C ARG E 187 -21.64 -11.49 -38.75
N ASP E 188 -20.40 -11.49 -38.24
CA ASP E 188 -19.63 -12.72 -38.10
C ASP E 188 -19.23 -13.02 -36.66
N TYR E 189 -19.02 -14.30 -36.39
CA TYR E 189 -18.50 -14.80 -35.10
C TYR E 189 -19.35 -14.35 -33.91
N GLY E 190 -20.65 -14.17 -34.15
CA GLY E 190 -21.56 -13.70 -33.11
C GLY E 190 -21.29 -12.28 -32.62
N MET E 191 -20.53 -11.52 -33.39
CA MET E 191 -20.19 -10.15 -33.00
C MET E 191 -21.34 -9.14 -33.04
N ASN E 192 -22.52 -9.58 -33.44
CA ASN E 192 -23.69 -8.70 -33.49
C ASN E 192 -24.12 -8.28 -32.10
N SER E 193 -23.80 -9.13 -31.13
CA SER E 193 -24.40 -9.08 -29.81
C SER E 193 -23.42 -8.58 -28.75
N ALA E 194 -23.56 -9.08 -27.53
CA ALA E 194 -22.81 -8.59 -26.36
C ALA E 194 -21.28 -8.73 -26.43
N ILE E 195 -20.79 -9.72 -27.15
CA ILE E 195 -19.36 -9.95 -27.23
C ILE E 195 -18.58 -8.80 -27.89
N TRP E 196 -19.21 -8.00 -28.76
CA TRP E 196 -18.47 -6.88 -29.35
C TRP E 196 -19.36 -5.74 -29.86
N GLY E 197 -20.31 -6.09 -30.72
CA GLY E 197 -21.21 -5.12 -31.34
C GLY E 197 -21.89 -4.16 -30.36
N TYR E 198 -22.51 -4.73 -29.32
CA TYR E 198 -23.22 -3.92 -28.33
C TYR E 198 -22.38 -2.75 -27.82
N GLY E 199 -21.13 -3.03 -27.47
CA GLY E 199 -20.25 -2.02 -26.92
C GLY E 199 -19.84 -0.93 -27.90
N ILE E 200 -19.52 -1.34 -29.13
CA ILE E 200 -19.12 -0.39 -30.16
C ILE E 200 -20.30 0.53 -30.56
N GLU E 201 -21.46 -0.07 -30.80
CA GLU E 201 -22.70 0.67 -31.08
C GLU E 201 -22.99 1.72 -30.00
N THR E 202 -22.95 1.30 -28.74
CA THR E 202 -23.41 2.17 -27.67
C THR E 202 -22.39 3.26 -27.34
N SER E 203 -21.11 2.88 -27.25
CA SER E 203 -20.06 3.86 -26.99
C SER E 203 -20.00 4.89 -28.11
N THR E 204 -20.17 4.46 -29.35
CA THR E 204 -20.11 5.40 -30.47
C THR E 204 -21.27 6.41 -30.37
N ASN E 205 -22.44 5.93 -29.99
CA ASN E 205 -23.59 6.80 -29.74
C ASN E 205 -23.23 7.90 -28.73
N ALA E 206 -22.69 7.48 -27.59
CA ALA E 206 -22.42 8.42 -26.52
C ALA E 206 -21.30 9.41 -26.88
N VAL E 207 -20.27 8.94 -27.58
CA VAL E 207 -19.19 9.82 -28.01
C VAL E 207 -19.71 10.88 -28.98
N ARG E 208 -20.58 10.47 -29.92
CA ARG E 208 -21.22 11.42 -30.82
C ARG E 208 -22.03 12.45 -30.02
N MET E 209 -22.77 11.98 -29.02
CA MET E 209 -23.53 12.88 -28.13
C MET E 209 -22.60 13.93 -27.50
N ILE E 210 -21.49 13.48 -26.92
CA ILE E 210 -20.52 14.39 -26.32
C ILE E 210 -19.89 15.35 -27.33
N LEU E 211 -19.33 14.83 -28.41
CA LEU E 211 -18.61 15.68 -29.35
C LEU E 211 -19.51 16.68 -30.07
N SER E 212 -20.79 16.33 -30.19
CA SER E 212 -21.75 17.20 -30.88
C SER E 212 -22.14 18.42 -30.03
N GLY E 213 -21.80 18.41 -28.75
CA GLY E 213 -22.16 19.52 -27.88
C GLY E 213 -23.52 19.38 -27.23
N LEU E 214 -24.08 18.18 -27.29
CA LEU E 214 -25.39 17.95 -26.69
C LEU E 214 -25.44 18.35 -25.22
N PHE E 215 -24.34 18.17 -24.50
CA PHE E 215 -24.34 18.44 -23.07
C PHE E 215 -24.06 19.91 -22.72
N ASP E 216 -23.74 20.72 -23.74
CA ASP E 216 -23.81 22.17 -23.58
C ASP E 216 -25.25 22.65 -23.76
N ARG E 217 -25.96 22.04 -24.71
CA ARG E 217 -27.36 22.41 -24.92
C ARG E 217 -28.26 21.94 -23.76
N PHE E 218 -27.99 20.76 -23.22
CA PHE E 218 -28.75 20.21 -22.11
C PHE E 218 -27.82 19.80 -20.97
N PRO E 219 -27.25 20.78 -20.25
CA PRO E 219 -26.21 20.50 -19.25
C PRO E 219 -26.66 19.71 -18.01
N ARG E 220 -27.96 19.62 -17.75
CA ARG E 220 -28.42 18.85 -16.59
C ARG E 220 -28.79 17.41 -16.91
N LEU E 221 -28.57 16.98 -18.15
CA LEU E 221 -28.84 15.58 -18.50
C LEU E 221 -27.98 14.64 -17.63
N LYS E 222 -28.58 13.53 -17.22
CA LYS E 222 -27.82 12.45 -16.61
C LYS E 222 -27.98 11.17 -17.44
N ILE E 223 -26.86 10.68 -17.98
CA ILE E 223 -26.84 9.46 -18.79
C ILE E 223 -26.12 8.35 -18.03
N VAL E 224 -26.65 7.13 -18.10
CA VAL E 224 -26.01 5.99 -17.46
C VAL E 224 -25.67 4.97 -18.55
N LEU E 225 -24.43 4.47 -18.52
CA LEU E 225 -23.97 3.44 -19.46
C LEU E 225 -23.53 2.21 -18.70
N GLY E 226 -24.02 1.04 -19.11
CA GLY E 226 -23.59 -0.21 -18.49
C GLY E 226 -22.27 -0.71 -19.08
N HIS E 227 -21.93 -1.95 -18.72
CA HIS E 227 -20.75 -2.62 -19.26
C HIS E 227 -19.51 -1.78 -19.06
N MET E 228 -19.35 -1.38 -17.80
CA MET E 228 -18.27 -0.51 -17.35
C MET E 228 -18.12 0.71 -18.25
N GLY E 229 -19.26 1.31 -18.56
CA GLY E 229 -19.29 2.53 -19.34
C GLY E 229 -18.99 2.31 -20.82
N GLU E 230 -19.21 1.09 -21.30
CA GLU E 230 -18.95 0.75 -22.69
C GLU E 230 -17.51 1.16 -23.11
N ALA E 231 -16.59 1.00 -22.16
CA ALA E 231 -15.17 1.33 -22.30
C ALA E 231 -14.79 2.80 -22.44
N ILE E 232 -15.77 3.69 -22.49
CA ILE E 232 -15.42 5.12 -22.55
C ILE E 232 -14.47 5.58 -21.42
N PRO E 233 -14.66 5.06 -20.18
CA PRO E 233 -13.69 5.42 -19.14
C PRO E 233 -12.23 5.14 -19.52
N PHE E 234 -12.00 4.12 -20.34
CA PHE E 234 -10.61 3.78 -20.72
C PHE E 234 -10.05 4.77 -21.72
N TRP E 235 -10.94 5.40 -22.49
CA TRP E 235 -10.52 6.30 -23.57
C TRP E 235 -10.43 7.79 -23.22
N LEU E 236 -10.66 8.18 -21.97
CA LEU E 236 -10.78 9.61 -21.63
C LEU E 236 -9.57 10.47 -22.02
N TRP E 237 -8.35 9.96 -21.79
CA TRP E 237 -7.18 10.78 -22.06
C TRP E 237 -7.06 11.11 -23.56
N ARG E 238 -7.25 10.10 -24.40
CA ARG E 238 -7.16 10.25 -25.85
C ARG E 238 -8.32 11.10 -26.40
N LEU E 239 -9.52 10.92 -25.87
CA LEU E 239 -10.64 11.77 -26.26
C LEU E 239 -10.30 13.23 -26.01
N ASP E 240 -9.72 13.50 -24.85
CA ASP E 240 -9.34 14.87 -24.50
C ASP E 240 -8.20 15.38 -25.34
N TYR E 241 -7.15 14.56 -25.48
CA TYR E 241 -5.96 15.02 -26.18
C TYR E 241 -6.29 15.35 -27.63
N MET E 242 -7.09 14.49 -28.25
CA MET E 242 -7.36 14.62 -29.68
C MET E 242 -8.48 15.60 -30.02
N HIS E 243 -9.16 16.12 -29.01
CA HIS E 243 -10.24 17.09 -29.26
C HIS E 243 -9.74 18.39 -29.92
N GLY E 244 -8.48 18.75 -29.67
CA GLY E 244 -7.87 19.89 -30.33
C GLY E 244 -7.81 19.78 -31.85
N ASN E 245 -7.37 18.63 -32.34
CA ASN E 245 -7.36 18.37 -33.78
C ASN E 245 -8.78 18.28 -34.35
N ALA E 246 -9.70 17.79 -33.54
CA ALA E 246 -11.09 17.62 -33.98
C ALA E 246 -11.72 18.98 -34.30
N THR E 247 -11.54 19.95 -33.41
CA THR E 247 -12.10 21.27 -33.62
C THR E 247 -11.27 22.13 -34.57
N THR E 248 -9.96 21.88 -34.65
CA THR E 248 -9.11 22.63 -35.56
C THR E 248 -9.28 22.20 -37.02
N PHE E 249 -9.08 20.91 -37.27
CA PHE E 249 -9.10 20.39 -38.65
C PHE E 249 -10.35 19.59 -39.01
N GLY E 250 -10.92 18.89 -38.04
CA GLY E 250 -12.08 18.05 -38.29
C GLY E 250 -13.40 18.80 -38.23
N GLY E 251 -13.34 20.13 -38.14
CA GLY E 251 -14.52 20.97 -38.14
C GLY E 251 -15.54 20.71 -37.03
N ALA E 252 -15.09 20.11 -35.94
CA ALA E 252 -15.97 19.82 -34.81
C ALA E 252 -16.30 21.10 -34.04
N PRO E 253 -17.51 21.17 -33.47
CA PRO E 253 -17.89 22.38 -32.73
C PRO E 253 -17.13 22.56 -31.43
N LYS E 254 -16.81 23.80 -31.09
CA LYS E 254 -16.18 24.15 -29.83
C LYS E 254 -17.11 23.84 -28.67
N LEU E 255 -16.57 23.20 -27.63
CA LEU E 255 -17.33 22.81 -26.47
C LEU E 255 -16.87 23.62 -25.27
N LYS E 256 -17.76 23.83 -24.31
CA LYS E 256 -17.42 24.58 -23.11
C LYS E 256 -16.44 23.79 -22.25
N LEU E 257 -16.57 22.47 -22.25
CA LEU E 257 -15.72 21.62 -21.41
C LEU E 257 -14.92 20.62 -22.24
N LYS E 258 -14.01 19.90 -21.58
CA LYS E 258 -13.30 18.80 -22.23
C LYS E 258 -14.24 17.60 -22.35
N PRO E 259 -14.04 16.76 -23.37
CA PRO E 259 -14.83 15.52 -23.46
C PRO E 259 -14.88 14.68 -22.17
N SER E 260 -13.76 14.52 -21.46
CA SER E 260 -13.81 13.71 -20.24
C SER E 260 -14.55 14.44 -19.13
N GLU E 261 -14.61 15.77 -19.21
CA GLU E 261 -15.38 16.54 -18.24
C GLU E 261 -16.89 16.38 -18.42
N TYR E 262 -17.36 16.22 -19.66
CA TYR E 262 -18.75 15.86 -19.86
C TYR E 262 -18.98 14.45 -19.35
N PHE E 263 -18.02 13.55 -19.59
CA PHE E 263 -18.24 12.18 -19.15
C PHE E 263 -18.41 12.09 -17.63
N ARG E 264 -17.56 12.81 -16.90
CA ARG E 264 -17.66 12.81 -15.45
C ARG E 264 -18.85 13.61 -14.95
N ARG E 265 -19.17 14.72 -15.63
CA ARG E 265 -20.27 15.56 -15.18
C ARG E 265 -21.64 14.94 -15.44
N ASN E 266 -21.84 14.46 -16.66
CA ASN E 266 -23.17 14.04 -17.12
C ASN E 266 -23.42 12.55 -17.16
N PHE E 267 -22.37 11.74 -17.04
CA PHE E 267 -22.52 10.29 -17.12
C PHE E 267 -22.20 9.61 -15.80
N ALA E 268 -22.83 8.45 -15.58
CA ALA E 268 -22.38 7.51 -14.57
C ALA E 268 -22.37 6.15 -15.26
N ILE E 269 -21.74 5.16 -14.64
CA ILE E 269 -21.61 3.86 -15.28
C ILE E 269 -22.07 2.73 -14.39
N THR E 270 -22.37 1.57 -14.98
CA THR E 270 -22.60 0.37 -14.19
C THR E 270 -21.70 -0.78 -14.62
N THR E 271 -21.57 -1.77 -13.74
CA THR E 271 -20.64 -2.87 -13.92
C THR E 271 -21.26 -4.08 -14.63
N SER E 272 -22.44 -3.92 -15.23
CA SER E 272 -23.13 -5.05 -15.87
C SER E 272 -22.21 -5.76 -16.84
N GLY E 273 -22.12 -7.08 -16.73
CA GLY E 273 -21.34 -7.87 -17.67
C GLY E 273 -19.84 -7.64 -17.65
N VAL E 274 -19.35 -6.91 -16.64
CA VAL E 274 -17.92 -6.68 -16.51
C VAL E 274 -17.51 -6.93 -15.07
N GLU E 275 -17.46 -8.20 -14.69
CA GLU E 275 -17.17 -8.58 -13.31
C GLU E 275 -15.66 -8.70 -13.09
N SER E 276 -14.97 -7.59 -13.31
CA SER E 276 -13.52 -7.50 -13.20
C SER E 276 -13.14 -6.48 -12.13
N HIS E 277 -12.46 -6.94 -11.09
CA HIS E 277 -12.03 -6.03 -10.04
C HIS E 277 -11.06 -4.97 -10.59
N ALA E 278 -10.20 -5.35 -11.54
CA ALA E 278 -9.26 -4.39 -12.09
C ALA E 278 -9.97 -3.29 -12.86
N ALA E 279 -10.98 -3.66 -13.64
CA ALA E 279 -11.71 -2.67 -14.42
C ALA E 279 -12.55 -1.78 -13.47
N LEU E 280 -13.09 -2.39 -12.43
CA LEU E 280 -13.87 -1.64 -11.42
C LEU E 280 -12.97 -0.62 -10.73
N ARG E 281 -11.80 -1.07 -10.28
CA ARG E 281 -10.88 -0.16 -9.61
C ARG E 281 -10.43 0.99 -10.52
N TYR E 282 -10.08 0.67 -11.77
CA TYR E 282 -9.75 1.68 -12.76
C TYR E 282 -10.87 2.73 -12.87
N SER E 283 -12.11 2.25 -13.00
CA SER E 283 -13.25 3.14 -13.22
C SER E 283 -13.46 4.04 -12.01
N ILE E 284 -13.34 3.47 -10.81
CA ILE E 284 -13.45 4.26 -9.59
C ILE E 284 -12.38 5.35 -9.53
N GLU E 285 -11.18 5.03 -10.01
CA GLU E 285 -10.08 5.99 -9.98
C GLU E 285 -10.30 7.18 -10.93
N VAL E 286 -10.76 6.89 -12.14
CA VAL E 286 -10.84 7.93 -13.16
C VAL E 286 -12.18 8.70 -13.17
N LEU E 287 -13.23 8.05 -12.65
CA LEU E 287 -14.57 8.67 -12.61
C LEU E 287 -14.97 9.19 -11.24
N GLY E 288 -14.34 8.68 -10.20
CA GLY E 288 -14.79 8.96 -8.84
C GLY E 288 -15.80 7.90 -8.40
N PRO E 289 -15.80 7.55 -7.10
CA PRO E 289 -16.64 6.45 -6.61
C PRO E 289 -18.13 6.75 -6.68
N GLU E 290 -18.52 8.02 -6.83
CA GLU E 290 -19.93 8.36 -6.93
C GLU E 290 -20.49 8.03 -8.30
N ASN E 291 -19.63 7.76 -9.28
CA ASN E 291 -20.11 7.55 -10.66
C ASN E 291 -20.15 6.08 -11.11
N VAL E 292 -19.97 5.14 -10.17
CA VAL E 292 -19.98 3.72 -10.54
C VAL E 292 -21.07 2.96 -9.78
N MET E 293 -21.93 2.25 -10.51
CA MET E 293 -23.00 1.48 -9.88
C MET E 293 -22.88 0.00 -10.21
N TRP E 294 -23.39 -0.84 -9.33
CA TRP E 294 -23.39 -2.28 -9.56
C TRP E 294 -24.63 -2.67 -10.39
N ALA E 295 -24.48 -3.73 -11.18
CA ALA E 295 -25.61 -4.32 -11.90
C ALA E 295 -25.34 -5.79 -12.16
N ILE E 296 -26.39 -6.53 -12.51
CA ILE E 296 -26.25 -7.95 -12.80
C ILE E 296 -26.32 -8.24 -14.30
N ASP E 297 -27.27 -7.59 -14.97
CA ASP E 297 -27.66 -7.88 -16.34
C ASP E 297 -28.46 -9.18 -16.44
N TYR E 298 -29.24 -9.47 -15.41
CA TYR E 298 -30.20 -10.58 -15.42
C TYR E 298 -31.25 -10.31 -16.48
N PRO E 299 -31.72 -11.35 -17.18
CA PRO E 299 -31.38 -12.78 -17.05
C PRO E 299 -30.26 -13.23 -17.99
N TYR E 300 -29.58 -12.29 -18.62
CA TYR E 300 -28.51 -12.61 -19.55
C TYR E 300 -27.24 -13.04 -18.83
N GLN E 301 -27.15 -12.69 -17.55
CA GLN E 301 -26.07 -13.14 -16.66
C GLN E 301 -26.71 -13.73 -15.39
N PRO E 302 -26.08 -14.75 -14.80
CA PRO E 302 -26.55 -15.29 -13.51
C PRO E 302 -26.26 -14.30 -12.39
N MET E 303 -27.08 -14.35 -11.33
N MET E 303 -27.09 -14.33 -11.35
CA MET E 303 -26.97 -13.39 -10.26
CA MET E 303 -26.98 -13.38 -10.25
C MET E 303 -25.83 -13.68 -9.28
C MET E 303 -25.79 -13.68 -9.34
N ALA E 304 -25.61 -14.95 -8.98
CA ALA E 304 -24.59 -15.31 -7.99
C ALA E 304 -23.18 -14.75 -8.29
N PRO E 305 -22.64 -14.96 -9.50
CA PRO E 305 -21.31 -14.40 -9.80
C PRO E 305 -21.28 -12.88 -9.75
N ALA E 306 -22.33 -12.23 -10.22
CA ALA E 306 -22.39 -10.77 -10.15
C ALA E 306 -22.39 -10.28 -8.70
N VAL E 307 -23.23 -10.89 -7.87
CA VAL E 307 -23.24 -10.57 -6.44
C VAL E 307 -21.88 -10.82 -5.78
N GLN E 308 -21.29 -11.98 -6.03
CA GLN E 308 -20.01 -12.30 -5.39
C GLN E 308 -18.86 -11.38 -5.85
N PHE E 309 -18.93 -10.92 -7.09
CA PHE E 309 -18.01 -9.92 -7.62
C PHE E 309 -17.96 -8.64 -6.77
N ILE E 310 -19.13 -8.09 -6.43
CA ILE E 310 -19.17 -6.84 -5.67
C ILE E 310 -18.89 -7.10 -4.18
N ARG E 311 -19.44 -8.19 -3.63
CA ARG E 311 -19.16 -8.54 -2.22
C ARG E 311 -17.67 -8.77 -1.94
N THR E 312 -16.93 -9.23 -2.94
CA THR E 312 -15.52 -9.53 -2.74
C THR E 312 -14.61 -8.44 -3.31
N ALA E 313 -15.17 -7.31 -3.75
CA ALA E 313 -14.34 -6.29 -4.40
C ALA E 313 -13.33 -5.72 -3.41
N PRO E 314 -12.06 -5.58 -3.85
CA PRO E 314 -10.99 -5.04 -3.01
C PRO E 314 -11.03 -3.52 -2.91
N ILE E 315 -12.10 -3.03 -2.28
CA ILE E 315 -12.33 -1.61 -2.07
C ILE E 315 -12.89 -1.42 -0.66
N PRO E 316 -12.71 -0.23 -0.06
CA PRO E 316 -13.22 0.03 1.28
C PRO E 316 -14.74 -0.19 1.37
N GLU E 317 -15.22 -0.51 2.56
CA GLU E 317 -16.63 -0.84 2.73
C GLU E 317 -17.54 0.34 2.38
N ASP E 318 -17.13 1.57 2.66
CA ASP E 318 -18.00 2.70 2.34
C ASP E 318 -18.12 2.90 0.83
N VAL E 319 -17.00 2.78 0.12
CA VAL E 319 -17.05 2.79 -1.34
C VAL E 319 -17.82 1.59 -1.88
N LYS E 320 -17.62 0.42 -1.30
CA LYS E 320 -18.39 -0.74 -1.73
C LYS E 320 -19.89 -0.49 -1.55
N ALA E 321 -20.26 0.17 -0.46
CA ALA E 321 -21.68 0.46 -0.23
C ALA E 321 -22.24 1.42 -1.28
N MET E 322 -21.45 2.41 -1.67
CA MET E 322 -21.85 3.33 -2.73
C MET E 322 -22.04 2.58 -4.04
N VAL E 323 -21.07 1.74 -4.39
CA VAL E 323 -21.15 1.04 -5.67
C VAL E 323 -22.30 0.03 -5.65
N ALA E 324 -22.44 -0.67 -4.53
CA ALA E 324 -23.46 -1.71 -4.38
C ALA E 324 -24.89 -1.20 -4.50
N GLY E 325 -25.16 -0.03 -3.92
CA GLY E 325 -26.53 0.48 -3.85
C GLY E 325 -26.72 1.97 -3.63
N GLY E 326 -25.79 2.61 -2.92
CA GLY E 326 -25.94 4.02 -2.56
C GLY E 326 -26.06 4.97 -3.74
N ASN E 327 -25.17 4.81 -4.72
CA ASN E 327 -25.22 5.66 -5.91
C ASN E 327 -26.51 5.47 -6.68
N ALA E 328 -26.93 4.21 -6.79
CA ALA E 328 -28.18 3.87 -7.47
C ALA E 328 -29.36 4.54 -6.76
N ALA E 329 -29.38 4.47 -5.43
CA ALA E 329 -30.47 5.07 -4.66
C ALA E 329 -30.57 6.57 -4.93
N ARG E 330 -29.42 7.22 -5.09
CA ARG E 330 -29.40 8.65 -5.41
C ARG E 330 -29.83 8.92 -6.85
N ILE E 331 -29.23 8.22 -7.79
CA ILE E 331 -29.41 8.51 -9.21
C ILE E 331 -30.79 8.11 -9.70
N PHE E 332 -31.32 7.01 -9.17
CA PHE E 332 -32.61 6.50 -9.61
C PHE E 332 -33.75 6.69 -8.60
N ARG E 333 -33.61 7.67 -7.72
CA ARG E 333 -34.70 8.06 -6.81
C ARG E 333 -35.29 6.89 -6.03
N ILE E 334 -34.42 6.10 -5.41
CA ILE E 334 -34.88 4.96 -4.61
C ILE E 334 -34.69 5.26 -3.13
N THR E 335 -35.75 5.07 -2.35
CA THR E 335 -35.64 5.22 -0.90
C THR E 335 -35.09 3.95 -0.24
N SER F 1 -15.07 -1.34 23.17
CA SER F 1 -16.17 -0.95 22.28
C SER F 1 -16.38 -1.91 21.11
N LEU F 2 -15.33 -2.62 20.72
CA LEU F 2 -15.48 -3.67 19.71
C LEU F 2 -16.38 -4.76 20.27
N ARG F 3 -17.48 -5.06 19.58
CA ARG F 3 -18.39 -6.11 20.05
C ARG F 3 -17.91 -7.50 19.66
N LEU F 4 -17.52 -8.30 20.66
CA LEU F 4 -16.96 -9.63 20.41
C LEU F 4 -17.97 -10.74 20.66
N ILE F 5 -18.38 -11.41 19.59
CA ILE F 5 -19.32 -12.53 19.68
C ILE F 5 -18.59 -13.81 19.24
N ALA F 6 -18.21 -14.66 20.19
CA ALA F 6 -17.48 -15.88 19.85
C ALA F 6 -18.44 -16.97 19.35
N THR F 7 -18.18 -17.54 18.19
CA THR F 7 -19.18 -18.41 17.55
C THR F 7 -19.03 -19.94 17.61
N GLU F 8 -17.98 -20.46 18.24
CA GLU F 8 -17.85 -21.92 18.30
C GLU F 8 -17.52 -22.36 19.72
N GLU F 9 -18.39 -22.02 20.65
CA GLU F 9 -18.07 -22.19 22.06
C GLU F 9 -18.82 -23.38 22.64
N ALA F 10 -18.06 -24.42 22.99
CA ALA F 10 -18.62 -25.70 23.43
C ALA F 10 -19.18 -25.68 24.86
N VAL F 11 -20.27 -26.41 25.06
CA VAL F 11 -20.88 -26.56 26.38
C VAL F 11 -21.42 -27.98 26.47
N THR F 12 -21.74 -28.45 27.66
CA THR F 12 -22.41 -29.75 27.78
C THR F 12 -23.34 -29.71 28.97
N PHE F 13 -24.20 -30.72 29.08
CA PHE F 13 -25.21 -30.76 30.13
C PHE F 13 -25.22 -32.15 30.74
N GLN F 14 -25.60 -32.21 32.01
CA GLN F 14 -25.63 -33.46 32.77
C GLN F 14 -26.23 -34.69 32.06
N PRO F 15 -27.40 -34.55 31.40
CA PRO F 15 -27.95 -35.77 30.80
C PRO F 15 -27.09 -36.31 29.67
N VAL F 16 -26.45 -35.42 28.90
CA VAL F 16 -25.57 -35.87 27.83
C VAL F 16 -24.30 -36.47 28.43
N VAL F 17 -23.70 -35.78 29.39
CA VAL F 17 -22.51 -36.29 30.09
C VAL F 17 -22.72 -37.72 30.61
N ASP F 18 -23.82 -37.93 31.32
CA ASP F 18 -24.16 -39.25 31.84
C ASP F 18 -24.23 -40.30 30.75
N ALA F 19 -24.85 -39.95 29.63
CA ALA F 19 -25.05 -40.88 28.54
C ALA F 19 -23.72 -41.23 27.89
N LEU F 20 -22.83 -40.25 27.78
CA LEU F 20 -21.51 -40.49 27.19
C LEU F 20 -20.61 -41.29 28.13
N ARG F 21 -20.80 -41.11 29.44
CA ARG F 21 -20.09 -41.94 30.41
C ARG F 21 -20.45 -43.41 30.21
N ALA F 22 -21.74 -43.66 29.96
CA ALA F 22 -22.21 -45.02 29.71
C ALA F 22 -21.66 -45.53 28.39
N HIS F 23 -21.78 -44.69 27.36
CA HIS F 23 -21.34 -45.08 26.03
C HIS F 23 -19.85 -45.39 25.99
N SER F 24 -19.08 -44.72 26.85
CA SER F 24 -17.63 -44.90 26.89
C SER F 24 -17.24 -46.34 27.25
N ARG F 25 -18.18 -47.07 27.86
CA ARG F 25 -17.89 -48.45 28.28
C ARG F 25 -18.24 -49.50 27.23
N THR F 26 -18.74 -49.07 26.08
CA THR F 26 -19.21 -50.02 25.07
C THR F 26 -18.13 -50.32 24.05
N ASP F 27 -18.46 -51.23 23.13
CA ASP F 27 -17.50 -51.73 22.15
C ASP F 27 -17.43 -50.91 20.88
N ASP F 28 -18.10 -49.76 20.87
CA ASP F 28 -18.18 -48.88 19.70
C ASP F 28 -16.78 -48.67 19.11
N ALA F 29 -16.65 -48.89 17.80
CA ALA F 29 -15.34 -48.77 17.16
C ALA F 29 -15.11 -47.39 16.54
N SER F 30 -16.09 -46.50 16.66
CA SER F 30 -15.97 -45.14 16.13
C SER F 30 -14.70 -44.46 16.62
N LEU F 31 -14.04 -43.70 15.74
CA LEU F 31 -12.81 -43.00 16.10
C LEU F 31 -13.03 -41.97 17.22
N ASP F 32 -14.28 -41.51 17.38
CA ASP F 32 -14.59 -40.59 18.47
C ASP F 32 -14.47 -41.25 19.84
N MET F 33 -14.38 -42.57 19.89
CA MET F 33 -14.21 -43.25 21.19
C MET F 33 -12.92 -42.85 21.90
N ILE F 34 -11.94 -42.38 21.14
CA ILE F 34 -10.72 -41.88 21.76
C ILE F 34 -11.06 -40.70 22.68
N LEU F 35 -11.66 -39.67 22.10
CA LEU F 35 -12.11 -38.49 22.85
C LEU F 35 -13.10 -38.86 23.96
N VAL F 36 -14.10 -39.67 23.62
CA VAL F 36 -15.13 -40.05 24.59
C VAL F 36 -14.53 -40.76 25.81
N ARG F 37 -13.56 -41.64 25.59
CA ARG F 37 -12.90 -42.29 26.71
C ARG F 37 -12.02 -41.29 27.48
N ASP F 38 -11.30 -40.44 26.75
CA ASP F 38 -10.42 -39.43 27.38
C ASP F 38 -11.16 -38.43 28.28
N VAL F 39 -12.35 -38.03 27.87
CA VAL F 39 -13.14 -37.03 28.59
C VAL F 39 -14.24 -37.63 29.49
N TYR F 40 -14.90 -38.69 29.03
CA TYR F 40 -16.08 -39.21 29.71
C TYR F 40 -15.89 -40.60 30.29
N GLY F 41 -14.72 -41.18 30.10
CA GLY F 41 -14.47 -42.55 30.48
C GLY F 41 -14.21 -42.71 31.97
N ASP F 42 -14.20 -43.95 32.44
CA ASP F 42 -13.99 -44.23 33.86
C ASP F 42 -12.56 -43.96 34.33
N GLU F 43 -11.62 -43.85 33.39
CA GLU F 43 -10.23 -43.54 33.71
C GLU F 43 -9.73 -42.44 32.80
N PRO F 44 -10.31 -41.23 32.93
CA PRO F 44 -10.17 -40.17 31.93
C PRO F 44 -8.80 -39.50 31.90
N ALA F 45 -8.20 -39.47 30.71
CA ALA F 45 -6.95 -38.76 30.47
C ALA F 45 -7.09 -37.26 30.70
N ARG F 46 -8.30 -36.74 30.54
CA ARG F 46 -8.58 -35.31 30.72
C ARG F 46 -9.70 -35.12 31.72
N PRO F 47 -9.41 -35.35 33.02
CA PRO F 47 -10.44 -35.40 34.07
C PRO F 47 -11.15 -34.06 34.31
N ALA F 48 -10.55 -32.96 33.88
CA ALA F 48 -11.07 -31.62 34.15
C ALA F 48 -12.00 -31.09 33.07
N MET F 49 -12.06 -31.77 31.94
CA MET F 49 -12.76 -31.23 30.77
C MET F 49 -14.28 -31.17 30.92
N ILE F 50 -14.89 -32.17 31.56
CA ILE F 50 -16.35 -32.15 31.79
C ILE F 50 -16.75 -30.88 32.54
N GLY F 51 -16.01 -30.57 33.61
CA GLY F 51 -16.25 -29.37 34.38
C GLY F 51 -16.15 -28.09 33.58
N ARG F 52 -15.14 -27.97 32.72
CA ARG F 52 -14.95 -26.76 31.95
C ARG F 52 -16.04 -26.61 30.90
N LEU F 53 -16.41 -27.73 30.27
CA LEU F 53 -17.50 -27.73 29.32
C LEU F 53 -18.84 -27.38 29.97
N SER F 54 -19.08 -27.94 31.16
CA SER F 54 -20.35 -27.75 31.83
C SER F 54 -20.48 -26.34 32.39
N ASP F 55 -19.35 -25.73 32.76
CA ASP F 55 -19.38 -24.39 33.34
C ASP F 55 -19.80 -23.33 32.33
N VAL F 56 -20.78 -22.51 32.71
CA VAL F 56 -21.18 -21.38 31.88
C VAL F 56 -20.97 -20.07 32.64
N THR F 57 -21.49 -19.99 33.88
CA THR F 57 -21.49 -18.72 34.62
C THR F 57 -20.34 -18.54 35.63
N GLY F 58 -19.46 -19.53 35.74
CA GLY F 58 -18.32 -19.41 36.62
C GLY F 58 -17.09 -18.91 35.88
N GLU F 59 -16.12 -19.80 35.70
CA GLU F 59 -14.88 -19.46 35.01
C GLU F 59 -15.10 -18.90 33.60
N ARG F 60 -16.04 -19.48 32.85
CA ARG F 60 -16.27 -19.04 31.47
C ARG F 60 -16.65 -17.56 31.44
N LEU F 61 -17.66 -17.21 32.23
CA LEU F 61 -18.12 -15.82 32.29
C LEU F 61 -17.04 -14.90 32.84
N ALA F 62 -16.27 -15.36 33.82
CA ALA F 62 -15.20 -14.53 34.38
C ALA F 62 -14.12 -14.25 33.33
N GLU F 63 -13.77 -15.27 32.56
CA GLU F 63 -12.83 -15.12 31.46
C GLU F 63 -13.35 -14.17 30.37
N MET F 64 -14.64 -14.26 30.08
CA MET F 64 -15.22 -13.36 29.09
C MET F 64 -15.08 -11.91 29.56
N ASP F 65 -15.39 -11.69 30.84
CA ASP F 65 -15.25 -10.37 31.44
C ASP F 65 -13.82 -9.83 31.46
N SER F 66 -12.86 -10.69 31.82
CA SER F 66 -11.45 -10.29 31.84
C SER F 66 -10.93 -9.88 30.48
N ASN F 67 -11.45 -10.51 29.43
CA ASN F 67 -10.97 -10.28 28.07
C ASN F 67 -11.89 -9.42 27.22
N GLY F 68 -12.98 -8.93 27.82
CA GLY F 68 -13.90 -8.04 27.12
C GLY F 68 -14.71 -8.72 26.02
N VAL F 69 -15.03 -9.98 26.22
CA VAL F 69 -15.84 -10.74 25.27
C VAL F 69 -17.30 -10.56 25.62
N ASP F 70 -18.09 -10.08 24.66
CA ASP F 70 -19.48 -9.78 24.91
C ASP F 70 -20.34 -11.04 25.02
N MET F 71 -20.15 -11.99 24.10
CA MET F 71 -21.01 -13.16 24.05
C MET F 71 -20.28 -14.44 23.66
N HIS F 72 -20.79 -15.57 24.16
CA HIS F 72 -20.50 -16.87 23.56
C HIS F 72 -21.77 -17.38 22.89
N LEU F 73 -21.63 -17.84 21.65
CA LEU F 73 -22.68 -18.59 20.99
C LEU F 73 -22.40 -20.06 21.30
N LEU F 74 -23.24 -20.64 22.15
CA LEU F 74 -23.02 -21.97 22.73
C LEU F 74 -23.54 -23.10 21.85
N SER F 75 -22.85 -24.23 21.89
CA SER F 75 -23.24 -25.41 21.11
C SER F 75 -22.89 -26.66 21.90
N LEU F 76 -23.78 -27.65 21.88
CA LEU F 76 -23.45 -28.91 22.51
C LEU F 76 -22.17 -29.46 21.90
N THR F 77 -21.20 -29.76 22.75
CA THR F 77 -19.88 -30.18 22.29
C THR F 77 -19.95 -31.48 21.45
N ALA F 78 -19.06 -31.61 20.46
CA ALA F 78 -18.90 -32.86 19.71
C ALA F 78 -18.64 -34.00 20.67
N PRO F 79 -19.21 -35.19 20.40
CA PRO F 79 -19.97 -35.55 19.20
C PRO F 79 -21.47 -35.41 19.37
N GLY F 80 -21.89 -34.44 20.19
CA GLY F 80 -23.30 -34.20 20.41
C GLY F 80 -24.07 -35.42 20.86
N VAL F 81 -25.15 -35.72 20.15
CA VAL F 81 -25.97 -36.88 20.49
C VAL F 81 -25.92 -37.91 19.37
N GLN F 82 -24.96 -37.73 18.46
CA GLN F 82 -24.92 -38.52 17.23
C GLN F 82 -24.37 -39.94 17.38
N MET F 83 -23.68 -40.23 18.48
CA MET F 83 -23.14 -41.57 18.69
C MET F 83 -24.18 -42.55 19.25
N PHE F 84 -25.29 -42.04 19.73
CA PHE F 84 -26.28 -42.88 20.40
C PHE F 84 -27.19 -43.56 19.40
N ASP F 85 -27.97 -44.54 19.86
CA ASP F 85 -28.98 -45.14 18.99
C ASP F 85 -30.05 -44.10 18.68
N ALA F 86 -30.84 -44.33 17.65
CA ALA F 86 -31.82 -43.34 17.19
C ALA F 86 -32.72 -42.85 18.31
N GLU F 87 -33.32 -43.78 19.06
CA GLU F 87 -34.21 -43.44 20.18
C GLU F 87 -33.55 -42.59 21.25
N THR F 88 -32.36 -42.99 21.68
CA THR F 88 -31.63 -42.26 22.70
C THR F 88 -31.21 -40.86 22.20
N GLY F 89 -30.67 -40.79 20.99
CA GLY F 89 -30.28 -39.53 20.40
C GLY F 89 -31.41 -38.53 20.36
N THR F 90 -32.55 -38.95 19.81
CA THR F 90 -33.76 -38.14 19.73
C THR F 90 -34.18 -37.62 21.11
N ARG F 91 -34.22 -38.52 22.09
CA ARG F 91 -34.59 -38.17 23.46
C ARG F 91 -33.65 -37.12 24.05
N LEU F 92 -32.36 -37.32 23.88
CA LEU F 92 -31.38 -36.41 24.48
C LEU F 92 -31.27 -35.06 23.76
N ALA F 93 -31.50 -35.05 22.45
CA ALA F 93 -31.46 -33.79 21.71
C ALA F 93 -32.51 -32.83 22.27
N ARG F 94 -33.72 -33.33 22.50
CA ARG F 94 -34.78 -32.51 23.07
C ARG F 94 -34.38 -31.95 24.43
N ILE F 95 -33.85 -32.84 25.27
CA ILE F 95 -33.36 -32.48 26.59
C ILE F 95 -32.27 -31.40 26.50
N ALA F 96 -31.28 -31.66 25.65
CA ALA F 96 -30.13 -30.76 25.51
C ALA F 96 -30.55 -29.40 24.96
N ASN F 97 -31.48 -29.41 24.01
CA ASN F 97 -32.00 -28.16 23.46
C ASN F 97 -32.80 -27.35 24.49
N ASP F 98 -33.58 -28.03 25.32
CA ASP F 98 -34.34 -27.34 26.36
C ASP F 98 -33.37 -26.71 27.37
N LEU F 99 -32.32 -27.46 27.72
CA LEU F 99 -31.30 -26.93 28.61
C LEU F 99 -30.55 -25.76 27.98
N MET F 100 -30.31 -25.83 26.67
CA MET F 100 -29.61 -24.76 25.98
C MET F 100 -30.44 -23.47 26.05
N ALA F 101 -31.73 -23.59 25.77
CA ALA F 101 -32.60 -22.41 25.80
C ALA F 101 -32.70 -21.80 27.21
N GLN F 102 -32.74 -22.65 28.23
CA GLN F 102 -32.80 -22.16 29.61
C GLN F 102 -31.51 -21.45 29.98
N THR F 103 -30.38 -22.01 29.56
CA THR F 103 -29.08 -21.40 29.79
C THR F 103 -29.02 -20.01 29.13
N VAL F 104 -29.47 -19.95 27.89
CA VAL F 104 -29.56 -18.69 27.17
C VAL F 104 -30.49 -17.68 27.87
N ALA F 105 -31.67 -18.14 28.29
CA ALA F 105 -32.62 -17.24 28.93
C ALA F 105 -32.12 -16.71 30.29
N ALA F 106 -31.21 -17.43 30.93
CA ALA F 106 -30.66 -16.96 32.19
C ALA F 106 -29.73 -15.74 32.04
N ASN F 107 -29.00 -15.68 30.93
CA ASN F 107 -28.11 -14.53 30.67
C ASN F 107 -28.07 -14.17 29.20
N PRO F 108 -29.20 -13.66 28.67
CA PRO F 108 -29.37 -13.59 27.22
C PRO F 108 -28.57 -12.50 26.54
N THR F 109 -27.93 -11.62 27.30
CA THR F 109 -27.04 -10.64 26.67
C THR F 109 -25.60 -11.16 26.62
N ARG F 110 -25.33 -12.24 27.34
CA ARG F 110 -23.98 -12.81 27.32
C ARG F 110 -23.92 -14.13 26.55
N PHE F 111 -25.06 -14.80 26.39
CA PHE F 111 -25.09 -16.09 25.73
C PHE F 111 -26.20 -16.26 24.70
N ALA F 112 -25.81 -16.75 23.53
CA ALA F 112 -26.75 -17.23 22.53
C ALA F 112 -26.53 -18.74 22.41
N GLY F 113 -27.42 -19.43 21.69
CA GLY F 113 -27.35 -20.88 21.65
C GLY F 113 -27.72 -21.51 20.31
N LEU F 114 -27.01 -22.57 19.95
CA LEU F 114 -27.35 -23.37 18.79
C LEU F 114 -28.03 -24.65 19.25
N GLY F 115 -29.09 -25.04 18.56
CA GLY F 115 -29.77 -26.29 18.90
C GLY F 115 -29.16 -27.44 18.10
N THR F 116 -29.34 -28.66 18.58
CA THR F 116 -28.79 -29.81 17.88
C THR F 116 -29.92 -30.80 17.62
N PHE F 117 -29.61 -31.90 16.93
CA PHE F 117 -30.61 -32.90 16.62
C PHE F 117 -29.93 -34.24 16.38
N ALA F 118 -30.74 -35.29 16.36
CA ALA F 118 -30.23 -36.64 16.10
C ALA F 118 -30.66 -37.08 14.71
N PRO F 119 -29.79 -36.85 13.71
CA PRO F 119 -30.16 -37.22 12.34
C PRO F 119 -30.15 -38.73 12.10
N GLN F 120 -29.85 -39.52 13.13
CA GLN F 120 -30.07 -40.98 13.05
C GLN F 120 -31.50 -41.26 12.62
N ASP F 121 -32.41 -40.37 13.04
CA ASP F 121 -33.83 -40.44 12.69
C ASP F 121 -34.20 -39.11 12.03
N PRO F 122 -34.13 -39.05 10.70
CA PRO F 122 -34.33 -37.79 9.98
C PRO F 122 -35.71 -37.17 10.19
N ALA F 123 -36.77 -37.96 10.21
CA ALA F 123 -38.11 -37.42 10.41
C ALA F 123 -38.26 -36.77 11.79
N SER F 124 -37.74 -37.44 12.83
CA SER F 124 -37.80 -36.88 14.18
C SER F 124 -36.86 -35.68 14.31
N ALA F 125 -35.68 -35.77 13.70
CA ALA F 125 -34.76 -34.64 13.68
C ALA F 125 -35.42 -33.41 13.06
N ALA F 126 -36.15 -33.62 11.96
CA ALA F 126 -36.85 -32.53 11.29
C ALA F 126 -37.90 -31.86 12.18
N ARG F 127 -38.58 -32.66 13.00
CA ARG F 127 -39.53 -32.11 13.96
C ARG F 127 -38.83 -31.29 15.03
N GLU F 128 -37.70 -31.79 15.52
CA GLU F 128 -36.97 -31.08 16.55
C GLU F 128 -36.39 -29.78 16.01
N ILE F 129 -35.96 -29.79 14.75
CA ILE F 129 -35.49 -28.56 14.10
C ILE F 129 -36.56 -27.46 14.10
N GLU F 130 -37.79 -27.83 13.74
CA GLU F 130 -38.90 -26.89 13.77
C GLU F 130 -39.17 -26.34 15.16
N ARG F 131 -39.09 -27.20 16.18
CA ARG F 131 -39.31 -26.77 17.56
C ARG F 131 -38.20 -25.83 18.04
N VAL F 132 -36.96 -26.11 17.64
CA VAL F 132 -35.85 -25.22 17.97
C VAL F 132 -36.08 -23.84 17.37
N ALA F 133 -36.51 -23.82 16.11
CA ALA F 133 -36.74 -22.57 15.40
C ALA F 133 -37.90 -21.77 15.97
N THR F 134 -39.02 -22.46 16.23
CA THR F 134 -40.28 -21.80 16.51
C THR F 134 -40.65 -21.69 17.98
N GLN F 135 -40.44 -22.75 18.73
CA GLN F 135 -40.83 -22.75 20.14
C GLN F 135 -39.71 -22.25 21.04
N LEU F 136 -38.51 -22.81 20.86
CA LEU F 136 -37.38 -22.42 21.69
C LEU F 136 -36.76 -21.10 21.22
N ARG F 137 -36.91 -20.82 19.93
CA ARG F 137 -36.37 -19.62 19.32
C ARG F 137 -34.86 -19.50 19.53
N LEU F 138 -34.17 -20.62 19.34
CA LEU F 138 -32.72 -20.62 19.43
C LEU F 138 -32.11 -19.93 18.22
N ASN F 139 -30.80 -19.70 18.25
CA ASN F 139 -30.16 -18.81 17.31
C ASN F 139 -29.74 -19.49 16.02
N GLY F 140 -29.69 -20.82 16.03
CA GLY F 140 -29.21 -21.56 14.88
C GLY F 140 -29.10 -23.02 15.24
N LEU F 141 -28.40 -23.81 14.43
CA LEU F 141 -28.25 -25.24 14.69
C LEU F 141 -26.78 -25.66 14.65
N VAL F 142 -26.50 -26.81 15.27
CA VAL F 142 -25.18 -27.38 15.23
C VAL F 142 -25.28 -28.90 15.10
N ILE F 143 -24.44 -29.47 14.25
CA ILE F 143 -24.32 -30.91 14.11
C ILE F 143 -22.83 -31.20 13.90
N ASN F 144 -22.38 -32.39 14.28
CA ASN F 144 -20.95 -32.69 14.23
C ASN F 144 -20.59 -33.66 13.12
N SER F 145 -20.13 -33.09 12.02
CA SER F 145 -19.90 -33.80 10.75
C SER F 145 -20.82 -35.01 10.58
N HIS F 146 -20.23 -36.17 10.31
CA HIS F 146 -21.03 -37.34 9.91
C HIS F 146 -21.98 -37.88 10.97
N THR F 147 -23.02 -38.59 10.50
CA THR F 147 -23.84 -39.42 11.38
C THR F 147 -23.89 -40.84 10.83
N ASN F 148 -23.63 -41.83 11.69
CA ASN F 148 -23.61 -43.23 11.32
C ASN F 148 -22.69 -43.51 10.15
N ASP F 149 -21.61 -42.72 10.07
CA ASP F 149 -20.61 -42.86 9.02
C ASP F 149 -21.17 -42.56 7.63
N LEU F 150 -22.21 -41.75 7.59
CA LEU F 150 -22.76 -41.23 6.34
C LEU F 150 -22.56 -39.72 6.28
N TYR F 151 -22.40 -39.18 5.08
CA TYR F 151 -22.24 -37.74 4.90
C TYR F 151 -23.50 -37.10 4.34
N TYR F 152 -23.60 -35.78 4.43
CA TYR F 152 -24.89 -35.12 4.23
C TYR F 152 -25.32 -34.90 2.78
N ASP F 153 -24.59 -35.55 1.86
CA ASP F 153 -25.04 -35.65 0.48
C ASP F 153 -26.03 -36.79 0.33
N ASP F 154 -26.04 -37.70 1.30
CA ASP F 154 -26.92 -38.85 1.24
C ASP F 154 -28.39 -38.43 1.36
N PRO F 155 -29.23 -38.88 0.42
CA PRO F 155 -30.65 -38.51 0.38
C PRO F 155 -31.42 -38.91 1.64
N PHE F 156 -30.88 -39.86 2.41
CA PHE F 156 -31.44 -40.26 3.68
C PHE F 156 -31.70 -39.04 4.56
N PHE F 157 -30.85 -38.03 4.43
CA PHE F 157 -30.94 -36.85 5.29
C PHE F 157 -31.79 -35.71 4.71
N HIS F 158 -32.35 -35.91 3.53
CA HIS F 158 -33.17 -34.86 2.90
C HIS F 158 -34.21 -34.22 3.83
N PRO F 159 -34.94 -35.05 4.62
CA PRO F 159 -35.89 -34.40 5.54
C PRO F 159 -35.24 -33.45 6.56
N VAL F 160 -34.01 -33.73 6.97
CA VAL F 160 -33.29 -32.81 7.86
C VAL F 160 -33.09 -31.45 7.17
N PHE F 161 -32.52 -31.47 5.97
CA PHE F 161 -32.16 -30.22 5.30
C PHE F 161 -33.37 -29.48 4.74
N GLU F 162 -34.40 -30.23 4.39
CA GLU F 162 -35.69 -29.63 4.06
C GLU F 162 -36.15 -28.75 5.23
N ALA F 163 -36.07 -29.29 6.44
CA ALA F 163 -36.52 -28.58 7.63
C ALA F 163 -35.59 -27.42 8.02
N ILE F 164 -34.28 -27.64 7.89
CA ILE F 164 -33.33 -26.57 8.16
C ILE F 164 -33.58 -25.39 7.23
N GLU F 165 -33.65 -25.69 5.93
CA GLU F 165 -33.94 -24.64 4.95
C GLU F 165 -35.17 -23.83 5.34
N ALA F 166 -36.27 -24.54 5.60
CA ALA F 166 -37.54 -23.90 5.92
C ALA F 166 -37.47 -23.04 7.18
N SER F 167 -36.68 -23.47 8.16
CA SER F 167 -36.58 -22.78 9.43
C SER F 167 -35.83 -21.45 9.30
N GLY F 168 -34.98 -21.33 8.28
CA GLY F 168 -34.13 -20.16 8.16
C GLY F 168 -32.93 -20.15 9.10
N LEU F 169 -32.79 -21.21 9.89
CA LEU F 169 -31.66 -21.33 10.81
C LEU F 169 -30.39 -21.76 10.09
N ALA F 170 -29.29 -21.07 10.38
CA ALA F 170 -28.00 -21.49 9.87
C ALA F 170 -27.54 -22.74 10.61
N LEU F 171 -26.92 -23.68 9.88
CA LEU F 171 -26.40 -24.91 10.46
C LEU F 171 -24.88 -24.86 10.57
N TYR F 172 -24.36 -24.85 11.79
CA TYR F 172 -22.92 -24.94 12.00
C TYR F 172 -22.57 -26.42 11.90
N ILE F 173 -21.71 -26.77 10.95
CA ILE F 173 -21.23 -28.14 10.89
C ILE F 173 -19.87 -28.21 11.59
N HIS F 174 -19.91 -28.62 12.85
CA HIS F 174 -18.73 -28.76 13.68
C HIS F 174 -18.02 -30.06 13.36
N PRO F 175 -16.71 -30.13 13.64
CA PRO F 175 -16.03 -31.41 13.42
C PRO F 175 -16.42 -32.51 14.39
N ARG F 176 -16.20 -33.75 13.94
CA ARG F 176 -15.97 -34.89 14.84
C ARG F 176 -14.86 -35.71 14.19
N ALA F 177 -14.48 -36.82 14.82
CA ALA F 177 -13.40 -37.64 14.29
C ALA F 177 -13.80 -38.25 12.95
N PRO F 178 -12.82 -38.45 12.05
CA PRO F 178 -13.02 -39.16 10.79
C PRO F 178 -13.90 -40.38 10.95
N SER F 179 -14.88 -40.52 10.07
CA SER F 179 -15.80 -41.64 10.11
C SER F 179 -15.10 -42.92 9.70
N LYS F 180 -15.83 -44.03 9.73
CA LYS F 180 -15.26 -45.32 9.43
C LYS F 180 -14.79 -45.44 7.97
N GLN F 181 -15.33 -44.59 7.10
CA GLN F 181 -14.89 -44.61 5.70
C GLN F 181 -13.43 -44.18 5.56
N ILE F 182 -12.94 -43.38 6.51
CA ILE F 182 -11.60 -42.81 6.39
C ILE F 182 -10.72 -42.97 7.64
N ASP F 183 -11.27 -43.47 8.74
CA ASP F 183 -10.51 -43.42 10.01
C ASP F 183 -9.20 -44.21 10.07
N ARG F 184 -9.05 -45.23 9.21
CA ARG F 184 -7.85 -46.06 9.21
C ARG F 184 -6.54 -45.27 9.12
N ALA F 185 -6.60 -44.14 8.42
CA ALA F 185 -5.41 -43.30 8.23
C ALA F 185 -5.19 -42.26 9.35
N PHE F 186 -6.06 -42.31 10.36
CA PHE F 186 -6.03 -41.29 11.41
C PHE F 186 -5.82 -41.85 12.81
N ARG F 187 -5.26 -43.05 12.88
CA ARG F 187 -5.10 -43.73 14.16
C ARG F 187 -3.76 -43.42 14.81
N ASP F 188 -2.89 -42.72 14.09
CA ASP F 188 -1.52 -42.49 14.58
C ASP F 188 -1.21 -41.04 14.85
N TYR F 189 -0.26 -40.80 15.75
CA TYR F 189 0.26 -39.46 16.01
C TYR F 189 -0.80 -38.46 16.45
N GLY F 190 -1.88 -38.97 17.06
CA GLY F 190 -2.95 -38.13 17.54
C GLY F 190 -3.74 -37.44 16.44
N MET F 191 -3.67 -37.98 15.24
CA MET F 191 -4.33 -37.36 14.08
C MET F 191 -5.85 -37.58 14.03
N ASN F 192 -6.39 -38.35 14.97
CA ASN F 192 -7.83 -38.53 15.03
C ASN F 192 -8.55 -37.21 15.30
N SER F 193 -7.82 -36.25 15.88
CA SER F 193 -8.42 -35.09 16.51
C SER F 193 -8.22 -33.78 15.71
N ALA F 194 -8.09 -32.67 16.43
CA ALA F 194 -8.00 -31.35 15.81
C ALA F 194 -6.77 -31.14 14.92
N ILE F 195 -5.68 -31.82 15.22
CA ILE F 195 -4.45 -31.61 14.46
C ILE F 195 -4.57 -31.97 12.97
N TRP F 196 -5.49 -32.85 12.61
CA TRP F 196 -5.66 -33.17 11.20
C TRP F 196 -6.99 -33.81 10.85
N GLY F 197 -7.32 -34.89 11.55
CA GLY F 197 -8.55 -35.63 11.28
C GLY F 197 -9.81 -34.78 11.21
N TYR F 198 -9.99 -33.89 12.20
CA TYR F 198 -11.20 -33.07 12.27
C TYR F 198 -11.43 -32.30 10.95
N GLY F 199 -10.37 -31.69 10.44
CA GLY F 199 -10.49 -30.86 9.26
C GLY F 199 -10.78 -31.66 7.99
N ILE F 200 -10.14 -32.81 7.86
CA ILE F 200 -10.34 -33.67 6.70
C ILE F 200 -11.75 -34.24 6.69
N GLU F 201 -12.17 -34.73 7.84
CA GLU F 201 -13.53 -35.24 8.02
C GLU F 201 -14.60 -34.23 7.65
N THR F 202 -14.48 -33.02 8.21
CA THR F 202 -15.54 -32.03 8.07
C THR F 202 -15.57 -31.41 6.66
N SER F 203 -14.40 -31.13 6.12
CA SER F 203 -14.31 -30.56 4.78
C SER F 203 -14.80 -31.55 3.73
N THR F 204 -14.47 -32.83 3.92
CA THR F 204 -14.89 -33.84 2.96
C THR F 204 -16.42 -33.93 2.97
N ASN F 205 -17.00 -33.84 4.16
CA ASN F 205 -18.44 -33.82 4.30
C ASN F 205 -18.98 -32.65 3.47
N ALA F 206 -18.43 -31.47 3.72
CA ALA F 206 -18.93 -30.26 3.07
C ALA F 206 -18.78 -30.32 1.55
N VAL F 207 -17.64 -30.83 1.08
CA VAL F 207 -17.40 -30.99 -0.36
C VAL F 207 -18.41 -31.94 -1.00
N ARG F 208 -18.66 -33.09 -0.36
CA ARG F 208 -19.70 -34.00 -0.85
C ARG F 208 -21.04 -33.27 -0.97
N MET F 209 -21.37 -32.44 0.02
CA MET F 209 -22.65 -31.74 0.01
C MET F 209 -22.77 -30.84 -1.22
N ILE F 210 -21.72 -30.07 -1.49
CA ILE F 210 -21.70 -29.20 -2.66
C ILE F 210 -21.76 -29.99 -3.97
N LEU F 211 -20.92 -31.00 -4.12
CA LEU F 211 -20.82 -31.71 -5.40
C LEU F 211 -22.05 -32.55 -5.69
N SER F 212 -22.76 -32.93 -4.64
CA SER F 212 -23.97 -33.73 -4.83
C SER F 212 -25.14 -32.88 -5.32
N GLY F 213 -24.98 -31.56 -5.36
CA GLY F 213 -26.07 -30.69 -5.77
C GLY F 213 -27.06 -30.36 -4.65
N LEU F 214 -26.67 -30.65 -3.41
CA LEU F 214 -27.55 -30.37 -2.27
C LEU F 214 -28.04 -28.93 -2.21
N PHE F 215 -27.23 -28.00 -2.68
CA PHE F 215 -27.60 -26.58 -2.61
C PHE F 215 -28.39 -26.08 -3.83
N ASP F 216 -28.62 -26.94 -4.81
CA ASP F 216 -29.61 -26.68 -5.85
C ASP F 216 -30.97 -27.15 -5.34
N ARG F 217 -30.97 -28.19 -4.50
CA ARG F 217 -32.20 -28.73 -3.95
C ARG F 217 -32.71 -27.85 -2.83
N PHE F 218 -31.79 -27.31 -2.04
CA PHE F 218 -32.09 -26.45 -0.91
C PHE F 218 -31.25 -25.18 -1.01
N PRO F 219 -31.58 -24.30 -1.98
CA PRO F 219 -30.75 -23.12 -2.29
C PRO F 219 -30.68 -22.09 -1.15
N ARG F 220 -31.56 -22.21 -0.16
CA ARG F 220 -31.56 -21.24 0.93
C ARG F 220 -30.87 -21.72 2.20
N LEU F 221 -30.20 -22.87 2.16
CA LEU F 221 -29.45 -23.33 3.33
C LEU F 221 -28.32 -22.38 3.64
N LYS F 222 -28.04 -22.19 4.92
CA LYS F 222 -26.84 -21.50 5.31
C LYS F 222 -26.04 -22.43 6.19
N ILE F 223 -24.80 -22.71 5.77
CA ILE F 223 -23.93 -23.62 6.51
C ILE F 223 -22.75 -22.81 7.04
N VAL F 224 -22.30 -23.14 8.25
CA VAL F 224 -21.14 -22.47 8.81
C VAL F 224 -20.08 -23.50 9.16
N LEU F 225 -18.85 -23.25 8.72
CA LEU F 225 -17.72 -24.13 9.04
C LEU F 225 -16.66 -23.37 9.84
N GLY F 226 -16.19 -23.98 10.92
CA GLY F 226 -15.11 -23.41 11.73
C GLY F 226 -13.73 -23.66 11.14
N HIS F 227 -12.70 -23.27 11.88
CA HIS F 227 -11.32 -23.56 11.50
C HIS F 227 -10.98 -23.05 10.11
N MET F 228 -11.31 -21.77 9.92
CA MET F 228 -11.11 -21.01 8.69
C MET F 228 -11.70 -21.75 7.52
N GLY F 229 -12.92 -22.24 7.70
CA GLY F 229 -13.62 -22.93 6.63
C GLY F 229 -13.12 -24.34 6.35
N GLU F 230 -12.43 -24.95 7.31
CA GLU F 230 -11.83 -26.28 7.14
C GLU F 230 -11.02 -26.38 5.85
N ALA F 231 -10.35 -25.26 5.54
CA ALA F 231 -9.41 -25.11 4.42
C ALA F 231 -10.07 -25.03 3.04
N ILE F 232 -11.37 -25.28 2.98
CA ILE F 232 -12.11 -25.15 1.72
C ILE F 232 -11.89 -23.79 1.02
N PRO F 233 -11.86 -22.68 1.78
CA PRO F 233 -11.54 -21.43 1.09
C PRO F 233 -10.23 -21.46 0.30
N PHE F 234 -9.25 -22.27 0.72
CA PHE F 234 -7.97 -22.35 0.05
C PHE F 234 -8.06 -23.11 -1.28
N TRP F 235 -9.05 -24.01 -1.37
CA TRP F 235 -9.18 -24.94 -2.51
C TRP F 235 -10.14 -24.48 -3.62
N LEU F 236 -10.71 -23.29 -3.50
CA LEU F 236 -11.80 -22.88 -4.40
C LEU F 236 -11.48 -22.94 -5.91
N TRP F 237 -10.31 -22.46 -6.30
CA TRP F 237 -9.97 -22.42 -7.73
C TRP F 237 -9.92 -23.84 -8.34
N ARG F 238 -9.26 -24.76 -7.63
CA ARG F 238 -9.11 -26.15 -8.09
C ARG F 238 -10.45 -26.88 -8.11
N LEU F 239 -11.27 -26.67 -7.08
CA LEU F 239 -12.63 -27.21 -7.06
C LEU F 239 -13.41 -26.78 -8.29
N ASP F 240 -13.29 -25.51 -8.64
CA ASP F 240 -13.96 -25.02 -9.84
C ASP F 240 -13.34 -25.61 -11.08
N TYR F 241 -12.01 -25.51 -11.19
CA TYR F 241 -11.38 -25.94 -12.43
C TYR F 241 -11.70 -27.40 -12.75
N MET F 242 -11.54 -28.27 -11.76
CA MET F 242 -11.73 -29.70 -11.98
C MET F 242 -13.19 -30.13 -12.09
N HIS F 243 -14.13 -29.28 -11.64
CA HIS F 243 -15.52 -29.68 -11.69
C HIS F 243 -16.04 -29.95 -13.13
N GLY F 244 -15.33 -29.46 -14.14
CA GLY F 244 -15.65 -29.80 -15.51
C GLY F 244 -15.48 -31.29 -15.80
N ASN F 245 -14.32 -31.82 -15.43
CA ASN F 245 -14.03 -33.24 -15.60
C ASN F 245 -14.92 -34.15 -14.76
N ALA F 246 -15.31 -33.66 -13.58
CA ALA F 246 -16.12 -34.44 -12.65
C ALA F 246 -17.50 -34.79 -13.23
N THR F 247 -18.12 -33.80 -13.89
CA THR F 247 -19.45 -33.98 -14.49
C THR F 247 -19.38 -34.75 -15.80
N THR F 248 -18.30 -34.55 -16.54
CA THR F 248 -18.15 -35.12 -17.88
C THR F 248 -17.71 -36.59 -17.89
N PHE F 249 -16.64 -36.90 -17.17
CA PHE F 249 -16.11 -38.27 -17.15
C PHE F 249 -16.38 -38.99 -15.83
N GLY F 250 -16.68 -38.24 -14.78
CA GLY F 250 -16.74 -38.78 -13.43
C GLY F 250 -18.14 -39.08 -12.91
N GLY F 251 -19.14 -38.96 -13.78
CA GLY F 251 -20.52 -39.26 -13.42
C GLY F 251 -21.06 -38.45 -12.26
N ALA F 252 -20.68 -37.17 -12.19
CA ALA F 252 -21.19 -36.27 -11.16
C ALA F 252 -22.41 -35.52 -11.70
N PRO F 253 -23.30 -35.08 -10.80
CA PRO F 253 -24.49 -34.34 -11.27
C PRO F 253 -24.11 -32.97 -11.82
N LYS F 254 -24.92 -32.46 -12.74
CA LYS F 254 -24.73 -31.12 -13.27
C LYS F 254 -25.28 -30.10 -12.28
N LEU F 255 -24.47 -29.09 -11.97
CA LEU F 255 -24.85 -28.08 -11.00
C LEU F 255 -25.20 -26.76 -11.69
N LYS F 256 -26.14 -26.01 -11.12
CA LYS F 256 -26.52 -24.71 -11.65
C LYS F 256 -25.39 -23.69 -11.50
N LEU F 257 -24.60 -23.81 -10.43
CA LEU F 257 -23.52 -22.88 -10.16
C LEU F 257 -22.17 -23.61 -10.15
N LYS F 258 -21.09 -22.86 -9.97
CA LYS F 258 -19.77 -23.44 -9.74
C LYS F 258 -19.59 -23.76 -8.26
N PRO F 259 -18.75 -24.76 -7.94
CA PRO F 259 -18.55 -25.12 -6.53
C PRO F 259 -18.22 -23.93 -5.62
N SER F 260 -17.35 -23.03 -6.07
CA SER F 260 -16.99 -21.87 -5.24
C SER F 260 -18.14 -20.91 -5.05
N GLU F 261 -19.04 -20.87 -6.03
CA GLU F 261 -20.21 -20.01 -5.94
C GLU F 261 -21.20 -20.54 -4.92
N TYR F 262 -21.26 -21.87 -4.75
CA TYR F 262 -22.06 -22.41 -3.66
C TYR F 262 -21.41 -22.03 -2.35
N PHE F 263 -20.08 -22.09 -2.32
CA PHE F 263 -19.39 -21.83 -1.06
C PHE F 263 -19.58 -20.39 -0.59
N ARG F 264 -19.51 -19.45 -1.53
CA ARG F 264 -19.74 -18.06 -1.17
C ARG F 264 -21.24 -17.77 -0.90
N ARG F 265 -22.14 -18.41 -1.64
CA ARG F 265 -23.58 -18.12 -1.50
C ARG F 265 -24.16 -18.77 -0.26
N ASN F 266 -23.79 -20.02 -0.02
CA ASN F 266 -24.43 -20.83 1.00
C ASN F 266 -23.62 -21.07 2.28
N PHE F 267 -22.33 -20.71 2.29
CA PHE F 267 -21.49 -20.97 3.45
C PHE F 267 -20.96 -19.67 4.04
N ALA F 268 -20.64 -19.72 5.32
CA ALA F 268 -19.83 -18.68 5.92
C ALA F 268 -18.84 -19.43 6.80
N ILE F 269 -17.79 -18.75 7.27
CA ILE F 269 -16.78 -19.46 8.04
C ILE F 269 -16.43 -18.75 9.34
N THR F 270 -15.81 -19.47 10.28
CA THR F 270 -15.28 -18.85 11.50
C THR F 270 -13.79 -19.09 11.66
N THR F 271 -13.16 -18.32 12.54
CA THR F 271 -11.70 -18.38 12.71
C THR F 271 -11.26 -19.29 13.84
N SER F 272 -12.19 -20.11 14.34
CA SER F 272 -11.89 -20.94 15.49
C SER F 272 -10.63 -21.76 15.23
N GLY F 273 -9.67 -21.67 16.16
CA GLY F 273 -8.49 -22.50 16.09
C GLY F 273 -7.51 -22.17 14.97
N VAL F 274 -7.74 -21.06 14.28
CA VAL F 274 -6.86 -20.59 13.21
C VAL F 274 -6.57 -19.08 13.41
N GLU F 275 -5.78 -18.77 14.42
CA GLU F 275 -5.49 -17.40 14.80
C GLU F 275 -4.34 -16.86 13.94
N SER F 276 -4.57 -16.84 12.62
CA SER F 276 -3.54 -16.44 11.67
C SER F 276 -4.03 -15.25 10.87
N HIS F 277 -3.34 -14.11 11.01
CA HIS F 277 -3.72 -12.92 10.26
C HIS F 277 -3.63 -13.16 8.76
N ALA F 278 -2.64 -13.94 8.35
CA ALA F 278 -2.47 -14.27 6.95
C ALA F 278 -3.65 -15.06 6.40
N ALA F 279 -4.04 -16.09 7.14
CA ALA F 279 -5.19 -16.92 6.76
C ALA F 279 -6.49 -16.12 6.79
N LEU F 280 -6.63 -15.23 7.78
CA LEU F 280 -7.80 -14.37 7.88
C LEU F 280 -7.90 -13.44 6.67
N ARG F 281 -6.79 -12.81 6.32
CA ARG F 281 -6.79 -11.89 5.18
C ARG F 281 -7.14 -12.58 3.88
N TYR F 282 -6.54 -13.76 3.67
CA TYR F 282 -6.87 -14.60 2.52
C TYR F 282 -8.38 -14.88 2.43
N SER F 283 -8.96 -15.30 3.54
CA SER F 283 -10.38 -15.68 3.56
C SER F 283 -11.29 -14.49 3.23
N ILE F 284 -11.00 -13.35 3.86
CA ILE F 284 -11.74 -12.13 3.56
C ILE F 284 -11.64 -11.76 2.08
N GLU F 285 -10.43 -11.87 1.51
CA GLU F 285 -10.25 -11.58 0.08
C GLU F 285 -11.07 -12.49 -0.83
N VAL F 286 -11.07 -13.79 -0.57
CA VAL F 286 -11.71 -14.73 -1.51
C VAL F 286 -13.19 -14.98 -1.21
N LEU F 287 -13.61 -14.76 0.04
CA LEU F 287 -15.03 -14.96 0.40
C LEU F 287 -15.84 -13.67 0.56
N GLY F 288 -15.15 -12.55 0.76
CA GLY F 288 -15.82 -11.31 1.13
C GLY F 288 -15.91 -11.20 2.65
N PRO F 289 -15.80 -9.97 3.18
CA PRO F 289 -15.77 -9.79 4.64
C PRO F 289 -17.10 -10.08 5.34
N GLU F 290 -18.19 -10.23 4.61
CA GLU F 290 -19.45 -10.63 5.25
C GLU F 290 -19.51 -12.12 5.59
N ASN F 291 -18.60 -12.91 5.05
CA ASN F 291 -18.62 -14.36 5.24
C ASN F 291 -17.61 -14.89 6.25
N VAL F 292 -16.97 -14.01 7.00
CA VAL F 292 -16.00 -14.47 7.99
C VAL F 292 -16.40 -14.02 9.41
N MET F 293 -16.48 -14.97 10.35
CA MET F 293 -16.84 -14.65 11.72
C MET F 293 -15.73 -15.04 12.71
N TRP F 294 -15.63 -14.32 13.82
CA TRP F 294 -14.66 -14.70 14.85
C TRP F 294 -15.22 -15.78 15.78
N ALA F 295 -14.31 -16.60 16.32
CA ALA F 295 -14.66 -17.58 17.36
C ALA F 295 -13.44 -17.86 18.23
N ILE F 296 -13.67 -18.55 19.35
CA ILE F 296 -12.60 -18.92 20.27
C ILE F 296 -12.30 -20.42 20.26
N ASP F 297 -13.35 -21.23 20.21
CA ASP F 297 -13.27 -22.68 20.37
C ASP F 297 -12.95 -23.00 21.84
N TYR F 298 -13.52 -22.20 22.73
CA TYR F 298 -13.45 -22.43 24.17
C TYR F 298 -14.29 -23.68 24.45
N PRO F 299 -13.85 -24.53 25.40
CA PRO F 299 -12.67 -24.45 26.27
C PRO F 299 -11.44 -25.14 25.69
N TYR F 300 -11.52 -25.61 24.45
CA TYR F 300 -10.38 -26.29 23.85
C TYR F 300 -9.25 -25.33 23.50
N GLN F 301 -9.60 -24.06 23.30
CA GLN F 301 -8.62 -22.98 23.14
C GLN F 301 -8.87 -21.93 24.22
N PRO F 302 -7.81 -21.28 24.70
CA PRO F 302 -7.94 -20.19 25.68
C PRO F 302 -8.47 -18.91 25.03
N MET F 303 -9.15 -18.07 25.81
CA MET F 303 -9.82 -16.91 25.24
C MET F 303 -8.87 -15.76 24.90
N ALA F 304 -7.92 -15.46 25.80
CA ALA F 304 -7.05 -14.29 25.61
C ALA F 304 -6.33 -14.23 24.24
N PRO F 305 -5.63 -15.30 23.84
CA PRO F 305 -4.99 -15.24 22.52
C PRO F 305 -6.00 -15.04 21.41
N ALA F 306 -7.13 -15.74 21.49
CA ALA F 306 -8.16 -15.63 20.45
C ALA F 306 -8.67 -14.19 20.35
N VAL F 307 -8.92 -13.55 21.48
CA VAL F 307 -9.34 -12.15 21.49
C VAL F 307 -8.28 -11.19 20.94
N GLN F 308 -7.03 -11.39 21.35
CA GLN F 308 -5.96 -10.50 20.95
C GLN F 308 -5.68 -10.68 19.45
N PHE F 309 -5.91 -11.90 18.97
CA PHE F 309 -5.85 -12.19 17.55
C PHE F 309 -6.77 -11.29 16.72
N ILE F 310 -8.03 -11.17 17.11
CA ILE F 310 -8.95 -10.34 16.32
C ILE F 310 -8.77 -8.85 16.60
N ARG F 311 -8.50 -8.46 17.86
CA ARG F 311 -8.26 -7.04 18.19
C ARG F 311 -7.03 -6.46 17.49
N THR F 312 -6.05 -7.30 17.16
CA THR F 312 -4.85 -6.84 16.49
C THR F 312 -4.83 -7.11 14.97
N ALA F 313 -5.93 -7.61 14.42
CA ALA F 313 -5.92 -7.99 13.01
C ALA F 313 -5.69 -6.77 12.10
N PRO F 314 -4.80 -6.88 11.11
CA PRO F 314 -4.44 -5.80 10.18
C PRO F 314 -5.49 -5.61 9.09
N ILE F 315 -6.69 -5.25 9.53
CA ILE F 315 -7.82 -4.97 8.67
C ILE F 315 -8.49 -3.68 9.19
N PRO F 316 -9.20 -2.95 8.31
CA PRO F 316 -9.88 -1.71 8.72
C PRO F 316 -10.87 -1.95 9.86
N GLU F 317 -11.16 -0.92 10.64
CA GLU F 317 -12.04 -1.10 11.79
C GLU F 317 -13.44 -1.54 11.42
N ASP F 318 -13.97 -1.08 10.29
CA ASP F 318 -15.32 -1.51 9.96
C ASP F 318 -15.35 -3.00 9.62
N VAL F 319 -14.33 -3.48 8.92
CA VAL F 319 -14.27 -4.90 8.61
C VAL F 319 -14.00 -5.69 9.89
N LYS F 320 -13.16 -5.15 10.77
CA LYS F 320 -12.89 -5.84 12.03
C LYS F 320 -14.20 -6.00 12.81
N ALA F 321 -15.04 -4.98 12.79
CA ALA F 321 -16.31 -5.06 13.53
C ALA F 321 -17.23 -6.15 12.99
N MET F 322 -17.27 -6.27 11.67
CA MET F 322 -18.05 -7.33 11.02
C MET F 322 -17.54 -8.71 11.44
N VAL F 323 -16.23 -8.93 11.33
CA VAL F 323 -15.68 -10.22 11.69
C VAL F 323 -15.86 -10.54 13.18
N ALA F 324 -15.69 -9.51 14.02
CA ALA F 324 -15.70 -9.69 15.47
C ALA F 324 -17.07 -10.02 16.03
N GLY F 325 -18.11 -9.56 15.34
CA GLY F 325 -19.46 -9.82 15.82
C GLY F 325 -20.62 -9.43 14.91
N GLY F 326 -20.42 -8.44 14.06
CA GLY F 326 -21.45 -8.00 13.12
C GLY F 326 -22.08 -9.10 12.30
N ASN F 327 -21.23 -9.90 11.64
CA ASN F 327 -21.72 -10.99 10.80
C ASN F 327 -22.46 -12.06 11.59
N ALA F 328 -21.93 -12.38 12.76
CA ALA F 328 -22.55 -13.36 13.65
C ALA F 328 -23.91 -12.87 14.12
N ALA F 329 -24.00 -11.58 14.41
CA ALA F 329 -25.27 -11.03 14.87
C ALA F 329 -26.33 -11.20 13.79
N ARG F 330 -25.92 -11.04 12.54
CA ARG F 330 -26.81 -11.23 11.40
C ARG F 330 -27.15 -12.69 11.20
N ILE F 331 -26.12 -13.51 11.05
CA ILE F 331 -26.29 -14.93 10.68
C ILE F 331 -27.01 -15.73 11.77
N PHE F 332 -26.73 -15.41 13.03
CA PHE F 332 -27.29 -16.16 14.16
C PHE F 332 -28.36 -15.40 14.96
N ARG F 333 -28.99 -14.43 14.31
CA ARG F 333 -30.16 -13.74 14.88
C ARG F 333 -29.91 -13.16 16.29
N ILE F 334 -28.80 -12.45 16.45
CA ILE F 334 -28.50 -11.82 17.72
C ILE F 334 -28.76 -10.31 17.64
N THR F 335 -29.52 -9.81 18.60
CA THR F 335 -29.73 -8.38 18.72
C THR F 335 -28.48 -7.74 19.34
N SER G 1 -13.05 19.30 15.39
CA SER G 1 -14.01 18.20 15.37
C SER G 1 -13.45 16.93 16.04
N LEU G 2 -12.19 16.62 15.77
CA LEU G 2 -11.52 15.51 16.45
C LEU G 2 -11.48 15.80 17.96
N ARG G 3 -12.02 14.89 18.78
CA ARG G 3 -11.99 15.09 20.24
C ARG G 3 -10.66 14.67 20.82
N LEU G 4 -9.93 15.63 21.35
CA LEU G 4 -8.63 15.37 21.93
C LEU G 4 -8.70 15.36 23.46
N ILE G 5 -8.45 14.19 24.05
CA ILE G 5 -8.38 14.05 25.49
C ILE G 5 -6.97 13.67 25.90
N ALA G 6 -6.23 14.62 26.46
CA ALA G 6 -4.85 14.39 26.87
C ALA G 6 -4.82 13.65 28.20
N THR G 7 -4.06 12.56 28.27
CA THR G 7 -4.19 11.63 29.40
C THR G 7 -3.08 11.65 30.46
N GLU G 8 -2.04 12.43 30.26
CA GLU G 8 -0.96 12.44 31.25
C GLU G 8 -0.56 13.86 31.62
N GLU G 9 -1.49 14.60 32.19
CA GLU G 9 -1.31 16.03 32.34
C GLU G 9 -1.16 16.37 33.81
N ALA G 10 0.04 16.83 34.16
CA ALA G 10 0.42 17.03 35.55
C ALA G 10 -0.17 18.30 36.16
N VAL G 11 -0.43 18.24 37.46
CA VAL G 11 -0.95 19.39 38.19
C VAL G 11 -0.43 19.24 39.60
N THR G 12 -0.40 20.34 40.35
CA THR G 12 -0.09 20.23 41.78
C THR G 12 -0.97 21.20 42.56
N PHE G 13 -0.91 21.10 43.89
CA PHE G 13 -1.76 21.90 44.77
C PHE G 13 -0.89 22.43 45.91
N GLN G 14 -1.22 23.60 46.43
CA GLN G 14 -0.37 24.24 47.44
C GLN G 14 0.03 23.40 48.67
N PRO G 15 -0.90 22.60 49.23
CA PRO G 15 -0.44 21.79 50.37
C PRO G 15 0.66 20.80 50.01
N VAL G 16 0.69 20.30 48.77
CA VAL G 16 1.71 19.34 48.35
C VAL G 16 3.02 20.06 48.03
N VAL G 17 2.90 21.20 47.36
CA VAL G 17 4.03 22.09 47.11
C VAL G 17 4.76 22.44 48.42
N ASP G 18 4.02 22.97 49.39
CA ASP G 18 4.59 23.30 50.71
C ASP G 18 5.32 22.13 51.35
N ALA G 19 4.72 20.95 51.28
CA ALA G 19 5.33 19.79 51.90
C ALA G 19 6.59 19.40 51.14
N LEU G 20 6.55 19.52 49.82
CA LEU G 20 7.71 19.17 49.02
C LEU G 20 8.84 20.17 49.21
N ARG G 21 8.50 21.44 49.43
CA ARG G 21 9.51 22.46 49.71
C ARG G 21 10.30 22.12 50.98
N ALA G 22 9.58 21.78 52.04
CA ALA G 22 10.24 21.42 53.30
C ALA G 22 11.09 20.16 53.11
N HIS G 23 10.57 19.19 52.36
CA HIS G 23 11.28 17.93 52.12
C HIS G 23 12.57 18.09 51.33
N SER G 24 12.61 19.09 50.44
CA SER G 24 13.80 19.35 49.63
C SER G 24 15.02 19.79 50.45
N ARG G 25 14.78 20.24 51.68
CA ARG G 25 15.86 20.69 52.56
C ARG G 25 16.45 19.54 53.38
N THR G 26 15.80 18.38 53.32
CA THR G 26 16.22 17.22 54.11
C THR G 26 17.32 16.42 53.41
N ASP G 27 17.89 15.46 54.13
CA ASP G 27 18.98 14.64 53.61
C ASP G 27 18.51 13.36 52.91
N ASP G 28 17.26 13.34 52.46
CA ASP G 28 16.73 12.19 51.71
C ASP G 28 17.68 11.81 50.56
N ALA G 29 18.04 10.53 50.48
CA ALA G 29 18.98 10.06 49.48
C ALA G 29 18.31 9.58 48.18
N SER G 30 16.97 9.62 48.14
CA SER G 30 16.25 9.23 46.92
C SER G 30 16.69 10.05 45.71
N LEU G 31 16.83 9.38 44.56
CA LEU G 31 17.23 10.05 43.32
C LEU G 31 16.21 11.13 42.89
N ASP G 32 14.98 11.03 43.40
CA ASP G 32 13.95 12.03 43.10
C ASP G 32 14.25 13.38 43.74
N MET G 33 15.23 13.42 44.64
CA MET G 33 15.61 14.66 45.27
C MET G 33 16.22 15.65 44.30
N ILE G 34 16.75 15.15 43.18
CA ILE G 34 17.26 16.05 42.16
C ILE G 34 16.11 16.87 41.57
N LEU G 35 15.04 16.19 41.18
CA LEU G 35 13.82 16.86 40.73
C LEU G 35 13.27 17.79 41.82
N VAL G 36 13.16 17.28 43.04
CA VAL G 36 12.48 18.01 44.10
C VAL G 36 13.22 19.31 44.44
N ARG G 37 14.55 19.28 44.38
CA ARG G 37 15.33 20.49 44.55
C ARG G 37 15.21 21.45 43.36
N ASP G 38 15.28 20.91 42.14
CA ASP G 38 15.15 21.74 40.92
C ASP G 38 13.82 22.49 40.86
N VAL G 39 12.77 21.87 41.39
CA VAL G 39 11.43 22.40 41.23
C VAL G 39 10.90 23.05 42.50
N TYR G 40 11.16 22.43 43.65
CA TYR G 40 10.56 22.88 44.92
C TYR G 40 11.57 23.48 45.91
N GLY G 41 12.85 23.43 45.56
CA GLY G 41 13.89 23.96 46.44
C GLY G 41 13.90 25.48 46.51
N ASP G 42 14.68 26.02 47.44
CA ASP G 42 14.80 27.45 47.63
C ASP G 42 15.44 28.14 46.42
N GLU G 43 16.33 27.42 45.75
CA GLU G 43 17.03 27.95 44.58
C GLU G 43 16.72 27.12 43.36
N PRO G 44 15.46 27.15 42.89
CA PRO G 44 15.06 26.23 41.83
C PRO G 44 15.77 26.49 40.52
N ALA G 45 16.30 25.44 39.91
CA ALA G 45 16.89 25.55 38.59
C ALA G 45 15.78 25.68 37.54
N ARG G 46 14.58 25.21 37.90
CA ARG G 46 13.41 25.31 37.04
C ARG G 46 12.29 26.06 37.74
N PRO G 47 12.47 27.38 37.92
CA PRO G 47 11.64 28.16 38.85
C PRO G 47 10.20 28.38 38.39
N ALA G 48 9.92 28.18 37.11
CA ALA G 48 8.58 28.44 36.58
C ALA G 48 7.65 27.23 36.66
N MET G 49 8.21 26.07 36.98
CA MET G 49 7.46 24.81 36.84
C MET G 49 6.28 24.73 37.82
N ILE G 50 6.52 25.06 39.09
CA ILE G 50 5.47 25.06 40.10
C ILE G 50 4.26 25.87 39.64
N GLY G 51 4.50 27.06 39.10
CA GLY G 51 3.43 27.90 38.61
C GLY G 51 2.68 27.25 37.46
N ARG G 52 3.42 26.62 36.54
CA ARG G 52 2.79 25.91 35.43
C ARG G 52 1.98 24.71 35.89
N LEU G 53 2.53 23.97 36.85
CA LEU G 53 1.85 22.82 37.44
C LEU G 53 0.58 23.22 38.18
N SER G 54 0.64 24.32 38.93
CA SER G 54 -0.51 24.73 39.74
C SER G 54 -1.64 25.32 38.89
N ASP G 55 -1.29 25.92 37.77
CA ASP G 55 -2.29 26.56 36.93
C ASP G 55 -3.15 25.57 36.16
N VAL G 56 -4.46 25.77 36.25
CA VAL G 56 -5.42 24.97 35.51
C VAL G 56 -6.31 25.81 34.59
N THR G 57 -6.90 26.89 35.12
CA THR G 57 -7.86 27.68 34.36
C THR G 57 -7.27 28.90 33.64
N GLY G 58 -5.98 29.15 33.83
CA GLY G 58 -5.34 30.29 33.20
C GLY G 58 -4.62 29.89 31.93
N GLU G 59 -3.30 29.96 31.98
CA GLU G 59 -2.41 29.59 30.88
C GLU G 59 -2.76 28.22 30.27
N ARG G 60 -3.04 27.23 31.11
CA ARG G 60 -3.31 25.87 30.64
C ARG G 60 -4.55 25.82 29.77
N LEU G 61 -5.64 26.40 30.28
CA LEU G 61 -6.89 26.45 29.56
C LEU G 61 -6.75 27.26 28.28
N ALA G 62 -5.98 28.34 28.35
CA ALA G 62 -5.82 29.19 27.16
C ALA G 62 -5.11 28.40 26.05
N GLU G 63 -4.13 27.59 26.41
CA GLU G 63 -3.40 26.81 25.41
C GLU G 63 -4.24 25.65 24.90
N MET G 64 -5.06 25.09 25.76
CA MET G 64 -6.00 24.06 25.32
C MET G 64 -6.93 24.63 24.23
N ASP G 65 -7.43 25.85 24.46
CA ASP G 65 -8.33 26.51 23.51
C ASP G 65 -7.64 26.85 22.18
N SER G 66 -6.41 27.38 22.27
CA SER G 66 -5.65 27.76 21.09
C SER G 66 -5.33 26.57 20.19
N ASN G 67 -5.17 25.41 20.83
CA ASN G 67 -4.78 24.20 20.12
C ASN G 67 -5.93 23.21 19.85
N GLY G 68 -7.12 23.57 20.32
CA GLY G 68 -8.29 22.74 20.12
C GLY G 68 -8.28 21.46 20.92
N VAL G 69 -7.66 21.50 22.10
CA VAL G 69 -7.64 20.35 23.00
C VAL G 69 -8.90 20.38 23.84
N ASP G 70 -9.68 19.32 23.79
CA ASP G 70 -10.96 19.30 24.47
C ASP G 70 -10.75 19.15 25.99
N MET G 71 -9.90 18.21 26.38
CA MET G 71 -9.73 17.90 27.80
C MET G 71 -8.30 17.56 28.24
N HIS G 72 -8.01 17.87 29.50
CA HIS G 72 -6.88 17.29 30.21
C HIS G 72 -7.40 16.34 31.28
N LEU G 73 -6.83 15.15 31.30
CA LEU G 73 -6.99 14.22 32.41
C LEU G 73 -5.85 14.51 33.38
N LEU G 74 -6.16 15.13 34.50
CA LEU G 74 -5.15 15.64 35.42
C LEU G 74 -4.70 14.61 36.43
N SER G 75 -3.42 14.68 36.79
CA SER G 75 -2.86 13.81 37.82
C SER G 75 -1.87 14.59 38.67
N LEU G 76 -1.88 14.37 39.97
CA LEU G 76 -0.87 14.98 40.83
C LEU G 76 0.52 14.60 40.29
N THR G 77 1.37 15.60 40.12
CA THR G 77 2.65 15.39 39.47
C THR G 77 3.56 14.50 40.31
N ALA G 78 4.46 13.79 39.65
CA ALA G 78 5.44 12.97 40.34
C ALA G 78 6.30 13.90 41.18
N PRO G 79 6.76 13.41 42.36
CA PRO G 79 6.58 12.06 42.91
C PRO G 79 5.33 11.90 43.78
N GLY G 80 4.28 12.67 43.51
CA GLY G 80 3.05 12.54 44.27
C GLY G 80 3.29 12.75 45.75
N VAL G 81 2.72 11.88 46.57
CA VAL G 81 2.87 11.93 48.02
C VAL G 81 3.77 10.80 48.51
N GLN G 82 4.48 10.16 47.59
CA GLN G 82 5.17 8.93 47.91
C GLN G 82 6.48 9.11 48.65
N MET G 83 7.04 10.31 48.64
CA MET G 83 8.31 10.51 49.35
C MET G 83 8.14 10.74 50.85
N PHE G 84 6.92 11.09 51.26
CA PHE G 84 6.67 11.41 52.67
C PHE G 84 6.56 10.17 53.55
N ASP G 85 6.62 10.36 54.87
CA ASP G 85 6.29 9.24 55.75
C ASP G 85 4.82 8.88 55.59
N ALA G 86 4.43 7.71 56.09
CA ALA G 86 3.09 7.18 55.84
C ALA G 86 1.97 8.11 56.29
N GLU G 87 2.10 8.66 57.50
CA GLU G 87 1.10 9.55 58.06
C GLU G 87 0.91 10.80 57.18
N THR G 88 2.02 11.44 56.84
CA THR G 88 1.99 12.62 56.00
C THR G 88 1.44 12.32 54.60
N GLY G 89 1.95 11.26 53.98
CA GLY G 89 1.46 10.83 52.68
C GLY G 89 -0.03 10.57 52.68
N THR G 90 -0.50 9.80 53.66
CA THR G 90 -1.92 9.47 53.74
C THR G 90 -2.76 10.74 53.88
N ARG G 91 -2.28 11.65 54.72
CA ARG G 91 -2.97 12.90 54.97
C ARG G 91 -3.05 13.78 53.71
N LEU G 92 -1.91 13.94 53.05
CA LEU G 92 -1.85 14.78 51.86
C LEU G 92 -2.57 14.16 50.68
N ALA G 93 -2.59 12.83 50.59
CA ALA G 93 -3.34 12.19 49.50
C ALA G 93 -4.83 12.56 49.56
N ARG G 94 -5.40 12.53 50.77
CA ARG G 94 -6.81 12.89 50.94
C ARG G 94 -7.04 14.33 50.53
N ILE G 95 -6.16 15.22 50.99
CA ILE G 95 -6.26 16.63 50.67
C ILE G 95 -6.15 16.87 49.16
N ALA G 96 -5.14 16.24 48.54
CA ALA G 96 -4.89 16.40 47.12
C ALA G 96 -6.04 15.85 46.28
N ASN G 97 -6.64 14.74 46.73
CA ASN G 97 -7.77 14.17 46.01
C ASN G 97 -9.03 15.02 46.13
N ASP G 98 -9.24 15.63 47.30
CA ASP G 98 -10.37 16.54 47.47
C ASP G 98 -10.20 17.72 46.53
N LEU G 99 -9.00 18.28 46.49
CA LEU G 99 -8.71 19.40 45.61
C LEU G 99 -8.84 19.02 44.13
N MET G 100 -8.46 17.79 43.78
CA MET G 100 -8.60 17.31 42.41
C MET G 100 -10.07 17.26 42.02
N ALA G 101 -10.90 16.67 42.88
CA ALA G 101 -12.33 16.62 42.63
C ALA G 101 -12.93 18.02 42.46
N GLN G 102 -12.53 18.96 43.31
CA GLN G 102 -13.02 20.33 43.23
C GLN G 102 -12.62 20.98 41.92
N THR G 103 -11.39 20.71 41.48
CA THR G 103 -10.89 21.25 40.21
C THR G 103 -11.69 20.69 39.03
N VAL G 104 -11.93 19.39 39.04
CA VAL G 104 -12.75 18.77 38.01
C VAL G 104 -14.18 19.33 38.00
N ALA G 105 -14.77 19.50 39.19
CA ALA G 105 -16.14 20.00 39.29
C ALA G 105 -16.28 21.42 38.75
N ALA G 106 -15.19 22.20 38.83
CA ALA G 106 -15.22 23.58 38.38
C ALA G 106 -15.33 23.69 36.86
N ASN G 107 -14.79 22.71 36.15
CA ASN G 107 -14.83 22.72 34.68
C ASN G 107 -14.89 21.31 34.11
N PRO G 108 -16.00 20.60 34.37
CA PRO G 108 -16.05 19.16 34.07
C PRO G 108 -16.07 18.80 32.60
N THR G 109 -16.28 19.76 31.71
CA THR G 109 -16.24 19.44 30.29
C THR G 109 -14.81 19.59 29.76
N ARG G 110 -13.96 20.20 30.58
CA ARG G 110 -12.57 20.44 30.14
C ARG G 110 -11.56 19.63 30.94
N PHE G 111 -11.93 19.21 32.15
CA PHE G 111 -11.00 18.47 33.00
C PHE G 111 -11.58 17.23 33.63
N ALA G 112 -10.81 16.14 33.57
CA ALA G 112 -11.09 14.93 34.31
C ALA G 112 -9.92 14.76 35.27
N GLY G 113 -9.99 13.81 36.19
CA GLY G 113 -8.89 13.66 37.13
C GLY G 113 -8.64 12.27 37.68
N LEU G 114 -7.36 11.98 37.95
CA LEU G 114 -6.98 10.72 38.56
C LEU G 114 -6.65 10.99 40.02
N GLY G 115 -7.18 10.14 40.91
CA GLY G 115 -6.84 10.25 42.32
C GLY G 115 -5.53 9.54 42.59
N THR G 116 -4.89 9.88 43.70
CA THR G 116 -3.67 9.17 44.06
C THR G 116 -3.81 8.65 45.49
N PHE G 117 -2.76 8.02 46.00
CA PHE G 117 -2.77 7.39 47.31
C PHE G 117 -1.35 7.22 47.82
N ALA G 118 -1.23 6.83 49.08
CA ALA G 118 0.08 6.66 49.70
C ALA G 118 0.29 5.19 50.07
N PRO G 119 0.91 4.42 49.16
CA PRO G 119 1.12 2.97 49.33
C PRO G 119 2.04 2.65 50.50
N GLN G 120 2.68 3.67 51.07
CA GLN G 120 3.42 3.52 52.31
C GLN G 120 2.60 2.76 53.36
N ASP G 121 1.29 3.03 53.36
CA ASP G 121 0.31 2.38 54.24
C ASP G 121 -0.77 1.75 53.35
N PRO G 122 -0.55 0.48 52.91
CA PRO G 122 -1.44 -0.20 51.98
C PRO G 122 -2.91 -0.22 52.41
N ALA G 123 -3.18 -0.48 53.69
CA ALA G 123 -4.56 -0.49 54.17
C ALA G 123 -5.23 0.88 54.08
N SER G 124 -4.52 1.93 54.46
CA SER G 124 -5.10 3.28 54.38
C SER G 124 -5.24 3.68 52.92
N ALA G 125 -4.28 3.25 52.11
CA ALA G 125 -4.35 3.50 50.67
C ALA G 125 -5.59 2.86 50.06
N ALA G 126 -5.86 1.61 50.44
CA ALA G 126 -7.04 0.90 49.94
C ALA G 126 -8.34 1.59 50.32
N ARG G 127 -8.37 2.18 51.52
CA ARG G 127 -9.53 2.97 51.93
C ARG G 127 -9.66 4.23 51.07
N GLU G 128 -8.54 4.89 50.78
CA GLU G 128 -8.59 6.11 49.99
C GLU G 128 -9.00 5.79 48.55
N ILE G 129 -8.54 4.65 48.06
CA ILE G 129 -8.94 4.18 46.73
C ILE G 129 -10.45 3.99 46.65
N GLU G 130 -11.03 3.35 47.66
CA GLU G 130 -12.49 3.22 47.74
C GLU G 130 -13.17 4.59 47.71
N ARG G 131 -12.62 5.55 48.45
CA ARG G 131 -13.22 6.88 48.54
C ARG G 131 -13.15 7.63 47.21
N VAL G 132 -12.03 7.46 46.51
CA VAL G 132 -11.84 8.09 45.21
C VAL G 132 -12.86 7.58 44.20
N ALA G 133 -13.11 6.28 44.22
CA ALA G 133 -14.03 5.64 43.28
C ALA G 133 -15.49 5.94 43.60
N THR G 134 -15.85 5.79 44.88
CA THR G 134 -17.25 5.82 45.30
C THR G 134 -17.73 7.22 45.67
N GLN G 135 -16.89 7.95 46.37
CA GLN G 135 -17.28 9.27 46.89
C GLN G 135 -16.92 10.41 45.97
N LEU G 136 -15.65 10.51 45.60
CA LEU G 136 -15.20 11.61 44.75
C LEU G 136 -15.62 11.36 43.33
N ARG G 137 -15.80 10.09 42.99
CA ARG G 137 -16.17 9.68 41.63
C ARG G 137 -15.16 10.17 40.60
N LEU G 138 -13.88 10.08 40.97
CA LEU G 138 -12.82 10.48 40.04
C LEU G 138 -12.68 9.46 38.92
N ASN G 139 -11.90 9.79 37.91
CA ASN G 139 -11.90 9.06 36.64
C ASN G 139 -10.98 7.85 36.63
N GLY G 140 -10.08 7.78 37.60
CA GLY G 140 -9.12 6.70 37.67
C GLY G 140 -8.12 7.00 38.77
N LEU G 141 -6.97 6.32 38.73
CA LEU G 141 -5.97 6.44 39.77
C LEU G 141 -4.61 6.68 39.15
N VAL G 142 -3.72 7.33 39.88
CA VAL G 142 -2.35 7.51 39.44
C VAL G 142 -1.40 7.21 40.61
N ILE G 143 -0.25 6.61 40.28
CA ILE G 143 0.83 6.39 41.25
C ILE G 143 2.14 6.44 40.47
N ASN G 144 3.21 6.89 41.12
CA ASN G 144 4.47 7.12 40.43
C ASN G 144 5.50 6.05 40.73
N SER G 145 5.53 5.03 39.88
CA SER G 145 6.38 3.85 40.04
C SER G 145 6.59 3.44 41.52
N HIS G 146 7.84 3.25 41.93
CA HIS G 146 8.09 2.62 43.23
C HIS G 146 7.59 3.41 44.44
N THR G 147 7.35 2.71 45.54
CA THR G 147 7.17 3.36 46.84
C THR G 147 8.10 2.68 47.85
N ASN G 148 8.86 3.49 48.59
CA ASN G 148 9.84 2.98 49.55
C ASN G 148 10.83 2.00 48.93
N ASP G 149 11.12 2.23 47.65
CA ASP G 149 12.09 1.43 46.91
C ASP G 149 11.67 -0.03 46.80
N LEU G 150 10.36 -0.23 46.83
CA LEU G 150 9.76 -1.54 46.61
C LEU G 150 8.93 -1.44 45.35
N TYR G 151 8.83 -2.55 44.61
CA TYR G 151 8.04 -2.60 43.37
C TYR G 151 6.71 -3.34 43.59
N TYR G 152 5.80 -3.25 42.63
CA TYR G 152 4.39 -3.64 42.88
C TYR G 152 4.11 -5.13 42.75
N ASP G 153 5.17 -5.90 42.55
CA ASP G 153 5.09 -7.35 42.73
C ASP G 153 5.10 -7.71 44.20
N ASP G 154 5.55 -6.78 45.05
CA ASP G 154 5.69 -7.10 46.47
C ASP G 154 4.31 -7.35 47.08
N PRO G 155 4.15 -8.49 47.76
CA PRO G 155 2.88 -8.83 48.42
C PRO G 155 2.48 -7.79 49.47
N PHE G 156 3.43 -6.97 49.91
CA PHE G 156 3.11 -5.88 50.82
C PHE G 156 1.98 -5.03 50.27
N PHE G 157 1.94 -4.89 48.93
CA PHE G 157 0.97 -4.01 48.28
C PHE G 157 -0.33 -4.70 47.85
N HIS G 158 -0.52 -5.97 48.19
CA HIS G 158 -1.75 -6.67 47.80
C HIS G 158 -3.06 -5.97 48.22
N PRO G 159 -3.13 -5.38 49.44
CA PRO G 159 -4.39 -4.69 49.77
C PRO G 159 -4.71 -3.53 48.81
N VAL G 160 -3.68 -2.90 48.27
CA VAL G 160 -3.88 -1.81 47.31
C VAL G 160 -4.49 -2.35 46.01
N PHE G 161 -3.88 -3.40 45.46
CA PHE G 161 -4.31 -3.89 44.17
C PHE G 161 -5.66 -4.61 44.22
N GLU G 162 -5.97 -5.19 45.36
CA GLU G 162 -7.30 -5.72 45.60
C GLU G 162 -8.36 -4.61 45.55
N ALA G 163 -8.06 -3.48 46.20
CA ALA G 163 -8.96 -2.34 46.20
C ALA G 163 -9.09 -1.71 44.82
N ILE G 164 -7.96 -1.60 44.10
CA ILE G 164 -7.98 -1.05 42.75
C ILE G 164 -8.82 -1.92 41.83
N GLU G 165 -8.58 -3.23 41.88
CA GLU G 165 -9.31 -4.15 41.03
C GLU G 165 -10.81 -4.06 41.31
N ALA G 166 -11.18 -4.10 42.59
CA ALA G 166 -12.58 -4.01 42.98
C ALA G 166 -13.23 -2.69 42.55
N SER G 167 -12.45 -1.62 42.54
CA SER G 167 -13.00 -0.30 42.25
C SER G 167 -13.35 -0.14 40.78
N GLY G 168 -12.68 -0.91 39.94
CA GLY G 168 -12.85 -0.80 38.50
C GLY G 168 -12.14 0.39 37.87
N LEU G 169 -11.40 1.14 38.67
CA LEU G 169 -10.63 2.26 38.15
C LEU G 169 -9.30 1.79 37.55
N ALA G 170 -8.91 2.42 36.45
CA ALA G 170 -7.62 2.11 35.83
C ALA G 170 -6.54 2.82 36.62
N LEU G 171 -5.36 2.20 36.71
CA LEU G 171 -4.24 2.79 37.44
C LEU G 171 -3.13 3.19 36.48
N TYR G 172 -2.89 4.49 36.38
CA TYR G 172 -1.82 5.02 35.55
C TYR G 172 -0.55 4.98 36.40
N ILE G 173 0.41 4.16 35.98
CA ILE G 173 1.69 4.10 36.68
C ILE G 173 2.64 5.02 35.96
N HIS G 174 2.73 6.24 36.48
CA HIS G 174 3.59 7.31 35.97
C HIS G 174 5.04 7.07 36.44
N PRO G 175 6.04 7.58 35.68
CA PRO G 175 7.41 7.44 36.18
C PRO G 175 7.74 8.25 37.44
N ARG G 176 8.79 7.82 38.13
CA ARG G 176 9.58 8.66 39.04
C ARG G 176 11.04 8.24 38.82
N ALA G 177 11.99 8.87 39.50
CA ALA G 177 13.40 8.50 39.31
C ALA G 177 13.62 7.06 39.75
N PRO G 178 14.60 6.37 39.13
CA PRO G 178 15.04 5.05 39.54
C PRO G 178 15.14 4.93 41.04
N SER G 179 14.60 3.85 41.57
CA SER G 179 14.66 3.57 43.00
C SER G 179 16.10 3.31 43.43
N LYS G 180 16.30 3.19 44.74
CA LYS G 180 17.62 2.92 45.30
C LYS G 180 18.20 1.59 44.83
N GLN G 181 17.34 0.67 44.42
CA GLN G 181 17.80 -0.61 43.90
C GLN G 181 18.60 -0.42 42.63
N ILE G 182 18.30 0.64 41.87
CA ILE G 182 18.97 0.84 40.58
C ILE G 182 19.56 2.23 40.38
N ASP G 183 19.41 3.14 41.34
CA ASP G 183 19.82 4.53 41.06
C ASP G 183 21.32 4.79 40.84
N ARG G 184 22.18 3.87 41.27
CA ARG G 184 23.62 4.06 41.12
C ARG G 184 24.03 4.37 39.68
N ALA G 185 23.31 3.78 38.73
CA ALA G 185 23.63 3.89 37.30
C ALA G 185 23.03 5.14 36.65
N PHE G 186 22.30 5.93 37.42
CA PHE G 186 21.49 7.02 36.85
C PHE G 186 21.83 8.38 37.43
N ARG G 187 23.03 8.50 37.98
CA ARG G 187 23.48 9.75 38.58
C ARG G 187 24.21 10.67 37.59
N ASP G 188 24.41 10.21 36.36
CA ASP G 188 25.23 10.99 35.43
C ASP G 188 24.45 11.45 34.17
N TYR G 189 24.93 12.52 33.56
CA TYR G 189 24.38 13.00 32.28
C TYR G 189 22.87 13.24 32.27
N GLY G 190 22.33 13.61 33.42
CA GLY G 190 20.91 13.91 33.53
C GLY G 190 20.01 12.71 33.33
N MET G 191 20.58 11.52 33.50
CA MET G 191 19.85 10.27 33.28
C MET G 191 18.87 9.89 34.40
N ASN G 192 18.85 10.67 35.48
CA ASN G 192 17.90 10.44 36.55
C ASN G 192 16.46 10.58 36.08
N SER G 193 16.28 11.35 35.01
CA SER G 193 14.96 11.83 34.63
C SER G 193 14.40 11.19 33.37
N ALA G 194 13.62 11.98 32.62
CA ALA G 194 12.87 11.51 31.45
C ALA G 194 13.76 10.93 30.36
N ILE G 195 14.99 11.42 30.29
CA ILE G 195 15.88 10.98 29.22
C ILE G 195 16.22 9.51 29.26
N TRP G 196 16.24 8.90 30.45
CA TRP G 196 16.48 7.46 30.50
C TRP G 196 15.93 6.75 31.73
N GLY G 197 16.24 7.29 32.92
CA GLY G 197 15.90 6.64 34.16
C GLY G 197 14.42 6.39 34.38
N TYR G 198 13.58 7.35 33.98
CA TYR G 198 12.14 7.21 34.12
C TYR G 198 11.63 5.94 33.44
N GLY G 199 12.11 5.69 32.23
CA GLY G 199 11.64 4.56 31.46
C GLY G 199 12.09 3.23 32.06
N ILE G 200 13.34 3.19 32.51
CA ILE G 200 13.89 1.95 33.08
C ILE G 200 13.16 1.61 34.37
N GLU G 201 13.04 2.62 35.23
CA GLU G 201 12.35 2.46 36.51
C GLU G 201 10.93 1.93 36.32
N THR G 202 10.18 2.57 35.43
CA THR G 202 8.75 2.29 35.33
C THR G 202 8.53 0.97 34.63
N SER G 203 9.30 0.70 33.58
CA SER G 203 9.13 -0.54 32.82
C SER G 203 9.53 -1.71 33.70
N THR G 204 10.60 -1.55 34.47
CA THR G 204 11.06 -2.64 35.32
C THR G 204 9.99 -2.98 36.35
N ASN G 205 9.39 -1.94 36.93
CA ASN G 205 8.27 -2.11 37.86
C ASN G 205 7.16 -2.95 37.21
N ALA G 206 6.74 -2.57 36.00
CA ALA G 206 5.65 -3.28 35.32
C ALA G 206 6.02 -4.72 34.94
N VAL G 207 7.26 -4.95 34.52
CA VAL G 207 7.67 -6.30 34.15
C VAL G 207 7.69 -7.18 35.38
N ARG G 208 8.15 -6.64 36.51
CA ARG G 208 8.10 -7.40 37.76
C ARG G 208 6.64 -7.74 38.07
N MET G 209 5.74 -6.79 37.86
CA MET G 209 4.32 -7.04 38.13
C MET G 209 3.79 -8.20 37.28
N ILE G 210 4.06 -8.16 35.98
CA ILE G 210 3.63 -9.24 35.11
C ILE G 210 4.26 -10.57 35.50
N LEU G 211 5.59 -10.58 35.58
CA LEU G 211 6.28 -11.85 35.80
C LEU G 211 5.96 -12.48 37.17
N SER G 212 5.58 -11.67 38.15
CA SER G 212 5.29 -12.20 39.47
C SER G 212 3.93 -12.87 39.54
N GLY G 213 3.14 -12.74 38.48
CA GLY G 213 1.80 -13.32 38.47
C GLY G 213 0.71 -12.43 39.05
N LEU G 214 1.00 -11.14 39.17
CA LEU G 214 0.05 -10.25 39.83
C LEU G 214 -1.27 -10.23 39.07
N PHE G 215 -1.19 -10.42 37.75
CA PHE G 215 -2.39 -10.34 36.93
C PHE G 215 -3.15 -11.68 36.82
N ASP G 216 -2.60 -12.73 37.43
CA ASP G 216 -3.42 -13.92 37.69
C ASP G 216 -4.16 -13.73 39.00
N ARG G 217 -3.52 -13.05 39.95
CA ARG G 217 -4.13 -12.77 41.25
C ARG G 217 -5.24 -11.75 41.12
N PHE G 218 -5.01 -10.72 40.30
CA PHE G 218 -5.97 -9.64 40.06
C PHE G 218 -6.24 -9.44 38.57
N PRO G 219 -6.97 -10.38 37.96
CA PRO G 219 -7.04 -10.41 36.50
C PRO G 219 -7.87 -9.28 35.88
N ARG G 220 -8.61 -8.52 36.70
CA ARG G 220 -9.39 -7.42 36.17
C ARG G 220 -8.70 -6.07 36.36
N LEU G 221 -7.45 -6.07 36.81
CA LEU G 221 -6.70 -4.81 36.87
C LEU G 221 -6.53 -4.19 35.50
N LYS G 222 -6.62 -2.87 35.44
CA LYS G 222 -6.18 -2.15 34.24
C LYS G 222 -5.09 -1.17 34.61
N ILE G 223 -3.93 -1.36 33.99
CA ILE G 223 -2.80 -0.45 34.15
C ILE G 223 -2.61 0.35 32.88
N VAL G 224 -2.25 1.62 33.02
CA VAL G 224 -1.90 2.47 31.89
C VAL G 224 -0.44 2.91 32.05
N LEU G 225 0.35 2.78 30.98
CA LEU G 225 1.72 3.27 31.00
C LEU G 225 1.93 4.34 29.93
N GLY G 226 2.56 5.43 30.32
CA GLY G 226 2.84 6.50 29.37
C GLY G 226 4.09 6.20 28.55
N HIS G 227 4.54 7.19 27.78
CA HIS G 227 5.82 7.10 27.07
C HIS G 227 5.89 5.88 26.16
N MET G 228 4.85 5.73 25.37
CA MET G 228 4.65 4.60 24.48
C MET G 228 4.86 3.27 25.20
N GLY G 229 4.27 3.13 26.38
CA GLY G 229 4.34 1.90 27.14
C GLY G 229 5.67 1.64 27.84
N GLU G 230 6.47 2.70 28.02
CA GLU G 230 7.83 2.60 28.53
C GLU G 230 8.62 1.51 27.80
N ALA G 231 8.36 1.44 26.50
CA ALA G 231 9.02 0.54 25.55
C ALA G 231 8.67 -0.95 25.69
N ILE G 232 7.87 -1.30 26.67
CA ILE G 232 7.45 -2.70 26.82
C ILE G 232 6.82 -3.27 25.51
N PRO G 233 6.04 -2.44 24.77
CA PRO G 233 5.51 -3.01 23.51
C PRO G 233 6.59 -3.49 22.56
N PHE G 234 7.77 -2.89 22.60
CA PHE G 234 8.85 -3.30 21.72
C PHE G 234 9.47 -4.65 22.09
N TRP G 235 9.41 -4.98 23.38
CA TRP G 235 10.03 -6.19 23.94
C TRP G 235 9.14 -7.43 24.05
N LEU G 236 7.93 -7.38 23.50
CA LEU G 236 6.94 -8.45 23.75
C LEU G 236 7.36 -9.84 23.28
N TRP G 237 8.02 -9.92 22.12
CA TRP G 237 8.39 -11.22 21.59
C TRP G 237 9.43 -11.89 22.50
N ARG G 238 10.44 -11.12 22.88
CA ARG G 238 11.52 -11.61 23.73
C ARG G 238 11.04 -11.91 25.14
N LEU G 239 10.12 -11.09 25.65
CA LEU G 239 9.50 -11.38 26.94
C LEU G 239 8.83 -12.74 26.90
N ASP G 240 8.08 -13.01 25.83
CA ASP G 240 7.41 -14.29 25.68
C ASP G 240 8.39 -15.43 25.48
N TYR G 241 9.37 -15.22 24.60
CA TYR G 241 10.25 -16.32 24.25
C TYR G 241 11.04 -16.80 25.47
N MET G 242 11.54 -15.84 26.23
CA MET G 242 12.44 -16.18 27.32
C MET G 242 11.70 -16.60 28.58
N HIS G 243 10.36 -16.57 28.57
CA HIS G 243 9.61 -16.93 29.76
C HIS G 243 9.74 -18.42 30.12
N GLY G 244 9.88 -19.26 29.10
CA GLY G 244 10.14 -20.68 29.30
C GLY G 244 11.34 -20.93 30.19
N ASN G 245 12.46 -20.28 29.88
CA ASN G 245 13.67 -20.43 30.71
C ASN G 245 13.44 -19.89 32.10
N ALA G 246 12.72 -18.77 32.20
CA ALA G 246 12.45 -18.11 33.47
C ALA G 246 11.78 -19.06 34.46
N THR G 247 10.75 -19.76 34.00
CA THR G 247 9.98 -20.64 34.88
C THR G 247 10.68 -22.00 35.11
N THR G 248 11.45 -22.43 34.10
CA THR G 248 12.18 -23.70 34.15
C THR G 248 13.45 -23.64 35.01
N PHE G 249 14.35 -22.71 34.71
CA PHE G 249 15.62 -22.63 35.45
C PHE G 249 15.66 -21.47 36.45
N GLY G 250 14.88 -20.42 36.20
CA GLY G 250 15.00 -19.19 36.96
C GLY G 250 14.09 -19.06 38.16
N GLY G 251 13.23 -20.05 38.40
CA GLY G 251 12.35 -20.02 39.55
C GLY G 251 11.14 -19.10 39.47
N ALA G 252 10.92 -18.47 38.32
CA ALA G 252 9.74 -17.65 38.12
C ALA G 252 8.48 -18.54 38.16
N PRO G 253 7.38 -18.01 38.74
CA PRO G 253 6.15 -18.80 38.88
C PRO G 253 5.47 -19.05 37.52
N LYS G 254 4.82 -20.19 37.38
CA LYS G 254 4.07 -20.48 36.16
C LYS G 254 2.87 -19.54 36.09
N LEU G 255 2.64 -18.99 34.91
CA LEU G 255 1.55 -18.05 34.68
C LEU G 255 0.51 -18.69 33.77
N LYS G 256 -0.74 -18.25 33.93
CA LYS G 256 -1.83 -18.75 33.10
C LYS G 256 -1.66 -18.32 31.65
N LEU G 257 -1.19 -17.10 31.43
CA LEU G 257 -1.02 -16.55 30.08
C LEU G 257 0.46 -16.26 29.79
N LYS G 258 0.77 -15.92 28.54
CA LYS G 258 2.12 -15.46 28.19
C LYS G 258 2.30 -14.01 28.66
N PRO G 259 3.54 -13.57 28.88
CA PRO G 259 3.73 -12.17 29.28
C PRO G 259 3.04 -11.14 28.37
N SER G 260 3.14 -11.29 27.05
CA SER G 260 2.56 -10.30 26.13
C SER G 260 1.04 -10.30 26.18
N GLU G 261 0.46 -11.45 26.51
CA GLU G 261 -0.99 -11.54 26.69
C GLU G 261 -1.48 -10.75 27.90
N TYR G 262 -0.72 -10.76 29.00
CA TYR G 262 -1.07 -9.88 30.12
C TYR G 262 -0.94 -8.45 29.69
N PHE G 263 0.07 -8.16 28.88
CA PHE G 263 0.27 -6.79 28.49
C PHE G 263 -0.91 -6.27 27.66
N ARG G 264 -1.38 -7.09 26.73
CA ARG G 264 -2.53 -6.69 25.93
C ARG G 264 -3.86 -6.74 26.69
N ARG G 265 -4.00 -7.70 27.61
CA ARG G 265 -5.26 -7.85 28.34
C ARG G 265 -5.43 -6.81 29.44
N ASN G 266 -4.36 -6.59 30.21
CA ASN G 266 -4.39 -5.76 31.40
C ASN G 266 -3.78 -4.36 31.29
N PHE G 267 -3.04 -4.08 30.22
CA PHE G 267 -2.42 -2.76 30.05
C PHE G 267 -2.96 -1.97 28.88
N ALA G 268 -2.86 -0.65 28.99
CA ALA G 268 -3.00 0.25 27.84
C ALA G 268 -1.87 1.26 27.91
N ILE G 269 -1.58 1.93 26.81
CA ILE G 269 -0.45 2.86 26.80
C ILE G 269 -0.84 4.22 26.30
N THR G 270 -0.02 5.21 26.61
CA THR G 270 -0.19 6.51 25.98
C THR G 270 1.07 6.99 25.25
N THR G 271 0.91 8.02 24.43
CA THR G 271 1.99 8.54 23.61
C THR G 271 2.75 9.71 24.24
N SER G 272 2.54 9.98 25.53
CA SER G 272 3.23 11.10 26.18
C SER G 272 4.73 11.06 25.92
N GLY G 273 5.31 12.19 25.55
CA GLY G 273 6.75 12.24 25.36
C GLY G 273 7.31 11.40 24.22
N VAL G 274 6.45 10.81 23.39
CA VAL G 274 6.90 9.98 22.25
C VAL G 274 6.12 10.35 21.00
N GLU G 275 6.43 11.52 20.46
CA GLU G 275 5.73 12.04 19.29
C GLU G 275 6.35 11.48 17.98
N SER G 276 6.29 10.16 17.88
CA SER G 276 6.87 9.42 16.75
C SER G 276 5.79 8.64 16.02
N HIS G 277 5.48 9.05 14.79
CA HIS G 277 4.50 8.30 13.99
C HIS G 277 4.91 6.85 13.81
N ALA G 278 6.20 6.59 13.67
CA ALA G 278 6.66 5.21 13.52
C ALA G 278 6.41 4.38 14.79
N ALA G 279 6.67 4.95 15.96
CA ALA G 279 6.47 4.20 17.20
C ALA G 279 4.98 4.04 17.47
N LEU G 280 4.19 5.04 17.09
CA LEU G 280 2.74 4.96 17.21
C LEU G 280 2.19 3.85 16.34
N ARG G 281 2.60 3.81 15.07
CA ARG G 281 2.17 2.76 14.15
C ARG G 281 2.54 1.36 14.67
N TYR G 282 3.80 1.20 15.09
CA TYR G 282 4.22 -0.06 15.72
C TYR G 282 3.31 -0.46 16.89
N SER G 283 3.07 0.47 17.80
CA SER G 283 2.30 0.15 18.99
C SER G 283 0.88 -0.27 18.63
N ILE G 284 0.26 0.50 17.74
CA ILE G 284 -1.08 0.14 17.26
C ILE G 284 -1.07 -1.28 16.65
N GLU G 285 0.00 -1.61 15.93
CA GLU G 285 0.08 -2.92 15.29
C GLU G 285 0.18 -4.08 16.29
N VAL G 286 1.02 -3.94 17.32
CA VAL G 286 1.23 -5.07 18.21
C VAL G 286 0.24 -5.12 19.39
N LEU G 287 -0.33 -3.98 19.75
CA LEU G 287 -1.25 -3.92 20.90
C LEU G 287 -2.71 -3.91 20.48
N GLY G 288 -2.99 -3.46 19.26
CA GLY G 288 -4.36 -3.20 18.84
C GLY G 288 -4.73 -1.75 19.07
N PRO G 289 -5.58 -1.17 18.19
CA PRO G 289 -5.87 0.26 18.27
C PRO G 289 -6.65 0.68 19.52
N GLU G 290 -7.31 -0.25 20.19
CA GLU G 290 -8.07 0.08 21.41
C GLU G 290 -7.15 0.31 22.59
N ASN G 291 -5.87 -0.03 22.45
CA ASN G 291 -4.93 0.03 23.58
C ASN G 291 -3.95 1.20 23.57
N VAL G 292 -4.15 2.16 22.68
CA VAL G 292 -3.23 3.29 22.56
C VAL G 292 -3.98 4.61 22.72
N MET G 293 -3.51 5.45 23.64
CA MET G 293 -4.18 6.74 23.90
C MET G 293 -3.20 7.87 23.69
N TRP G 294 -3.72 9.02 23.27
CA TRP G 294 -2.89 10.20 23.13
C TRP G 294 -2.70 10.90 24.48
N ALA G 295 -1.58 11.59 24.62
CA ALA G 295 -1.31 12.42 25.78
C ALA G 295 -0.30 13.51 25.41
N ILE G 296 -0.25 14.58 26.19
CA ILE G 296 0.73 15.65 25.98
C ILE G 296 1.94 15.55 26.91
N ASP G 297 1.69 15.27 28.19
CA ASP G 297 2.67 15.39 29.27
C ASP G 297 2.98 16.85 29.58
N TYR G 298 1.94 17.68 29.56
CA TYR G 298 2.01 19.08 29.98
C TYR G 298 2.19 19.10 31.49
N PRO G 299 2.97 20.05 32.01
CA PRO G 299 3.69 21.12 31.30
C PRO G 299 5.11 20.77 30.90
N TYR G 300 5.54 19.51 31.09
CA TYR G 300 6.91 19.12 30.73
C TYR G 300 7.09 19.04 29.23
N GLN G 301 5.97 18.92 28.51
CA GLN G 301 5.97 19.02 27.05
C GLN G 301 5.02 20.14 26.65
N PRO G 302 5.32 20.84 25.56
CA PRO G 302 4.37 21.86 25.07
C PRO G 302 3.20 21.20 24.35
N MET G 303 2.05 21.87 24.31
N MET G 303 2.04 21.84 24.36
CA MET G 303 0.84 21.26 23.79
CA MET G 303 0.83 21.26 23.77
C MET G 303 0.75 21.24 22.26
C MET G 303 0.84 21.20 22.25
N ALA G 304 1.26 22.29 21.60
CA ALA G 304 1.14 22.40 20.14
C ALA G 304 1.78 21.24 19.35
N PRO G 305 3.04 20.88 19.65
CA PRO G 305 3.60 19.77 18.86
C PRO G 305 2.93 18.44 19.17
N ALA G 306 2.51 18.21 20.41
CA ALA G 306 1.82 16.97 20.76
C ALA G 306 0.49 16.86 20.01
N VAL G 307 -0.30 17.95 20.02
CA VAL G 307 -1.53 18.02 19.22
C VAL G 307 -1.30 17.75 17.72
N GLN G 308 -0.29 18.40 17.14
CA GLN G 308 -0.05 18.30 15.71
C GLN G 308 0.48 16.91 15.32
N PHE G 309 1.19 16.27 16.26
CA PHE G 309 1.61 14.89 16.12
C PHE G 309 0.43 13.95 15.88
N ILE G 310 -0.61 14.09 16.68
CA ILE G 310 -1.78 13.21 16.52
C ILE G 310 -2.67 13.65 15.35
N ARG G 311 -2.82 14.95 15.14
CA ARG G 311 -3.63 15.44 14.00
C ARG G 311 -3.05 15.03 12.64
N THR G 312 -1.73 14.87 12.58
CA THR G 312 -1.07 14.52 11.34
C THR G 312 -0.70 13.05 11.26
N ALA G 313 -1.14 12.22 12.20
CA ALA G 313 -0.71 10.81 12.20
C ALA G 313 -1.23 10.11 10.96
N PRO G 314 -0.36 9.35 10.26
CA PRO G 314 -0.79 8.60 9.07
C PRO G 314 -1.53 7.32 9.45
N ILE G 315 -2.71 7.50 10.04
CA ILE G 315 -3.60 6.42 10.41
C ILE G 315 -5.04 6.79 9.95
N PRO G 316 -5.92 5.79 9.75
CA PRO G 316 -7.27 6.13 9.30
C PRO G 316 -7.98 6.99 10.34
N GLU G 317 -8.94 7.78 9.90
CA GLU G 317 -9.64 8.71 10.80
C GLU G 317 -10.32 8.04 11.99
N ASP G 318 -10.87 6.84 11.80
CA ASP G 318 -11.56 6.20 12.92
C ASP G 318 -10.57 5.75 13.98
N VAL G 319 -9.41 5.24 13.55
CA VAL G 319 -8.39 4.85 14.51
C VAL G 319 -7.81 6.09 15.17
N LYS G 320 -7.67 7.16 14.40
CA LYS G 320 -7.16 8.40 14.99
C LYS G 320 -8.11 8.92 16.08
N ALA G 321 -9.42 8.83 15.85
CA ALA G 321 -10.42 9.20 16.87
C ALA G 321 -10.31 8.35 18.13
N MET G 322 -10.06 7.06 17.96
CA MET G 322 -9.83 6.19 19.11
C MET G 322 -8.65 6.67 19.93
N VAL G 323 -7.51 6.83 19.25
CA VAL G 323 -6.29 7.23 19.94
C VAL G 323 -6.38 8.62 20.56
N ALA G 324 -6.99 9.54 19.82
CA ALA G 324 -7.10 10.93 20.23
C ALA G 324 -7.96 11.13 21.49
N GLY G 325 -9.00 10.33 21.64
CA GLY G 325 -9.88 10.53 22.79
C GLY G 325 -10.85 9.40 23.09
N GLY G 326 -11.19 8.61 22.08
CA GLY G 326 -12.20 7.58 22.23
C GLY G 326 -11.82 6.53 23.25
N ASN G 327 -10.58 6.08 23.18
CA ASN G 327 -10.05 5.10 24.13
C ASN G 327 -9.99 5.63 25.55
N ALA G 328 -9.52 6.86 25.69
CA ALA G 328 -9.46 7.53 26.99
C ALA G 328 -10.85 7.66 27.60
N ALA G 329 -11.83 8.00 26.78
CA ALA G 329 -13.21 8.18 27.27
C ALA G 329 -13.73 6.87 27.85
N ARG G 330 -13.35 5.76 27.21
CA ARG G 330 -13.77 4.45 27.69
C ARG G 330 -13.03 4.07 28.99
N ILE G 331 -11.71 4.10 28.92
CA ILE G 331 -10.85 3.64 30.00
C ILE G 331 -10.98 4.49 31.27
N PHE G 332 -11.11 5.81 31.09
CA PHE G 332 -11.17 6.73 32.21
C PHE G 332 -12.56 7.31 32.48
N ARG G 333 -13.60 6.60 32.01
CA ARG G 333 -14.98 6.93 32.39
C ARG G 333 -15.38 8.37 32.08
N ILE G 334 -15.11 8.81 30.86
CA ILE G 334 -15.40 10.18 30.48
C ILE G 334 -16.56 10.25 29.49
N THR G 335 -17.51 11.13 29.75
CA THR G 335 -18.62 11.30 28.83
C THR G 335 -18.29 12.27 27.71
N SER H 1 -24.33 13.19 -2.77
CA SER H 1 -24.21 12.92 -1.35
C SER H 1 -23.03 13.66 -0.72
N LEU H 2 -21.90 13.69 -1.42
CA LEU H 2 -20.76 14.48 -0.99
C LEU H 2 -21.13 15.96 -0.95
N ARG H 3 -21.02 16.58 0.23
CA ARG H 3 -21.37 18.00 0.35
C ARG H 3 -20.19 18.89 -0.06
N LEU H 4 -20.40 19.69 -1.11
CA LEU H 4 -19.31 20.49 -1.66
C LEU H 4 -19.49 21.97 -1.37
N ILE H 5 -18.58 22.54 -0.60
CA ILE H 5 -18.63 23.95 -0.27
C ILE H 5 -17.37 24.60 -0.81
N ALA H 6 -17.50 25.39 -1.87
CA ALA H 6 -16.35 26.05 -2.50
C ALA H 6 -16.02 27.31 -1.74
N THR H 7 -14.77 27.46 -1.30
CA THR H 7 -14.45 28.48 -0.29
C THR H 7 -13.74 29.75 -0.81
N GLU H 8 -13.45 29.84 -2.11
CA GLU H 8 -12.78 31.04 -2.61
C GLU H 8 -13.47 31.59 -3.85
N GLU H 9 -14.74 31.92 -3.70
CA GLU H 9 -15.57 32.21 -4.86
C GLU H 9 -15.87 33.70 -4.91
N ALA H 10 -15.33 34.35 -5.93
CA ALA H 10 -15.37 35.81 -6.03
C ALA H 10 -16.71 36.37 -6.49
N VAL H 11 -17.05 37.56 -6.00
CA VAL H 11 -18.26 38.24 -6.44
C VAL H 11 -17.91 39.71 -6.42
N THR H 12 -18.67 40.53 -7.13
CA THR H 12 -18.58 41.98 -6.94
C THR H 12 -19.97 42.62 -6.94
N PHE H 13 -20.03 43.91 -6.60
CA PHE H 13 -21.29 44.63 -6.54
C PHE H 13 -21.12 45.98 -7.25
N GLN H 14 -22.22 46.50 -7.78
CA GLN H 14 -22.16 47.72 -8.59
C GLN H 14 -21.40 48.91 -8.00
N PRO H 15 -21.63 49.23 -6.70
CA PRO H 15 -20.92 50.41 -6.17
C PRO H 15 -19.41 50.25 -6.16
N VAL H 16 -18.93 49.02 -5.96
CA VAL H 16 -17.49 48.77 -6.03
C VAL H 16 -17.01 48.79 -7.47
N VAL H 17 -17.83 48.22 -8.36
CA VAL H 17 -17.51 48.24 -9.78
C VAL H 17 -17.37 49.68 -10.30
N ASP H 18 -18.33 50.54 -9.95
CA ASP H 18 -18.26 51.94 -10.38
C ASP H 18 -17.01 52.64 -9.86
N ALA H 19 -16.66 52.38 -8.61
CA ALA H 19 -15.50 53.02 -8.00
C ALA H 19 -14.20 52.58 -8.69
N LEU H 20 -14.10 51.31 -9.05
CA LEU H 20 -12.91 50.81 -9.73
C LEU H 20 -12.82 51.33 -11.16
N ARG H 21 -13.97 51.48 -11.80
CA ARG H 21 -14.03 52.10 -13.13
C ARG H 21 -13.40 53.48 -13.09
N ALA H 22 -13.76 54.28 -12.09
CA ALA H 22 -13.20 55.61 -11.94
C ALA H 22 -11.71 55.52 -11.54
N HIS H 23 -11.39 54.57 -10.67
CA HIS H 23 -10.00 54.45 -10.20
C HIS H 23 -9.05 54.05 -11.33
N SER H 24 -9.58 53.29 -12.29
CA SER H 24 -8.81 52.81 -13.44
C SER H 24 -8.28 53.95 -14.31
N ARG H 25 -8.90 55.12 -14.21
CA ARG H 25 -8.51 56.28 -15.01
C ARG H 25 -7.42 57.11 -14.33
N THR H 26 -7.07 56.74 -13.09
CA THR H 26 -6.12 57.52 -12.31
C THR H 26 -4.69 57.09 -12.60
N ASP H 27 -3.71 57.78 -12.02
CA ASP H 27 -2.31 57.47 -12.29
C ASP H 27 -1.65 56.58 -11.23
N ASP H 28 -2.47 55.87 -10.47
CA ASP H 28 -2.00 54.90 -9.48
C ASP H 28 -0.95 53.96 -10.09
N ALA H 29 0.17 53.80 -9.39
CA ALA H 29 1.25 52.96 -9.89
C ALA H 29 1.19 51.52 -9.37
N SER H 30 0.23 51.23 -8.50
CA SER H 30 0.08 49.87 -7.97
C SER H 30 -0.03 48.84 -9.09
N LEU H 31 0.57 47.68 -8.88
CA LEU H 31 0.61 46.63 -9.91
C LEU H 31 -0.77 46.03 -10.18
N ASP H 32 -1.71 46.23 -9.26
CA ASP H 32 -3.08 45.80 -9.49
C ASP H 32 -3.75 46.59 -10.59
N MET H 33 -3.16 47.73 -10.97
CA MET H 33 -3.75 48.52 -12.06
C MET H 33 -3.80 47.75 -13.38
N ILE H 34 -3.00 46.70 -13.51
CA ILE H 34 -3.07 45.87 -14.71
C ILE H 34 -4.42 45.15 -14.79
N LEU H 35 -4.76 44.45 -13.71
CA LEU H 35 -6.06 43.80 -13.57
C LEU H 35 -7.19 44.82 -13.62
N VAL H 36 -7.01 45.94 -12.91
CA VAL H 36 -8.09 46.91 -12.79
C VAL H 36 -8.49 47.51 -14.14
N ARG H 37 -7.49 47.80 -14.96
CA ARG H 37 -7.74 48.26 -16.32
C ARG H 37 -8.35 47.18 -17.21
N ASP H 38 -7.83 45.96 -17.11
CA ASP H 38 -8.30 44.83 -17.92
C ASP H 38 -9.77 44.50 -17.69
N VAL H 39 -10.22 44.69 -16.46
CA VAL H 39 -11.57 44.28 -16.10
C VAL H 39 -12.52 45.46 -15.94
N TYR H 40 -12.04 46.54 -15.32
CA TYR H 40 -12.90 47.66 -14.96
C TYR H 40 -12.68 48.89 -15.82
N GLY H 41 -11.63 48.88 -16.63
CA GLY H 41 -11.24 50.05 -17.39
C GLY H 41 -12.10 50.29 -18.61
N ASP H 42 -11.91 51.45 -19.25
CA ASP H 42 -12.48 51.73 -20.55
C ASP H 42 -11.86 50.75 -21.54
N GLU H 43 -12.62 50.31 -22.54
CA GLU H 43 -12.13 49.36 -23.54
C GLU H 43 -11.43 48.16 -22.91
N PRO H 44 -12.10 47.47 -21.98
CA PRO H 44 -11.43 46.43 -21.19
C PRO H 44 -11.04 45.20 -22.01
N ALA H 45 -9.91 44.60 -21.65
CA ALA H 45 -9.42 43.42 -22.36
C ALA H 45 -10.25 42.20 -22.03
N ARG H 46 -10.94 42.27 -20.89
CA ARG H 46 -11.76 41.16 -20.41
C ARG H 46 -13.17 41.68 -20.09
N PRO H 47 -13.96 41.98 -21.14
CA PRO H 47 -15.22 42.71 -20.95
C PRO H 47 -16.33 41.89 -20.29
N ALA H 48 -16.18 40.57 -20.20
CA ALA H 48 -17.25 39.74 -19.67
C ALA H 48 -17.08 39.51 -18.18
N MET H 49 -15.93 39.91 -17.63
CA MET H 49 -15.59 39.53 -16.26
C MET H 49 -16.47 40.21 -15.21
N ILE H 50 -16.74 41.49 -15.36
CA ILE H 50 -17.65 42.18 -14.44
C ILE H 50 -19.01 41.49 -14.36
N GLY H 51 -19.54 41.08 -15.51
CA GLY H 51 -20.79 40.35 -15.55
C GLY H 51 -20.71 39.03 -14.80
N ARG H 52 -19.65 38.27 -15.05
CA ARG H 52 -19.53 36.94 -14.43
C ARG H 52 -19.26 37.07 -12.94
N LEU H 53 -18.49 38.07 -12.55
CA LEU H 53 -18.28 38.35 -11.14
C LEU H 53 -19.57 38.80 -10.44
N SER H 54 -20.39 39.61 -11.11
CA SER H 54 -21.58 40.18 -10.48
C SER H 54 -22.69 39.15 -10.36
N ASP H 55 -22.73 38.22 -11.30
CA ASP H 55 -23.77 37.21 -11.32
C ASP H 55 -23.68 36.23 -10.15
N VAL H 56 -24.81 36.08 -9.44
CA VAL H 56 -24.89 35.09 -8.38
C VAL H 56 -25.94 34.03 -8.70
N THR H 57 -27.13 34.45 -9.15
CA THR H 57 -28.24 33.51 -9.35
C THR H 57 -28.49 33.07 -10.79
N GLY H 58 -27.65 33.50 -11.73
CA GLY H 58 -27.80 33.09 -13.12
C GLY H 58 -26.85 31.97 -13.52
N GLU H 59 -25.82 32.31 -14.29
CA GLU H 59 -24.82 31.31 -14.72
C GLU H 59 -24.15 30.60 -13.54
N ARG H 60 -23.86 31.35 -12.49
CA ARG H 60 -23.14 30.79 -11.34
C ARG H 60 -23.93 29.65 -10.71
N LEU H 61 -25.17 29.93 -10.37
CA LEU H 61 -26.06 28.94 -9.78
C LEU H 61 -26.36 27.75 -10.72
N ALA H 62 -26.54 28.02 -12.02
CA ALA H 62 -26.76 26.93 -12.98
C ALA H 62 -25.56 25.98 -13.04
N GLU H 63 -24.37 26.56 -13.02
CA GLU H 63 -23.13 25.77 -13.02
C GLU H 63 -22.98 24.97 -11.73
N MET H 64 -23.39 25.55 -10.61
CA MET H 64 -23.35 24.84 -9.34
C MET H 64 -24.30 23.66 -9.41
N ASP H 65 -25.46 23.89 -10.01
CA ASP H 65 -26.45 22.83 -10.10
C ASP H 65 -25.98 21.71 -11.04
N SER H 66 -25.37 22.09 -12.15
CA SER H 66 -24.90 21.10 -13.14
C SER H 66 -23.82 20.21 -12.59
N ASN H 67 -23.03 20.77 -11.68
CA ASN H 67 -21.87 20.07 -11.16
C ASN H 67 -22.08 19.50 -9.76
N GLY H 68 -23.28 19.67 -9.23
CA GLY H 68 -23.60 19.21 -7.89
C GLY H 68 -22.82 19.93 -6.79
N VAL H 69 -22.63 21.24 -6.94
CA VAL H 69 -21.93 21.99 -5.90
C VAL H 69 -22.97 22.56 -4.93
N ASP H 70 -22.82 22.26 -3.64
CA ASP H 70 -23.84 22.68 -2.67
C ASP H 70 -23.78 24.18 -2.42
N MET H 71 -22.59 24.70 -2.13
CA MET H 71 -22.47 26.13 -1.80
C MET H 71 -21.25 26.82 -2.37
N HIS H 72 -21.38 28.15 -2.55
CA HIS H 72 -20.23 29.03 -2.71
C HIS H 72 -20.15 29.89 -1.46
N LEU H 73 -18.94 29.99 -0.90
CA LEU H 73 -18.63 30.96 0.12
C LEU H 73 -18.08 32.16 -0.65
N LEU H 74 -18.86 33.24 -0.66
CA LEU H 74 -18.58 34.39 -1.53
C LEU H 74 -17.65 35.41 -0.87
N SER H 75 -16.80 36.02 -1.69
CA SER H 75 -15.91 37.07 -1.20
C SER H 75 -15.84 38.18 -2.23
N LEU H 76 -15.81 39.43 -1.77
CA LEU H 76 -15.59 40.55 -2.69
C LEU H 76 -14.25 40.32 -3.38
N THR H 77 -14.28 40.34 -4.71
CA THR H 77 -13.12 39.96 -5.52
C THR H 77 -11.97 40.93 -5.29
N ALA H 78 -10.74 40.43 -5.45
CA ALA H 78 -9.55 41.27 -5.33
C ALA H 78 -9.63 42.37 -6.37
N PRO H 79 -9.15 43.58 -6.04
CA PRO H 79 -8.43 43.97 -4.82
C PRO H 79 -9.36 44.56 -3.74
N GLY H 80 -10.63 44.19 -3.80
CA GLY H 80 -11.58 44.61 -2.78
C GLY H 80 -11.70 46.10 -2.73
N VAL H 81 -11.65 46.67 -1.52
CA VAL H 81 -11.76 48.11 -1.31
C VAL H 81 -10.39 48.70 -0.95
N GLN H 82 -9.35 47.89 -1.08
CA GLN H 82 -8.03 48.31 -0.56
C GLN H 82 -7.26 49.34 -1.41
N MET H 83 -7.69 49.60 -2.65
CA MET H 83 -6.96 50.55 -3.48
C MET H 83 -7.42 52.00 -3.31
N PHE H 84 -8.57 52.16 -2.68
CA PHE H 84 -9.16 53.50 -2.47
C PHE H 84 -8.52 54.18 -1.26
N ASP H 85 -8.70 55.50 -1.15
CA ASP H 85 -8.27 56.19 0.07
C ASP H 85 -9.09 55.70 1.26
N ALA H 86 -8.65 56.03 2.47
CA ALA H 86 -9.27 55.49 3.68
C ALA H 86 -10.76 55.78 3.75
N GLU H 87 -11.13 57.03 3.49
CA GLU H 87 -12.52 57.44 3.51
C GLU H 87 -13.38 56.65 2.53
N THR H 88 -12.94 56.56 1.29
CA THR H 88 -13.69 55.84 0.28
C THR H 88 -13.74 54.34 0.55
N GLY H 89 -12.59 53.77 0.92
CA GLY H 89 -12.52 52.35 1.25
C GLY H 89 -13.46 51.98 2.38
N THR H 90 -13.49 52.82 3.42
CA THR H 90 -14.33 52.59 4.58
C THR H 90 -15.83 52.63 4.23
N ARG H 91 -16.25 53.65 3.49
CA ARG H 91 -17.61 53.76 2.99
C ARG H 91 -18.00 52.55 2.16
N LEU H 92 -17.14 52.17 1.23
CA LEU H 92 -17.44 51.07 0.32
C LEU H 92 -17.42 49.69 0.99
N ALA H 93 -16.55 49.49 1.98
CA ALA H 93 -16.57 48.22 2.72
C ALA H 93 -17.92 48.00 3.42
N ARG H 94 -18.46 49.06 4.04
CA ARG H 94 -19.80 48.97 4.63
C ARG H 94 -20.85 48.58 3.59
N ILE H 95 -20.87 49.31 2.48
CA ILE H 95 -21.80 49.04 1.38
C ILE H 95 -21.66 47.60 0.87
N ALA H 96 -20.43 47.18 0.62
CA ALA H 96 -20.17 45.86 0.06
C ALA H 96 -20.57 44.76 1.03
N ASN H 97 -20.30 44.97 2.31
CA ASN H 97 -20.72 44.03 3.34
C ASN H 97 -22.24 43.91 3.48
N ASP H 98 -22.96 45.02 3.38
CA ASP H 98 -24.42 44.97 3.47
C ASP H 98 -24.97 44.22 2.25
N LEU H 99 -24.39 44.47 1.09
CA LEU H 99 -24.83 43.82 -0.15
C LEU H 99 -24.50 42.33 -0.10
N MET H 100 -23.36 42.01 0.50
CA MET H 100 -22.98 40.61 0.71
C MET H 100 -23.99 39.89 1.61
N ALA H 101 -24.35 40.50 2.72
CA ALA H 101 -25.36 39.91 3.59
C ALA H 101 -26.71 39.73 2.88
N GLN H 102 -27.06 40.71 2.04
CA GLN H 102 -28.29 40.66 1.26
C GLN H 102 -28.26 39.53 0.23
N THR H 103 -27.10 39.36 -0.41
CA THR H 103 -26.93 38.32 -1.43
C THR H 103 -27.05 36.94 -0.80
N VAL H 104 -26.45 36.78 0.37
CA VAL H 104 -26.51 35.52 1.08
C VAL H 104 -27.94 35.20 1.54
N ALA H 105 -28.65 36.21 2.05
CA ALA H 105 -30.00 35.96 2.56
C ALA H 105 -31.02 35.64 1.46
N ALA H 106 -30.72 35.98 0.22
CA ALA H 106 -31.62 35.63 -0.88
C ALA H 106 -31.62 34.13 -1.17
N ASN H 107 -30.52 33.44 -0.83
CA ASN H 107 -30.38 32.00 -1.05
C ASN H 107 -29.39 31.39 -0.07
N PRO H 108 -29.72 31.40 1.23
CA PRO H 108 -28.74 31.02 2.25
C PRO H 108 -28.45 29.52 2.28
N THR H 109 -29.20 28.69 1.57
CA THR H 109 -28.83 27.27 1.50
C THR H 109 -27.71 27.07 0.47
N ARG H 110 -27.53 28.05 -0.43
CA ARG H 110 -26.56 27.90 -1.53
C ARG H 110 -25.35 28.83 -1.37
N PHE H 111 -25.50 29.90 -0.61
CA PHE H 111 -24.41 30.87 -0.46
C PHE H 111 -24.17 31.25 0.98
N ALA H 112 -22.89 31.42 1.30
CA ALA H 112 -22.44 31.99 2.54
C ALA H 112 -21.50 33.13 2.14
N GLY H 113 -21.12 33.99 3.07
CA GLY H 113 -20.38 35.18 2.68
C GLY H 113 -19.28 35.59 3.64
N LEU H 114 -18.19 36.14 3.09
CA LEU H 114 -17.14 36.71 3.92
C LEU H 114 -17.26 38.22 3.80
N GLY H 115 -17.14 38.93 4.91
CA GLY H 115 -17.12 40.38 4.87
C GLY H 115 -15.70 40.87 4.66
N THR H 116 -15.55 42.08 4.15
CA THR H 116 -14.23 42.67 3.99
C THR H 116 -14.14 44.00 4.76
N PHE H 117 -13.01 44.68 4.66
CA PHE H 117 -12.78 45.90 5.44
C PHE H 117 -11.67 46.71 4.79
N ALA H 118 -11.49 47.94 5.23
CA ALA H 118 -10.49 48.82 4.63
C ALA H 118 -9.43 49.13 5.66
N PRO H 119 -8.38 48.29 5.74
CA PRO H 119 -7.36 48.46 6.78
C PRO H 119 -6.50 49.71 6.57
N GLN H 120 -6.77 50.49 5.52
CA GLN H 120 -6.18 51.83 5.37
C GLN H 120 -6.45 52.66 6.63
N ASP H 121 -7.55 52.35 7.32
CA ASP H 121 -7.95 53.00 8.56
C ASP H 121 -8.24 51.89 9.56
N PRO H 122 -7.21 51.46 10.31
CA PRO H 122 -7.35 50.30 11.20
C PRO H 122 -8.44 50.41 12.26
N ALA H 123 -8.63 51.57 12.88
CA ALA H 123 -9.70 51.75 13.86
C ALA H 123 -11.10 51.58 13.24
N SER H 124 -11.31 52.16 12.07
CA SER H 124 -12.58 52.01 11.38
C SER H 124 -12.75 50.60 10.83
N ALA H 125 -11.64 49.96 10.48
CA ALA H 125 -11.69 48.57 10.04
C ALA H 125 -12.08 47.66 11.18
N ALA H 126 -11.54 47.90 12.37
CA ALA H 126 -11.90 47.09 13.54
C ALA H 126 -13.38 47.20 13.85
N ARG H 127 -13.93 48.40 13.68
CA ARG H 127 -15.36 48.63 13.95
C ARG H 127 -16.20 47.88 12.92
N GLU H 128 -15.74 47.87 11.67
CA GLU H 128 -16.49 47.19 10.62
C GLU H 128 -16.41 45.67 10.77
N ILE H 129 -15.28 45.18 11.26
CA ILE H 129 -15.12 43.77 11.58
C ILE H 129 -16.09 43.34 12.67
N GLU H 130 -16.24 44.14 13.71
CA GLU H 130 -17.24 43.84 14.73
C GLU H 130 -18.66 43.83 14.16
N ARG H 131 -18.95 44.76 13.25
CA ARG H 131 -20.29 44.88 12.68
C ARG H 131 -20.61 43.67 11.82
N VAL H 132 -19.60 43.21 11.08
CA VAL H 132 -19.73 42.03 10.22
C VAL H 132 -20.05 40.79 11.04
N ALA H 133 -19.35 40.64 12.16
CA ALA H 133 -19.49 39.46 13.01
C ALA H 133 -20.81 39.48 13.78
N THR H 134 -21.12 40.62 14.38
CA THR H 134 -22.23 40.68 15.30
C THR H 134 -23.54 41.18 14.69
N GLN H 135 -23.48 42.24 13.88
CA GLN H 135 -24.70 42.82 13.32
C GLN H 135 -25.17 42.12 12.05
N LEU H 136 -24.22 41.78 11.17
CA LEU H 136 -24.58 41.17 9.88
C LEU H 136 -24.58 39.65 9.96
N ARG H 137 -23.82 39.12 10.91
CA ARG H 137 -23.73 37.68 11.13
C ARG H 137 -23.19 36.93 9.92
N LEU H 138 -22.19 37.53 9.26
CA LEU H 138 -21.53 36.90 8.12
C LEU H 138 -20.58 35.79 8.56
N ASN H 139 -20.10 34.98 7.61
CA ASN H 139 -19.44 33.73 7.94
C ASN H 139 -17.96 33.82 8.27
N GLY H 140 -17.35 34.96 7.98
CA GLY H 140 -15.93 35.12 8.16
C GLY H 140 -15.50 36.39 7.45
N LEU H 141 -14.19 36.53 7.20
CA LEU H 141 -13.65 37.76 6.64
C LEU H 141 -12.69 37.45 5.49
N VAL H 142 -12.51 38.44 4.61
CA VAL H 142 -11.57 38.33 3.51
C VAL H 142 -10.82 39.65 3.36
N ILE H 143 -9.54 39.58 3.06
CA ILE H 143 -8.74 40.74 2.71
C ILE H 143 -7.73 40.29 1.67
N ASN H 144 -7.31 41.19 0.79
CA ASN H 144 -6.44 40.81 -0.32
C ASN H 144 -5.02 41.25 -0.11
N SER H 145 -4.21 40.33 0.42
CA SER H 145 -2.83 40.61 0.84
C SER H 145 -2.58 42.04 1.30
N HIS H 146 -1.57 42.70 0.73
CA HIS H 146 -1.10 43.98 1.30
C HIS H 146 -2.13 45.10 1.28
N THR H 147 -1.94 46.07 2.16
CA THR H 147 -2.67 47.32 2.08
C THR H 147 -1.66 48.43 2.19
N ASN H 148 -1.75 49.39 1.26
CA ASN H 148 -0.83 50.53 1.23
C ASN H 148 0.64 50.12 1.17
N ASP H 149 0.87 48.96 0.56
CA ASP H 149 2.19 48.36 0.40
C ASP H 149 2.85 48.02 1.73
N LEU H 150 2.01 47.73 2.73
CA LEU H 150 2.51 47.27 4.02
C LEU H 150 2.01 45.85 4.22
N TYR H 151 2.77 45.05 4.97
CA TYR H 151 2.35 43.68 5.31
C TYR H 151 1.80 43.59 6.73
N TYR H 152 1.10 42.50 7.04
CA TYR H 152 0.31 42.43 8.28
C TYR H 152 1.13 42.12 9.54
N ASP H 153 2.45 42.09 9.39
CA ASP H 153 3.32 42.13 10.57
C ASP H 153 3.36 43.54 11.16
N ASP H 154 3.07 44.55 10.33
CA ASP H 154 3.23 45.95 10.76
C ASP H 154 2.28 46.26 11.93
N PRO H 155 2.80 46.84 13.02
CA PRO H 155 1.99 47.18 14.20
C PRO H 155 0.84 48.16 13.90
N PHE H 156 0.95 48.91 12.81
CA PHE H 156 -0.14 49.73 12.32
C PHE H 156 -1.46 48.95 12.28
N PHE H 157 -1.37 47.66 11.95
CA PHE H 157 -2.58 46.85 11.77
C PHE H 157 -3.03 46.09 13.02
N HIS H 158 -2.33 46.27 14.12
CA HIS H 158 -2.73 45.59 15.36
C HIS H 158 -4.21 45.73 15.76
N PRO H 159 -4.79 46.95 15.65
CA PRO H 159 -6.22 47.05 16.00
C PRO H 159 -7.14 46.18 15.13
N VAL H 160 -6.76 45.97 13.87
CA VAL H 160 -7.49 45.07 13.01
C VAL H 160 -7.44 43.63 13.54
N PHE H 161 -6.23 43.14 13.80
CA PHE H 161 -6.11 41.76 14.22
C PHE H 161 -6.69 41.51 15.60
N GLU H 162 -6.57 42.50 16.49
CA GLU H 162 -7.22 42.45 17.77
C GLU H 162 -8.72 42.20 17.57
N ALA H 163 -9.33 42.93 16.65
CA ALA H 163 -10.77 42.80 16.40
C ALA H 163 -11.12 41.48 15.75
N ILE H 164 -10.28 41.01 14.85
CA ILE H 164 -10.52 39.74 14.19
C ILE H 164 -10.48 38.63 15.21
N GLU H 165 -9.44 38.63 16.05
CA GLU H 165 -9.31 37.59 17.07
C GLU H 165 -10.48 37.58 18.03
N ALA H 166 -10.93 38.77 18.42
CA ALA H 166 -12.03 38.85 19.38
C ALA H 166 -13.32 38.34 18.73
N SER H 167 -13.46 38.57 17.44
CA SER H 167 -14.70 38.24 16.71
C SER H 167 -14.92 36.75 16.54
N GLY H 168 -13.83 35.98 16.49
CA GLY H 168 -13.93 34.55 16.21
C GLY H 168 -14.02 34.21 14.72
N LEU H 169 -14.03 35.23 13.87
CA LEU H 169 -14.12 35.00 12.43
C LEU H 169 -12.74 34.68 11.85
N ALA H 170 -12.68 33.66 11.00
CA ALA H 170 -11.44 33.35 10.31
C ALA H 170 -11.24 34.39 9.20
N LEU H 171 -9.98 34.71 8.91
CA LEU H 171 -9.64 35.67 7.86
C LEU H 171 -9.01 34.95 6.68
N TYR H 172 -9.67 35.02 5.53
CA TYR H 172 -9.09 34.52 4.29
C TYR H 172 -8.20 35.61 3.76
N ILE H 173 -6.90 35.35 3.65
CA ILE H 173 -6.02 36.34 3.03
C ILE H 173 -5.84 35.93 1.59
N HIS H 174 -6.63 36.57 0.74
CA HIS H 174 -6.63 36.33 -0.70
C HIS H 174 -5.48 37.10 -1.34
N PRO H 175 -5.00 36.64 -2.52
CA PRO H 175 -3.94 37.42 -3.15
C PRO H 175 -4.39 38.75 -3.72
N ARG H 176 -3.42 39.64 -3.94
CA ARG H 176 -3.53 40.67 -4.95
C ARG H 176 -2.13 40.73 -5.56
N ALA H 177 -1.92 41.63 -6.51
CA ALA H 177 -0.64 41.72 -7.19
C ALA H 177 0.45 42.14 -6.19
N PRO H 178 1.70 41.72 -6.47
CA PRO H 178 2.87 42.13 -5.70
C PRO H 178 2.83 43.61 -5.33
N SER H 179 3.14 43.91 -4.07
CA SER H 179 3.15 45.29 -3.58
C SER H 179 4.34 46.02 -4.15
N LYS H 180 4.42 47.33 -3.90
CA LYS H 180 5.51 48.13 -4.41
C LYS H 180 6.86 47.74 -3.82
N GLN H 181 6.86 46.98 -2.73
CA GLN H 181 8.11 46.52 -2.16
C GLN H 181 8.74 45.50 -3.10
N ILE H 182 7.92 44.83 -3.89
CA ILE H 182 8.42 43.74 -4.74
C ILE H 182 8.00 43.78 -6.22
N ASP H 183 7.11 44.69 -6.58
CA ASP H 183 6.49 44.62 -7.91
C ASP H 183 7.41 44.68 -9.13
N ARG H 184 8.60 45.26 -8.97
CA ARG H 184 9.54 45.45 -10.08
C ARG H 184 9.87 44.16 -10.87
N ALA H 185 9.93 43.04 -10.16
CA ALA H 185 10.30 41.76 -10.77
C ALA H 185 9.11 41.01 -11.37
N PHE H 186 7.92 41.61 -11.29
CA PHE H 186 6.69 40.96 -11.75
C PHE H 186 5.99 41.76 -12.84
N ARG H 187 6.75 42.57 -13.57
CA ARG H 187 6.21 43.39 -14.65
C ARG H 187 6.19 42.67 -16.01
N ASP H 188 6.82 41.50 -16.09
CA ASP H 188 6.98 40.82 -17.37
C ASP H 188 6.29 39.46 -17.43
N TYR H 189 6.00 39.01 -18.65
CA TYR H 189 5.46 37.66 -18.88
C TYR H 189 4.16 37.34 -18.13
N GLY H 190 3.38 38.39 -17.84
CA GLY H 190 2.12 38.24 -17.13
C GLY H 190 2.29 37.80 -15.68
N MET H 191 3.48 37.97 -15.15
CA MET H 191 3.79 37.50 -13.79
C MET H 191 3.19 38.34 -12.68
N ASN H 192 2.50 39.42 -13.04
CA ASN H 192 1.84 40.25 -12.05
C ASN H 192 0.71 39.51 -11.37
N SER H 193 0.19 38.49 -12.05
CA SER H 193 -1.08 37.86 -11.69
C SER H 193 -0.94 36.45 -11.08
N ALA H 194 -1.95 35.62 -11.31
CA ALA H 194 -2.04 34.29 -10.70
C ALA H 194 -0.88 33.36 -11.03
N ILE H 195 -0.25 33.56 -12.19
CA ILE H 195 0.84 32.66 -12.59
C ILE H 195 2.09 32.70 -11.68
N TRP H 196 2.36 33.82 -11.02
CA TRP H 196 3.49 33.83 -10.10
C TRP H 196 3.39 34.88 -9.00
N GLY H 197 3.11 36.11 -9.40
CA GLY H 197 3.05 37.22 -8.46
C GLY H 197 2.10 37.02 -7.29
N TYR H 198 0.88 36.57 -7.56
CA TYR H 198 -0.10 36.37 -6.48
C TYR H 198 0.49 35.50 -5.36
N GLY H 199 1.12 34.40 -5.74
CA GLY H 199 1.65 33.48 -4.74
C GLY H 199 2.79 34.03 -3.92
N ILE H 200 3.72 34.72 -4.58
CA ILE H 200 4.88 35.30 -3.91
C ILE H 200 4.42 36.42 -2.95
N GLU H 201 3.54 37.29 -3.43
CA GLU H 201 2.99 38.36 -2.62
C GLU H 201 2.31 37.84 -1.35
N THR H 202 1.40 36.89 -1.51
CA THR H 202 0.57 36.44 -0.40
C THR H 202 1.36 35.62 0.60
N SER H 203 2.21 34.72 0.10
CA SER H 203 3.00 33.87 0.99
C SER H 203 3.99 34.70 1.79
N THR H 204 4.53 35.75 1.17
CA THR H 204 5.51 36.57 1.86
C THR H 204 4.83 37.35 2.98
N ASN H 205 3.63 37.86 2.69
CA ASN H 205 2.77 38.45 3.73
C ASN H 205 2.60 37.49 4.91
N ALA H 206 2.15 36.27 4.62
CA ALA H 206 1.90 35.30 5.69
C ALA H 206 3.15 34.95 6.51
N VAL H 207 4.26 34.73 5.82
CA VAL H 207 5.52 34.43 6.50
C VAL H 207 5.98 35.57 7.39
N ARG H 208 5.81 36.81 6.94
CA ARG H 208 6.18 37.95 7.78
C ARG H 208 5.30 37.97 9.02
N MET H 209 4.02 37.62 8.85
CA MET H 209 3.11 37.61 10.00
C MET H 209 3.60 36.62 11.06
N ILE H 210 3.94 35.41 10.62
CA ILE H 210 4.43 34.38 11.52
C ILE H 210 5.74 34.76 12.21
N LEU H 211 6.76 35.14 11.43
CA LEU H 211 8.09 35.42 11.97
C LEU H 211 8.12 36.66 12.86
N SER H 212 7.15 37.54 12.69
CA SER H 212 7.07 38.74 13.54
C SER H 212 6.47 38.43 14.90
N GLY H 213 5.92 37.22 15.06
CA GLY H 213 5.31 36.83 16.32
C GLY H 213 3.86 37.30 16.49
N LEU H 214 3.20 37.62 15.38
CA LEU H 214 1.83 38.11 15.44
C LEU H 214 0.94 37.08 16.11
N PHE H 215 1.26 35.80 15.93
CA PHE H 215 0.47 34.72 16.49
C PHE H 215 0.81 34.35 17.93
N ASP H 216 1.83 34.98 18.48
CA ASP H 216 2.00 34.95 19.92
C ASP H 216 1.17 36.05 20.53
N ARG H 217 1.10 37.18 19.84
CA ARG H 217 0.28 38.30 20.29
C ARG H 217 -1.20 37.97 20.18
N PHE H 218 -1.62 37.39 19.06
CA PHE H 218 -3.01 37.04 18.83
C PHE H 218 -3.16 35.54 18.53
N PRO H 219 -3.01 34.70 19.57
CA PRO H 219 -2.90 33.26 19.35
C PRO H 219 -4.18 32.57 18.91
N ARG H 220 -5.34 33.22 19.01
CA ARG H 220 -6.59 32.60 18.59
C ARG H 220 -6.98 32.97 17.18
N LEU H 221 -6.13 33.74 16.50
CA LEU H 221 -6.41 34.09 15.12
C LEU H 221 -6.49 32.85 14.25
N LYS H 222 -7.39 32.86 13.28
CA LYS H 222 -7.41 31.80 12.27
C LYS H 222 -7.31 32.42 10.86
N ILE H 223 -6.24 32.05 10.16
CA ILE H 223 -6.00 32.59 8.84
C ILE H 223 -6.23 31.49 7.80
N VAL H 224 -6.83 31.84 6.67
CA VAL H 224 -6.99 30.88 5.58
C VAL H 224 -6.26 31.39 4.34
N LEU H 225 -5.49 30.50 3.70
CA LEU H 225 -4.73 30.82 2.49
C LEU H 225 -5.14 29.89 1.37
N GLY H 226 -5.49 30.47 0.22
CA GLY H 226 -5.83 29.69 -0.94
C GLY H 226 -4.61 29.15 -1.68
N HIS H 227 -4.84 28.59 -2.87
CA HIS H 227 -3.76 28.13 -3.75
C HIS H 227 -2.78 27.18 -3.06
N MET H 228 -3.39 26.18 -2.41
CA MET H 228 -2.70 25.15 -1.64
C MET H 228 -1.74 25.78 -0.64
N GLY H 229 -2.23 26.79 0.06
CA GLY H 229 -1.45 27.45 1.09
C GLY H 229 -0.37 28.39 0.57
N GLU H 230 -0.48 28.80 -0.71
CA GLU H 230 0.53 29.63 -1.36
C GLU H 230 1.92 29.04 -1.20
N ALA H 231 1.97 27.71 -1.21
CA ALA H 231 3.20 26.89 -1.15
C ALA H 231 3.92 26.85 0.21
N ILE H 232 3.44 27.60 1.20
CA ILE H 232 4.02 27.53 2.54
C ILE H 232 4.07 26.10 3.10
N PRO H 233 3.03 25.27 2.84
CA PRO H 233 3.17 23.88 3.30
C PRO H 233 4.44 23.18 2.79
N PHE H 234 4.92 23.56 1.62
CA PHE H 234 6.09 22.90 1.04
C PHE H 234 7.38 23.32 1.72
N TRP H 235 7.39 24.54 2.26
CA TRP H 235 8.59 25.13 2.89
C TRP H 235 8.70 24.92 4.40
N LEU H 236 7.81 24.15 5.01
CA LEU H 236 7.77 24.08 6.49
C LEU H 236 9.09 23.64 7.16
N TRP H 237 9.78 22.66 6.57
CA TRP H 237 10.94 22.11 7.25
C TRP H 237 12.06 23.16 7.26
N ARG H 238 12.22 23.84 6.14
CA ARG H 238 13.24 24.88 5.99
C ARG H 238 12.91 26.13 6.81
N LEU H 239 11.63 26.52 6.85
CA LEU H 239 11.21 27.58 7.76
C LEU H 239 11.60 27.27 9.21
N ASP H 240 11.33 26.05 9.63
CA ASP H 240 11.72 25.63 10.98
C ASP H 240 13.23 25.57 11.15
N TYR H 241 13.91 24.92 10.22
CA TYR H 241 15.35 24.69 10.39
C TYR H 241 16.11 26.01 10.47
N MET H 242 15.77 26.94 9.61
CA MET H 242 16.51 28.20 9.52
C MET H 242 16.09 29.23 10.58
N HIS H 243 15.06 28.94 11.36
CA HIS H 243 14.59 29.93 12.33
C HIS H 243 15.61 30.26 13.42
N GLY H 244 16.39 29.28 13.86
CA GLY H 244 17.44 29.54 14.83
C GLY H 244 18.47 30.57 14.38
N ASN H 245 18.92 30.46 13.13
CA ASN H 245 19.83 31.45 12.55
C ASN H 245 19.23 32.84 12.48
N ALA H 246 17.92 32.88 12.26
CA ALA H 246 17.21 34.15 12.08
C ALA H 246 17.09 34.91 13.40
N THR H 247 16.86 34.18 14.50
CA THR H 247 16.77 34.81 15.81
C THR H 247 18.16 35.11 16.35
N THR H 248 19.11 34.21 16.06
CA THR H 248 20.48 34.35 16.55
C THR H 248 21.27 35.44 15.82
N PHE H 249 21.31 35.36 14.48
CA PHE H 249 22.13 36.28 13.70
C PHE H 249 21.31 37.36 12.98
N GLY H 250 20.01 37.13 12.81
CA GLY H 250 19.21 37.99 11.95
C GLY H 250 18.30 38.99 12.63
N GLY H 251 18.28 38.99 13.95
CA GLY H 251 17.45 39.94 14.69
C GLY H 251 15.95 39.69 14.60
N ALA H 252 15.55 38.45 14.35
CA ALA H 252 14.14 38.10 14.40
C ALA H 252 13.76 37.84 15.85
N PRO H 253 12.49 38.11 16.21
CA PRO H 253 12.07 37.90 17.61
C PRO H 253 11.95 36.43 17.99
N LYS H 254 12.13 36.14 19.28
CA LYS H 254 11.95 34.79 19.80
C LYS H 254 10.47 34.45 19.84
N LEU H 255 10.12 33.30 19.28
CA LEU H 255 8.75 32.83 19.25
C LEU H 255 8.54 31.69 20.25
N LYS H 256 7.33 31.58 20.77
CA LYS H 256 6.98 30.47 21.66
C LYS H 256 7.01 29.13 20.91
N LEU H 257 6.51 29.15 19.66
CA LEU H 257 6.43 27.93 18.85
C LEU H 257 7.38 27.99 17.65
N LYS H 258 7.51 26.88 16.94
CA LYS H 258 8.26 26.88 15.69
C LYS H 258 7.37 27.42 14.58
N PRO H 259 7.97 28.01 13.54
CA PRO H 259 7.17 28.56 12.43
C PRO H 259 6.11 27.59 11.89
N SER H 260 6.45 26.32 11.70
CA SER H 260 5.47 25.38 11.14
C SER H 260 4.37 25.06 12.15
N GLU H 261 4.66 25.25 13.43
CA GLU H 261 3.66 25.03 14.46
C GLU H 261 2.62 26.13 14.45
N TYR H 262 3.03 27.36 14.19
CA TYR H 262 2.07 28.43 13.96
C TYR H 262 1.24 28.11 12.73
N PHE H 263 1.89 27.55 11.71
CA PHE H 263 1.14 27.32 10.48
C PHE H 263 0.03 26.29 10.69
N ARG H 264 0.35 25.21 11.39
CA ARG H 264 -0.67 24.19 11.66
C ARG H 264 -1.70 24.65 12.69
N ARG H 265 -1.26 25.45 13.66
CA ARG H 265 -2.16 25.89 14.72
C ARG H 265 -3.12 26.98 14.25
N ASN H 266 -2.59 27.95 13.50
CA ASN H 266 -3.34 29.16 13.19
C ASN H 266 -3.82 29.29 11.74
N PHE H 267 -3.35 28.41 10.86
CA PHE H 267 -3.72 28.49 9.46
C PHE H 267 -4.45 27.23 8.99
N ALA H 268 -5.28 27.42 7.97
CA ALA H 268 -5.84 26.31 7.19
C ALA H 268 -5.68 26.73 5.74
N ILE H 269 -5.76 25.78 4.81
CA ILE H 269 -5.52 26.11 3.41
C ILE H 269 -6.69 25.67 2.52
N THR H 270 -6.77 26.23 1.32
CA THR H 270 -7.71 25.73 0.32
C THR H 270 -7.01 25.34 -0.97
N THR H 271 -7.69 24.57 -1.79
CA THR H 271 -7.11 24.03 -3.02
C THR H 271 -7.39 24.86 -4.27
N SER H 272 -7.86 26.10 -4.10
CA SER H 272 -8.17 26.97 -5.25
C SER H 272 -7.00 26.99 -6.23
N GLY H 273 -7.28 26.74 -7.51
CA GLY H 273 -6.25 26.87 -8.53
C GLY H 273 -5.09 25.89 -8.45
N VAL H 274 -5.19 24.89 -7.58
CA VAL H 274 -4.13 23.86 -7.53
C VAL H 274 -4.82 22.49 -7.52
N GLU H 275 -5.28 22.07 -8.69
CA GLU H 275 -6.05 20.84 -8.82
C GLU H 275 -5.10 19.67 -9.07
N SER H 276 -4.25 19.44 -8.07
CA SER H 276 -3.22 18.41 -8.16
C SER H 276 -3.40 17.42 -7.03
N HIS H 277 -3.71 16.17 -7.36
CA HIS H 277 -3.83 15.17 -6.32
C HIS H 277 -2.54 15.00 -5.53
N ALA H 278 -1.40 15.12 -6.20
CA ALA H 278 -0.14 14.94 -5.50
C ALA H 278 0.06 16.03 -4.46
N ALA H 279 -0.28 17.27 -4.81
CA ALA H 279 -0.10 18.39 -3.88
C ALA H 279 -1.14 18.35 -2.78
N LEU H 280 -2.33 17.85 -3.10
CA LEU H 280 -3.38 17.70 -2.11
C LEU H 280 -2.94 16.67 -1.06
N ARG H 281 -2.48 15.51 -1.53
CA ARG H 281 -1.99 14.47 -0.61
C ARG H 281 -0.81 14.93 0.26
N TYR H 282 0.15 15.63 -0.36
CA TYR H 282 1.25 16.22 0.40
C TYR H 282 0.70 17.10 1.56
N SER H 283 -0.24 17.95 1.23
CA SER H 283 -0.74 18.93 2.19
C SER H 283 -1.51 18.29 3.32
N ILE H 284 -2.32 17.29 3.00
CA ILE H 284 -3.01 16.48 4.02
C ILE H 284 -1.99 15.80 4.96
N GLU H 285 -0.90 15.28 4.39
CA GLU H 285 0.09 14.61 5.22
C GLU H 285 0.80 15.56 6.20
N VAL H 286 1.17 16.74 5.75
CA VAL H 286 2.00 17.62 6.59
C VAL H 286 1.17 18.58 7.44
N LEU H 287 -0.07 18.85 7.03
CA LEU H 287 -0.94 19.77 7.78
C LEU H 287 -1.97 19.03 8.61
N GLY H 288 -2.31 17.82 8.19
CA GLY H 288 -3.43 17.09 8.75
C GLY H 288 -4.70 17.41 7.97
N PRO H 289 -5.63 16.45 7.90
CA PRO H 289 -6.83 16.53 7.06
C PRO H 289 -7.85 17.59 7.53
N GLU H 290 -7.76 18.01 8.78
CA GLU H 290 -8.66 19.08 9.25
C GLU H 290 -8.29 20.44 8.71
N ASN H 291 -7.10 20.54 8.11
CA ASN H 291 -6.58 21.84 7.70
C ASN H 291 -6.64 22.15 6.21
N VAL H 292 -7.32 21.31 5.45
CA VAL H 292 -7.39 21.50 4.01
C VAL H 292 -8.83 21.60 3.54
N MET H 293 -9.15 22.65 2.79
CA MET H 293 -10.51 22.84 2.30
C MET H 293 -10.50 22.93 0.77
N TRP H 294 -11.61 22.53 0.17
CA TRP H 294 -11.75 22.63 -1.28
C TRP H 294 -12.26 24.01 -1.69
N ALA H 295 -11.88 24.44 -2.89
CA ALA H 295 -12.37 25.67 -3.49
C ALA H 295 -12.34 25.58 -5.00
N ILE H 296 -13.03 26.50 -5.66
CA ILE H 296 -13.03 26.55 -7.13
C ILE H 296 -12.18 27.71 -7.63
N ASP H 297 -12.32 28.87 -7.00
CA ASP H 297 -11.77 30.14 -7.50
C ASP H 297 -12.55 30.63 -8.72
N TYR H 298 -13.86 30.37 -8.71
CA TYR H 298 -14.78 30.89 -9.72
C TYR H 298 -14.90 32.41 -9.52
N PRO H 299 -15.04 33.17 -10.64
CA PRO H 299 -15.14 32.78 -12.05
C PRO H 299 -13.80 32.72 -12.80
N TYR H 300 -12.69 32.79 -12.08
CA TYR H 300 -11.37 32.74 -12.72
C TYR H 300 -10.97 31.33 -13.10
N GLN H 301 -11.56 30.34 -12.44
CA GLN H 301 -11.39 28.92 -12.77
C GLN H 301 -12.79 28.36 -13.07
N PRO H 302 -12.89 27.42 -14.01
CA PRO H 302 -14.18 26.77 -14.29
C PRO H 302 -14.55 25.77 -13.19
N MET H 303 -15.84 25.55 -12.99
CA MET H 303 -16.29 24.72 -11.87
C MET H 303 -16.06 23.23 -12.10
N ALA H 304 -16.39 22.75 -13.30
CA ALA H 304 -16.35 21.30 -13.58
C ALA H 304 -15.02 20.61 -13.21
N PRO H 305 -13.88 21.16 -13.67
CA PRO H 305 -12.61 20.48 -13.34
C PRO H 305 -12.29 20.56 -11.85
N ALA H 306 -12.65 21.67 -11.20
CA ALA H 306 -12.42 21.77 -9.76
C ALA H 306 -13.23 20.72 -9.00
N VAL H 307 -14.47 20.53 -9.43
CA VAL H 307 -15.35 19.53 -8.83
C VAL H 307 -14.82 18.12 -9.04
N GLN H 308 -14.48 17.79 -10.27
CA GLN H 308 -13.98 16.45 -10.57
C GLN H 308 -12.64 16.15 -9.89
N PHE H 309 -11.83 17.18 -9.66
CA PHE H 309 -10.59 17.06 -8.90
C PHE H 309 -10.83 16.47 -7.52
N ILE H 310 -11.78 17.03 -6.77
CA ILE H 310 -12.03 16.53 -5.43
C ILE H 310 -12.84 15.23 -5.41
N ARG H 311 -13.79 15.08 -6.34
CA ARG H 311 -14.58 13.84 -6.40
C ARG H 311 -13.72 12.63 -6.73
N THR H 312 -12.64 12.84 -7.46
CA THR H 312 -11.77 11.74 -7.86
C THR H 312 -10.50 11.66 -7.02
N ALA H 313 -10.40 12.46 -5.97
CA ALA H 313 -9.17 12.48 -5.16
C ALA H 313 -8.89 11.13 -4.50
N PRO H 314 -7.64 10.64 -4.61
CA PRO H 314 -7.32 9.31 -4.09
C PRO H 314 -7.07 9.37 -2.58
N ILE H 315 -8.13 9.65 -1.84
CA ILE H 315 -8.10 9.70 -0.39
C ILE H 315 -9.37 9.03 0.12
N PRO H 316 -9.37 8.52 1.37
CA PRO H 316 -10.56 7.87 1.94
C PRO H 316 -11.80 8.77 1.92
N GLU H 317 -12.98 8.18 1.92
CA GLU H 317 -14.21 8.96 1.81
C GLU H 317 -14.41 9.92 2.97
N ASP H 318 -14.01 9.52 4.19
CA ASP H 318 -14.23 10.42 5.32
C ASP H 318 -13.34 11.65 5.23
N VAL H 319 -12.10 11.44 4.79
CA VAL H 319 -11.20 12.57 4.58
C VAL H 319 -11.70 13.44 3.43
N LYS H 320 -12.18 12.81 2.37
CA LYS H 320 -12.69 13.58 1.26
C LYS H 320 -13.86 14.48 1.70
N ALA H 321 -14.76 13.94 2.52
CA ALA H 321 -15.88 14.75 3.05
C ALA H 321 -15.39 15.97 3.83
N MET H 322 -14.38 15.77 4.68
CA MET H 322 -13.77 16.89 5.39
C MET H 322 -13.26 17.97 4.44
N VAL H 323 -12.48 17.56 3.43
CA VAL H 323 -11.91 18.52 2.50
C VAL H 323 -12.97 19.19 1.62
N ALA H 324 -13.92 18.40 1.16
CA ALA H 324 -14.98 18.87 0.26
C ALA H 324 -15.87 19.93 0.90
N GLY H 325 -16.10 19.80 2.20
CA GLY H 325 -17.03 20.70 2.87
C GLY H 325 -17.07 20.69 4.40
N GLY H 326 -16.73 19.57 5.03
CA GLY H 326 -16.82 19.51 6.48
C GLY H 326 -15.96 20.54 7.22
N ASN H 327 -14.72 20.70 6.78
CA ASN H 327 -13.81 21.67 7.37
C ASN H 327 -14.27 23.11 7.18
N ALA H 328 -14.82 23.41 5.99
CA ALA H 328 -15.34 24.74 5.70
C ALA H 328 -16.53 25.04 6.59
N ALA H 329 -17.38 24.04 6.78
CA ALA H 329 -18.58 24.24 7.58
C ALA H 329 -18.19 24.59 9.01
N ARG H 330 -17.13 23.97 9.51
CA ARG H 330 -16.62 24.27 10.85
C ARG H 330 -15.96 25.64 10.89
N ILE H 331 -15.01 25.87 9.99
CA ILE H 331 -14.20 27.08 10.03
C ILE H 331 -15.02 28.33 9.70
N PHE H 332 -15.96 28.22 8.75
CA PHE H 332 -16.76 29.38 8.36
C PHE H 332 -18.19 29.37 8.90
N ARG H 333 -18.42 28.59 9.96
CA ARG H 333 -19.71 28.60 10.67
C ARG H 333 -20.89 28.41 9.74
N ILE H 334 -20.84 27.37 8.92
CA ILE H 334 -21.92 27.08 7.99
C ILE H 334 -22.71 25.88 8.50
N THR H 335 -24.03 25.99 8.51
CA THR H 335 -24.85 24.87 8.98
C THR H 335 -25.10 23.85 7.87
#